data_4BY9
#
_entry.id   4BY9
#
_cell.length_a   1.000
_cell.length_b   1.000
_cell.length_c   1.000
_cell.angle_alpha   90.00
_cell.angle_beta   90.00
_cell.angle_gamma   90.00
#
_symmetry.space_group_name_H-M   'P 1'
#
loop_
_entity.id
_entity.type
_entity.pdbx_description
1 polymer SSR26
2 polymer 'NOP5/NOP56 RELATED PROTEIN'
3 polymer '50S RIBOSOMAL PROTEIN L7AE'
4 polymer "FIBRILLARIN-LIKE RRNA/TRNA 2'-O-METHYLTRANSFERASE"
5 polymer "5'-R(*UP*CP*GP*CP*CP*CP*AP*UP*CP*AP*CP)-3'"
#
loop_
_entity_poly.entity_id
_entity_poly.type
_entity_poly.pdbx_seq_one_letter_code
_entity_poly.pdbx_strand_id
1 'polyribonucleotide' GCGAGCAAUGAUGAGUGAUGGGCGAACUGAGCUCGAAAGAGCAAUGAUGAGUGAUGGGCGAACUGAGCUCGC A,B
2 'polypeptide(L)'
;FISENVRGIYAFDENGNLIEKRYFTDKPEKVLDQLLKGEITKDLEELLNSLKEKGYDEFVFEHPELSRRAKELGFSATTE
FPNIAGERLRSNPEEFLGENWFEEYYKVGVALTRMRIQEQSGARDKMVIQAIEALDDVDKVINLLVARLREWYSLHFPEL
DELLPKHPQYVAFVKTVGHRDNINEEVLRELGLSEEKIKKILEAKEKTMGAWMDQTDIEVVRQLAEEIDRLYQLRKKLED
YIDRAMDDVAPNLKALVGAKLAARLISLAGGLRELAMMPSSTIQVLGAEKALFRHLRTGAKPPKHGVIYQYPAINRSPWW
QRGKIARALAGKLAIAARVDYFSGEYIAEELKKELEARIREIKEKY
;
C,F,I,L
3 'polypeptide(L)'
;KPSYVKFEVPKELAEKALQAVEIARDTGKIRKGTNETTKAVERGQAKLVIIAEDVDPEEIVAHLPPLCEEKEIPYIYVPS
KKELGAAAGIEVAAASVAIIEPGKARDLVEEIAMKVKELMK
;
D,G,J,M
4 'polypeptide(L)'
;MVEVKKHKFPGVYVVIDDDGSEKIATKNLVPGQRVYGERVIKWEGEEYRIWNPHRSKLGAAIVNGLKNFPIKPGKSVLYL
GIASGTTASHVSDIVGWEGKIYGIEFSPRVLRELVPIVEERRNIIPILGDATKPEEYRALVTKVDVIFEDVAQPTQAKIL
IDNAKAYLKRGGYGMIAVKSRSIDVTKEPEQVFKEVERELSEYFEVIERLNLEPYEKDHALFVVRKP
;
E,H,K,N
5 'polyribonucleotide' UCGCCCAUCAC W,X,Y,Z
#
# COMPACT_ATOMS: atom_id res chain seq x y z
N PHE C 1 12.36 -22.12 24.91
CA PHE C 1 11.07 -22.82 24.82
C PHE C 1 10.71 -23.07 23.37
N ILE C 2 10.65 -22.03 22.52
CA ILE C 2 10.44 -22.19 21.08
C ILE C 2 11.70 -21.77 20.30
N SER C 3 11.96 -22.41 19.17
CA SER C 3 13.06 -22.14 18.23
C SER C 3 12.65 -22.51 16.79
N GLU C 4 13.34 -21.97 15.79
CA GLU C 4 13.01 -22.09 14.37
C GLU C 4 14.28 -22.38 13.55
N ASN C 5 14.14 -23.17 12.48
CA ASN C 5 15.23 -23.42 11.53
C ASN C 5 14.72 -23.46 10.09
N VAL C 6 15.64 -23.67 9.13
CA VAL C 6 15.40 -23.74 7.68
C VAL C 6 14.11 -24.43 7.20
N ARG C 7 13.63 -25.47 7.90
CA ARG C 7 12.47 -26.29 7.48
C ARG C 7 11.25 -26.17 8.41
N GLY C 8 11.36 -25.54 9.57
CA GLY C 8 10.24 -25.51 10.51
C GLY C 8 10.48 -24.83 11.86
N ILE C 9 9.52 -25.05 12.76
CA ILE C 9 9.30 -24.34 14.02
C ILE C 9 9.04 -25.37 15.12
N TYR C 10 9.72 -25.29 16.26
CA TYR C 10 9.79 -26.38 17.25
C TYR C 10 9.66 -25.87 18.68
N ALA C 11 8.82 -26.52 19.50
CA ALA C 11 8.67 -26.21 20.92
C ALA C 11 9.19 -27.36 21.81
N PHE C 12 10.14 -27.07 22.70
CA PHE C 12 10.70 -28.01 23.69
C PHE C 12 10.54 -27.47 25.11
N ASP C 13 10.28 -28.37 26.07
CA ASP C 13 10.04 -28.02 27.48
C ASP C 13 11.31 -27.64 28.27
N GLU C 14 11.16 -27.18 29.52
CA GLU C 14 12.29 -26.78 30.38
C GLU C 14 13.08 -27.96 30.97
N ASN C 15 12.68 -29.22 30.75
CA ASN C 15 13.53 -30.40 30.96
C ASN C 15 14.28 -30.79 29.67
N GLY C 16 13.60 -30.86 28.52
CA GLY C 16 14.23 -30.88 27.19
C GLY C 16 13.60 -31.77 26.12
N ASN C 17 12.30 -32.06 26.17
CA ASN C 17 11.59 -32.90 25.21
C ASN C 17 10.63 -32.10 24.30
N LEU C 18 10.38 -32.60 23.08
CA LEU C 18 9.53 -31.94 22.08
C LEU C 18 8.05 -32.00 22.49
N ILE C 19 7.37 -30.86 22.41
CA ILE C 19 5.92 -30.71 22.65
C ILE C 19 5.17 -30.71 21.30
N GLU C 20 5.55 -29.83 20.37
CA GLU C 20 4.93 -29.70 19.04
C GLU C 20 5.94 -29.16 18.01
N LYS C 21 5.76 -29.49 16.72
CA LYS C 21 6.51 -28.93 15.58
C LYS C 21 5.58 -28.52 14.41
N ARG C 22 5.91 -27.43 13.71
CA ARG C 22 5.24 -26.93 12.48
C ARG C 22 6.26 -26.77 11.33
N TYR C 23 5.78 -26.73 10.09
CA TYR C 23 6.52 -26.35 8.87
C TYR C 23 5.85 -25.10 8.27
N PHE C 24 6.58 -24.29 7.50
CA PHE C 24 6.09 -23.01 6.97
C PHE C 24 5.02 -23.16 5.86
N THR C 25 3.96 -22.33 5.91
CA THR C 25 2.92 -22.23 4.89
C THR C 25 3.22 -21.19 3.79
N ASP C 26 4.43 -20.64 3.75
CA ASP C 26 4.98 -19.88 2.62
C ASP C 26 6.48 -20.20 2.42
N LYS C 27 7.06 -19.77 1.29
CA LYS C 27 8.42 -20.14 0.86
C LYS C 27 9.45 -19.73 1.93
N PRO C 28 10.35 -20.63 2.35
CA PRO C 28 11.00 -20.57 3.66
C PRO C 28 11.82 -19.30 3.90
N GLU C 29 12.58 -18.82 2.91
CA GLU C 29 13.34 -17.57 3.01
C GLU C 29 12.46 -16.35 3.29
N LYS C 30 11.25 -16.31 2.71
CA LYS C 30 10.30 -15.19 2.81
C LYS C 30 9.70 -15.04 4.21
N VAL C 31 9.53 -16.17 4.91
CA VAL C 31 9.05 -16.26 6.30
C VAL C 31 10.20 -16.15 7.30
N LEU C 32 11.33 -16.80 7.02
CA LEU C 32 12.46 -16.81 7.92
C LEU C 32 13.13 -15.43 8.04
N ASP C 33 13.20 -14.62 7.00
CA ASP C 33 13.74 -13.26 7.15
C ASP C 33 13.00 -12.44 8.22
N GLN C 34 11.66 -12.51 8.24
CA GLN C 34 10.84 -11.86 9.27
C GLN C 34 11.19 -12.37 10.68
N LEU C 35 11.26 -13.70 10.86
CA LEU C 35 11.60 -14.34 12.14
C LEU C 35 13.07 -14.11 12.58
N LEU C 36 13.98 -13.93 11.61
CA LEU C 36 15.39 -13.63 11.83
C LEU C 36 15.62 -12.17 12.23
N LYS C 37 14.97 -11.22 11.55
CA LYS C 37 15.08 -9.77 11.84
C LYS C 37 14.26 -9.32 13.06
N GLY C 38 13.31 -10.13 13.53
CA GLY C 38 12.64 -9.95 14.82
C GLY C 38 11.13 -9.75 14.83
N GLU C 39 10.39 -10.06 13.77
CA GLU C 39 8.93 -9.88 13.70
C GLU C 39 8.15 -11.21 13.52
N ILE C 40 6.89 -11.21 13.95
CA ILE C 40 6.04 -12.41 14.04
C ILE C 40 5.38 -12.77 12.71
N THR C 41 5.24 -14.08 12.43
CA THR C 41 4.55 -14.62 11.24
C THR C 41 3.52 -15.68 11.64
N LYS C 42 2.50 -15.89 10.79
CA LYS C 42 1.34 -16.73 11.12
C LYS C 42 1.65 -18.18 11.55
N ASP C 43 2.71 -18.80 11.03
CA ASP C 43 3.07 -20.18 11.39
C ASP C 43 3.66 -20.29 12.80
N LEU C 44 4.49 -19.32 13.22
CA LEU C 44 4.97 -19.24 14.60
C LEU C 44 3.84 -18.81 15.53
N GLU C 45 2.97 -17.90 15.06
CA GLU C 45 1.77 -17.46 15.79
C GLU C 45 0.82 -18.64 16.08
N GLU C 46 0.57 -19.54 15.12
CA GLU C 46 -0.28 -20.71 15.34
C GLU C 46 0.35 -21.73 16.32
N LEU C 47 1.68 -21.91 16.28
CA LEU C 47 2.38 -22.74 17.27
C LEU C 47 2.28 -22.16 18.68
N LEU C 48 2.59 -20.88 18.90
CA LEU C 48 2.56 -20.30 20.25
C LEU C 48 1.13 -20.20 20.82
N ASN C 49 0.10 -20.10 19.97
CA ASN C 49 -1.28 -20.25 20.39
C ASN C 49 -1.67 -21.72 20.68
N SER C 50 -1.08 -22.73 20.00
CA SER C 50 -1.21 -24.15 20.38
C SER C 50 -0.63 -24.41 21.79
N LEU C 51 0.53 -23.84 22.12
CA LEU C 51 1.10 -23.93 23.47
C LEU C 51 0.21 -23.25 24.53
N LYS C 52 -0.42 -22.12 24.18
CA LYS C 52 -1.43 -21.45 25.02
C LYS C 52 -2.73 -22.27 25.18
N GLU C 53 -3.16 -23.04 24.19
CA GLU C 53 -4.30 -23.99 24.31
C GLU C 53 -3.92 -25.19 25.19
N LYS C 54 -2.68 -25.68 25.06
CA LYS C 54 -2.09 -26.75 25.89
C LYS C 54 -1.71 -26.32 27.32
N GLY C 55 -1.93 -25.06 27.68
CA GLY C 55 -1.83 -24.57 29.05
C GLY C 55 -0.44 -24.09 29.49
N TYR C 56 0.42 -23.68 28.56
CA TYR C 56 1.69 -23.01 28.89
C TYR C 56 1.48 -21.48 28.91
N ASP C 57 1.84 -20.81 30.01
CA ASP C 57 1.60 -19.38 30.23
C ASP C 57 2.85 -18.49 30.12
N GLU C 58 4.05 -19.04 30.26
CA GLU C 58 5.33 -18.32 30.13
C GLU C 58 6.15 -18.85 28.94
N PHE C 59 6.81 -17.94 28.21
CA PHE C 59 7.47 -18.23 26.94
C PHE C 59 8.90 -17.68 26.91
N VAL C 60 9.80 -18.45 26.30
CA VAL C 60 11.23 -18.12 26.13
C VAL C 60 11.63 -18.36 24.67
N PHE C 61 12.05 -17.29 23.98
CA PHE C 61 12.47 -17.27 22.57
C PHE C 61 13.95 -16.93 22.41
N GLU C 62 14.45 -16.92 21.17
CA GLU C 62 15.85 -16.67 20.85
C GLU C 62 16.20 -15.20 20.59
N HIS C 63 15.36 -14.47 19.86
CA HIS C 63 15.65 -13.11 19.38
C HIS C 63 15.06 -12.05 20.32
N PRO C 64 15.78 -10.99 20.74
CA PRO C 64 15.30 -10.02 21.71
C PRO C 64 14.05 -9.25 21.25
N GLU C 65 13.89 -9.02 19.96
CA GLU C 65 12.82 -8.18 19.40
C GLU C 65 11.59 -8.99 19.02
N LEU C 66 11.77 -10.23 18.55
CA LEU C 66 10.67 -11.20 18.45
C LEU C 66 10.04 -11.45 19.83
N SER C 67 10.88 -11.47 20.89
CA SER C 67 10.41 -11.53 22.28
C SER C 67 9.65 -10.26 22.70
N ARG C 68 10.10 -9.08 22.23
CA ARG C 68 9.45 -7.78 22.45
C ARG C 68 8.07 -7.71 21.78
N ARG C 69 7.95 -8.15 20.52
CA ARG C 69 6.66 -8.29 19.82
C ARG C 69 5.76 -9.35 20.47
N ALA C 70 6.31 -10.45 20.98
CA ALA C 70 5.52 -11.47 21.67
C ALA C 70 4.84 -10.95 22.96
N LYS C 71 5.50 -10.10 23.76
CA LYS C 71 4.83 -9.47 24.92
C LYS C 71 3.80 -8.40 24.52
N GLU C 72 4.05 -7.67 23.43
CA GLU C 72 3.08 -6.73 22.85
C GLU C 72 1.85 -7.44 22.25
N LEU C 73 1.96 -8.72 21.88
CA LEU C 73 0.86 -9.60 21.45
C LEU C 73 0.01 -10.15 22.63
N GLY C 74 0.43 -9.92 23.89
CA GLY C 74 -0.31 -10.30 25.10
C GLY C 74 0.21 -11.53 25.87
N PHE C 75 1.50 -11.86 25.75
CA PHE C 75 2.11 -13.06 26.34
C PHE C 75 3.22 -12.72 27.38
N SER C 76 3.40 -13.54 28.41
CA SER C 76 4.59 -13.49 29.31
C SER C 76 5.84 -14.01 28.62
N ALA C 77 6.45 -13.18 27.75
CA ALA C 77 7.57 -13.57 26.86
C ALA C 77 8.92 -12.99 27.31
N THR C 78 9.99 -13.78 27.19
CA THR C 78 11.41 -13.41 27.48
C THR C 78 12.38 -14.03 26.48
N THR C 79 13.67 -13.69 26.58
CA THR C 79 14.73 -14.08 25.64
C THR C 79 15.86 -14.85 26.34
N GLU C 80 16.25 -16.00 25.79
CA GLU C 80 17.40 -16.79 26.24
C GLU C 80 17.89 -17.66 25.05
N PHE C 81 18.93 -17.20 24.34
CA PHE C 81 19.36 -17.83 23.09
C PHE C 81 19.92 -19.26 23.26
N PRO C 82 20.66 -19.62 24.34
CA PRO C 82 21.13 -20.98 24.60
C PRO C 82 20.06 -22.01 25.01
N ASN C 83 18.76 -21.73 24.83
CA ASN C 83 17.69 -22.61 25.31
C ASN C 83 17.55 -23.91 24.48
N ILE C 84 17.03 -24.96 25.12
CA ILE C 84 17.09 -26.35 24.65
C ILE C 84 16.53 -26.54 23.22
N ALA C 85 15.46 -25.83 22.85
CA ALA C 85 14.84 -25.98 21.52
C ALA C 85 15.83 -25.68 20.39
N GLY C 86 16.54 -24.55 20.48
CA GLY C 86 17.55 -24.15 19.52
C GLY C 86 18.88 -24.87 19.71
N GLU C 87 19.26 -25.12 20.96
CA GLU C 87 20.50 -25.81 21.30
C GLU C 87 20.52 -27.25 20.76
N ARG C 88 19.39 -27.98 20.83
CA ARG C 88 19.25 -29.33 20.26
C ARG C 88 19.26 -29.30 18.73
N LEU C 89 18.40 -28.49 18.10
CA LEU C 89 18.29 -28.38 16.64
C LEU C 89 19.63 -28.00 15.98
N ARG C 90 20.39 -27.08 16.58
CA ARG C 90 21.70 -26.66 16.04
C ARG C 90 22.88 -27.55 16.46
N SER C 91 22.75 -28.38 17.51
CA SER C 91 23.80 -29.33 17.90
C SER C 91 23.72 -30.67 17.16
N ASN C 92 22.52 -31.18 16.90
CA ASN C 92 22.30 -32.52 16.32
C ASN C 92 21.30 -32.45 15.13
N PRO C 93 21.53 -31.61 14.09
CA PRO C 93 20.58 -31.44 12.98
C PRO C 93 20.27 -32.75 12.24
N GLU C 94 21.21 -33.70 12.23
CA GLU C 94 21.03 -35.05 11.67
C GLU C 94 19.96 -35.89 12.39
N GLU C 95 19.58 -35.54 13.63
CA GLU C 95 18.47 -36.16 14.39
C GLU C 95 17.09 -35.71 13.88
N PHE C 96 17.02 -34.53 13.25
CA PHE C 96 15.76 -33.85 12.90
C PHE C 96 15.54 -33.74 11.38
N LEU C 97 16.61 -33.50 10.62
CA LEU C 97 16.60 -33.37 9.15
C LEU C 97 17.34 -34.52 8.43
N GLY C 98 18.00 -35.43 9.16
CA GLY C 98 18.72 -36.58 8.57
C GLY C 98 20.12 -36.24 8.04
N GLU C 99 20.89 -37.25 7.60
CA GLU C 99 22.32 -37.10 7.24
C GLU C 99 22.61 -36.29 5.94
N ASN C 100 21.57 -35.76 5.27
CA ASN C 100 21.66 -34.81 4.16
C ASN C 100 21.39 -33.34 4.57
N TRP C 101 21.15 -33.04 5.85
CA TRP C 101 20.60 -31.76 6.36
C TRP C 101 21.22 -30.47 5.80
N PHE C 102 22.53 -30.44 5.54
CA PHE C 102 23.24 -29.25 5.07
C PHE C 102 22.77 -28.78 3.68
N GLU C 103 22.22 -29.68 2.86
CA GLU C 103 21.71 -29.36 1.51
C GLU C 103 20.45 -28.49 1.54
N GLU C 104 19.58 -28.65 2.55
CA GLU C 104 18.40 -27.80 2.73
C GLU C 104 18.79 -26.46 3.38
N TYR C 105 19.70 -26.46 4.35
CA TYR C 105 20.34 -25.23 4.90
C TYR C 105 20.94 -24.37 3.77
N TYR C 106 21.71 -24.99 2.88
CA TYR C 106 22.30 -24.35 1.69
C TYR C 106 21.24 -23.72 0.78
N LYS C 107 20.20 -24.50 0.43
CA LYS C 107 19.17 -24.09 -0.55
C LYS C 107 18.38 -22.85 -0.12
N VAL C 108 18.23 -22.61 1.18
CA VAL C 108 17.53 -21.43 1.72
C VAL C 108 18.51 -20.30 2.10
N GLY C 109 19.74 -20.61 2.55
CA GLY C 109 20.75 -19.61 2.86
C GLY C 109 21.11 -18.73 1.65
N VAL C 110 21.36 -19.36 0.50
CA VAL C 110 21.63 -18.63 -0.76
C VAL C 110 20.41 -17.84 -1.24
N ALA C 111 19.19 -18.34 -1.01
CA ALA C 111 17.95 -17.65 -1.36
C ALA C 111 17.67 -16.42 -0.47
N LEU C 112 17.98 -16.49 0.84
CA LEU C 112 17.90 -15.35 1.76
C LEU C 112 18.91 -14.26 1.36
N THR C 113 20.15 -14.65 1.00
CA THR C 113 21.17 -13.73 0.49
C THR C 113 20.75 -13.08 -0.84
N ARG C 114 19.94 -13.76 -1.68
CA ARG C 114 19.32 -13.17 -2.88
C ARG C 114 18.13 -12.24 -2.56
N MET C 115 17.59 -12.28 -1.34
CA MET C 115 16.39 -11.57 -0.87
C MET C 115 16.68 -10.35 0.02
N ARG C 116 17.81 -10.29 0.74
CA ARG C 116 18.19 -9.20 1.66
C ARG C 116 18.69 -7.92 0.99
N ILE C 117 18.17 -7.62 -0.19
CA ILE C 117 18.33 -6.38 -0.95
C ILE C 117 17.00 -6.05 -1.65
N GLN C 118 16.65 -4.76 -1.72
CA GLN C 118 15.40 -4.32 -2.33
C GLN C 118 15.39 -4.38 -3.86
N GLU C 119 14.19 -4.53 -4.40
CA GLU C 119 13.89 -4.69 -5.82
C GLU C 119 12.73 -3.77 -6.21
N GLN C 120 12.99 -2.71 -6.97
CA GLN C 120 11.98 -1.74 -7.40
C GLN C 120 12.27 -1.19 -8.81
N SER C 121 11.54 -1.65 -9.82
CA SER C 121 11.71 -1.19 -11.20
C SER C 121 10.73 -0.08 -11.57
N GLY C 122 11.06 0.69 -12.61
CA GLY C 122 10.13 1.58 -13.29
C GLY C 122 9.49 0.98 -14.54
N ALA C 123 9.97 -0.17 -15.01
CA ALA C 123 9.62 -0.73 -16.32
C ALA C 123 9.61 -2.28 -16.31
N ARG C 124 9.26 -2.92 -15.18
CA ARG C 124 9.49 -4.35 -14.92
C ARG C 124 8.94 -5.28 -16.03
N ASP C 125 7.75 -5.03 -16.55
CA ASP C 125 7.18 -5.84 -17.64
C ASP C 125 7.91 -5.63 -18.98
N LYS C 126 8.38 -4.41 -19.27
CA LYS C 126 9.20 -4.10 -20.45
C LYS C 126 10.57 -4.76 -20.38
N MET C 127 11.16 -4.85 -19.18
CA MET C 127 12.38 -5.63 -18.92
C MET C 127 12.13 -7.13 -19.11
N VAL C 128 10.99 -7.67 -18.64
CA VAL C 128 10.56 -9.05 -18.92
C VAL C 128 10.33 -9.30 -20.42
N ILE C 129 9.74 -8.35 -21.15
CA ILE C 129 9.58 -8.45 -22.61
C ILE C 129 10.95 -8.54 -23.31
N GLN C 130 11.92 -7.70 -22.94
CA GLN C 130 13.27 -7.81 -23.49
C GLN C 130 13.98 -9.11 -23.09
N ALA C 131 13.72 -9.65 -21.89
CA ALA C 131 14.19 -10.98 -21.48
C ALA C 131 13.52 -12.12 -22.28
N ILE C 132 12.25 -11.99 -22.68
CA ILE C 132 11.54 -12.96 -23.55
C ILE C 132 12.08 -12.92 -24.98
N GLU C 133 12.32 -11.74 -25.54
CA GLU C 133 12.97 -11.59 -26.85
C GLU C 133 14.41 -12.13 -26.80
N ALA C 134 15.13 -11.90 -25.68
CA ALA C 134 16.45 -12.48 -25.44
C ALA C 134 16.41 -14.01 -25.37
N LEU C 135 15.34 -14.62 -24.85
CA LEU C 135 15.24 -16.07 -24.72
C LEU C 135 15.10 -16.76 -26.09
N ASP C 136 14.31 -16.19 -27.02
CA ASP C 136 14.25 -16.67 -28.42
C ASP C 136 15.55 -16.35 -29.20
N ASP C 137 16.15 -15.17 -29.00
CA ASP C 137 17.41 -14.81 -29.64
C ASP C 137 18.60 -15.67 -29.14
N VAL C 138 18.66 -16.01 -27.85
CA VAL C 138 19.68 -16.92 -27.26
C VAL C 138 19.52 -18.34 -27.81
N ASP C 139 18.31 -18.90 -27.83
CA ASP C 139 18.07 -20.25 -28.39
C ASP C 139 18.44 -20.29 -29.89
N LYS C 140 18.14 -19.20 -30.63
CA LYS C 140 18.46 -19.03 -32.05
C LYS C 140 19.97 -18.93 -32.34
N VAL C 141 20.77 -18.27 -31.48
CA VAL C 141 22.24 -18.25 -31.64
C VAL C 141 22.92 -19.51 -31.10
N ILE C 142 22.35 -20.18 -30.11
CA ILE C 142 22.75 -21.55 -29.71
C ILE C 142 22.59 -22.49 -30.91
N ASN C 143 21.43 -22.49 -31.58
CA ASN C 143 21.20 -23.27 -32.81
C ASN C 143 22.25 -22.95 -33.91
N LEU C 144 22.62 -21.67 -34.09
CA LEU C 144 23.63 -21.26 -35.07
C LEU C 144 25.02 -21.84 -34.74
N LEU C 145 25.53 -21.62 -33.53
CA LEU C 145 26.85 -22.10 -33.13
C LEU C 145 26.90 -23.63 -33.00
N VAL C 146 25.79 -24.29 -32.64
CA VAL C 146 25.66 -25.75 -32.67
C VAL C 146 25.73 -26.30 -34.10
N ALA C 147 25.21 -25.61 -35.11
CA ALA C 147 25.34 -26.02 -36.51
C ALA C 147 26.81 -25.99 -36.99
N ARG C 148 27.58 -24.95 -36.58
CA ARG C 148 29.03 -24.90 -36.81
C ARG C 148 29.78 -25.97 -36.01
N LEU C 149 29.44 -26.18 -34.73
CA LEU C 149 30.05 -27.19 -33.86
C LEU C 149 29.85 -28.62 -34.39
N ARG C 150 28.65 -28.96 -34.88
CA ARG C 150 28.37 -30.24 -35.56
C ARG C 150 29.26 -30.43 -36.79
N GLU C 151 29.31 -29.43 -37.68
CA GLU C 151 30.07 -29.52 -38.93
C GLU C 151 31.59 -29.59 -38.71
N TRP C 152 32.13 -28.77 -37.81
CA TRP C 152 33.56 -28.75 -37.51
C TRP C 152 34.02 -30.01 -36.75
N TYR C 153 33.29 -30.44 -35.70
CA TYR C 153 33.67 -31.67 -34.99
C TYR C 153 33.48 -32.94 -35.85
N SER C 154 32.58 -32.91 -36.85
CA SER C 154 32.45 -33.98 -37.85
C SER C 154 33.69 -34.18 -38.72
N LEU C 155 34.62 -33.22 -38.79
CA LEU C 155 35.94 -33.45 -39.41
C LEU C 155 36.76 -34.49 -38.62
N HIS C 156 36.59 -34.54 -37.30
CA HIS C 156 37.39 -35.36 -36.38
C HIS C 156 36.63 -36.59 -35.83
N PHE C 157 35.29 -36.60 -35.83
CA PHE C 157 34.48 -37.78 -35.46
C PHE C 157 33.09 -37.78 -36.17
N PRO C 158 33.02 -38.03 -37.50
CA PRO C 158 31.80 -37.87 -38.31
C PRO C 158 30.63 -38.80 -37.92
N GLU C 159 30.89 -39.91 -37.24
CA GLU C 159 29.86 -40.85 -36.76
C GLU C 159 28.99 -40.29 -35.63
N LEU C 160 29.44 -39.23 -34.95
CA LEU C 160 28.79 -38.63 -33.79
C LEU C 160 27.50 -37.87 -34.13
N ASP C 161 27.40 -37.32 -35.34
CA ASP C 161 26.36 -36.35 -35.72
C ASP C 161 24.94 -36.94 -35.70
N GLU C 162 24.73 -38.11 -36.30
CA GLU C 162 23.47 -38.87 -36.25
C GLU C 162 23.23 -39.51 -34.87
N LEU C 163 24.31 -39.76 -34.11
CA LEU C 163 24.32 -40.57 -32.89
C LEU C 163 23.93 -39.80 -31.62
N LEU C 164 24.22 -38.49 -31.57
CA LEU C 164 23.81 -37.58 -30.51
C LEU C 164 22.89 -36.46 -31.08
N PRO C 165 21.57 -36.69 -31.20
CA PRO C 165 20.63 -35.70 -31.76
C PRO C 165 20.37 -34.51 -30.81
N LYS C 166 20.39 -34.74 -29.49
CA LYS C 166 20.06 -33.75 -28.45
C LYS C 166 21.18 -32.70 -28.33
N HIS C 167 20.90 -31.46 -28.69
CA HIS C 167 21.92 -30.40 -28.86
C HIS C 167 22.77 -30.10 -27.60
N PRO C 168 22.22 -29.83 -26.39
CA PRO C 168 23.05 -29.61 -25.20
C PRO C 168 23.89 -30.84 -24.81
N GLN C 169 23.43 -32.05 -25.12
CA GLN C 169 24.18 -33.29 -24.87
C GLN C 169 25.39 -33.42 -25.83
N TYR C 170 25.28 -32.91 -27.07
CA TYR C 170 26.41 -32.77 -27.99
C TYR C 170 27.40 -31.69 -27.53
N VAL C 171 26.90 -30.54 -27.04
CA VAL C 171 27.71 -29.44 -26.51
C VAL C 171 28.53 -29.90 -25.30
N ALA C 172 27.89 -30.45 -24.27
CA ALA C 172 28.57 -30.92 -23.07
C ALA C 172 29.55 -32.07 -23.35
N PHE C 173 29.23 -32.97 -24.29
CA PHE C 173 30.17 -33.98 -24.78
C PHE C 173 31.46 -33.34 -25.32
N VAL C 174 31.36 -32.39 -26.26
CA VAL C 174 32.55 -31.77 -26.85
C VAL C 174 33.29 -30.89 -25.83
N LYS C 175 32.59 -30.18 -24.93
CA LYS C 175 33.17 -29.37 -23.84
C LYS C 175 34.12 -30.18 -22.96
N THR C 176 33.71 -31.36 -22.51
CA THR C 176 34.47 -32.19 -21.54
C THR C 176 35.43 -33.18 -22.22
N VAL C 177 35.12 -33.67 -23.42
CA VAL C 177 35.98 -34.61 -24.15
C VAL C 177 37.15 -33.90 -24.85
N GLY C 178 36.89 -32.83 -25.60
CA GLY C 178 37.89 -32.25 -26.50
C GLY C 178 38.38 -33.26 -27.55
N HIS C 179 39.57 -33.84 -27.35
CA HIS C 179 40.09 -34.89 -28.23
C HIS C 179 39.39 -36.25 -28.06
N ARG C 180 39.14 -36.93 -29.18
CA ARG C 180 38.35 -38.19 -29.26
C ARG C 180 38.90 -39.39 -28.47
N ASP C 181 40.14 -39.38 -27.99
CA ASP C 181 40.68 -40.46 -27.16
C ASP C 181 40.46 -40.26 -25.65
N ASN C 182 39.91 -39.12 -25.22
CA ASN C 182 39.40 -38.92 -23.85
C ASN C 182 38.01 -39.55 -23.62
N ILE C 183 37.44 -40.25 -24.61
CA ILE C 183 36.14 -40.93 -24.50
C ILE C 183 36.31 -42.23 -23.68
N ASN C 184 35.59 -42.33 -22.57
CA ASN C 184 35.58 -43.49 -21.67
C ASN C 184 34.14 -43.74 -21.16
N GLU C 185 33.80 -44.99 -20.85
CA GLU C 185 32.53 -45.38 -20.21
C GLU C 185 32.20 -44.53 -18.96
N GLU C 186 33.20 -44.19 -18.15
CA GLU C 186 33.04 -43.40 -16.94
C GLU C 186 32.51 -41.98 -17.23
N VAL C 187 33.16 -41.21 -18.12
CA VAL C 187 32.75 -39.83 -18.42
C VAL C 187 31.40 -39.75 -19.15
N LEU C 188 31.06 -40.77 -19.96
CA LEU C 188 29.75 -40.84 -20.60
C LEU C 188 28.62 -41.15 -19.60
N ARG C 189 28.90 -41.96 -18.57
CA ARG C 189 27.96 -42.27 -17.48
C ARG C 189 27.87 -41.16 -16.44
N GLU C 190 28.91 -40.35 -16.23
CA GLU C 190 28.84 -39.08 -15.49
C GLU C 190 27.98 -38.04 -16.23
N LEU C 191 28.18 -37.86 -17.54
CA LEU C 191 27.31 -37.07 -18.43
C LEU C 191 25.88 -37.67 -18.56
N GLY C 192 25.64 -38.85 -17.96
CA GLY C 192 24.32 -39.39 -17.73
C GLY C 192 23.70 -40.13 -18.92
N LEU C 193 24.49 -40.51 -19.93
CA LEU C 193 24.04 -41.32 -21.06
C LEU C 193 23.63 -42.73 -20.60
N SER C 194 22.78 -43.40 -21.38
CA SER C 194 22.33 -44.77 -21.09
C SER C 194 23.38 -45.82 -21.49
N GLU C 195 23.35 -46.98 -20.84
CA GLU C 195 24.20 -48.13 -21.20
C GLU C 195 24.06 -48.55 -22.66
N GLU C 196 22.87 -48.36 -23.24
CA GLU C 196 22.61 -48.54 -24.68
C GLU C 196 23.43 -47.55 -25.53
N LYS C 197 23.34 -46.25 -25.23
CA LYS C 197 24.04 -45.22 -26.00
C LYS C 197 25.56 -45.38 -25.87
N ILE C 198 26.03 -45.88 -24.74
CA ILE C 198 27.42 -46.23 -24.41
C ILE C 198 27.88 -47.56 -25.05
N LYS C 199 26.95 -48.44 -25.48
CA LYS C 199 27.24 -49.61 -26.32
C LYS C 199 27.60 -49.21 -27.76
N LYS C 200 27.11 -48.05 -28.21
CA LYS C 200 27.65 -47.29 -29.36
C LYS C 200 28.58 -46.19 -28.82
N ILE C 201 28.98 -45.21 -29.65
CA ILE C 201 30.06 -44.23 -29.38
C ILE C 201 31.44 -44.92 -29.25
N LEU C 202 31.65 -45.76 -28.23
CA LEU C 202 32.88 -46.55 -28.04
C LEU C 202 33.14 -47.51 -29.20
N GLU C 203 32.10 -48.19 -29.69
CA GLU C 203 32.19 -49.04 -30.89
C GLU C 203 32.66 -48.24 -32.13
N ALA C 204 32.21 -46.99 -32.27
CA ALA C 204 32.58 -46.10 -33.38
C ALA C 204 33.99 -45.50 -33.21
N LYS C 205 34.41 -45.17 -31.99
CA LYS C 205 35.76 -44.66 -31.67
C LYS C 205 36.88 -45.62 -32.13
N GLU C 206 36.64 -46.92 -32.07
CA GLU C 206 37.61 -47.93 -32.54
C GLU C 206 37.68 -48.06 -34.07
N LYS C 207 36.73 -47.47 -34.84
CA LYS C 207 36.65 -47.63 -36.31
C LYS C 207 36.42 -46.36 -37.14
N THR C 208 36.39 -45.18 -36.53
CA THR C 208 36.02 -43.91 -37.19
C THR C 208 36.74 -43.64 -38.52
N MET C 209 36.02 -43.06 -39.49
CA MET C 209 36.52 -42.59 -40.79
C MET C 209 36.92 -41.10 -40.80
N GLY C 210 36.84 -40.40 -39.67
CA GLY C 210 37.24 -39.00 -39.55
C GLY C 210 38.74 -38.74 -39.76
N ALA C 211 39.09 -37.49 -40.06
CA ALA C 211 40.47 -37.04 -40.25
C ALA C 211 41.22 -36.84 -38.91
N TRP C 212 42.36 -36.16 -38.92
CA TRP C 212 43.15 -35.82 -37.73
C TRP C 212 43.25 -34.30 -37.52
N MET C 213 42.65 -33.81 -36.44
CA MET C 213 42.96 -32.50 -35.83
C MET C 213 44.01 -32.69 -34.72
N ASP C 214 45.05 -31.86 -34.65
CA ASP C 214 46.05 -31.91 -33.58
C ASP C 214 45.46 -31.47 -32.22
N GLN C 215 46.19 -31.70 -31.13
CA GLN C 215 45.85 -31.22 -29.79
C GLN C 215 45.68 -29.69 -29.76
N THR C 216 46.50 -28.99 -30.54
CA THR C 216 46.49 -27.53 -30.70
C THR C 216 45.27 -27.02 -31.47
N ASP C 217 44.69 -27.84 -32.33
CA ASP C 217 43.49 -27.51 -33.14
C ASP C 217 42.20 -27.84 -32.37
N ILE C 218 42.10 -29.06 -31.82
CA ILE C 218 40.83 -29.59 -31.29
C ILE C 218 40.38 -28.87 -30.03
N GLU C 219 41.29 -28.22 -29.29
CA GLU C 219 40.95 -27.35 -28.16
C GLU C 219 40.16 -26.11 -28.61
N VAL C 220 40.32 -25.62 -29.85
CA VAL C 220 39.50 -24.51 -30.38
C VAL C 220 38.03 -24.93 -30.51
N VAL C 221 37.78 -26.16 -30.97
CA VAL C 221 36.42 -26.73 -31.05
C VAL C 221 35.85 -27.04 -29.66
N ARG C 222 36.71 -27.38 -28.69
CA ARG C 222 36.34 -27.52 -27.28
C ARG C 222 35.95 -26.17 -26.65
N GLN C 223 36.66 -25.09 -26.95
CA GLN C 223 36.35 -23.73 -26.50
C GLN C 223 35.04 -23.22 -27.12
N LEU C 224 34.77 -23.52 -28.40
CA LEU C 224 33.47 -23.26 -29.03
C LEU C 224 32.32 -23.94 -28.27
N ALA C 225 32.49 -25.21 -27.87
CA ALA C 225 31.49 -25.91 -27.06
C ALA C 225 31.35 -25.32 -25.64
N GLU C 226 32.45 -24.89 -25.01
CA GLU C 226 32.43 -24.28 -23.68
C GLU C 226 31.67 -22.94 -23.66
N GLU C 227 31.87 -22.08 -24.66
CA GLU C 227 31.12 -20.82 -24.78
C GLU C 227 29.63 -21.03 -25.15
N ILE C 228 29.26 -22.14 -25.79
CA ILE C 228 27.84 -22.51 -25.99
C ILE C 228 27.21 -23.00 -24.67
N ASP C 229 27.95 -23.67 -23.79
CA ASP C 229 27.47 -24.01 -22.44
C ASP C 229 27.40 -22.77 -21.53
N ARG C 230 28.24 -21.75 -21.73
CA ARG C 230 28.02 -20.39 -21.16
C ARG C 230 26.67 -19.82 -21.64
N LEU C 231 26.38 -19.84 -22.95
CA LEU C 231 25.09 -19.39 -23.49
C LEU C 231 23.88 -20.18 -22.94
N TYR C 232 24.00 -21.51 -22.74
CA TYR C 232 22.93 -22.31 -22.11
C TYR C 232 22.72 -21.96 -20.63
N GLN C 233 23.76 -21.53 -19.91
CA GLN C 233 23.63 -21.04 -18.54
C GLN C 233 22.97 -19.65 -18.50
N LEU C 234 23.33 -18.73 -19.41
CA LEU C 234 22.62 -17.46 -19.59
C LEU C 234 21.13 -17.68 -19.91
N ARG C 235 20.79 -18.68 -20.74
CA ARG C 235 19.40 -19.07 -21.04
C ARG C 235 18.60 -19.34 -19.76
N LYS C 236 19.17 -20.09 -18.81
CA LYS C 236 18.53 -20.32 -17.49
C LYS C 236 18.47 -19.04 -16.65
N LYS C 237 19.50 -18.19 -16.65
CA LYS C 237 19.46 -16.90 -15.91
C LYS C 237 18.35 -15.96 -16.42
N LEU C 238 18.02 -15.98 -17.71
CA LEU C 238 16.86 -15.28 -18.28
C LEU C 238 15.53 -15.89 -17.78
N GLU C 239 15.39 -17.21 -17.81
CA GLU C 239 14.19 -17.90 -17.30
C GLU C 239 13.97 -17.66 -15.79
N ASP C 240 15.04 -17.69 -14.99
CA ASP C 240 15.01 -17.46 -13.54
C ASP C 240 14.81 -15.98 -13.17
N TYR C 241 15.29 -15.03 -13.98
CA TYR C 241 15.00 -13.60 -13.80
C TYR C 241 13.50 -13.33 -13.93
N ILE C 242 12.85 -13.84 -14.98
CA ILE C 242 11.41 -13.66 -15.19
C ILE C 242 10.60 -14.28 -14.04
N ASP C 243 11.03 -15.43 -13.53
CA ASP C 243 10.40 -16.13 -12.40
C ASP C 243 10.41 -15.31 -11.09
N ARG C 244 11.39 -14.38 -10.93
CA ARG C 244 11.39 -13.35 -9.86
C ARG C 244 10.62 -12.09 -10.27
N ALA C 245 10.89 -11.55 -11.46
CA ALA C 245 10.40 -10.24 -11.89
C ALA C 245 8.87 -10.14 -11.91
N MET C 246 8.17 -11.25 -12.14
CA MET C 246 6.70 -11.31 -12.08
C MET C 246 6.11 -11.22 -10.63
N ASP C 247 6.90 -10.94 -9.60
CA ASP C 247 6.38 -10.58 -8.27
C ASP C 247 6.29 -9.04 -8.04
N ASP C 248 7.08 -8.21 -8.74
CA ASP C 248 7.08 -6.72 -8.60
C ASP C 248 6.05 -6.05 -9.55
N VAL C 249 4.78 -6.09 -9.12
CA VAL C 249 3.64 -5.44 -9.80
C VAL C 249 2.85 -4.53 -8.85
N ALA C 250 2.47 -3.33 -9.33
CA ALA C 250 1.93 -2.23 -8.54
C ALA C 250 1.07 -1.24 -9.36
N PRO C 251 0.17 -0.46 -8.72
CA PRO C 251 -0.54 0.66 -9.34
C PRO C 251 0.26 1.98 -9.33
N ASN C 252 -0.04 2.87 -10.29
CA ASN C 252 0.72 4.08 -10.59
C ASN C 252 0.43 5.25 -9.64
N LEU C 253 -0.84 5.52 -9.30
CA LEU C 253 -1.25 6.63 -8.43
C LEU C 253 -0.61 6.55 -7.03
N LYS C 254 -0.37 5.33 -6.52
CA LYS C 254 0.33 5.08 -5.25
C LYS C 254 1.79 5.58 -5.27
N ALA C 255 2.43 5.60 -6.43
CA ALA C 255 3.81 6.06 -6.60
C ALA C 255 3.90 7.55 -6.99
N LEU C 256 3.00 8.05 -7.83
CA LEU C 256 3.02 9.45 -8.31
C LEU C 256 2.59 10.46 -7.23
N VAL C 257 1.62 10.12 -6.37
CA VAL C 257 1.16 10.99 -5.27
C VAL C 257 0.94 10.28 -3.93
N GLY C 258 0.55 9.00 -3.94
CA GLY C 258 0.29 8.23 -2.71
C GLY C 258 -1.13 8.38 -2.14
N ALA C 259 -1.47 7.48 -1.20
CA ALA C 259 -2.85 7.20 -0.77
C ALA C 259 -3.66 8.42 -0.31
N LYS C 260 -3.05 9.34 0.46
CA LYS C 260 -3.70 10.56 1.00
C LYS C 260 -4.38 11.40 -0.09
N LEU C 261 -3.79 11.43 -1.30
CA LEU C 261 -4.34 12.15 -2.45
C LEU C 261 -5.04 11.21 -3.44
N ALA C 262 -4.49 10.01 -3.70
CA ALA C 262 -5.07 9.05 -4.63
C ALA C 262 -6.49 8.60 -4.22
N ALA C 263 -6.67 8.17 -2.96
CA ALA C 263 -7.98 7.74 -2.45
C ALA C 263 -8.95 8.91 -2.28
N ARG C 264 -8.45 10.14 -2.07
CA ARG C 264 -9.27 11.35 -2.08
C ARG C 264 -9.81 11.68 -3.46
N LEU C 265 -8.98 11.65 -4.50
CA LEU C 265 -9.43 11.90 -5.88
C LEU C 265 -10.45 10.85 -6.35
N ILE C 266 -10.24 9.58 -6.00
CA ILE C 266 -11.20 8.50 -6.26
C ILE C 266 -12.52 8.77 -5.53
N SER C 267 -12.50 9.14 -4.25
CA SER C 267 -13.73 9.41 -3.48
C SER C 267 -14.47 10.67 -3.91
N LEU C 268 -13.77 11.72 -4.36
CA LEU C 268 -14.38 12.97 -4.82
C LEU C 268 -14.92 12.88 -6.26
N ALA C 269 -14.38 11.98 -7.08
CA ALA C 269 -15.00 11.56 -8.34
C ALA C 269 -16.09 10.47 -8.14
N GLY C 270 -16.32 10.01 -6.90
CA GLY C 270 -17.21 8.89 -6.57
C GLY C 270 -16.64 7.50 -6.86
N GLY C 271 -15.76 7.35 -7.84
CA GLY C 271 -15.04 6.09 -8.12
C GLY C 271 -13.89 6.24 -9.12
N LEU C 272 -13.11 5.17 -9.31
CA LEU C 272 -11.91 5.20 -10.15
C LEU C 272 -12.23 5.21 -11.66
N ARG C 273 -13.34 4.61 -12.10
CA ARG C 273 -13.86 4.80 -13.47
C ARG C 273 -14.11 6.28 -13.73
N GLU C 274 -14.80 6.91 -12.80
CA GLU C 274 -15.27 8.29 -12.90
C GLU C 274 -14.09 9.25 -12.88
N LEU C 275 -13.09 9.04 -12.02
CA LEU C 275 -11.82 9.79 -12.03
C LEU C 275 -11.07 9.63 -13.36
N ALA C 276 -11.05 8.43 -13.95
CA ALA C 276 -10.43 8.19 -15.25
C ALA C 276 -11.20 8.87 -16.41
N MET C 277 -12.53 9.02 -16.29
CA MET C 277 -13.37 9.76 -17.23
C MET C 277 -13.34 11.29 -17.05
N MET C 278 -12.60 11.83 -16.07
CA MET C 278 -12.55 13.28 -15.80
C MET C 278 -11.37 14.00 -16.50
N PRO C 279 -11.53 15.29 -16.84
CA PRO C 279 -10.46 16.11 -17.40
C PRO C 279 -9.52 16.64 -16.31
N SER C 280 -8.28 16.96 -16.69
CA SER C 280 -7.29 17.67 -15.84
C SER C 280 -7.87 18.95 -15.20
N SER C 281 -8.55 19.79 -15.98
CA SER C 281 -9.25 21.00 -15.53
C SER C 281 -10.57 20.75 -14.76
N THR C 282 -10.79 19.53 -14.27
CA THR C 282 -11.72 19.23 -13.17
C THR C 282 -10.99 18.47 -12.05
N ILE C 283 -10.05 17.58 -12.37
CA ILE C 283 -9.15 16.91 -11.40
C ILE C 283 -8.33 17.93 -10.57
N GLN C 284 -8.01 19.09 -11.14
CA GLN C 284 -7.41 20.24 -10.44
C GLN C 284 -8.23 20.73 -9.24
N VAL C 285 -9.57 20.62 -9.32
CA VAL C 285 -10.53 21.25 -8.40
C VAL C 285 -11.46 20.26 -7.69
N LEU C 286 -11.29 18.95 -7.92
CA LEU C 286 -11.91 17.92 -7.08
C LEU C 286 -11.57 18.14 -5.61
N GLY C 287 -12.58 18.16 -4.74
CA GLY C 287 -12.39 18.47 -3.32
C GLY C 287 -11.98 19.93 -3.06
N ALA C 288 -12.32 20.88 -3.94
CA ALA C 288 -12.38 22.30 -3.60
C ALA C 288 -13.65 22.67 -2.81
N GLU C 289 -14.67 21.80 -2.84
CA GLU C 289 -15.89 21.84 -2.01
C GLU C 289 -16.58 23.21 -2.08
N LYS C 290 -16.75 23.92 -0.96
CA LYS C 290 -17.34 25.27 -0.87
C LYS C 290 -16.85 26.27 -1.92
N ALA C 291 -15.63 26.11 -2.44
CA ALA C 291 -15.07 26.99 -3.47
C ALA C 291 -15.60 26.69 -4.89
N LEU C 292 -15.82 25.42 -5.23
CA LEU C 292 -16.43 25.02 -6.50
C LEU C 292 -17.94 25.35 -6.50
N PHE C 293 -18.62 24.97 -5.42
CA PHE C 293 -20.04 25.28 -5.18
C PHE C 293 -20.38 26.75 -5.42
N ARG C 294 -19.65 27.70 -4.81
CA ARG C 294 -19.96 29.15 -4.94
C ARG C 294 -19.37 29.80 -6.20
N HIS C 295 -18.35 29.18 -6.82
CA HIS C 295 -17.95 29.56 -8.18
C HIS C 295 -19.09 29.32 -9.19
N LEU C 296 -19.89 28.26 -8.99
CA LEU C 296 -21.15 28.06 -9.70
C LEU C 296 -22.26 28.98 -9.15
N ARG C 297 -22.85 28.70 -7.97
CA ARG C 297 -24.13 29.31 -7.54
C ARG C 297 -24.13 30.84 -7.51
N THR C 298 -23.05 31.46 -7.03
CA THR C 298 -22.94 32.94 -6.93
C THR C 298 -21.95 33.54 -7.94
N GLY C 299 -21.41 32.75 -8.86
CA GLY C 299 -20.44 33.23 -9.88
C GLY C 299 -19.12 33.73 -9.30
N ALA C 300 -18.69 33.18 -8.15
CA ALA C 300 -17.54 33.66 -7.37
C ALA C 300 -16.18 33.36 -8.04
N LYS C 301 -15.08 33.64 -7.32
CA LYS C 301 -13.69 33.39 -7.73
C LYS C 301 -13.49 31.92 -8.15
N PRO C 302 -12.96 31.62 -9.35
CA PRO C 302 -12.67 30.24 -9.75
C PRO C 302 -11.66 29.56 -8.80
N PRO C 303 -11.91 28.33 -8.31
CA PRO C 303 -10.98 27.62 -7.43
C PRO C 303 -9.65 27.32 -8.14
N LYS C 304 -8.54 27.78 -7.56
CA LYS C 304 -7.17 27.58 -8.10
C LYS C 304 -6.70 26.12 -7.97
N HIS C 305 -7.12 25.44 -6.90
CA HIS C 305 -6.84 24.04 -6.61
C HIS C 305 -7.85 23.49 -5.58
N GLY C 306 -8.14 22.18 -5.66
CA GLY C 306 -8.88 21.42 -4.66
C GLY C 306 -7.97 20.59 -3.75
N VAL C 307 -8.33 19.34 -3.50
CA VAL C 307 -7.64 18.45 -2.53
C VAL C 307 -6.17 18.16 -2.86
N ILE C 308 -5.73 18.47 -4.08
CA ILE C 308 -4.32 18.51 -4.50
C ILE C 308 -3.46 19.53 -3.71
N TYR C 309 -4.06 20.45 -2.93
CA TYR C 309 -3.35 21.55 -2.26
C TYR C 309 -2.17 21.11 -1.37
N GLN C 310 -2.27 19.98 -0.67
CA GLN C 310 -1.19 19.45 0.17
C GLN C 310 -0.12 18.65 -0.61
N TYR C 311 -0.03 18.80 -1.94
CA TYR C 311 1.05 18.24 -2.74
C TYR C 311 2.43 18.82 -2.33
N PRO C 312 3.54 18.04 -2.40
CA PRO C 312 4.92 18.43 -2.12
C PRO C 312 5.51 19.72 -2.75
N ALA C 313 4.75 20.50 -3.51
CA ALA C 313 5.17 21.78 -4.09
C ALA C 313 4.03 22.84 -4.20
N ILE C 314 2.95 22.73 -3.40
CA ILE C 314 1.84 23.71 -3.41
C ILE C 314 1.68 24.43 -2.06
N ASN C 315 1.22 23.77 -0.99
CA ASN C 315 1.03 24.39 0.35
C ASN C 315 2.32 24.89 1.05
N ARG C 316 3.48 24.85 0.37
CA ARG C 316 4.81 25.11 0.94
C ARG C 316 5.71 26.01 0.07
N SER C 317 5.12 26.75 -0.86
CA SER C 317 5.85 27.49 -1.92
C SER C 317 5.25 28.87 -2.24
N PRO C 318 5.97 29.79 -2.92
CA PRO C 318 5.46 31.12 -3.32
C PRO C 318 4.22 31.08 -4.22
N TRP C 319 3.36 32.10 -4.14
CA TRP C 319 2.09 32.16 -4.91
C TRP C 319 2.28 32.03 -6.43
N TRP C 320 3.35 32.61 -6.96
CA TRP C 320 3.79 32.50 -8.36
C TRP C 320 3.85 31.05 -8.87
N GLN C 321 4.27 30.12 -8.00
CA GLN C 321 4.44 28.71 -8.34
C GLN C 321 3.17 27.90 -8.04
N ARG C 322 2.41 28.26 -6.99
CA ARG C 322 1.18 27.56 -6.54
C ARG C 322 0.11 27.37 -7.62
N GLY C 323 -0.11 28.38 -8.47
CA GLY C 323 -1.14 28.31 -9.53
C GLY C 323 -0.70 27.47 -10.75
N LYS C 324 0.57 27.55 -11.12
CA LYS C 324 1.15 26.89 -12.29
C LYS C 324 1.29 25.39 -12.08
N ILE C 325 1.78 25.00 -10.89
CA ILE C 325 1.96 23.59 -10.50
C ILE C 325 0.61 22.86 -10.40
N ALA C 326 -0.47 23.53 -9.95
CA ALA C 326 -1.77 22.89 -9.73
C ALA C 326 -2.38 22.22 -10.97
N ARG C 327 -2.38 22.92 -12.12
CA ARG C 327 -2.92 22.39 -13.40
C ARG C 327 -1.96 21.41 -14.09
N ALA C 328 -0.65 21.62 -14.02
CA ALA C 328 0.35 20.66 -14.50
C ALA C 328 0.26 19.29 -13.76
N LEU C 329 0.15 19.34 -12.42
CA LEU C 329 -0.11 18.17 -11.58
C LEU C 329 -1.41 17.46 -11.97
N ALA C 330 -2.48 18.22 -12.21
CA ALA C 330 -3.77 17.66 -12.61
C ALA C 330 -3.76 17.02 -14.02
N GLY C 331 -2.95 17.55 -14.94
CA GLY C 331 -2.64 16.92 -16.24
C GLY C 331 -2.03 15.53 -16.05
N LYS C 332 -0.89 15.46 -15.36
CA LYS C 332 -0.19 14.19 -15.11
C LYS C 332 -1.02 13.18 -14.31
N LEU C 333 -1.87 13.65 -13.38
CA LEU C 333 -2.86 12.82 -12.68
C LEU C 333 -3.96 12.27 -13.59
N ALA C 334 -4.45 13.06 -14.55
CA ALA C 334 -5.47 12.62 -15.52
C ALA C 334 -4.92 11.50 -16.43
N ILE C 335 -3.63 11.53 -16.77
CA ILE C 335 -2.95 10.40 -17.42
C ILE C 335 -2.91 9.19 -16.47
N ALA C 336 -2.39 9.37 -15.24
CA ALA C 336 -2.19 8.28 -14.28
C ALA C 336 -3.47 7.53 -13.90
N ALA C 337 -4.59 8.23 -13.70
CA ALA C 337 -5.88 7.62 -13.39
C ALA C 337 -6.43 6.78 -14.56
N ARG C 338 -6.23 7.23 -15.81
CA ARG C 338 -6.61 6.46 -17.01
C ARG C 338 -5.75 5.21 -17.19
N VAL C 339 -4.45 5.29 -16.92
CA VAL C 339 -3.55 4.12 -16.89
C VAL C 339 -4.04 3.09 -15.86
N ASP C 340 -4.25 3.48 -14.61
CA ASP C 340 -4.62 2.55 -13.52
C ASP C 340 -6.03 1.93 -13.68
N TYR C 341 -6.96 2.60 -14.36
CA TYR C 341 -8.28 2.01 -14.63
C TYR C 341 -8.32 1.16 -15.91
N PHE C 342 -7.84 1.67 -17.05
CA PHE C 342 -8.09 1.03 -18.36
C PHE C 342 -7.10 -0.07 -18.72
N SER C 343 -5.88 -0.06 -18.16
CA SER C 343 -4.84 -1.06 -18.49
C SER C 343 -4.14 -1.65 -17.26
N GLY C 344 -3.91 -0.87 -16.21
CA GLY C 344 -3.25 -1.33 -14.97
C GLY C 344 -1.75 -1.61 -15.12
N GLU C 345 -1.12 -1.13 -16.19
CA GLU C 345 0.31 -1.34 -16.48
C GLU C 345 1.16 -0.23 -15.85
N TYR C 346 2.37 -0.53 -15.37
CA TYR C 346 3.16 0.41 -14.57
C TYR C 346 4.16 1.23 -15.39
N ILE C 347 4.06 2.56 -15.30
CA ILE C 347 4.95 3.54 -15.93
C ILE C 347 5.33 4.72 -15.00
N ALA C 348 4.94 4.67 -13.71
CA ALA C 348 4.87 5.87 -12.86
C ALA C 348 6.21 6.58 -12.59
N GLU C 349 7.37 5.93 -12.78
CA GLU C 349 8.67 6.63 -12.65
C GLU C 349 8.89 7.63 -13.80
N GLU C 350 8.31 7.39 -14.98
CA GLU C 350 8.34 8.35 -16.09
C GLU C 350 7.34 9.50 -15.85
N LEU C 351 6.14 9.19 -15.34
CA LEU C 351 5.17 10.20 -14.92
C LEU C 351 5.73 11.10 -13.79
N LYS C 352 6.56 10.54 -12.90
CA LYS C 352 7.36 11.28 -11.91
C LYS C 352 8.43 12.13 -12.59
N LYS C 353 9.26 11.56 -13.48
CA LYS C 353 10.31 12.30 -14.21
C LYS C 353 9.75 13.49 -14.99
N GLU C 354 8.61 13.36 -15.67
CA GLU C 354 7.96 14.46 -16.37
C GLU C 354 7.48 15.57 -15.41
N LEU C 355 7.04 15.22 -14.20
CA LEU C 355 6.62 16.17 -13.17
C LEU C 355 7.79 16.74 -12.34
N GLU C 356 8.95 16.07 -12.30
CA GLU C 356 10.23 16.68 -11.96
C GLU C 356 10.62 17.71 -13.03
N ALA C 357 10.58 17.35 -14.31
CA ALA C 357 11.01 18.19 -15.43
C ALA C 357 10.15 19.45 -15.59
N ARG C 358 8.81 19.35 -15.57
CA ARG C 358 7.91 20.52 -15.63
C ARG C 358 8.04 21.41 -14.40
N ILE C 359 8.35 20.88 -13.22
CA ILE C 359 8.59 21.73 -12.04
C ILE C 359 10.00 22.34 -12.04
N ARG C 360 11.01 21.68 -12.64
CA ARG C 360 12.32 22.29 -12.97
C ARG C 360 12.18 23.41 -14.02
N GLU C 361 11.30 23.25 -15.01
CA GLU C 361 10.96 24.29 -15.99
C GLU C 361 10.26 25.49 -15.32
N ILE C 362 9.31 25.24 -14.40
CA ILE C 362 8.73 26.27 -13.52
C ILE C 362 9.80 26.95 -12.66
N LYS C 363 10.92 26.27 -12.35
CA LYS C 363 12.04 26.84 -11.60
C LYS C 363 12.94 27.73 -12.45
N GLU C 364 13.32 27.30 -13.66
CA GLU C 364 14.08 28.16 -14.59
C GLU C 364 13.23 29.35 -15.10
N LYS C 365 11.90 29.22 -15.13
CA LYS C 365 10.96 30.33 -15.42
C LYS C 365 10.73 31.27 -14.22
N TYR C 366 10.55 30.75 -13.00
CA TYR C 366 10.09 31.50 -11.81
C TYR C 366 10.88 31.16 -10.54
N LYS D 1 -0.10 -1.99 -32.09
CA LYS D 1 -1.44 -1.46 -32.45
C LYS D 1 -2.23 -1.23 -31.17
N PRO D 2 -2.72 -0.01 -30.92
CA PRO D 2 -3.37 0.33 -29.63
C PRO D 2 -4.77 -0.27 -29.50
N SER D 3 -5.24 -0.45 -28.27
CA SER D 3 -6.52 -1.11 -27.95
C SER D 3 -7.79 -0.30 -28.27
N TYR D 4 -7.66 1.01 -28.53
CA TYR D 4 -8.79 1.92 -28.75
C TYR D 4 -9.26 2.02 -30.22
N VAL D 5 -8.44 1.59 -31.19
CA VAL D 5 -8.81 1.56 -32.62
C VAL D 5 -9.60 0.30 -32.98
N LYS D 6 -10.77 0.13 -32.34
CA LYS D 6 -11.52 -1.14 -32.30
C LYS D 6 -12.18 -1.55 -33.63
N PHE D 7 -12.24 -0.68 -34.63
CA PHE D 7 -12.67 -1.03 -36.00
C PHE D 7 -11.62 -0.64 -37.05
N GLU D 8 -11.50 -1.46 -38.11
CA GLU D 8 -10.54 -1.23 -39.20
C GLU D 8 -11.01 -0.06 -40.09
N VAL D 9 -10.22 1.01 -40.20
CA VAL D 9 -10.58 2.22 -40.96
C VAL D 9 -10.11 2.13 -42.43
N PRO D 10 -11.02 2.33 -43.42
CA PRO D 10 -10.71 2.24 -44.85
C PRO D 10 -10.04 3.51 -45.40
N LYS D 11 -9.67 3.51 -46.69
CA LYS D 11 -9.14 4.69 -47.43
C LYS D 11 -10.17 5.81 -47.72
N GLU D 12 -11.27 5.85 -46.96
CA GLU D 12 -12.36 6.82 -47.04
C GLU D 12 -12.83 7.21 -45.63
N LEU D 13 -13.59 8.31 -45.51
CA LEU D 13 -14.09 8.91 -44.26
C LEU D 13 -13.03 9.46 -43.29
N ALA D 14 -11.83 8.87 -43.16
CA ALA D 14 -10.75 9.42 -42.32
C ALA D 14 -10.35 10.84 -42.75
N GLU D 15 -10.09 11.04 -44.06
CA GLU D 15 -9.81 12.36 -44.64
C GLU D 15 -11.02 13.32 -44.52
N LYS D 16 -12.25 12.78 -44.45
CA LYS D 16 -13.48 13.55 -44.28
C LYS D 16 -13.66 14.03 -42.84
N ALA D 17 -13.16 13.28 -41.86
CA ALA D 17 -13.07 13.71 -40.46
C ALA D 17 -11.98 14.78 -40.27
N LEU D 18 -10.83 14.64 -40.94
CA LEU D 18 -9.77 15.66 -41.00
C LEU D 18 -10.34 16.96 -41.60
N GLN D 19 -11.02 16.87 -42.75
CA GLN D 19 -11.72 17.99 -43.39
C GLN D 19 -12.81 18.61 -42.49
N ALA D 20 -13.55 17.80 -41.73
CA ALA D 20 -14.56 18.29 -40.79
C ALA D 20 -13.93 19.15 -39.68
N VAL D 21 -12.75 18.79 -39.18
CA VAL D 21 -11.96 19.63 -38.26
C VAL D 21 -11.52 20.92 -38.96
N GLU D 22 -10.92 20.83 -40.15
CA GLU D 22 -10.42 22.01 -40.90
C GLU D 22 -11.49 23.08 -41.12
N ILE D 23 -12.74 22.69 -41.45
CA ILE D 23 -13.80 23.64 -41.79
C ILE D 23 -14.70 24.01 -40.60
N ALA D 24 -14.74 23.20 -39.53
CA ALA D 24 -15.35 23.62 -38.26
C ALA D 24 -14.50 24.69 -37.56
N ARG D 25 -13.16 24.66 -37.73
CA ARG D 25 -12.14 25.55 -37.14
C ARG D 25 -12.49 27.04 -37.10
N ASP D 26 -13.12 27.60 -38.14
CA ASP D 26 -13.54 29.01 -38.18
C ASP D 26 -15.07 29.23 -38.29
N THR D 27 -15.88 28.15 -38.30
CA THR D 27 -17.32 28.22 -38.67
C THR D 27 -18.28 27.52 -37.72
N GLY D 28 -17.77 26.63 -36.85
CA GLY D 28 -18.56 25.84 -35.91
C GLY D 28 -18.29 26.27 -34.47
N LYS D 29 -18.29 25.31 -33.54
CA LYS D 29 -17.76 25.44 -32.17
C LYS D 29 -17.04 24.12 -31.84
N ILE D 30 -15.80 24.21 -31.37
CA ILE D 30 -14.82 23.11 -31.43
C ILE D 30 -13.84 23.18 -30.25
N ARG D 31 -13.41 22.03 -29.73
CA ARG D 31 -12.34 21.90 -28.72
C ARG D 31 -11.25 20.93 -29.21
N LYS D 32 -10.02 21.09 -28.71
CA LYS D 32 -8.82 20.37 -29.13
C LYS D 32 -7.91 20.07 -27.93
N GLY D 33 -7.22 18.93 -28.00
CA GLY D 33 -6.57 18.32 -26.84
C GLY D 33 -7.55 17.43 -26.06
N THR D 34 -7.03 16.40 -25.36
CA THR D 34 -7.82 15.30 -24.82
C THR D 34 -8.56 15.65 -23.53
N ASN D 35 -8.09 16.54 -22.67
CA ASN D 35 -8.85 16.90 -21.46
C ASN D 35 -10.04 17.83 -21.80
N GLU D 36 -9.84 18.81 -22.70
CA GLU D 36 -10.92 19.62 -23.27
C GLU D 36 -11.88 18.79 -24.12
N THR D 37 -11.35 17.83 -24.89
CA THR D 37 -12.19 16.79 -25.52
C THR D 37 -13.02 16.11 -24.45
N THR D 38 -12.42 15.61 -23.37
CA THR D 38 -13.12 14.88 -22.29
C THR D 38 -14.29 15.67 -21.72
N LYS D 39 -14.10 16.95 -21.34
CA LYS D 39 -15.21 17.74 -20.77
C LYS D 39 -16.31 18.05 -21.78
N ALA D 40 -15.99 18.41 -23.02
CA ALA D 40 -16.99 18.58 -24.08
C ALA D 40 -17.55 17.25 -24.62
N VAL D 41 -16.96 16.11 -24.24
CA VAL D 41 -17.45 14.76 -24.53
C VAL D 41 -18.43 14.32 -23.45
N GLU D 42 -18.24 14.69 -22.18
CA GLU D 42 -19.26 14.54 -21.13
C GLU D 42 -20.43 15.54 -21.29
N ARG D 43 -20.11 16.83 -21.40
CA ARG D 43 -21.04 17.94 -21.13
C ARG D 43 -21.64 18.55 -22.39
N GLY D 44 -22.92 18.89 -22.33
CA GLY D 44 -23.70 19.37 -23.47
C GLY D 44 -23.83 18.32 -24.58
N GLN D 45 -24.13 18.77 -25.80
CA GLN D 45 -24.32 17.89 -26.96
C GLN D 45 -23.16 18.00 -27.97
N ALA D 46 -22.08 17.24 -27.74
CA ALA D 46 -21.10 16.96 -28.81
C ALA D 46 -21.78 16.28 -30.02
N LYS D 47 -21.23 16.49 -31.21
CA LYS D 47 -21.76 15.95 -32.47
C LYS D 47 -20.88 14.83 -33.06
N LEU D 48 -19.55 14.97 -32.95
CA LEU D 48 -18.51 14.02 -33.38
C LEU D 48 -17.23 14.22 -32.55
N VAL D 49 -16.44 13.16 -32.34
CA VAL D 49 -15.08 13.23 -31.77
C VAL D 49 -14.06 12.48 -32.65
N ILE D 50 -12.85 13.02 -32.76
CA ILE D 50 -11.75 12.54 -33.61
C ILE D 50 -10.51 12.27 -32.73
N ILE D 51 -9.81 11.16 -32.96
CA ILE D 51 -8.59 10.74 -32.22
C ILE D 51 -7.42 10.51 -33.20
N ALA D 52 -6.17 10.63 -32.77
CA ALA D 52 -5.02 10.16 -33.57
C ALA D 52 -4.81 8.64 -33.45
N GLU D 53 -4.15 8.01 -34.44
CA GLU D 53 -3.79 6.57 -34.41
C GLU D 53 -2.44 6.26 -33.74
N ASP D 54 -1.64 7.27 -33.38
CA ASP D 54 -0.28 7.11 -32.83
C ASP D 54 -0.14 7.63 -31.38
N VAL D 55 -1.26 7.74 -30.63
CA VAL D 55 -1.23 8.21 -29.22
C VAL D 55 -0.57 7.17 -28.33
N ASP D 56 0.40 7.63 -27.56
CA ASP D 56 1.34 6.77 -26.83
C ASP D 56 1.81 7.51 -25.55
N PRO D 57 1.47 7.05 -24.34
CA PRO D 57 0.67 5.88 -24.00
C PRO D 57 -0.75 5.90 -24.59
N GLU D 58 -1.25 4.74 -25.02
CA GLU D 58 -2.59 4.61 -25.59
C GLU D 58 -3.71 4.87 -24.56
N GLU D 59 -3.39 4.64 -23.28
CA GLU D 59 -4.24 4.75 -22.10
C GLU D 59 -4.91 6.13 -21.96
N ILE D 60 -4.24 7.22 -22.38
CA ILE D 60 -4.74 8.59 -22.22
C ILE D 60 -6.03 8.81 -23.04
N VAL D 61 -6.14 8.20 -24.22
CA VAL D 61 -7.34 8.21 -25.09
C VAL D 61 -8.17 6.92 -25.02
N ALA D 62 -7.68 5.85 -24.39
CA ALA D 62 -8.40 4.58 -24.24
C ALA D 62 -9.75 4.69 -23.52
N HIS D 63 -9.98 5.79 -22.79
CA HIS D 63 -11.26 6.10 -22.15
C HIS D 63 -12.35 6.57 -23.14
N LEU D 64 -11.98 7.13 -24.30
CA LEU D 64 -12.93 7.76 -25.23
C LEU D 64 -13.91 6.77 -25.88
N PRO D 65 -13.52 5.54 -26.31
CA PRO D 65 -14.47 4.56 -26.83
C PRO D 65 -15.57 4.15 -25.84
N PRO D 66 -15.31 3.66 -24.61
CA PRO D 66 -16.39 3.33 -23.67
C PRO D 66 -17.21 4.56 -23.26
N LEU D 67 -16.58 5.74 -23.15
CA LEU D 67 -17.30 7.00 -22.91
C LEU D 67 -18.27 7.36 -24.06
N CYS D 68 -17.98 6.98 -25.31
CA CYS D 68 -18.91 7.17 -26.42
C CYS D 68 -20.05 6.12 -26.46
N GLU D 69 -19.84 4.92 -25.90
CA GLU D 69 -20.86 3.86 -25.81
C GLU D 69 -21.92 4.11 -24.73
N GLU D 70 -21.58 4.85 -23.67
CA GLU D 70 -22.51 5.25 -22.59
C GLU D 70 -23.48 6.37 -23.04
N LYS D 71 -23.09 7.17 -24.04
CA LYS D 71 -23.79 8.42 -24.43
C LYS D 71 -24.14 8.55 -25.92
N GLU D 72 -24.15 7.45 -26.67
CA GLU D 72 -24.73 7.37 -28.02
C GLU D 72 -24.04 8.27 -29.09
N ILE D 73 -22.76 8.61 -28.92
CA ILE D 73 -21.98 9.48 -29.82
C ILE D 73 -21.00 8.65 -30.69
N PRO D 74 -20.82 9.00 -31.99
CA PRO D 74 -19.83 8.36 -32.86
C PRO D 74 -18.40 8.88 -32.62
N TYR D 75 -17.41 8.03 -32.90
CA TYR D 75 -15.98 8.40 -32.92
C TYR D 75 -15.27 7.86 -34.17
N ILE D 76 -14.16 8.50 -34.55
CA ILE D 76 -13.32 8.14 -35.70
C ILE D 76 -11.86 8.56 -35.44
N TYR D 77 -10.89 8.09 -36.23
CA TYR D 77 -9.47 8.38 -36.03
C TYR D 77 -8.69 8.65 -37.33
N VAL D 78 -7.55 9.34 -37.18
CA VAL D 78 -6.66 9.81 -38.28
C VAL D 78 -5.18 9.52 -37.97
N PRO D 79 -4.29 9.38 -38.98
CA PRO D 79 -3.02 8.65 -38.81
C PRO D 79 -1.94 9.24 -37.88
N SER D 80 -2.08 10.47 -37.36
CA SER D 80 -1.00 11.15 -36.61
C SER D 80 -1.48 12.33 -35.73
N LYS D 81 -0.99 12.39 -34.49
CA LYS D 81 -1.22 13.47 -33.52
C LYS D 81 -0.69 14.83 -33.99
N LYS D 82 0.40 14.84 -34.77
CA LYS D 82 1.01 16.06 -35.30
C LYS D 82 0.20 16.66 -36.44
N GLU D 83 -0.37 15.80 -37.29
CA GLU D 83 -1.34 16.19 -38.32
C GLU D 83 -2.69 16.62 -37.72
N LEU D 84 -3.16 15.98 -36.64
CA LEU D 84 -4.40 16.37 -35.97
C LEU D 84 -4.28 17.74 -35.26
N GLY D 85 -3.13 18.04 -34.66
CA GLY D 85 -2.80 19.40 -34.18
C GLY D 85 -2.78 20.43 -35.32
N ALA D 86 -2.14 20.11 -36.45
CA ALA D 86 -2.12 20.99 -37.63
C ALA D 86 -3.53 21.19 -38.24
N ALA D 87 -4.40 20.18 -38.21
CA ALA D 87 -5.79 20.30 -38.63
C ALA D 87 -6.59 21.24 -37.72
N ALA D 88 -6.41 21.15 -36.41
CA ALA D 88 -6.98 22.09 -35.45
C ALA D 88 -6.39 23.53 -35.55
N GLY D 89 -5.20 23.67 -36.13
CA GLY D 89 -4.53 24.95 -36.37
C GLY D 89 -3.55 25.38 -35.28
N ILE D 90 -2.90 24.43 -34.61
CA ILE D 90 -1.87 24.65 -33.57
C ILE D 90 -0.55 24.00 -34.00
N GLU D 91 0.61 24.63 -33.73
CA GLU D 91 1.90 24.10 -34.25
C GLU D 91 2.56 23.00 -33.37
N VAL D 92 1.91 22.61 -32.27
CA VAL D 92 2.21 21.40 -31.47
C VAL D 92 1.47 20.16 -32.02
N ALA D 93 1.10 19.20 -31.17
CA ALA D 93 0.26 18.04 -31.50
C ALA D 93 -1.12 18.11 -30.82
N ALA D 94 -2.03 17.20 -31.17
CA ALA D 94 -3.26 16.94 -30.42
C ALA D 94 -3.61 15.44 -30.47
N ALA D 95 -3.85 14.80 -29.32
CA ALA D 95 -4.30 13.41 -29.27
C ALA D 95 -5.77 13.25 -29.67
N SER D 96 -6.64 14.24 -29.41
CA SER D 96 -8.04 14.25 -29.87
C SER D 96 -8.65 15.65 -30.07
N VAL D 97 -9.77 15.71 -30.80
CA VAL D 97 -10.53 16.92 -31.15
C VAL D 97 -12.05 16.64 -31.09
N ALA D 98 -12.85 17.57 -30.58
CA ALA D 98 -14.31 17.41 -30.38
C ALA D 98 -15.12 18.53 -31.06
N ILE D 99 -16.22 18.16 -31.72
CA ILE D 99 -17.13 19.08 -32.42
C ILE D 99 -18.40 19.32 -31.58
N ILE D 100 -18.66 20.58 -31.20
CA ILE D 100 -19.85 21.01 -30.43
C ILE D 100 -20.92 21.57 -31.39
N GLU D 101 -20.52 22.42 -32.34
CA GLU D 101 -21.33 22.75 -33.53
C GLU D 101 -20.50 22.50 -34.80
N PRO D 102 -21.05 21.86 -35.86
CA PRO D 102 -20.25 21.54 -37.05
C PRO D 102 -19.92 22.73 -37.96
N GLY D 103 -20.68 23.83 -37.88
CA GLY D 103 -20.54 24.95 -38.82
C GLY D 103 -20.81 24.52 -40.26
N LYS D 104 -19.80 24.62 -41.14
CA LYS D 104 -19.81 24.04 -42.50
C LYS D 104 -19.84 22.50 -42.52
N ALA D 105 -19.32 21.82 -41.49
CA ALA D 105 -19.11 20.37 -41.49
C ALA D 105 -20.37 19.51 -41.29
N ARG D 106 -21.59 20.08 -41.26
CA ARG D 106 -22.81 19.37 -40.81
C ARG D 106 -23.21 18.19 -41.70
N ASP D 107 -23.08 18.33 -43.02
CA ASP D 107 -23.33 17.25 -44.00
C ASP D 107 -22.22 16.17 -43.96
N LEU D 108 -20.98 16.54 -43.59
CA LEU D 108 -19.86 15.61 -43.40
C LEU D 108 -20.08 14.75 -42.15
N VAL D 109 -20.51 15.36 -41.04
CA VAL D 109 -20.84 14.67 -39.78
C VAL D 109 -22.02 13.72 -39.98
N GLU D 110 -23.05 14.11 -40.74
CA GLU D 110 -24.18 13.24 -41.08
C GLU D 110 -23.76 12.03 -41.91
N GLU D 111 -22.90 12.21 -42.94
CA GLU D 111 -22.39 11.09 -43.74
C GLU D 111 -21.50 10.14 -42.93
N ILE D 112 -20.62 10.67 -42.07
CA ILE D 112 -19.73 9.88 -41.21
C ILE D 112 -20.56 9.07 -40.19
N ALA D 113 -21.51 9.69 -39.50
CA ALA D 113 -22.34 9.01 -38.50
C ALA D 113 -23.16 7.87 -39.12
N MET D 114 -23.80 8.10 -40.27
CA MET D 114 -24.56 7.08 -41.00
C MET D 114 -23.69 5.88 -41.41
N LYS D 115 -22.50 6.13 -41.97
CA LYS D 115 -21.64 5.06 -42.49
C LYS D 115 -20.91 4.28 -41.40
N VAL D 116 -20.48 4.93 -40.31
CA VAL D 116 -19.80 4.24 -39.20
C VAL D 116 -20.76 3.38 -38.36
N LYS D 117 -22.01 3.85 -38.12
CA LYS D 117 -23.01 3.09 -37.34
C LYS D 117 -23.36 1.72 -37.95
N GLU D 118 -23.34 1.60 -39.28
CA GLU D 118 -23.57 0.33 -39.98
C GLU D 118 -22.27 -0.47 -40.27
N LEU D 119 -21.08 0.11 -40.06
CA LEU D 119 -19.78 -0.56 -40.20
C LEU D 119 -19.50 -1.47 -38.99
N MET D 120 -19.71 -0.95 -37.78
CA MET D 120 -19.33 -1.57 -36.49
C MET D 120 -20.28 -2.69 -36.00
N LYS D 121 -21.26 -3.09 -36.82
CA LYS D 121 -22.55 -3.67 -36.39
C LYS D 121 -22.61 -5.21 -36.40
N MET E 1 59.38 -29.41 -14.30
CA MET E 1 60.08 -28.27 -13.67
C MET E 1 59.35 -27.86 -12.40
N VAL E 2 58.07 -27.47 -12.50
CA VAL E 2 57.19 -27.38 -11.32
C VAL E 2 57.02 -28.73 -10.62
N GLU E 3 56.84 -28.69 -9.30
CA GLU E 3 56.45 -29.84 -8.47
C GLU E 3 55.41 -29.42 -7.43
N VAL E 4 54.34 -30.22 -7.30
CA VAL E 4 53.28 -30.04 -6.30
C VAL E 4 53.64 -30.90 -5.08
N LYS E 5 53.55 -30.35 -3.86
CA LYS E 5 53.96 -31.02 -2.60
C LYS E 5 52.93 -30.75 -1.49
N LYS E 6 52.84 -31.61 -0.46
CA LYS E 6 51.96 -31.35 0.70
C LYS E 6 52.60 -30.32 1.64
N HIS E 7 51.81 -29.47 2.29
CA HIS E 7 52.28 -28.58 3.37
C HIS E 7 52.26 -29.32 4.73
N LYS E 8 52.78 -28.69 5.79
CA LYS E 8 52.79 -29.21 7.16
C LYS E 8 51.42 -29.15 7.88
N PHE E 9 50.33 -28.98 7.13
CA PHE E 9 48.96 -28.82 7.62
C PHE E 9 47.98 -29.68 6.77
N PRO E 10 47.06 -30.46 7.36
CA PRO E 10 46.14 -31.31 6.60
C PRO E 10 45.28 -30.52 5.60
N GLY E 11 45.21 -31.00 4.35
CA GLY E 11 44.46 -30.37 3.25
C GLY E 11 45.18 -29.20 2.54
N VAL E 12 46.27 -28.68 3.10
CA VAL E 12 47.03 -27.55 2.53
C VAL E 12 48.20 -28.06 1.68
N TYR E 13 48.42 -27.43 0.52
CA TYR E 13 49.47 -27.81 -0.44
C TYR E 13 50.46 -26.67 -0.68
N VAL E 14 51.57 -27.02 -1.33
CA VAL E 14 52.66 -26.12 -1.73
C VAL E 14 53.03 -26.43 -3.18
N VAL E 15 53.41 -25.42 -3.95
CA VAL E 15 54.11 -25.59 -5.23
C VAL E 15 55.50 -24.98 -5.16
N ILE E 16 56.45 -25.65 -5.81
CA ILE E 16 57.77 -25.10 -6.17
C ILE E 16 57.92 -25.14 -7.69
N ASP E 17 58.69 -24.22 -8.25
CA ASP E 17 58.68 -23.90 -9.68
C ASP E 17 60.05 -23.50 -10.25
N ASP E 18 60.03 -22.72 -11.33
CA ASP E 18 61.17 -22.21 -12.07
C ASP E 18 62.00 -21.14 -11.34
N ASP E 19 61.50 -20.48 -10.29
CA ASP E 19 62.36 -19.80 -9.30
C ASP E 19 62.67 -20.69 -8.08
N GLY E 20 61.83 -21.68 -7.81
CA GLY E 20 62.06 -22.74 -6.82
C GLY E 20 61.62 -22.41 -5.39
N SER E 21 61.24 -21.16 -5.10
CA SER E 21 60.65 -20.80 -3.80
C SER E 21 59.25 -21.40 -3.63
N GLU E 22 58.85 -21.67 -2.37
CA GLU E 22 57.52 -22.19 -2.03
C GLU E 22 56.43 -21.13 -2.26
N LYS E 23 55.32 -21.52 -2.90
CA LYS E 23 54.04 -20.78 -2.92
C LYS E 23 52.92 -21.67 -2.40
N ILE E 24 51.97 -21.09 -1.64
CA ILE E 24 50.86 -21.82 -1.03
C ILE E 24 49.75 -22.15 -2.04
N ALA E 25 49.17 -23.35 -1.94
CA ALA E 25 48.22 -23.88 -2.91
C ALA E 25 47.17 -24.81 -2.29
N THR E 26 46.12 -25.10 -3.05
CA THR E 26 45.00 -25.98 -2.66
C THR E 26 44.59 -26.91 -3.80
N LYS E 27 44.10 -28.13 -3.47
CA LYS E 27 43.58 -29.10 -4.46
C LYS E 27 42.13 -28.76 -4.80
N ASN E 28 41.85 -28.40 -6.06
CA ASN E 28 40.60 -27.74 -6.43
C ASN E 28 39.36 -28.64 -6.17
N LEU E 29 38.41 -28.12 -5.39
CA LEU E 29 37.14 -28.76 -5.07
C LEU E 29 36.28 -28.98 -6.32
N VAL E 30 36.38 -28.09 -7.30
CA VAL E 30 35.67 -28.14 -8.60
C VAL E 30 36.64 -27.83 -9.75
N PRO E 31 37.37 -28.84 -10.27
CA PRO E 31 38.42 -28.65 -11.28
C PRO E 31 37.93 -27.96 -12.56
N GLY E 32 38.72 -27.00 -13.04
CA GLY E 32 38.49 -26.24 -14.27
C GLY E 32 38.02 -24.79 -14.05
N GLN E 33 37.23 -24.51 -13.00
CA GLN E 33 36.71 -23.16 -12.72
C GLN E 33 37.73 -22.23 -12.04
N ARG E 34 37.69 -20.95 -12.40
CA ARG E 34 38.49 -19.86 -11.80
C ARG E 34 37.62 -19.03 -10.85
N VAL E 35 38.25 -18.26 -9.96
CA VAL E 35 37.58 -17.41 -8.96
C VAL E 35 38.02 -15.95 -9.08
N TYR E 36 39.34 -15.68 -9.09
CA TYR E 36 39.93 -14.33 -9.11
C TYR E 36 40.97 -14.11 -10.23
N GLY E 37 41.14 -15.09 -11.12
CA GLY E 37 42.24 -15.11 -12.11
C GLY E 37 43.53 -15.74 -11.58
N GLU E 38 43.40 -16.71 -10.66
CA GLU E 38 44.51 -17.42 -9.99
C GLU E 38 45.56 -18.06 -10.92
N ARG E 39 46.76 -18.30 -10.37
CA ARG E 39 47.75 -19.22 -10.96
C ARG E 39 47.32 -20.67 -10.66
N VAL E 40 47.44 -21.54 -11.66
CA VAL E 40 46.92 -22.92 -11.65
C VAL E 40 47.95 -23.90 -12.23
N ILE E 41 47.86 -25.16 -11.83
CA ILE E 41 48.58 -26.31 -12.40
C ILE E 41 47.60 -27.49 -12.54
N LYS E 42 47.37 -27.99 -13.76
CA LYS E 42 46.76 -29.32 -14.00
C LYS E 42 47.81 -30.40 -13.79
N TRP E 43 47.41 -31.52 -13.20
CA TRP E 43 48.31 -32.58 -12.73
C TRP E 43 47.76 -33.99 -13.03
N GLU E 44 48.52 -35.02 -12.65
CA GLU E 44 48.20 -36.44 -12.83
C GLU E 44 46.86 -36.80 -12.14
N GLY E 45 45.75 -36.68 -12.88
CA GLY E 45 44.37 -36.91 -12.41
C GLY E 45 43.78 -35.78 -11.54
N GLU E 46 44.43 -34.63 -11.44
CA GLU E 46 44.10 -33.56 -10.45
C GLU E 46 44.26 -32.13 -11.02
N GLU E 47 43.82 -31.11 -10.27
CA GLU E 47 44.11 -29.69 -10.52
C GLU E 47 44.40 -28.97 -9.20
N TYR E 48 45.41 -28.08 -9.20
CA TYR E 48 45.86 -27.31 -8.05
C TYR E 48 45.86 -25.81 -8.36
N ARG E 49 45.39 -24.99 -7.41
CA ARG E 49 45.25 -23.53 -7.54
C ARG E 49 45.99 -22.81 -6.39
N ILE E 50 46.61 -21.67 -6.70
CA ILE E 50 47.48 -20.91 -5.80
C ILE E 50 46.69 -19.80 -5.11
N TRP E 51 47.02 -19.49 -3.84
CA TRP E 51 46.53 -18.32 -3.11
C TRP E 51 47.67 -17.29 -3.03
N ASN E 52 47.52 -16.13 -3.67
CA ASN E 52 48.55 -15.09 -3.61
C ASN E 52 48.51 -14.36 -2.24
N PRO E 53 49.59 -14.33 -1.45
CA PRO E 53 49.53 -13.87 -0.06
C PRO E 53 49.22 -12.38 0.08
N HIS E 54 49.55 -11.56 -0.93
CA HIS E 54 49.22 -10.12 -0.97
C HIS E 54 47.71 -9.84 -1.22
N ARG E 55 46.88 -10.88 -1.41
CA ARG E 55 45.43 -10.75 -1.66
C ARG E 55 44.57 -10.99 -0.41
N SER E 56 45.07 -11.71 0.59
CA SER E 56 44.41 -11.92 1.89
C SER E 56 45.43 -12.25 2.99
N LYS E 57 45.38 -11.53 4.13
CA LYS E 57 46.31 -11.67 5.29
C LYS E 57 46.49 -13.11 5.78
N LEU E 58 45.46 -13.94 5.72
CA LEU E 58 45.54 -15.34 6.20
C LEU E 58 46.55 -16.16 5.37
N GLY E 59 46.70 -15.87 4.07
CA GLY E 59 47.77 -16.43 3.25
C GLY E 59 49.15 -15.97 3.71
N ALA E 60 49.33 -14.65 3.91
CA ALA E 60 50.57 -14.07 4.41
C ALA E 60 50.97 -14.60 5.81
N ALA E 61 50.00 -14.83 6.70
CA ALA E 61 50.24 -15.38 8.04
C ALA E 61 50.78 -16.82 8.00
N ILE E 62 50.27 -17.65 7.10
CA ILE E 62 50.74 -19.04 6.88
C ILE E 62 52.15 -19.06 6.29
N VAL E 63 52.49 -18.09 5.43
CA VAL E 63 53.86 -17.88 4.91
C VAL E 63 54.81 -17.38 5.99
N ASN E 64 54.38 -16.45 6.86
CA ASN E 64 55.18 -15.89 7.94
C ASN E 64 55.54 -16.96 9.00
N GLY E 65 54.56 -17.75 9.46
CA GLY E 65 54.82 -18.89 10.35
C GLY E 65 53.67 -19.42 11.21
N LEU E 66 52.42 -19.01 10.98
CA LEU E 66 51.24 -19.43 11.77
C LEU E 66 51.17 -20.97 11.86
N LYS E 67 51.24 -21.53 13.08
CA LYS E 67 51.45 -22.96 13.33
C LYS E 67 50.19 -23.68 13.81
N ASN E 68 49.37 -23.02 14.64
CA ASN E 68 48.13 -23.56 15.20
C ASN E 68 46.90 -23.35 14.28
N PHE E 69 46.97 -23.84 13.03
CA PHE E 69 45.87 -23.72 12.05
C PHE E 69 44.81 -24.85 12.23
N PRO E 70 43.52 -24.54 12.51
CA PRO E 70 42.51 -25.55 12.85
C PRO E 70 41.62 -26.00 11.67
N ILE E 71 41.55 -25.25 10.57
CA ILE E 71 40.68 -25.56 9.43
C ILE E 71 41.28 -26.73 8.63
N LYS E 72 40.59 -27.87 8.63
CA LYS E 72 41.11 -29.18 8.18
C LYS E 72 40.01 -30.00 7.46
N PRO E 73 40.38 -30.99 6.61
CA PRO E 73 39.44 -31.82 5.87
C PRO E 73 38.26 -32.38 6.70
N GLY E 74 37.05 -32.12 6.22
CA GLY E 74 35.81 -32.62 6.83
C GLY E 74 35.29 -31.88 8.07
N LYS E 75 35.93 -30.80 8.53
CA LYS E 75 35.45 -30.00 9.68
C LYS E 75 34.26 -29.09 9.32
N SER E 76 33.56 -28.60 10.35
CA SER E 76 32.53 -27.57 10.25
C SER E 76 33.01 -26.21 10.76
N VAL E 77 32.80 -25.13 9.99
CA VAL E 77 33.32 -23.79 10.28
C VAL E 77 32.31 -22.69 9.94
N LEU E 78 32.30 -21.62 10.73
CA LEU E 78 31.58 -20.38 10.46
C LEU E 78 32.59 -19.22 10.37
N TYR E 79 32.49 -18.44 9.30
CA TYR E 79 33.40 -17.35 8.97
C TYR E 79 32.58 -16.05 8.79
N LEU E 80 33.06 -14.93 9.35
CA LEU E 80 32.48 -13.61 9.18
C LEU E 80 33.50 -12.66 8.53
N GLY E 81 33.07 -11.92 7.49
CA GLY E 81 33.92 -10.98 6.74
C GLY E 81 34.51 -11.62 5.48
N ILE E 82 33.62 -12.10 4.60
CA ILE E 82 33.90 -12.94 3.42
C ILE E 82 33.84 -12.16 2.10
N ALA E 83 33.05 -11.09 2.03
CA ALA E 83 32.68 -10.39 0.80
C ALA E 83 32.39 -11.38 -0.37
N SER E 84 33.08 -11.24 -1.50
CA SER E 84 32.94 -12.14 -2.67
C SER E 84 33.70 -13.48 -2.56
N GLY E 85 34.48 -13.71 -1.49
CA GLY E 85 34.90 -15.04 -1.06
C GLY E 85 36.18 -15.66 -1.65
N THR E 86 37.23 -14.89 -1.95
CA THR E 86 38.52 -15.47 -2.40
C THR E 86 39.14 -16.39 -1.33
N THR E 87 39.17 -15.93 -0.08
CA THR E 87 39.46 -16.72 1.14
C THR E 87 38.63 -18.02 1.18
N ALA E 88 37.31 -17.87 1.04
CA ALA E 88 36.35 -18.97 1.11
C ALA E 88 36.56 -20.03 0.03
N SER E 89 37.04 -19.64 -1.16
CA SER E 89 37.40 -20.59 -2.22
C SER E 89 38.53 -21.54 -1.81
N HIS E 90 39.54 -21.06 -1.09
CA HIS E 90 40.67 -21.88 -0.66
C HIS E 90 40.33 -22.72 0.58
N VAL E 91 39.53 -22.25 1.53
CA VAL E 91 39.03 -23.14 2.60
C VAL E 91 37.98 -24.14 2.11
N SER E 92 37.22 -23.82 1.06
CA SER E 92 36.37 -24.78 0.33
C SER E 92 37.18 -25.95 -0.26
N ASP E 93 38.36 -25.67 -0.84
CA ASP E 93 39.30 -26.69 -1.31
C ASP E 93 39.89 -27.54 -0.15
N ILE E 94 40.31 -26.90 0.95
CA ILE E 94 40.97 -27.54 2.12
C ILE E 94 39.99 -28.44 2.91
N VAL E 95 38.73 -28.00 3.05
CA VAL E 95 37.70 -28.73 3.83
C VAL E 95 37.06 -29.85 3.01
N GLY E 96 36.86 -29.64 1.70
CA GLY E 96 36.28 -30.62 0.76
C GLY E 96 34.79 -30.89 0.98
N TRP E 97 34.26 -31.92 0.30
CA TRP E 97 32.83 -32.29 0.34
C TRP E 97 32.35 -32.85 1.69
N GLU E 98 33.28 -33.28 2.55
CA GLU E 98 33.00 -33.90 3.85
C GLU E 98 32.59 -32.89 4.94
N GLY E 99 32.95 -31.62 4.79
CA GLY E 99 32.77 -30.58 5.80
C GLY E 99 31.58 -29.66 5.53
N LYS E 100 31.54 -28.53 6.26
CA LYS E 100 30.45 -27.53 6.23
C LYS E 100 31.03 -26.13 6.45
N ILE E 101 30.75 -25.17 5.56
CA ILE E 101 31.25 -23.78 5.66
C ILE E 101 30.07 -22.79 5.60
N TYR E 102 29.94 -21.95 6.61
CA TYR E 102 29.09 -20.74 6.58
C TYR E 102 29.96 -19.50 6.40
N GLY E 103 29.53 -18.54 5.57
CA GLY E 103 30.18 -17.25 5.37
C GLY E 103 29.19 -16.10 5.55
N ILE E 104 29.38 -15.25 6.56
CA ILE E 104 28.52 -14.11 6.91
C ILE E 104 29.17 -12.81 6.44
N GLU E 105 28.41 -11.93 5.78
CA GLU E 105 28.85 -10.59 5.38
C GLU E 105 27.84 -9.49 5.73
N PHE E 106 28.36 -8.31 6.11
CA PHE E 106 27.59 -7.13 6.47
C PHE E 106 27.49 -6.11 5.32
N SER E 107 28.50 -5.98 4.46
CA SER E 107 28.42 -5.15 3.25
C SER E 107 27.50 -5.80 2.21
N PRO E 108 26.34 -5.21 1.86
CA PRO E 108 25.25 -5.97 1.24
C PRO E 108 25.51 -6.33 -0.23
N ARG E 109 26.12 -5.44 -1.02
CA ARG E 109 26.27 -5.66 -2.47
C ARG E 109 27.48 -6.54 -2.83
N VAL E 110 28.57 -6.50 -2.06
CA VAL E 110 29.79 -7.25 -2.37
C VAL E 110 29.64 -8.78 -2.18
N LEU E 111 28.72 -9.21 -1.29
CA LEU E 111 28.34 -10.62 -1.12
C LEU E 111 27.60 -11.19 -2.34
N ARG E 112 26.88 -10.36 -3.12
CA ARG E 112 26.07 -10.78 -4.27
C ARG E 112 26.87 -11.58 -5.30
N GLU E 113 28.13 -11.21 -5.50
CA GLU E 113 29.00 -11.75 -6.54
C GLU E 113 29.40 -13.24 -6.28
N LEU E 114 29.35 -13.68 -5.01
CA LEU E 114 29.60 -15.06 -4.57
C LEU E 114 28.41 -16.02 -4.85
N VAL E 115 27.19 -15.47 -5.03
CA VAL E 115 25.93 -16.23 -5.16
C VAL E 115 25.93 -17.29 -6.29
N PRO E 116 26.42 -17.03 -7.51
CA PRO E 116 26.53 -18.08 -8.53
C PRO E 116 27.74 -19.01 -8.30
N ILE E 117 28.83 -18.53 -7.69
CA ILE E 117 30.06 -19.33 -7.49
C ILE E 117 29.80 -20.49 -6.52
N VAL E 118 28.93 -20.29 -5.52
CA VAL E 118 28.50 -21.37 -4.60
C VAL E 118 27.53 -22.38 -5.23
N GLU E 119 27.02 -22.18 -6.46
CA GLU E 119 26.33 -23.25 -7.20
C GLU E 119 27.29 -24.34 -7.68
N GLU E 120 28.58 -24.05 -7.83
CA GLU E 120 29.62 -25.07 -7.95
C GLU E 120 30.23 -25.44 -6.59
N ARG E 121 30.62 -24.44 -5.78
CA ARG E 121 31.26 -24.61 -4.47
C ARG E 121 30.23 -24.86 -3.35
N ARG E 122 29.42 -25.91 -3.50
CA ARG E 122 28.25 -26.23 -2.65
C ARG E 122 28.59 -26.71 -1.22
N ASN E 123 29.85 -26.60 -0.79
CA ASN E 123 30.23 -26.72 0.63
C ASN E 123 30.26 -25.36 1.37
N ILE E 124 30.06 -24.24 0.67
CA ILE E 124 29.91 -22.87 1.21
C ILE E 124 28.42 -22.49 1.22
N ILE E 125 27.96 -21.80 2.29
CA ILE E 125 26.68 -21.08 2.35
C ILE E 125 26.95 -19.59 2.62
N PRO E 126 26.61 -18.66 1.69
CA PRO E 126 26.72 -17.22 1.89
C PRO E 126 25.48 -16.66 2.60
N ILE E 127 25.68 -15.80 3.60
CA ILE E 127 24.63 -15.25 4.49
C ILE E 127 24.83 -13.73 4.66
N LEU E 128 23.79 -12.94 4.36
CA LEU E 128 23.81 -11.48 4.54
C LEU E 128 23.26 -11.09 5.94
N GLY E 129 24.06 -10.38 6.75
CA GLY E 129 23.64 -9.84 8.05
C GLY E 129 24.80 -9.30 8.91
N ASP E 130 24.48 -8.48 9.93
CA ASP E 130 25.48 -7.90 10.84
C ASP E 130 26.20 -8.96 11.67
N ALA E 131 27.51 -9.10 11.45
CA ALA E 131 28.39 -10.00 12.17
C ALA E 131 28.39 -9.80 13.70
N THR E 132 28.02 -8.61 14.18
CA THR E 132 27.92 -8.23 15.60
C THR E 132 26.65 -8.74 16.27
N LYS E 133 25.68 -9.24 15.49
CA LYS E 133 24.32 -9.62 15.93
C LYS E 133 23.97 -11.05 15.46
N PRO E 134 24.48 -12.11 16.13
CA PRO E 134 24.26 -13.52 15.72
C PRO E 134 22.79 -13.91 15.53
N GLU E 135 21.89 -13.29 16.28
CA GLU E 135 20.46 -13.55 16.29
C GLU E 135 19.82 -13.30 14.90
N GLU E 136 20.43 -12.46 14.04
CA GLU E 136 19.93 -12.06 12.71
C GLU E 136 20.05 -13.15 11.62
N TYR E 137 20.70 -14.28 11.91
CA TYR E 137 20.85 -15.46 11.03
C TYR E 137 20.65 -16.81 11.75
N ARG E 138 20.22 -16.79 13.02
CA ARG E 138 20.05 -17.93 13.95
C ARG E 138 19.36 -19.20 13.42
N ALA E 139 18.49 -19.09 12.42
CA ALA E 139 17.72 -20.20 11.86
C ALA E 139 18.46 -20.97 10.74
N LEU E 140 19.49 -20.38 10.12
CA LEU E 140 20.20 -20.90 8.95
C LEU E 140 21.68 -21.24 9.23
N VAL E 141 22.06 -21.37 10.50
CA VAL E 141 23.39 -21.80 10.96
C VAL E 141 23.29 -22.92 12.02
N THR E 142 24.39 -23.62 12.29
CA THR E 142 24.47 -24.75 13.25
C THR E 142 25.73 -24.64 14.13
N LYS E 143 25.90 -25.55 15.10
CA LYS E 143 27.15 -25.64 15.88
C LYS E 143 28.33 -26.01 14.98
N VAL E 144 29.50 -25.44 15.23
CA VAL E 144 30.72 -25.59 14.42
C VAL E 144 31.96 -25.97 15.25
N ASP E 145 32.98 -26.52 14.58
CA ASP E 145 34.30 -26.82 15.16
C ASP E 145 35.22 -25.60 15.27
N VAL E 146 35.05 -24.64 14.35
CA VAL E 146 35.91 -23.46 14.19
C VAL E 146 35.06 -22.21 13.91
N ILE E 147 35.47 -21.06 14.44
CA ILE E 147 35.03 -19.73 13.99
C ILE E 147 36.21 -18.92 13.47
N PHE E 148 36.02 -18.15 12.41
CA PHE E 148 36.99 -17.19 11.87
C PHE E 148 36.34 -15.80 11.69
N GLU E 149 37.05 -14.74 12.08
CA GLU E 149 36.60 -13.36 11.98
C GLU E 149 37.65 -12.51 11.23
N ASP E 150 37.23 -11.90 10.12
CA ASP E 150 38.01 -10.94 9.32
C ASP E 150 37.11 -9.90 8.61
N VAL E 151 35.97 -9.53 9.24
CA VAL E 151 35.31 -8.24 8.96
C VAL E 151 36.19 -7.15 9.55
N ALA E 152 36.64 -7.42 10.78
CA ALA E 152 37.50 -6.59 11.58
C ALA E 152 36.99 -5.13 11.69
N GLN E 153 35.70 -5.02 12.00
CA GLN E 153 35.00 -3.80 12.43
C GLN E 153 35.49 -3.36 13.83
N PRO E 154 35.20 -2.14 14.31
CA PRO E 154 35.49 -1.72 15.68
C PRO E 154 34.92 -2.68 16.74
N THR E 155 33.81 -3.35 16.41
CA THR E 155 33.11 -4.32 17.26
C THR E 155 33.72 -5.73 17.27
N GLN E 156 34.85 -5.98 16.59
CA GLN E 156 35.27 -7.34 16.24
C GLN E 156 35.51 -8.31 17.40
N ALA E 157 35.89 -7.82 18.58
CA ALA E 157 35.97 -8.67 19.77
C ALA E 157 34.59 -9.20 20.21
N LYS E 158 33.52 -8.40 20.09
CA LYS E 158 32.14 -8.83 20.32
C LYS E 158 31.63 -9.75 19.19
N ILE E 159 31.99 -9.47 17.93
CA ILE E 159 31.71 -10.36 16.78
C ILE E 159 32.20 -11.79 17.09
N LEU E 160 33.47 -11.96 17.44
CA LEU E 160 34.04 -13.28 17.77
C LEU E 160 33.38 -13.89 19.01
N ILE E 161 33.27 -13.14 20.11
CA ILE E 161 32.81 -13.67 21.39
C ILE E 161 31.35 -14.13 21.31
N ASP E 162 30.43 -13.34 20.77
CA ASP E 162 29.00 -13.68 20.79
C ASP E 162 28.64 -14.81 19.80
N ASN E 163 29.27 -14.83 18.62
CA ASN E 163 29.19 -16.00 17.73
C ASN E 163 29.79 -17.26 18.39
N ALA E 164 30.83 -17.12 19.23
CA ALA E 164 31.41 -18.23 19.98
C ALA E 164 30.61 -18.63 21.25
N LYS E 165 29.69 -17.78 21.75
CA LYS E 165 28.64 -18.19 22.71
C LYS E 165 27.59 -19.05 22.00
N ALA E 166 27.08 -18.58 20.88
CA ALA E 166 26.00 -19.26 20.16
C ALA E 166 26.44 -20.57 19.46
N TYR E 167 27.51 -20.54 18.67
CA TYR E 167 27.78 -21.59 17.67
C TYR E 167 29.00 -22.48 17.93
N LEU E 168 30.00 -22.03 18.67
CA LEU E 168 31.22 -22.84 18.87
C LEU E 168 31.00 -23.98 19.87
N LYS E 169 31.31 -25.22 19.49
CA LYS E 169 31.21 -26.40 20.39
C LYS E 169 32.24 -26.36 21.53
N ARG E 170 32.00 -27.14 22.60
CA ARG E 170 33.02 -27.35 23.66
C ARG E 170 34.26 -28.00 23.02
N GLY E 171 35.44 -27.51 23.39
CA GLY E 171 36.72 -27.90 22.80
C GLY E 171 37.05 -27.27 21.43
N GLY E 172 36.15 -26.48 20.84
CA GLY E 172 36.27 -25.88 19.50
C GLY E 172 37.22 -24.67 19.42
N TYR E 173 37.59 -24.26 18.20
CA TYR E 173 38.63 -23.26 17.93
C TYR E 173 38.08 -21.91 17.43
N GLY E 174 38.85 -20.84 17.61
CA GLY E 174 38.56 -19.51 17.07
C GLY E 174 39.80 -18.87 16.44
N MET E 175 39.59 -18.01 15.44
CA MET E 175 40.62 -17.20 14.78
C MET E 175 40.11 -15.76 14.57
N ILE E 176 40.94 -14.75 14.80
CA ILE E 176 40.57 -13.33 14.60
C ILE E 176 41.73 -12.49 14.07
N ALA E 177 41.45 -11.70 13.03
CA ALA E 177 42.39 -10.76 12.42
C ALA E 177 42.24 -9.36 13.03
N VAL E 178 42.98 -9.08 14.10
CA VAL E 178 42.86 -7.87 14.93
C VAL E 178 43.40 -6.62 14.20
N LYS E 179 42.49 -5.79 13.69
CA LYS E 179 42.75 -4.55 12.95
C LYS E 179 42.94 -3.40 13.94
N SER E 180 44.11 -3.35 14.58
CA SER E 180 44.41 -2.47 15.73
C SER E 180 43.86 -1.04 15.58
N ARG E 181 44.13 -0.42 14.41
CA ARG E 181 43.75 0.96 14.09
C ARG E 181 42.24 1.21 14.05
N SER E 182 41.39 0.19 13.92
CA SER E 182 39.92 0.33 13.90
C SER E 182 39.28 0.00 15.26
N ILE E 183 40.02 -0.58 16.22
CA ILE E 183 39.54 -0.78 17.59
C ILE E 183 39.89 0.43 18.47
N ASP E 184 41.13 0.94 18.37
CA ASP E 184 41.55 2.17 19.05
C ASP E 184 42.78 2.79 18.34
N VAL E 185 42.63 3.96 17.73
CA VAL E 185 43.74 4.68 17.05
C VAL E 185 44.54 5.61 17.99
N THR E 186 44.16 5.69 19.26
CA THR E 186 44.68 6.64 20.25
C THR E 186 45.91 6.12 21.01
N LYS E 187 46.30 4.85 20.82
CA LYS E 187 47.36 4.15 21.56
C LYS E 187 48.20 3.19 20.69
N GLU E 188 49.42 2.90 21.17
CA GLU E 188 50.35 1.94 20.54
C GLU E 188 49.67 0.56 20.37
N PRO E 189 49.80 -0.11 19.21
CA PRO E 189 49.08 -1.37 18.92
C PRO E 189 49.22 -2.47 19.98
N GLU E 190 50.38 -2.58 20.64
CA GLU E 190 50.59 -3.55 21.73
C GLU E 190 49.64 -3.34 22.93
N GLN E 191 49.12 -2.14 23.17
CA GLN E 191 48.06 -1.91 24.17
C GLN E 191 46.70 -2.45 23.69
N VAL E 192 46.39 -2.29 22.41
CA VAL E 192 45.16 -2.82 21.78
C VAL E 192 45.19 -4.35 21.81
N PHE E 193 46.30 -4.95 21.37
CA PHE E 193 46.53 -6.40 21.39
C PHE E 193 46.49 -6.97 22.81
N LYS E 194 46.92 -6.22 23.84
CA LYS E 194 46.87 -6.66 25.24
C LYS E 194 45.45 -6.66 25.83
N GLU E 195 44.58 -5.71 25.44
CA GLU E 195 43.16 -5.77 25.83
C GLU E 195 42.40 -6.87 25.07
N VAL E 196 42.68 -7.07 23.78
CA VAL E 196 42.10 -8.21 23.04
C VAL E 196 42.55 -9.54 23.67
N GLU E 197 43.81 -9.68 24.07
CA GLU E 197 44.26 -10.89 24.78
C GLU E 197 43.58 -11.06 26.16
N ARG E 198 43.42 -9.99 26.95
CA ARG E 198 42.86 -10.09 28.31
C ARG E 198 41.33 -10.21 28.34
N GLU E 199 40.62 -9.77 27.31
CA GLU E 199 39.18 -10.05 27.15
C GLU E 199 38.95 -11.48 26.63
N LEU E 200 39.68 -11.91 25.60
CA LEU E 200 39.53 -13.27 25.04
C LEU E 200 39.92 -14.35 26.07
N SER E 201 40.93 -14.11 26.92
CA SER E 201 41.35 -15.03 27.99
C SER E 201 40.46 -15.02 29.26
N GLU E 202 39.29 -14.36 29.20
CA GLU E 202 38.18 -14.54 30.15
C GLU E 202 36.99 -15.34 29.56
N TYR E 203 37.19 -15.98 28.39
CA TYR E 203 36.24 -16.93 27.80
C TYR E 203 36.91 -18.11 27.07
N PHE E 204 37.93 -17.85 26.26
CA PHE E 204 38.77 -18.83 25.58
C PHE E 204 40.09 -19.08 26.32
N GLU E 205 40.84 -20.09 25.89
CA GLU E 205 42.29 -20.14 26.05
C GLU E 205 42.97 -19.69 24.75
N VAL E 206 43.99 -18.83 24.85
CA VAL E 206 44.82 -18.42 23.70
C VAL E 206 45.90 -19.46 23.47
N ILE E 207 46.07 -19.91 22.22
CA ILE E 207 47.09 -20.91 21.85
C ILE E 207 48.23 -20.31 21.01
N GLU E 208 47.97 -19.27 20.21
CA GLU E 208 49.04 -18.56 19.46
C GLU E 208 48.64 -17.12 19.07
N ARG E 209 49.63 -16.22 19.04
CA ARG E 209 49.51 -14.79 18.68
C ARG E 209 50.63 -14.39 17.73
N LEU E 210 50.30 -13.71 16.63
CA LEU E 210 51.22 -13.35 15.54
C LEU E 210 51.00 -11.90 15.05
N ASN E 211 52.04 -11.07 15.08
CA ASN E 211 52.11 -9.82 14.30
C ASN E 211 52.50 -10.17 12.86
N LEU E 212 51.90 -9.53 11.86
CA LEU E 212 52.12 -9.84 10.44
C LEU E 212 53.42 -9.25 9.85
N GLU E 213 54.18 -8.46 10.61
CA GLU E 213 55.53 -8.03 10.20
C GLU E 213 56.51 -9.22 10.04
N PRO E 214 57.49 -9.17 9.13
CA PRO E 214 57.85 -8.07 8.21
C PRO E 214 57.16 -8.15 6.83
N TYR E 215 55.96 -8.74 6.74
CA TYR E 215 55.19 -8.82 5.49
C TYR E 215 54.23 -7.63 5.38
N GLU E 216 53.43 -7.40 6.42
CA GLU E 216 52.55 -6.22 6.57
C GLU E 216 52.74 -5.57 7.96
N LYS E 217 51.92 -4.57 8.31
CA LYS E 217 52.14 -3.70 9.49
C LYS E 217 50.88 -3.48 10.34
N ASP E 218 51.06 -3.36 11.66
CA ASP E 218 50.07 -3.00 12.69
C ASP E 218 48.77 -3.84 12.79
N HIS E 219 48.60 -4.86 11.95
CA HIS E 219 47.55 -5.89 12.03
C HIS E 219 48.13 -7.19 12.62
N ALA E 220 47.34 -7.90 13.43
CA ALA E 220 47.75 -9.18 14.04
C ALA E 220 46.72 -10.30 13.82
N LEU E 221 47.17 -11.55 13.89
CA LEU E 221 46.32 -12.75 13.91
C LEU E 221 46.44 -13.43 15.29
N PHE E 222 45.29 -13.68 15.92
CA PHE E 222 45.17 -14.46 17.15
C PHE E 222 44.41 -15.76 16.85
N VAL E 223 44.84 -16.87 17.44
CA VAL E 223 44.11 -18.15 17.40
C VAL E 223 43.95 -18.75 18.80
N VAL E 224 42.76 -19.28 19.07
CA VAL E 224 42.25 -19.58 20.41
C VAL E 224 41.42 -20.88 20.43
N ARG E 225 41.11 -21.40 21.63
CA ARG E 225 40.24 -22.56 21.83
C ARG E 225 39.26 -22.33 22.98
N LYS E 226 37.99 -22.70 22.79
CA LYS E 226 36.95 -22.79 23.82
C LYS E 226 37.12 -24.13 24.56
N PRO E 227 37.09 -24.18 25.91
CA PRO E 227 37.20 -25.44 26.66
C PRO E 227 36.15 -26.49 26.28
N PHE F 1 74.59 -50.10 -52.66
CA PHE F 1 75.96 -49.56 -52.49
C PHE F 1 76.20 -49.03 -51.08
N ILE F 2 75.37 -48.11 -50.58
CA ILE F 2 75.46 -47.58 -49.20
C ILE F 2 74.17 -47.88 -48.41
N SER F 3 74.31 -48.12 -47.10
CA SER F 3 73.23 -48.13 -46.11
C SER F 3 73.79 -47.74 -44.71
N GLU F 4 72.91 -47.42 -43.75
CA GLU F 4 73.26 -46.78 -42.48
C GLU F 4 72.51 -47.40 -41.28
N ASN F 5 73.04 -47.24 -40.06
CA ASN F 5 72.37 -47.60 -38.82
C ASN F 5 72.61 -46.56 -37.70
N VAL F 6 72.05 -46.83 -36.52
CA VAL F 6 72.15 -45.99 -35.31
C VAL F 6 73.58 -45.63 -34.85
N ARG F 7 74.61 -46.36 -35.30
CA ARG F 7 76.02 -46.14 -34.94
C ARG F 7 76.88 -45.55 -36.07
N GLY F 8 76.44 -45.59 -37.33
CA GLY F 8 77.28 -45.16 -38.45
C GLY F 8 76.75 -45.46 -39.86
N ILE F 9 77.67 -45.33 -40.82
CA ILE F 9 77.44 -45.27 -42.27
C ILE F 9 78.40 -46.25 -42.97
N TYR F 10 77.88 -47.10 -43.88
CA TYR F 10 78.60 -48.27 -44.41
C TYR F 10 78.46 -48.41 -45.93
N ALA F 11 79.55 -48.78 -46.62
CA ALA F 11 79.57 -49.01 -48.07
C ALA F 11 79.98 -50.44 -48.43
N PHE F 12 79.26 -51.09 -49.36
CA PHE F 12 79.43 -52.50 -49.72
C PHE F 12 79.44 -52.75 -51.25
N ASP F 13 80.20 -53.78 -51.67
CA ASP F 13 80.25 -54.26 -53.06
C ASP F 13 79.08 -55.19 -53.43
N GLU F 14 78.99 -55.54 -54.72
CA GLU F 14 77.90 -56.35 -55.28
C GLU F 14 78.01 -57.87 -55.00
N ASN F 15 78.98 -58.28 -54.16
CA ASN F 15 79.07 -59.60 -53.53
C ASN F 15 78.88 -59.54 -51.99
N GLY F 16 78.65 -58.33 -51.42
CA GLY F 16 78.41 -58.09 -49.99
C GLY F 16 79.65 -57.78 -49.15
N ASN F 17 80.83 -57.59 -49.77
CA ASN F 17 82.06 -57.20 -49.09
C ASN F 17 81.97 -55.75 -48.61
N LEU F 18 82.46 -55.44 -47.42
CA LEU F 18 82.62 -54.05 -46.96
C LEU F 18 83.72 -53.32 -47.77
N ILE F 19 83.58 -52.00 -47.94
CA ILE F 19 84.56 -51.12 -48.58
C ILE F 19 85.14 -50.14 -47.55
N GLU F 20 84.26 -49.40 -46.86
CA GLU F 20 84.60 -48.47 -45.78
C GLU F 20 83.39 -48.25 -44.84
N LYS F 21 83.66 -47.81 -43.61
CA LYS F 21 82.69 -47.47 -42.57
C LYS F 21 83.11 -46.20 -41.81
N ARG F 22 82.17 -45.34 -41.42
CA ARG F 22 82.37 -44.17 -40.52
C ARG F 22 81.30 -44.15 -39.41
N TYR F 23 81.61 -43.52 -38.28
CA TYR F 23 80.77 -43.50 -37.06
C TYR F 23 80.29 -42.08 -36.71
N PHE F 24 79.12 -41.96 -36.08
CA PHE F 24 78.59 -40.66 -35.63
C PHE F 24 79.32 -40.10 -34.40
N THR F 25 79.47 -38.77 -34.33
CA THR F 25 80.12 -38.06 -33.20
C THR F 25 79.28 -36.91 -32.59
N ASP F 26 78.08 -36.66 -33.10
CA ASP F 26 77.03 -35.81 -32.51
C ASP F 26 75.82 -36.69 -32.10
N LYS F 27 74.86 -36.12 -31.36
CA LYS F 27 73.63 -36.80 -30.91
C LYS F 27 72.87 -37.37 -32.13
N PRO F 28 72.78 -38.71 -32.27
CA PRO F 28 72.61 -39.37 -33.56
C PRO F 28 71.19 -39.29 -34.12
N GLU F 29 70.18 -39.03 -33.29
CA GLU F 29 68.77 -38.93 -33.73
C GLU F 29 68.57 -37.85 -34.82
N LYS F 30 69.32 -36.74 -34.73
CA LYS F 30 69.35 -35.67 -35.74
C LYS F 30 69.95 -36.16 -37.05
N VAL F 31 71.12 -36.81 -36.96
CA VAL F 31 71.92 -37.30 -38.10
C VAL F 31 71.13 -38.38 -38.86
N LEU F 32 70.42 -39.24 -38.12
CA LEU F 32 69.51 -40.24 -38.66
C LEU F 32 68.33 -39.61 -39.38
N ASP F 33 67.61 -38.63 -38.81
CA ASP F 33 66.41 -38.08 -39.48
C ASP F 33 66.74 -37.40 -40.83
N GLN F 34 67.90 -36.73 -40.93
CA GLN F 34 68.44 -36.25 -42.20
C GLN F 34 68.62 -37.39 -43.21
N LEU F 35 69.41 -38.42 -42.85
CA LEU F 35 69.74 -39.55 -43.75
C LEU F 35 68.50 -40.39 -44.12
N LEU F 36 67.54 -40.52 -43.21
CA LEU F 36 66.25 -41.20 -43.44
C LEU F 36 65.38 -40.43 -44.45
N LYS F 37 65.44 -39.09 -44.47
CA LYS F 37 64.70 -38.20 -45.39
C LYS F 37 65.50 -37.80 -46.64
N GLY F 38 66.63 -38.47 -46.89
CA GLY F 38 67.47 -38.29 -48.07
C GLY F 38 68.44 -37.10 -48.04
N GLU F 39 68.60 -36.45 -46.89
CA GLU F 39 69.54 -35.35 -46.72
C GLU F 39 70.92 -35.84 -46.29
N ILE F 40 71.97 -35.18 -46.79
CA ILE F 40 73.35 -35.62 -46.62
C ILE F 40 74.01 -34.99 -45.38
N THR F 41 74.74 -35.81 -44.63
CA THR F 41 75.50 -35.44 -43.43
C THR F 41 77.01 -35.64 -43.67
N LYS F 42 77.86 -34.99 -42.87
CA LYS F 42 79.29 -34.82 -43.21
C LYS F 42 80.05 -36.14 -43.29
N ASP F 43 79.73 -37.12 -42.45
CA ASP F 43 80.36 -38.44 -42.48
C ASP F 43 80.02 -39.24 -43.77
N LEU F 44 78.86 -39.01 -44.39
CA LEU F 44 78.52 -39.56 -45.71
C LEU F 44 79.22 -38.80 -46.84
N GLU F 45 79.32 -37.48 -46.73
CA GLU F 45 80.02 -36.61 -47.68
C GLU F 45 81.53 -36.95 -47.77
N GLU F 46 82.16 -37.29 -46.64
CA GLU F 46 83.54 -37.80 -46.60
C GLU F 46 83.66 -39.27 -47.08
N LEU F 47 82.68 -40.12 -46.77
CA LEU F 47 82.67 -41.53 -47.19
C LEU F 47 82.60 -41.67 -48.72
N LEU F 48 81.71 -40.93 -49.39
CA LEU F 48 81.59 -40.97 -50.86
C LEU F 48 82.81 -40.32 -51.55
N ASN F 49 83.46 -39.34 -50.91
CA ASN F 49 84.77 -38.83 -51.36
C ASN F 49 85.85 -39.92 -51.24
N SER F 50 85.92 -40.62 -50.10
CA SER F 50 86.88 -41.70 -49.89
C SER F 50 86.69 -42.84 -50.90
N LEU F 51 85.44 -43.17 -51.25
CA LEU F 51 85.14 -44.14 -52.32
C LEU F 51 85.58 -43.67 -53.71
N LYS F 52 85.36 -42.40 -54.09
CA LYS F 52 85.88 -41.87 -55.37
C LYS F 52 87.42 -41.79 -55.37
N GLU F 53 88.03 -41.48 -54.23
CA GLU F 53 89.49 -41.46 -54.03
C GLU F 53 90.11 -42.86 -54.13
N LYS F 54 89.39 -43.89 -53.67
CA LYS F 54 89.72 -45.32 -53.81
C LYS F 54 89.22 -45.95 -55.15
N GLY F 55 88.55 -45.17 -56.00
CA GLY F 55 88.19 -45.55 -57.39
C GLY F 55 86.89 -46.33 -57.60
N TYR F 56 85.83 -46.07 -56.81
CA TYR F 56 84.51 -46.73 -56.90
C TYR F 56 83.44 -45.81 -57.54
N ASP F 57 82.53 -46.34 -58.38
CA ASP F 57 81.58 -45.54 -59.17
C ASP F 57 80.09 -46.00 -59.25
N GLU F 58 79.73 -47.24 -58.89
CA GLU F 58 78.33 -47.77 -59.02
C GLU F 58 77.35 -47.36 -57.89
N PHE F 59 77.28 -46.07 -57.57
CA PHE F 59 76.51 -45.51 -56.45
C PHE F 59 74.97 -45.68 -56.56
N VAL F 60 74.45 -46.82 -56.07
CA VAL F 60 73.02 -47.03 -55.78
C VAL F 60 72.71 -46.89 -54.28
N PHE F 61 71.72 -46.05 -53.97
CA PHE F 61 71.22 -45.74 -52.61
C PHE F 61 69.79 -46.26 -52.38
N GLU F 62 69.31 -46.22 -51.14
CA GLU F 62 67.98 -46.70 -50.76
C GLU F 62 66.84 -45.69 -50.97
N HIS F 63 67.03 -44.40 -50.63
CA HIS F 63 65.99 -43.37 -50.73
C HIS F 63 66.16 -42.49 -51.98
N PRO F 64 65.09 -42.17 -52.75
CA PRO F 64 65.21 -41.44 -54.02
C PRO F 64 65.91 -40.08 -53.90
N GLU F 65 65.59 -39.32 -52.85
CA GLU F 65 66.10 -37.95 -52.69
C GLU F 65 67.58 -37.95 -52.25
N LEU F 66 68.10 -39.05 -51.71
CA LEU F 66 69.53 -39.20 -51.42
C LEU F 66 70.32 -39.37 -52.71
N SER F 67 69.82 -40.16 -53.66
CA SER F 67 70.34 -40.23 -55.03
C SER F 67 70.27 -38.85 -55.72
N ARG F 68 69.25 -38.04 -55.42
CA ARG F 68 69.03 -36.67 -55.92
C ARG F 68 70.07 -35.68 -55.36
N ARG F 69 70.34 -35.69 -54.05
CA ARG F 69 71.43 -34.91 -53.44
C ARG F 69 72.82 -35.39 -53.91
N ALA F 70 73.01 -36.69 -54.15
CA ALA F 70 74.27 -37.22 -54.69
C ALA F 70 74.57 -36.71 -56.12
N LYS F 71 73.58 -36.68 -57.02
CA LYS F 71 73.77 -36.12 -58.38
C LYS F 71 73.84 -34.59 -58.43
N GLU F 72 73.29 -33.91 -57.42
CA GLU F 72 73.54 -32.48 -57.17
C GLU F 72 74.97 -32.20 -56.67
N LEU F 73 75.54 -33.10 -55.87
CA LEU F 73 76.97 -33.12 -55.50
C LEU F 73 77.89 -33.59 -56.65
N GLY F 74 77.30 -33.91 -57.81
CA GLY F 74 77.97 -34.25 -59.08
C GLY F 74 78.01 -35.75 -59.42
N PHE F 75 77.79 -36.63 -58.44
CA PHE F 75 78.01 -38.08 -58.57
C PHE F 75 76.85 -38.79 -59.28
N SER F 76 77.14 -39.62 -60.28
CA SER F 76 76.13 -40.35 -61.08
C SER F 76 75.45 -41.48 -60.28
N ALA F 77 74.36 -41.15 -59.59
CA ALA F 77 73.71 -42.01 -58.59
C ALA F 77 72.27 -42.45 -58.95
N THR F 78 71.91 -43.66 -58.53
CA THR F 78 70.60 -44.31 -58.76
C THR F 78 69.96 -44.79 -57.45
N THR F 79 68.73 -45.34 -57.50
CA THR F 79 67.96 -45.75 -56.32
C THR F 79 67.40 -47.18 -56.45
N GLU F 80 67.59 -48.01 -55.43
CA GLU F 80 66.88 -49.27 -55.20
C GLU F 80 66.92 -49.61 -53.69
N PHE F 81 65.76 -49.79 -53.05
CA PHE F 81 65.67 -50.02 -51.60
C PHE F 81 66.17 -51.43 -51.17
N PRO F 82 65.75 -52.56 -51.77
CA PRO F 82 66.22 -53.91 -51.38
C PRO F 82 67.66 -54.26 -51.80
N ASN F 83 68.54 -53.27 -52.04
CA ASN F 83 69.91 -53.48 -52.54
C ASN F 83 70.86 -54.13 -51.49
N ILE F 84 71.98 -54.69 -51.96
CA ILE F 84 72.87 -55.56 -51.17
C ILE F 84 73.45 -54.86 -49.93
N ALA F 85 73.64 -53.53 -49.95
CA ALA F 85 74.12 -52.79 -48.79
C ALA F 85 73.11 -52.78 -47.63
N GLY F 86 71.83 -52.50 -47.93
CA GLY F 86 70.74 -52.57 -46.95
C GLY F 86 70.49 -54.00 -46.47
N GLU F 87 70.66 -54.98 -47.36
CA GLU F 87 70.53 -56.41 -47.04
C GLU F 87 71.63 -56.88 -46.06
N ARG F 88 72.90 -56.57 -46.31
CA ARG F 88 74.03 -56.89 -45.40
C ARG F 88 73.84 -56.23 -44.04
N LEU F 89 73.58 -54.92 -44.05
CA LEU F 89 73.43 -54.07 -42.87
C LEU F 89 72.29 -54.54 -41.96
N ARG F 90 71.08 -54.72 -42.51
CA ARG F 90 69.91 -55.14 -41.72
C ARG F 90 69.90 -56.62 -41.33
N SER F 91 70.70 -57.48 -41.97
CA SER F 91 70.76 -58.91 -41.67
C SER F 91 71.74 -59.28 -40.54
N ASN F 92 72.81 -58.51 -40.33
CA ASN F 92 73.89 -58.86 -39.40
C ASN F 92 74.14 -57.74 -38.36
N PRO F 93 73.16 -57.41 -37.50
CA PRO F 93 73.24 -56.24 -36.61
C PRO F 93 74.48 -56.25 -35.70
N GLU F 94 74.97 -57.43 -35.31
CA GLU F 94 76.15 -57.60 -34.45
C GLU F 94 77.46 -57.12 -35.11
N GLU F 95 77.58 -57.11 -36.44
CA GLU F 95 78.72 -56.50 -37.15
C GLU F 95 78.75 -54.96 -37.06
N PHE F 96 77.58 -54.34 -36.90
CA PHE F 96 77.39 -52.90 -37.13
C PHE F 96 76.92 -52.14 -35.88
N LEU F 97 76.38 -52.82 -34.87
CA LEU F 97 75.81 -52.22 -33.65
C LEU F 97 76.24 -52.93 -32.34
N GLY F 98 77.02 -54.02 -32.42
CA GLY F 98 77.56 -54.74 -31.26
C GLY F 98 76.61 -55.76 -30.62
N GLU F 99 76.96 -56.29 -29.45
CA GLU F 99 76.22 -57.36 -28.77
C GLU F 99 74.81 -56.90 -28.31
N ASN F 100 74.73 -55.75 -27.65
CA ASN F 100 73.48 -55.18 -27.10
C ASN F 100 72.66 -54.39 -28.14
N TRP F 101 72.64 -54.84 -29.40
CA TRP F 101 72.16 -54.04 -30.56
C TRP F 101 70.74 -53.49 -30.41
N PHE F 102 69.81 -54.26 -29.87
CA PHE F 102 68.42 -53.82 -29.69
C PHE F 102 68.26 -52.73 -28.61
N GLU F 103 69.14 -52.68 -27.61
CA GLU F 103 69.15 -51.60 -26.61
C GLU F 103 69.66 -50.28 -27.19
N GLU F 104 70.61 -50.31 -28.13
CA GLU F 104 71.10 -49.11 -28.82
C GLU F 104 70.04 -48.58 -29.80
N TYR F 105 69.39 -49.46 -30.58
CA TYR F 105 68.22 -49.12 -31.39
C TYR F 105 67.10 -48.50 -30.53
N TYR F 106 66.82 -49.06 -29.35
CA TYR F 106 65.82 -48.52 -28.41
C TYR F 106 66.20 -47.12 -27.91
N LYS F 107 67.44 -46.94 -27.42
CA LYS F 107 67.94 -45.67 -26.82
C LYS F 107 67.78 -44.49 -27.77
N VAL F 108 68.08 -44.68 -29.06
CA VAL F 108 68.03 -43.61 -30.06
C VAL F 108 66.67 -43.56 -30.77
N GLY F 109 65.97 -44.70 -30.94
CA GLY F 109 64.64 -44.75 -31.54
C GLY F 109 63.60 -43.92 -30.79
N VAL F 110 63.58 -43.99 -29.45
CA VAL F 110 62.69 -43.16 -28.64
C VAL F 110 63.05 -41.66 -28.69
N ALA F 111 64.33 -41.30 -28.83
CA ALA F 111 64.77 -39.91 -28.98
C ALA F 111 64.38 -39.35 -30.36
N LEU F 112 64.57 -40.13 -31.43
CA LEU F 112 64.16 -39.79 -32.79
C LEU F 112 62.62 -39.64 -32.90
N THR F 113 61.87 -40.55 -32.29
CA THR F 113 60.42 -40.44 -32.14
C THR F 113 59.99 -39.18 -31.37
N ARG F 114 60.77 -38.74 -30.37
CA ARG F 114 60.48 -37.51 -29.60
C ARG F 114 60.77 -36.23 -30.41
N MET F 115 61.76 -36.20 -31.29
CA MET F 115 61.95 -35.06 -32.22
C MET F 115 61.01 -35.09 -33.43
N ARG F 116 60.49 -36.26 -33.83
CA ARG F 116 59.46 -36.39 -34.89
C ARG F 116 58.03 -36.00 -34.45
N ILE F 117 57.84 -35.39 -33.27
CA ILE F 117 56.52 -34.89 -32.82
C ILE F 117 56.09 -33.70 -33.71
N GLN F 118 55.28 -34.03 -34.71
CA GLN F 118 55.11 -33.26 -35.94
C GLN F 118 54.26 -31.97 -35.81
N GLU F 119 54.56 -31.01 -36.69
CA GLU F 119 53.63 -29.98 -37.19
C GLU F 119 53.65 -29.96 -38.74
N GLN F 120 52.77 -29.18 -39.37
CA GLN F 120 52.18 -29.45 -40.69
C GLN F 120 51.25 -30.69 -40.73
N SER F 121 50.03 -30.52 -41.27
CA SER F 121 49.04 -31.61 -41.43
C SER F 121 48.19 -31.47 -42.71
N GLY F 122 47.77 -32.60 -43.30
CA GLY F 122 47.14 -32.64 -44.63
C GLY F 122 45.69 -32.18 -44.73
N ALA F 123 45.05 -31.80 -43.61
CA ALA F 123 43.63 -31.43 -43.54
C ALA F 123 43.37 -30.03 -42.96
N ARG F 124 44.43 -29.22 -42.71
CA ARG F 124 44.30 -27.94 -42.01
C ARG F 124 43.54 -26.87 -42.83
N ASP F 125 43.47 -26.99 -44.16
CA ASP F 125 42.65 -26.12 -45.01
C ASP F 125 41.16 -26.20 -44.66
N LYS F 126 40.65 -27.40 -44.36
CA LYS F 126 39.28 -27.62 -43.91
C LYS F 126 39.03 -26.94 -42.55
N MET F 127 40.05 -26.89 -41.69
CA MET F 127 40.02 -26.21 -40.39
C MET F 127 40.04 -24.69 -40.53
N VAL F 128 40.82 -24.13 -41.47
CA VAL F 128 40.78 -22.69 -41.81
C VAL F 128 39.37 -22.28 -42.25
N ILE F 129 38.74 -23.03 -43.14
CA ILE F 129 37.39 -22.72 -43.65
C ILE F 129 36.36 -22.73 -42.49
N GLN F 130 36.41 -23.73 -41.61
CA GLN F 130 35.52 -23.76 -40.44
C GLN F 130 35.82 -22.64 -39.44
N ALA F 131 37.08 -22.28 -39.21
CA ALA F 131 37.45 -21.13 -38.37
C ALA F 131 36.98 -19.78 -38.97
N ILE F 132 36.99 -19.63 -40.29
CA ILE F 132 36.52 -18.44 -41.01
C ILE F 132 34.99 -18.29 -40.89
N GLU F 133 34.21 -19.34 -41.19
CA GLU F 133 32.75 -19.26 -41.00
C GLU F 133 32.38 -19.22 -39.49
N ALA F 134 33.20 -19.78 -38.59
CA ALA F 134 32.99 -19.63 -37.15
C ALA F 134 33.25 -18.20 -36.65
N LEU F 135 34.23 -17.48 -37.22
CA LEU F 135 34.43 -16.05 -36.94
C LEU F 135 33.23 -15.25 -37.47
N ASP F 136 32.76 -15.57 -38.67
CA ASP F 136 31.56 -14.97 -39.29
C ASP F 136 30.29 -15.17 -38.45
N ASP F 137 30.09 -16.38 -37.90
CA ASP F 137 29.01 -16.72 -36.97
C ASP F 137 29.18 -16.04 -35.59
N VAL F 138 30.37 -16.06 -34.98
CA VAL F 138 30.58 -15.50 -33.63
C VAL F 138 30.52 -13.96 -33.64
N ASP F 139 31.07 -13.30 -34.65
CA ASP F 139 30.90 -11.86 -34.89
C ASP F 139 29.40 -11.51 -35.08
N LYS F 140 28.62 -12.43 -35.67
CA LYS F 140 27.16 -12.32 -35.81
C LYS F 140 26.39 -12.55 -34.50
N VAL F 141 26.75 -13.51 -33.65
CA VAL F 141 26.08 -13.67 -32.33
C VAL F 141 26.36 -12.48 -31.43
N ILE F 142 27.58 -11.92 -31.49
CA ILE F 142 27.95 -10.71 -30.75
C ILE F 142 27.09 -9.53 -31.23
N ASN F 143 26.95 -9.30 -32.55
CA ASN F 143 26.06 -8.26 -33.07
C ASN F 143 24.59 -8.45 -32.62
N LEU F 144 24.08 -9.69 -32.58
CA LEU F 144 22.71 -9.97 -32.10
C LEU F 144 22.54 -9.69 -30.60
N LEU F 145 23.46 -10.16 -29.76
CA LEU F 145 23.41 -9.98 -28.32
C LEU F 145 23.69 -8.52 -27.91
N VAL F 146 24.56 -7.81 -28.63
CA VAL F 146 24.79 -6.37 -28.44
C VAL F 146 23.59 -5.55 -28.93
N ALA F 147 22.89 -5.96 -29.99
CA ALA F 147 21.63 -5.31 -30.40
C ALA F 147 20.50 -5.50 -29.35
N ARG F 148 20.39 -6.70 -28.75
CA ARG F 148 19.49 -6.98 -27.63
C ARG F 148 19.85 -6.11 -26.40
N LEU F 149 21.14 -6.04 -26.06
CA LEU F 149 21.67 -5.19 -24.97
C LEU F 149 21.38 -3.69 -25.21
N ARG F 150 21.51 -3.21 -26.45
CA ARG F 150 21.16 -1.82 -26.84
C ARG F 150 19.67 -1.55 -26.70
N GLU F 151 18.81 -2.43 -27.22
CA GLU F 151 17.35 -2.27 -27.13
C GLU F 151 16.85 -2.36 -25.68
N TRP F 152 17.47 -3.20 -24.84
CA TRP F 152 17.15 -3.35 -23.42
C TRP F 152 17.64 -2.17 -22.57
N TYR F 153 18.90 -1.72 -22.73
CA TYR F 153 19.43 -0.56 -22.00
C TYR F 153 18.77 0.77 -22.44
N SER F 154 18.18 0.81 -23.63
CA SER F 154 17.36 1.96 -24.08
C SER F 154 16.09 2.19 -23.25
N LEU F 155 15.71 1.27 -22.36
CA LEU F 155 14.68 1.48 -21.33
C LEU F 155 15.19 2.29 -20.11
N HIS F 156 16.50 2.54 -20.01
CA HIS F 156 17.15 3.27 -18.91
C HIS F 156 17.92 4.51 -19.39
N PHE F 157 18.45 4.48 -20.61
CA PHE F 157 19.24 5.54 -21.24
C PHE F 157 19.14 5.49 -22.79
N PRO F 158 17.98 5.83 -23.40
CA PRO F 158 17.76 5.69 -24.85
C PRO F 158 18.72 6.50 -25.72
N GLU F 159 19.27 7.60 -25.22
CA GLU F 159 20.28 8.41 -25.93
C GLU F 159 21.61 7.65 -26.11
N LEU F 160 21.89 6.61 -25.32
CA LEU F 160 23.20 5.94 -25.29
C LEU F 160 23.49 5.13 -26.58
N ASP F 161 22.45 4.51 -27.17
CA ASP F 161 22.58 3.86 -28.49
C ASP F 161 22.81 4.88 -29.62
N GLU F 162 22.27 6.09 -29.47
CA GLU F 162 22.44 7.21 -30.42
C GLU F 162 23.76 7.99 -30.20
N LEU F 163 24.62 7.51 -29.28
CA LEU F 163 25.84 8.17 -28.84
C LEU F 163 27.10 7.29 -28.90
N LEU F 164 26.98 5.97 -28.69
CA LEU F 164 28.10 5.02 -28.65
C LEU F 164 27.97 3.92 -29.74
N PRO F 165 28.46 4.14 -30.98
CA PRO F 165 28.31 3.17 -32.08
C PRO F 165 29.21 1.93 -31.99
N LYS F 166 30.26 1.94 -31.15
CA LYS F 166 31.27 0.88 -31.06
C LYS F 166 30.79 -0.27 -30.15
N HIS F 167 30.98 -1.53 -30.54
CA HIS F 167 30.35 -2.67 -29.87
C HIS F 167 31.09 -3.16 -28.60
N PRO F 168 32.43 -3.34 -28.56
CA PRO F 168 33.13 -3.74 -27.33
C PRO F 168 32.96 -2.75 -26.18
N GLN F 169 33.06 -1.45 -26.47
CA GLN F 169 32.88 -0.35 -25.50
C GLN F 169 31.52 -0.40 -24.79
N TYR F 170 30.45 -0.75 -25.52
CA TYR F 170 29.09 -0.88 -24.99
C TYR F 170 28.94 -2.06 -24.00
N VAL F 171 29.81 -3.06 -24.09
CA VAL F 171 29.86 -4.21 -23.17
C VAL F 171 30.81 -3.94 -22.00
N ALA F 172 31.97 -3.35 -22.26
CA ALA F 172 32.97 -2.99 -21.23
C ALA F 172 32.38 -2.05 -20.16
N PHE F 173 31.54 -1.09 -20.54
CA PHE F 173 30.79 -0.24 -19.60
C PHE F 173 29.92 -1.07 -18.63
N VAL F 174 29.22 -2.10 -19.13
CA VAL F 174 28.28 -2.91 -18.34
C VAL F 174 29.00 -3.95 -17.47
N LYS F 175 30.12 -4.51 -17.96
CA LYS F 175 31.05 -5.34 -17.17
C LYS F 175 31.63 -4.56 -15.97
N THR F 176 31.98 -3.29 -16.18
CA THR F 176 32.71 -2.49 -15.18
C THR F 176 31.78 -1.77 -14.19
N VAL F 177 30.76 -1.06 -14.67
CA VAL F 177 29.89 -0.18 -13.85
C VAL F 177 28.41 -0.51 -14.06
N GLY F 178 27.90 -0.41 -15.30
CA GLY F 178 26.52 -0.69 -15.69
C GLY F 178 25.44 0.28 -15.16
N HIS F 179 25.57 0.83 -13.96
CA HIS F 179 24.61 1.77 -13.39
C HIS F 179 24.84 3.20 -13.93
N ARG F 180 23.86 3.74 -14.69
CA ARG F 180 23.97 5.07 -15.35
C ARG F 180 24.36 6.21 -14.40
N ASP F 181 23.92 6.12 -13.15
CA ASP F 181 24.04 7.19 -12.18
C ASP F 181 25.39 7.18 -11.42
N ASN F 182 26.22 6.15 -11.65
CA ASN F 182 27.57 6.01 -11.07
C ASN F 182 28.69 6.45 -12.05
N ILE F 183 28.31 7.14 -13.14
CA ILE F 183 29.23 7.66 -14.16
C ILE F 183 29.82 9.02 -13.73
N ASN F 184 31.10 9.23 -14.04
CA ASN F 184 31.89 10.47 -13.90
C ASN F 184 33.00 10.49 -14.98
N GLU F 185 33.65 11.64 -15.23
CA GLU F 185 34.65 11.80 -16.31
C GLU F 185 35.76 10.73 -16.29
N GLU F 186 36.30 10.43 -15.11
CA GLU F 186 37.44 9.51 -14.92
C GLU F 186 37.13 8.09 -15.44
N VAL F 187 35.93 7.57 -15.16
CA VAL F 187 35.44 6.28 -15.68
C VAL F 187 34.97 6.33 -17.14
N LEU F 188 34.86 7.53 -17.73
CA LEU F 188 34.65 7.71 -19.19
C LEU F 188 35.97 7.86 -19.95
N ARG F 189 37.04 8.35 -19.31
CA ARG F 189 38.39 8.47 -19.90
C ARG F 189 38.98 7.09 -20.17
N GLU F 190 38.97 6.18 -19.20
CA GLU F 190 39.48 4.80 -19.40
C GLU F 190 38.63 3.99 -20.41
N LEU F 191 37.33 4.25 -20.47
CA LEU F 191 36.37 3.62 -21.38
C LEU F 191 36.65 3.91 -22.86
N GLY F 192 37.58 4.81 -23.18
CA GLY F 192 38.05 5.05 -24.54
C GLY F 192 37.15 6.00 -25.32
N LEU F 193 36.52 6.97 -24.65
CA LEU F 193 35.85 8.09 -25.31
C LEU F 193 36.89 9.13 -25.82
N SER F 194 36.38 10.18 -26.46
CA SER F 194 37.09 11.40 -26.82
C SER F 194 36.46 12.58 -26.08
N GLU F 195 37.21 13.65 -25.79
CA GLU F 195 36.74 14.78 -24.95
C GLU F 195 35.40 15.37 -25.43
N GLU F 196 35.20 15.52 -26.75
CA GLU F 196 33.96 16.02 -27.38
C GLU F 196 32.73 15.10 -27.18
N LYS F 197 32.96 13.86 -26.73
CA LYS F 197 31.96 12.83 -26.42
C LYS F 197 31.68 12.74 -24.92
N ILE F 198 32.64 13.05 -24.06
CA ILE F 198 32.57 12.89 -22.58
C ILE F 198 31.59 13.88 -21.92
N LYS F 199 31.38 15.07 -22.50
CA LYS F 199 30.32 16.00 -22.05
C LYS F 199 28.90 15.44 -22.33
N LYS F 200 28.71 14.67 -23.41
CA LYS F 200 27.49 13.86 -23.59
C LYS F 200 27.58 12.62 -22.67
N ILE F 201 26.47 11.93 -22.43
CA ILE F 201 26.22 11.17 -21.18
C ILE F 201 26.07 12.12 -19.99
N LEU F 202 27.09 12.91 -19.62
CA LEU F 202 27.06 13.81 -18.45
C LEU F 202 26.00 14.92 -18.58
N GLU F 203 25.82 15.52 -19.76
CA GLU F 203 24.74 16.47 -20.10
C GLU F 203 23.32 15.90 -19.81
N ALA F 204 23.18 14.57 -19.82
CA ALA F 204 21.94 13.84 -19.60
C ALA F 204 21.90 13.07 -18.26
N LYS F 205 22.86 13.30 -17.36
CA LYS F 205 23.11 12.50 -16.13
C LYS F 205 21.86 12.22 -15.29
N GLU F 206 21.05 13.24 -14.99
CA GLU F 206 19.71 13.07 -14.40
C GLU F 206 18.60 13.05 -15.47
N LYS F 207 18.76 13.85 -16.53
CA LYS F 207 17.71 14.27 -17.47
C LYS F 207 17.64 13.52 -18.81
N THR F 208 18.20 12.31 -18.88
CA THR F 208 17.90 11.33 -19.94
C THR F 208 16.40 11.04 -19.99
N MET F 209 15.83 10.87 -21.19
CA MET F 209 14.40 10.58 -21.39
C MET F 209 14.01 9.11 -21.12
N GLY F 210 14.91 8.27 -20.59
CA GLY F 210 14.62 6.88 -20.18
C GLY F 210 14.04 6.74 -18.77
N ALA F 211 13.46 5.57 -18.49
CA ALA F 211 12.74 5.24 -17.26
C ALA F 211 13.69 4.92 -16.06
N TRP F 212 13.43 3.81 -15.36
CA TRP F 212 14.26 3.29 -14.27
C TRP F 212 14.41 1.77 -14.39
N MET F 213 15.60 1.31 -14.76
CA MET F 213 16.06 -0.07 -14.60
C MET F 213 16.46 -0.28 -13.13
N ASP F 214 15.87 -1.28 -12.48
CA ASP F 214 16.15 -1.62 -11.08
C ASP F 214 17.58 -2.11 -10.86
N GLN F 215 18.09 -2.00 -9.63
CA GLN F 215 19.32 -2.65 -9.16
C GLN F 215 19.27 -4.19 -9.34
N THR F 216 18.07 -4.78 -9.45
CA THR F 216 17.85 -6.20 -9.80
C THR F 216 17.59 -6.46 -11.30
N ASP F 217 17.29 -5.43 -12.10
CA ASP F 217 17.17 -5.54 -13.56
C ASP F 217 18.54 -5.42 -14.25
N ILE F 218 19.38 -4.48 -13.78
CA ILE F 218 20.76 -4.35 -14.27
C ILE F 218 21.59 -5.62 -14.01
N GLU F 219 21.20 -6.45 -13.03
CA GLU F 219 21.82 -7.75 -12.78
C GLU F 219 21.68 -8.75 -13.94
N VAL F 220 20.49 -8.90 -14.53
CA VAL F 220 20.32 -9.82 -15.68
C VAL F 220 20.97 -9.25 -16.94
N VAL F 221 20.93 -7.92 -17.10
CA VAL F 221 21.61 -7.21 -18.20
C VAL F 221 23.14 -7.32 -18.07
N ARG F 222 23.69 -7.29 -16.84
CA ARG F 222 25.10 -7.52 -16.55
C ARG F 222 25.51 -8.97 -16.78
N GLN F 223 24.75 -9.95 -16.31
CA GLN F 223 25.02 -11.37 -16.60
C GLN F 223 24.97 -11.68 -18.11
N LEU F 224 24.11 -11.00 -18.88
CA LEU F 224 24.11 -11.05 -20.34
C LEU F 224 25.38 -10.43 -20.95
N ALA F 225 25.80 -9.25 -20.49
CA ALA F 225 27.02 -8.60 -20.97
C ALA F 225 28.32 -9.36 -20.61
N GLU F 226 28.37 -9.99 -19.44
CA GLU F 226 29.51 -10.79 -18.96
C GLU F 226 29.75 -12.01 -19.87
N GLU F 227 28.67 -12.63 -20.37
CA GLU F 227 28.74 -13.69 -21.37
C GLU F 227 29.25 -13.18 -22.73
N ILE F 228 28.95 -11.92 -23.10
CA ILE F 228 29.47 -11.31 -24.34
C ILE F 228 30.99 -11.06 -24.24
N ASP F 229 31.55 -10.77 -23.06
CA ASP F 229 33.02 -10.77 -22.90
C ASP F 229 33.61 -12.17 -23.14
N ARG F 230 33.00 -13.24 -22.62
CA ARG F 230 33.48 -14.60 -22.90
C ARG F 230 33.36 -14.96 -24.40
N LEU F 231 32.34 -14.44 -25.10
CA LEU F 231 32.22 -14.55 -26.55
C LEU F 231 33.19 -13.64 -27.34
N TYR F 232 33.53 -12.45 -26.86
CA TYR F 232 34.63 -11.64 -27.42
C TYR F 232 35.98 -12.34 -27.26
N GLN F 233 36.17 -13.04 -26.14
CA GLN F 233 37.34 -13.90 -25.93
C GLN F 233 37.31 -15.10 -26.88
N LEU F 234 36.16 -15.75 -27.15
CA LEU F 234 36.06 -16.75 -28.22
C LEU F 234 36.37 -16.18 -29.61
N ARG F 235 35.85 -15.00 -29.94
CA ARG F 235 36.18 -14.29 -31.19
C ARG F 235 37.69 -14.07 -31.30
N LYS F 236 38.35 -13.69 -30.20
CA LYS F 236 39.81 -13.49 -30.16
C LYS F 236 40.59 -14.82 -30.23
N LYS F 237 40.10 -15.90 -29.61
CA LYS F 237 40.65 -17.27 -29.76
C LYS F 237 40.62 -17.71 -31.24
N LEU F 238 39.55 -17.41 -31.98
CA LEU F 238 39.43 -17.67 -33.41
C LEU F 238 40.30 -16.72 -34.27
N GLU F 239 40.35 -15.44 -33.92
CA GLU F 239 41.14 -14.40 -34.60
C GLU F 239 42.67 -14.55 -34.41
N ASP F 240 43.09 -15.27 -33.35
CA ASP F 240 44.44 -15.82 -33.18
C ASP F 240 44.63 -17.11 -34.01
N TYR F 241 43.63 -18.00 -34.05
CA TYR F 241 43.74 -19.32 -34.69
C TYR F 241 43.69 -19.30 -36.23
N ILE F 242 43.02 -18.33 -36.86
CA ILE F 242 42.92 -18.21 -38.33
C ILE F 242 44.31 -18.18 -38.99
N ASP F 243 45.29 -17.49 -38.39
CA ASP F 243 46.67 -17.50 -38.88
C ASP F 243 47.40 -18.81 -38.47
N ARG F 244 47.13 -19.31 -37.25
CA ARG F 244 47.67 -20.57 -36.70
C ARG F 244 47.31 -21.83 -37.52
N ALA F 245 46.24 -21.77 -38.32
CA ALA F 245 45.82 -22.82 -39.24
C ALA F 245 46.28 -22.60 -40.70
N MET F 246 46.81 -21.40 -41.02
CA MET F 246 47.41 -21.09 -42.32
C MET F 246 48.94 -21.32 -42.31
N ASP F 247 49.59 -21.12 -41.16
CA ASP F 247 51.05 -21.03 -41.02
C ASP F 247 51.85 -22.34 -41.19
N ASP F 248 51.24 -23.42 -41.68
CA ASP F 248 51.92 -24.69 -42.01
C ASP F 248 52.86 -24.58 -43.25
N VAL F 249 52.91 -23.41 -43.91
CA VAL F 249 54.10 -22.94 -44.67
C VAL F 249 54.88 -21.98 -43.76
N ALA F 250 55.66 -22.56 -42.85
CA ALA F 250 56.19 -21.91 -41.65
C ALA F 250 57.17 -20.73 -41.90
N PRO F 251 56.83 -19.49 -41.45
CA PRO F 251 57.77 -18.37 -41.36
C PRO F 251 58.85 -18.55 -40.30
N ASN F 252 59.92 -17.75 -40.34
CA ASN F 252 60.97 -17.75 -39.32
C ASN F 252 60.42 -17.29 -37.95
N LEU F 253 59.55 -16.28 -37.93
CA LEU F 253 58.92 -15.74 -36.71
C LEU F 253 58.09 -16.82 -35.97
N LYS F 254 57.39 -17.68 -36.71
CA LYS F 254 56.71 -18.86 -36.15
C LYS F 254 57.72 -19.82 -35.55
N ALA F 255 58.64 -20.32 -36.38
CA ALA F 255 59.47 -21.46 -36.05
C ALA F 255 60.49 -21.21 -34.92
N LEU F 256 60.85 -19.94 -34.66
CA LEU F 256 61.71 -19.57 -33.54
C LEU F 256 61.04 -19.78 -32.15
N VAL F 257 59.71 -19.71 -32.04
CA VAL F 257 59.01 -19.76 -30.74
C VAL F 257 57.69 -20.57 -30.71
N GLY F 258 56.79 -20.41 -31.68
CA GLY F 258 55.47 -21.06 -31.70
C GLY F 258 54.37 -20.19 -32.32
N ALA F 259 53.37 -20.84 -32.93
CA ALA F 259 52.42 -20.21 -33.85
C ALA F 259 51.53 -19.11 -33.23
N LYS F 260 50.90 -19.36 -32.07
CA LYS F 260 50.03 -18.37 -31.39
C LYS F 260 50.79 -17.10 -30.99
N LEU F 261 52.10 -17.20 -30.74
CA LEU F 261 52.94 -16.03 -30.46
C LEU F 261 53.24 -15.23 -31.73
N ALA F 262 53.60 -15.88 -32.84
CA ALA F 262 53.79 -15.19 -34.13
C ALA F 262 52.51 -14.47 -34.60
N ALA F 263 51.35 -15.15 -34.53
CA ALA F 263 50.06 -14.56 -34.86
C ALA F 263 49.75 -13.31 -34.00
N ARG F 264 49.97 -13.39 -32.68
CA ARG F 264 49.75 -12.25 -31.78
C ARG F 264 50.77 -11.12 -31.95
N LEU F 265 52.04 -11.41 -32.24
CA LEU F 265 53.06 -10.39 -32.54
C LEU F 265 52.65 -9.52 -33.74
N ILE F 266 52.16 -10.13 -34.82
CA ILE F 266 51.67 -9.40 -36.00
C ILE F 266 50.33 -8.70 -35.69
N SER F 267 49.43 -9.35 -34.95
CA SER F 267 48.13 -8.77 -34.51
C SER F 267 48.31 -7.49 -33.68
N LEU F 268 49.31 -7.42 -32.79
CA LEU F 268 49.61 -6.24 -31.98
C LEU F 268 50.40 -5.16 -32.75
N ALA F 269 51.22 -5.53 -33.75
CA ALA F 269 51.92 -4.56 -34.59
C ALA F 269 50.99 -3.89 -35.64
N GLY F 270 49.99 -4.64 -36.13
CA GLY F 270 49.10 -4.24 -37.24
C GLY F 270 49.58 -4.71 -38.63
N GLY F 271 50.77 -5.32 -38.71
CA GLY F 271 51.35 -5.84 -39.94
C GLY F 271 52.79 -6.31 -39.78
N LEU F 272 53.26 -7.16 -40.69
CA LEU F 272 54.64 -7.65 -40.71
C LEU F 272 55.65 -6.52 -41.03
N ARG F 273 55.26 -5.52 -41.84
CA ARG F 273 56.07 -4.32 -42.11
C ARG F 273 56.36 -3.56 -40.82
N GLU F 274 55.33 -3.31 -40.00
CA GLU F 274 55.44 -2.64 -38.71
C GLU F 274 56.33 -3.44 -37.75
N LEU F 275 56.15 -4.76 -37.65
CA LEU F 275 56.99 -5.61 -36.79
C LEU F 275 58.45 -5.67 -37.26
N ALA F 276 58.68 -5.70 -38.58
CA ALA F 276 60.00 -5.60 -39.20
C ALA F 276 60.63 -4.19 -39.12
N MET F 277 59.90 -3.18 -38.64
CA MET F 277 60.41 -1.84 -38.35
C MET F 277 60.61 -1.59 -36.85
N MET F 278 59.84 -2.24 -35.96
CA MET F 278 60.00 -2.13 -34.50
C MET F 278 61.36 -2.65 -34.00
N PRO F 279 61.95 -2.03 -32.96
CA PRO F 279 63.20 -2.49 -32.33
C PRO F 279 62.98 -3.60 -31.29
N SER F 280 64.06 -4.29 -30.89
CA SER F 280 64.07 -5.29 -29.80
C SER F 280 63.54 -4.70 -28.49
N SER F 281 63.99 -3.49 -28.13
CA SER F 281 63.51 -2.71 -26.98
C SER F 281 62.14 -2.05 -27.18
N THR F 282 61.32 -2.57 -28.09
CA THR F 282 59.85 -2.38 -28.14
C THR F 282 59.17 -3.75 -28.25
N ILE F 283 59.67 -4.68 -29.08
CA ILE F 283 59.15 -6.06 -29.19
C ILE F 283 59.21 -6.80 -27.84
N GLN F 284 60.16 -6.45 -26.96
CA GLN F 284 60.22 -6.91 -25.57
C GLN F 284 58.89 -6.71 -24.83
N VAL F 285 58.19 -5.60 -25.06
CA VAL F 285 57.00 -5.14 -24.31
C VAL F 285 55.75 -5.00 -25.18
N LEU F 286 55.80 -5.39 -26.45
CA LEU F 286 54.68 -5.28 -27.39
C LEU F 286 53.44 -6.02 -26.85
N GLY F 287 52.32 -5.30 -26.75
CA GLY F 287 51.06 -5.80 -26.18
C GLY F 287 50.83 -5.47 -24.70
N ALA F 288 51.87 -5.08 -23.94
CA ALA F 288 51.75 -4.72 -22.52
C ALA F 288 51.11 -3.34 -22.28
N GLU F 289 50.11 -2.93 -23.08
CA GLU F 289 49.63 -1.53 -23.15
C GLU F 289 48.96 -1.06 -21.85
N LYS F 290 48.21 -1.92 -21.14
CA LYS F 290 47.68 -1.61 -19.78
C LYS F 290 48.78 -1.55 -18.71
N ALA F 291 50.02 -1.96 -18.98
CA ALA F 291 51.19 -1.70 -18.14
C ALA F 291 51.92 -0.41 -18.56
N LEU F 292 52.07 -0.18 -19.87
CA LEU F 292 52.60 1.08 -20.41
C LEU F 292 51.79 2.28 -19.93
N PHE F 293 50.46 2.21 -19.96
CA PHE F 293 49.53 3.24 -19.49
C PHE F 293 49.82 3.67 -18.04
N ARG F 294 49.77 2.71 -17.10
CA ARG F 294 49.97 2.99 -15.67
C ARG F 294 51.40 3.45 -15.35
N HIS F 295 52.40 2.98 -16.09
CA HIS F 295 53.78 3.44 -15.97
C HIS F 295 53.97 4.88 -16.52
N LEU F 296 53.44 5.21 -17.70
CA LEU F 296 53.54 6.53 -18.32
C LEU F 296 52.94 7.63 -17.41
N ARG F 297 51.82 7.31 -16.77
CA ARG F 297 51.07 8.15 -15.83
C ARG F 297 51.75 8.37 -14.45
N THR F 298 52.87 7.69 -14.16
CA THR F 298 53.49 7.68 -12.81
C THR F 298 55.02 7.71 -12.78
N GLY F 299 55.72 7.26 -13.82
CA GLY F 299 57.16 6.99 -13.78
C GLY F 299 57.56 5.90 -12.76
N ALA F 300 56.64 5.00 -12.40
CA ALA F 300 56.82 3.97 -11.38
C ALA F 300 57.57 2.72 -11.92
N LYS F 301 57.11 1.50 -11.61
CA LYS F 301 57.73 0.24 -12.09
C LYS F 301 57.44 0.02 -13.59
N PRO F 302 58.46 -0.17 -14.46
CA PRO F 302 58.25 -0.30 -15.91
C PRO F 302 57.74 -1.70 -16.34
N PRO F 303 57.09 -1.83 -17.52
CA PRO F 303 56.67 -3.11 -18.06
C PRO F 303 57.85 -4.05 -18.37
N LYS F 304 57.70 -5.33 -18.01
CA LYS F 304 58.82 -6.30 -17.94
C LYS F 304 58.96 -7.15 -19.22
N HIS F 305 57.84 -7.66 -19.72
CA HIS F 305 57.69 -8.47 -20.94
C HIS F 305 56.27 -8.35 -21.53
N GLY F 306 56.15 -8.31 -22.85
CA GLY F 306 54.87 -8.26 -23.57
C GLY F 306 54.36 -9.65 -23.94
N VAL F 307 53.72 -9.71 -25.11
CA VAL F 307 53.13 -10.92 -25.73
C VAL F 307 54.06 -12.15 -25.75
N ILE F 308 55.38 -11.94 -25.72
CA ILE F 308 56.42 -12.98 -25.63
C ILE F 308 56.41 -13.77 -24.30
N TYR F 309 55.64 -13.34 -23.29
CA TYR F 309 55.59 -13.99 -21.97
C TYR F 309 55.17 -15.46 -22.04
N GLN F 310 54.15 -15.81 -22.82
CA GLN F 310 53.55 -17.15 -22.89
C GLN F 310 54.40 -18.20 -23.66
N TYR F 311 55.74 -18.06 -23.63
CA TYR F 311 56.72 -18.99 -24.20
C TYR F 311 57.65 -19.54 -23.10
N PRO F 312 58.03 -20.86 -23.12
CA PRO F 312 58.72 -21.51 -22.01
C PRO F 312 60.00 -20.83 -21.49
N ALA F 313 60.78 -20.17 -22.35
CA ALA F 313 61.99 -19.46 -21.89
C ALA F 313 61.70 -18.30 -20.93
N ILE F 314 60.45 -17.80 -20.86
CA ILE F 314 60.02 -16.75 -19.92
C ILE F 314 59.03 -17.31 -18.89
N ASN F 315 57.93 -17.97 -19.28
CA ASN F 315 56.94 -18.47 -18.30
C ASN F 315 57.36 -19.75 -17.54
N ARG F 316 58.53 -20.31 -17.83
CA ARG F 316 59.30 -21.21 -16.94
C ARG F 316 60.82 -20.91 -16.94
N SER F 317 61.15 -19.67 -16.58
CA SER F 317 62.48 -19.24 -16.11
C SER F 317 62.33 -18.29 -14.90
N PRO F 318 63.25 -18.30 -13.92
CA PRO F 318 63.11 -17.53 -12.67
C PRO F 318 62.82 -16.04 -12.91
N TRP F 319 61.99 -15.41 -12.06
CA TRP F 319 61.59 -14.01 -12.24
C TRP F 319 62.77 -13.02 -12.32
N TRP F 320 63.88 -13.31 -11.61
CA TRP F 320 65.17 -12.62 -11.71
C TRP F 320 65.73 -12.50 -13.14
N GLN F 321 65.36 -13.41 -14.05
CA GLN F 321 65.79 -13.44 -15.45
C GLN F 321 64.63 -13.30 -16.47
N ARG F 322 63.37 -13.17 -16.03
CA ARG F 322 62.20 -12.92 -16.92
C ARG F 322 62.21 -11.54 -17.60
N GLY F 323 63.07 -10.61 -17.17
CA GLY F 323 63.42 -9.39 -17.91
C GLY F 323 64.65 -9.58 -18.79
N LYS F 324 65.73 -10.13 -18.23
CA LYS F 324 67.04 -10.35 -18.88
C LYS F 324 66.95 -11.23 -20.15
N ILE F 325 66.08 -12.24 -20.15
CA ILE F 325 65.81 -13.07 -21.35
C ILE F 325 64.97 -12.29 -22.37
N ALA F 326 64.04 -11.45 -21.93
CA ALA F 326 63.05 -10.81 -22.80
C ALA F 326 63.67 -9.82 -23.81
N ARG F 327 64.72 -9.08 -23.45
CA ARG F 327 65.36 -8.10 -24.36
C ARG F 327 66.01 -8.79 -25.56
N ALA F 328 66.89 -9.77 -25.31
CA ALA F 328 67.60 -10.51 -26.36
C ALA F 328 66.67 -11.48 -27.15
N LEU F 329 65.67 -12.08 -26.50
CA LEU F 329 64.66 -12.89 -27.18
C LEU F 329 63.82 -12.04 -28.16
N ALA F 330 63.47 -10.80 -27.75
CA ALA F 330 62.87 -9.83 -28.66
C ALA F 330 63.81 -9.39 -29.80
N GLY F 331 65.13 -9.36 -29.58
CA GLY F 331 66.12 -9.09 -30.63
C GLY F 331 66.17 -10.15 -31.72
N LYS F 332 66.22 -11.43 -31.36
CA LYS F 332 66.20 -12.51 -32.36
C LYS F 332 64.84 -12.65 -33.07
N LEU F 333 63.73 -12.28 -32.41
CA LEU F 333 62.42 -12.10 -33.06
C LEU F 333 62.39 -10.88 -34.00
N ALA F 334 63.03 -9.76 -33.64
CA ALA F 334 63.12 -8.57 -34.47
C ALA F 334 63.88 -8.84 -35.79
N ILE F 335 64.93 -9.67 -35.72
CA ILE F 335 65.64 -10.20 -36.90
C ILE F 335 64.72 -11.16 -37.68
N ALA F 336 64.04 -12.11 -37.03
CA ALA F 336 63.15 -13.05 -37.72
C ALA F 336 62.04 -12.35 -38.55
N ALA F 337 61.42 -11.30 -38.02
CA ALA F 337 60.43 -10.49 -38.75
C ALA F 337 61.04 -9.79 -39.98
N ARG F 338 62.30 -9.31 -39.89
CA ARG F 338 63.02 -8.68 -41.00
C ARG F 338 63.45 -9.69 -42.06
N VAL F 339 63.83 -10.91 -41.67
CA VAL F 339 64.09 -12.03 -42.60
C VAL F 339 62.81 -12.37 -43.36
N ASP F 340 61.67 -12.52 -42.68
CA ASP F 340 60.39 -12.86 -43.30
C ASP F 340 59.81 -11.73 -44.21
N TYR F 341 60.14 -10.46 -43.96
CA TYR F 341 59.67 -9.32 -44.76
C TYR F 341 60.59 -8.96 -45.95
N PHE F 342 61.92 -9.05 -45.77
CA PHE F 342 62.90 -8.60 -46.79
C PHE F 342 63.66 -9.74 -47.49
N SER F 343 63.93 -10.86 -46.81
CA SER F 343 64.95 -11.83 -47.24
C SER F 343 64.34 -13.12 -47.81
N GLY F 344 63.38 -13.71 -47.11
CA GLY F 344 62.60 -14.88 -47.55
C GLY F 344 63.30 -16.24 -47.44
N GLU F 345 64.59 -16.28 -47.07
CA GLU F 345 65.29 -17.53 -46.75
C GLU F 345 64.90 -18.04 -45.35
N TYR F 346 64.95 -19.36 -45.14
CA TYR F 346 64.56 -19.99 -43.87
C TYR F 346 65.79 -20.38 -43.05
N ILE F 347 65.94 -19.79 -41.86
CA ILE F 347 67.11 -19.94 -40.98
C ILE F 347 66.73 -20.21 -39.50
N ALA F 348 65.47 -20.60 -39.24
CA ALA F 348 64.92 -20.72 -37.89
C ALA F 348 65.76 -21.58 -36.93
N GLU F 349 66.34 -22.69 -37.39
CA GLU F 349 67.17 -23.57 -36.56
C GLU F 349 68.50 -22.93 -36.14
N GLU F 350 69.04 -21.99 -36.94
CA GLU F 350 70.22 -21.21 -36.57
C GLU F 350 69.85 -20.06 -35.61
N LEU F 351 68.72 -19.40 -35.83
CA LEU F 351 68.16 -18.44 -34.85
C LEU F 351 67.87 -19.10 -33.50
N LYS F 352 67.45 -20.38 -33.49
CA LYS F 352 67.27 -21.20 -32.28
C LYS F 352 68.62 -21.56 -31.63
N LYS F 353 69.64 -21.98 -32.41
CA LYS F 353 71.02 -22.21 -31.94
C LYS F 353 71.61 -20.94 -31.29
N GLU F 354 71.32 -19.77 -31.87
CA GLU F 354 71.79 -18.46 -31.39
C GLU F 354 71.04 -17.98 -30.14
N LEU F 355 69.71 -18.13 -30.11
CA LEU F 355 68.88 -17.82 -28.93
C LEU F 355 69.21 -18.75 -27.75
N GLU F 356 69.38 -20.05 -28.00
CA GLU F 356 69.85 -20.99 -26.97
C GLU F 356 71.29 -20.68 -26.51
N ALA F 357 72.13 -19.99 -27.29
CA ALA F 357 73.46 -19.56 -26.82
C ALA F 357 73.37 -18.47 -25.73
N ARG F 358 72.49 -17.49 -25.88
CA ARG F 358 72.23 -16.47 -24.84
C ARG F 358 71.49 -17.05 -23.64
N ILE F 359 70.53 -17.96 -23.86
CA ILE F 359 69.83 -18.64 -22.76
C ILE F 359 70.79 -19.55 -21.97
N ARG F 360 71.67 -20.32 -22.63
CA ARG F 360 72.73 -21.12 -21.97
C ARG F 360 73.61 -20.25 -21.05
N GLU F 361 74.01 -19.07 -21.50
CA GLU F 361 74.76 -18.13 -20.66
C GLU F 361 73.95 -17.74 -19.42
N ILE F 362 72.67 -17.41 -19.59
CA ILE F 362 71.75 -17.03 -18.50
C ILE F 362 71.45 -18.21 -17.52
N LYS F 363 71.78 -19.45 -17.88
CA LYS F 363 71.79 -20.63 -16.96
C LYS F 363 73.16 -20.96 -16.35
N GLU F 364 74.26 -20.34 -16.79
CA GLU F 364 75.60 -20.50 -16.20
C GLU F 364 76.02 -19.29 -15.32
N LYS F 365 75.60 -18.09 -15.71
CA LYS F 365 75.85 -16.82 -15.03
C LYS F 365 75.10 -16.69 -13.69
N TYR F 366 73.92 -17.32 -13.56
CA TYR F 366 73.00 -17.19 -12.43
C TYR F 366 72.66 -18.53 -11.74
N LYS G 1 77.86 -9.29 -49.19
CA LYS G 1 77.47 -8.04 -49.89
C LYS G 1 76.19 -7.47 -49.26
N PRO G 2 76.26 -6.37 -48.49
CA PRO G 2 75.07 -5.75 -47.88
C PRO G 2 74.16 -5.14 -48.95
N SER G 3 72.84 -5.27 -48.76
CA SER G 3 71.82 -4.75 -49.70
C SER G 3 71.26 -3.38 -49.33
N TYR G 4 71.46 -2.93 -48.08
CA TYR G 4 70.93 -1.67 -47.54
C TYR G 4 71.72 -0.42 -47.97
N VAL G 5 72.86 -0.58 -48.65
CA VAL G 5 73.69 0.50 -49.22
C VAL G 5 73.13 0.97 -50.57
N LYS G 6 71.98 1.66 -50.53
CA LYS G 6 71.15 2.01 -51.71
C LYS G 6 71.71 3.12 -52.61
N PHE G 7 72.90 3.66 -52.31
CA PHE G 7 73.68 4.48 -53.25
C PHE G 7 75.18 4.24 -53.09
N GLU G 8 75.91 4.24 -54.21
CA GLU G 8 77.38 4.18 -54.23
C GLU G 8 77.97 5.57 -53.94
N VAL G 9 79.05 5.67 -53.15
CA VAL G 9 79.67 6.96 -52.75
C VAL G 9 81.07 7.18 -53.33
N PRO G 10 81.46 8.44 -53.64
CA PRO G 10 82.82 8.79 -54.01
C PRO G 10 83.80 8.67 -52.81
N LYS G 11 85.08 8.97 -53.02
CA LYS G 11 86.14 8.87 -51.99
C LYS G 11 86.13 9.98 -50.92
N GLU G 12 84.95 10.53 -50.65
CA GLU G 12 84.67 11.73 -49.86
C GLU G 12 83.42 11.50 -48.97
N LEU G 13 83.05 12.49 -48.15
CA LEU G 13 81.88 12.50 -47.23
C LEU G 13 81.87 11.45 -46.10
N ALA G 14 82.25 10.18 -46.33
CA ALA G 14 82.13 9.11 -45.33
C ALA G 14 83.04 9.31 -44.10
N GLU G 15 84.33 9.61 -44.31
CA GLU G 15 85.26 10.01 -43.23
C GLU G 15 84.80 11.33 -42.56
N LYS G 16 84.14 12.21 -43.31
CA LYS G 16 83.52 13.44 -42.79
C LYS G 16 82.28 13.18 -41.92
N ALA G 17 81.53 12.11 -42.19
CA ALA G 17 80.43 11.66 -41.33
C ALA G 17 80.95 11.01 -40.04
N LEU G 18 82.08 10.27 -40.09
CA LEU G 18 82.77 9.76 -38.90
C LEU G 18 83.32 10.93 -38.05
N GLN G 19 83.97 11.91 -38.68
CA GLN G 19 84.41 13.17 -38.06
C GLN G 19 83.23 13.94 -37.42
N ALA G 20 82.05 13.96 -38.05
CA ALA G 20 80.84 14.57 -37.51
C ALA G 20 80.34 13.87 -36.22
N VAL G 21 80.63 12.58 -36.01
CA VAL G 21 80.41 11.90 -34.73
C VAL G 21 81.52 12.27 -33.74
N GLU G 22 82.81 12.21 -34.13
CA GLU G 22 83.95 12.53 -33.24
C GLU G 22 83.87 13.93 -32.61
N ILE G 23 83.41 14.95 -33.35
CA ILE G 23 83.27 16.32 -32.82
C ILE G 23 81.91 16.59 -32.15
N ALA G 24 80.92 15.72 -32.35
CA ALA G 24 79.64 15.77 -31.63
C ALA G 24 79.70 15.04 -30.26
N ARG G 25 80.57 14.01 -30.15
CA ARG G 25 80.77 13.12 -28.99
C ARG G 25 80.63 13.83 -27.63
N ASP G 26 81.46 14.84 -27.37
CA ASP G 26 81.50 15.60 -26.10
C ASP G 26 80.78 16.97 -26.16
N THR G 27 80.10 17.31 -27.27
CA THR G 27 79.45 18.62 -27.50
C THR G 27 77.93 18.59 -27.76
N GLY G 28 77.35 17.41 -27.99
CA GLY G 28 75.97 17.24 -28.47
C GLY G 28 75.19 16.06 -27.84
N LYS G 29 74.09 15.68 -28.51
CA LYS G 29 73.20 14.57 -28.12
C LYS G 29 73.20 13.51 -29.23
N ILE G 30 73.56 12.27 -28.88
CA ILE G 30 73.74 11.12 -29.78
C ILE G 30 72.97 9.91 -29.24
N ARG G 31 72.51 9.03 -30.13
CA ARG G 31 71.93 7.71 -29.81
C ARG G 31 72.65 6.64 -30.61
N LYS G 32 73.09 5.56 -29.95
CA LYS G 32 74.05 4.57 -30.50
C LYS G 32 73.56 3.14 -30.30
N GLY G 33 73.84 2.29 -31.29
CA GLY G 33 73.18 1.00 -31.47
C GLY G 33 71.88 1.13 -32.26
N THR G 34 71.48 0.07 -32.95
CA THR G 34 70.39 0.07 -33.94
C THR G 34 69.00 0.18 -33.31
N ASN G 35 68.81 -0.23 -32.06
CA ASN G 35 67.49 -0.12 -31.42
C ASN G 35 67.22 1.31 -30.89
N GLU G 36 68.22 1.98 -30.31
CA GLU G 36 68.14 3.41 -30.00
C GLU G 36 68.18 4.28 -31.28
N THR G 37 68.89 3.86 -32.33
CA THR G 37 68.79 4.49 -33.67
C THR G 37 67.35 4.42 -34.17
N THR G 38 66.70 3.25 -34.05
CA THR G 38 65.31 3.04 -34.46
C THR G 38 64.35 3.92 -33.63
N LYS G 39 64.55 4.02 -32.30
CA LYS G 39 63.80 4.98 -31.46
C LYS G 39 64.01 6.43 -31.91
N ALA G 40 65.25 6.84 -32.22
CA ALA G 40 65.59 8.21 -32.63
C ALA G 40 65.03 8.59 -34.02
N VAL G 41 64.91 7.62 -34.93
CA VAL G 41 64.24 7.80 -36.23
C VAL G 41 62.71 7.81 -36.04
N GLU G 42 62.15 6.85 -35.29
CA GLU G 42 60.70 6.74 -35.05
C GLU G 42 60.13 7.99 -34.36
N ARG G 43 60.83 8.51 -33.34
CA ARG G 43 60.46 9.74 -32.61
C ARG G 43 60.86 11.03 -33.35
N GLY G 44 61.36 10.93 -34.59
CA GLY G 44 61.77 12.07 -35.42
C GLY G 44 62.84 12.97 -34.77
N GLN G 45 63.70 12.41 -33.92
CA GLN G 45 64.72 13.14 -33.17
C GLN G 45 66.04 13.26 -33.96
N ALA G 46 66.37 12.27 -34.80
CA ALA G 46 67.58 12.27 -35.62
C ALA G 46 67.64 13.46 -36.60
N LYS G 47 68.83 14.03 -36.78
CA LYS G 47 69.18 15.03 -37.81
C LYS G 47 70.10 14.43 -38.89
N LEU G 48 70.81 13.35 -38.56
CA LEU G 48 71.56 12.47 -39.46
C LEU G 48 71.55 11.05 -38.85
N VAL G 49 71.44 10.02 -39.70
CA VAL G 49 71.62 8.61 -39.31
C VAL G 49 72.72 7.94 -40.14
N ILE G 50 73.51 7.09 -39.49
CA ILE G 50 74.73 6.47 -40.01
C ILE G 50 74.66 4.95 -39.79
N ILE G 51 74.98 4.14 -40.81
CA ILE G 51 74.98 2.66 -40.76
C ILE G 51 76.36 2.14 -41.20
N ALA G 52 76.86 1.07 -40.56
CA ALA G 52 78.13 0.45 -40.95
C ALA G 52 78.01 -0.48 -42.18
N GLU G 53 79.08 -0.64 -42.96
CA GLU G 53 79.15 -1.52 -44.14
C GLU G 53 79.43 -3.01 -43.82
N ASP G 54 79.77 -3.36 -42.58
CA ASP G 54 80.25 -4.68 -42.15
C ASP G 54 79.30 -5.43 -41.19
N VAL G 55 78.01 -5.08 -41.20
CA VAL G 55 76.97 -5.70 -40.37
C VAL G 55 76.52 -7.04 -40.96
N ASP G 56 76.54 -8.08 -40.14
CA ASP G 56 76.20 -9.46 -40.51
C ASP G 56 75.53 -10.13 -39.29
N PRO G 57 74.27 -10.59 -39.36
CA PRO G 57 73.36 -10.56 -40.51
C PRO G 57 72.91 -9.13 -40.89
N GLU G 58 72.60 -8.90 -42.16
CA GLU G 58 72.10 -7.59 -42.61
C GLU G 58 70.67 -7.31 -42.11
N GLU G 59 69.90 -8.36 -41.83
CA GLU G 59 68.51 -8.29 -41.36
C GLU G 59 68.34 -7.81 -39.90
N ILE G 60 69.36 -7.17 -39.31
CA ILE G 60 69.21 -6.32 -38.10
C ILE G 60 69.10 -4.83 -38.47
N VAL G 61 69.79 -4.36 -39.51
CA VAL G 61 69.78 -2.96 -40.00
C VAL G 61 68.91 -2.73 -41.25
N ALA G 62 68.52 -3.79 -41.94
CA ALA G 62 67.83 -3.76 -43.25
C ALA G 62 66.55 -2.90 -43.33
N HIS G 63 65.91 -2.59 -42.19
CA HIS G 63 64.69 -1.77 -42.10
C HIS G 63 64.95 -0.26 -42.09
N LEU G 64 66.17 0.18 -41.77
CA LEU G 64 66.46 1.61 -41.53
C LEU G 64 66.23 2.51 -42.76
N PRO G 65 66.66 2.17 -44.00
CA PRO G 65 66.48 3.05 -45.15
C PRO G 65 65.02 3.45 -45.43
N PRO G 66 64.04 2.53 -45.61
CA PRO G 66 62.64 2.93 -45.82
C PRO G 66 62.00 3.59 -44.59
N LEU G 67 62.43 3.24 -43.37
CA LEU G 67 61.90 3.82 -42.13
C LEU G 67 62.33 5.28 -41.91
N CYS G 68 63.54 5.66 -42.35
CA CYS G 68 64.04 7.03 -42.27
C CYS G 68 63.68 7.88 -43.49
N GLU G 69 63.51 7.29 -44.67
CA GLU G 69 62.96 7.96 -45.86
C GLU G 69 61.49 8.37 -45.65
N GLU G 70 60.65 7.48 -45.11
CA GLU G 70 59.23 7.76 -44.81
C GLU G 70 59.06 8.82 -43.68
N LYS G 71 60.17 9.27 -43.08
CA LYS G 71 60.24 10.32 -42.04
C LYS G 71 61.12 11.51 -42.42
N GLU G 72 61.56 11.64 -43.68
CA GLU G 72 62.35 12.77 -44.20
C GLU G 72 63.62 13.07 -43.35
N ILE G 73 64.46 12.05 -43.16
CA ILE G 73 65.73 12.11 -42.41
C ILE G 73 66.93 11.87 -43.35
N PRO G 74 68.03 12.63 -43.28
CA PRO G 74 69.27 12.34 -44.02
C PRO G 74 69.97 11.07 -43.52
N TYR G 75 70.45 10.23 -44.45
CA TYR G 75 71.16 8.98 -44.14
C TYR G 75 72.46 8.80 -44.94
N ILE G 76 73.46 8.12 -44.35
CA ILE G 76 74.77 7.82 -44.97
C ILE G 76 75.38 6.52 -44.40
N TYR G 77 76.41 5.99 -45.06
CA TYR G 77 77.10 4.73 -44.72
C TYR G 77 78.58 4.97 -44.37
N VAL G 78 79.17 4.15 -43.49
CA VAL G 78 80.60 4.20 -43.09
C VAL G 78 81.23 2.81 -42.98
N PRO G 79 82.56 2.64 -43.10
CA PRO G 79 83.13 1.33 -43.41
C PRO G 79 83.00 0.23 -42.35
N SER G 80 82.99 0.52 -41.04
CA SER G 80 82.97 -0.54 -40.01
C SER G 80 82.36 -0.17 -38.66
N LYS G 81 81.65 -1.13 -38.05
CA LYS G 81 80.85 -1.01 -36.82
C LYS G 81 81.67 -0.79 -35.54
N LYS G 82 82.91 -1.28 -35.48
CA LYS G 82 83.80 -1.09 -34.31
C LYS G 82 84.32 0.35 -34.26
N GLU G 83 84.73 0.89 -35.39
CA GLU G 83 85.13 2.29 -35.55
C GLU G 83 83.95 3.25 -35.32
N LEU G 84 82.75 2.93 -35.85
CA LEU G 84 81.53 3.72 -35.60
C LEU G 84 81.14 3.76 -34.11
N GLY G 85 81.21 2.62 -33.41
CA GLY G 85 81.00 2.55 -31.95
C GLY G 85 82.03 3.38 -31.16
N ALA G 86 83.31 3.28 -31.52
CA ALA G 86 84.39 4.02 -30.87
C ALA G 86 84.25 5.55 -31.03
N ALA G 87 83.83 6.02 -32.22
CA ALA G 87 83.52 7.43 -32.44
C ALA G 87 82.29 7.88 -31.62
N ALA G 88 81.27 7.02 -31.51
CA ALA G 88 80.06 7.24 -30.70
C ALA G 88 80.27 7.07 -29.17
N GLY G 89 81.53 7.05 -28.70
CA GLY G 89 81.90 7.11 -27.29
C GLY G 89 81.91 5.77 -26.53
N ILE G 90 81.53 4.66 -27.17
CA ILE G 90 81.41 3.33 -26.53
C ILE G 90 82.57 2.40 -26.92
N GLU G 91 82.93 1.45 -26.06
CA GLU G 91 84.09 0.58 -26.31
C GLU G 91 83.79 -0.67 -27.15
N VAL G 92 82.53 -1.06 -27.31
CA VAL G 92 82.09 -2.16 -28.19
C VAL G 92 81.96 -1.68 -29.65
N ALA G 93 80.98 -2.18 -30.40
CA ALA G 93 80.61 -1.73 -31.74
C ALA G 93 79.21 -1.11 -31.75
N ALA G 94 78.83 -0.48 -32.86
CA ALA G 94 77.44 -0.10 -33.15
C ALA G 94 77.12 -0.36 -34.61
N ALA G 95 76.08 -1.15 -34.91
CA ALA G 95 75.64 -1.40 -36.29
C ALA G 95 75.07 -0.13 -36.96
N SER G 96 74.46 0.77 -36.17
CA SER G 96 74.09 2.13 -36.59
C SER G 96 74.12 3.15 -35.44
N VAL G 97 74.17 4.44 -35.80
CA VAL G 97 74.18 5.59 -34.87
C VAL G 97 73.33 6.73 -35.43
N ALA G 98 72.65 7.49 -34.57
CA ALA G 98 71.91 8.71 -34.92
C ALA G 98 72.40 9.93 -34.12
N ILE G 99 72.48 11.08 -34.77
CA ILE G 99 72.83 12.36 -34.15
C ILE G 99 71.55 13.18 -33.95
N ILE G 100 71.23 13.56 -32.70
CA ILE G 100 69.95 14.18 -32.32
C ILE G 100 70.10 15.69 -32.14
N GLU G 101 71.19 16.14 -31.50
CA GLU G 101 71.66 17.52 -31.56
C GLU G 101 73.16 17.51 -31.87
N PRO G 102 73.61 17.92 -33.07
CA PRO G 102 75.01 17.75 -33.47
C PRO G 102 76.06 18.59 -32.70
N GLY G 103 75.65 19.46 -31.77
CA GLY G 103 76.58 20.29 -30.99
C GLY G 103 77.46 21.17 -31.89
N LYS G 104 78.77 20.92 -31.90
CA LYS G 104 79.76 21.55 -32.78
C LYS G 104 79.60 21.15 -34.26
N ALA G 105 79.04 19.97 -34.57
CA ALA G 105 78.92 19.44 -35.92
C ALA G 105 77.72 19.98 -36.75
N ARG G 106 76.93 20.95 -36.25
CA ARG G 106 75.67 21.40 -36.89
C ARG G 106 75.82 21.83 -38.36
N ASP G 107 76.87 22.59 -38.66
CA ASP G 107 77.19 23.07 -40.02
C ASP G 107 77.78 21.99 -40.94
N LEU G 108 78.46 20.98 -40.37
CA LEU G 108 78.99 19.82 -41.08
C LEU G 108 77.89 18.81 -41.40
N VAL G 109 76.93 18.59 -40.49
CA VAL G 109 75.71 17.81 -40.76
C VAL G 109 74.89 18.45 -41.88
N GLU G 110 74.82 19.79 -41.95
CA GLU G 110 74.18 20.49 -43.07
C GLU G 110 74.98 20.38 -44.40
N GLU G 111 76.32 20.34 -44.35
CA GLU G 111 77.14 20.03 -45.54
C GLU G 111 76.85 18.60 -46.05
N ILE G 112 76.86 17.61 -45.15
CA ILE G 112 76.58 16.20 -45.47
C ILE G 112 75.17 16.05 -46.05
N ALA G 113 74.15 16.59 -45.37
CA ALA G 113 72.76 16.49 -45.82
C ALA G 113 72.55 17.12 -47.20
N MET G 114 73.10 18.32 -47.46
CA MET G 114 72.93 19.00 -48.75
C MET G 114 73.72 18.33 -49.88
N LYS G 115 74.91 17.77 -49.61
CA LYS G 115 75.72 17.10 -50.65
C LYS G 115 75.25 15.67 -50.94
N VAL G 116 74.78 14.91 -49.94
CA VAL G 116 74.11 13.61 -50.16
C VAL G 116 72.84 13.81 -51.00
N LYS G 117 72.04 14.84 -50.71
CA LYS G 117 70.84 15.22 -51.49
C LYS G 117 71.13 15.47 -52.98
N GLU G 118 72.35 15.89 -53.35
CA GLU G 118 72.74 16.07 -54.77
C GLU G 118 73.30 14.80 -55.44
N LEU G 119 73.63 13.72 -54.71
CA LEU G 119 74.02 12.42 -55.30
C LEU G 119 72.88 11.36 -55.27
N MET G 120 71.79 11.61 -54.53
CA MET G 120 70.55 10.82 -54.59
C MET G 120 69.71 11.13 -55.85
N LYS G 121 70.36 11.29 -57.01
CA LYS G 121 69.81 11.76 -58.29
C LYS G 121 70.32 10.90 -59.46
N MET H 1 35.48 -64.99 -8.56
CA MET H 1 35.94 -66.28 -9.11
C MET H 1 36.41 -66.05 -10.54
N VAL H 2 37.65 -66.45 -10.85
CA VAL H 2 38.25 -66.54 -12.20
C VAL H 2 39.31 -67.65 -12.23
N GLU H 3 39.60 -68.22 -13.40
CA GLU H 3 40.66 -69.23 -13.61
C GLU H 3 41.44 -68.97 -14.92
N VAL H 4 42.61 -69.59 -15.11
CA VAL H 4 43.48 -69.38 -16.30
C VAL H 4 44.03 -70.71 -16.84
N LYS H 5 44.04 -70.87 -18.17
CA LYS H 5 44.50 -72.06 -18.92
C LYS H 5 45.30 -71.66 -20.18
N LYS H 6 46.10 -72.56 -20.76
CA LYS H 6 46.80 -72.35 -22.05
C LYS H 6 45.83 -72.45 -23.25
N HIS H 7 46.15 -71.79 -24.36
CA HIS H 7 45.44 -71.94 -25.65
C HIS H 7 46.16 -72.97 -26.55
N LYS H 8 45.75 -73.09 -27.83
CA LYS H 8 46.43 -73.93 -28.83
C LYS H 8 47.67 -73.28 -29.45
N PHE H 9 47.83 -71.95 -29.32
CA PHE H 9 48.95 -71.20 -29.88
C PHE H 9 49.99 -70.81 -28.80
N PRO H 10 51.30 -70.78 -29.14
CA PRO H 10 52.36 -70.50 -28.17
C PRO H 10 52.25 -69.08 -27.59
N GLY H 11 52.33 -68.98 -26.26
CA GLY H 11 52.19 -67.71 -25.52
C GLY H 11 50.76 -67.18 -25.38
N VAL H 12 49.77 -67.80 -26.03
CA VAL H 12 48.35 -67.41 -25.94
C VAL H 12 47.67 -68.22 -24.83
N TYR H 13 46.77 -67.56 -24.09
CA TYR H 13 46.08 -68.09 -22.92
C TYR H 13 44.56 -67.91 -23.04
N VAL H 14 43.83 -68.61 -22.17
CA VAL H 14 42.37 -68.53 -21.98
C VAL H 14 42.11 -68.21 -20.52
N VAL H 15 41.18 -67.31 -20.25
CA VAL H 15 40.64 -67.04 -18.91
C VAL H 15 39.20 -67.55 -18.82
N ILE H 16 38.84 -68.01 -17.62
CA ILE H 16 37.49 -68.47 -17.26
C ILE H 16 36.85 -67.40 -16.36
N ASP H 17 35.64 -66.96 -16.72
CA ASP H 17 34.92 -65.87 -16.03
C ASP H 17 33.92 -66.38 -14.97
N ASP H 18 33.28 -65.48 -14.22
CA ASP H 18 32.51 -65.83 -13.01
C ASP H 18 31.17 -66.56 -13.24
N ASP H 19 30.77 -66.77 -14.50
CA ASP H 19 29.71 -67.72 -14.90
C ASP H 19 30.26 -69.12 -15.25
N GLY H 20 31.52 -69.19 -15.73
CA GLY H 20 32.16 -70.35 -16.34
C GLY H 20 32.56 -70.19 -17.82
N SER H 21 32.31 -69.04 -18.47
CA SER H 21 32.60 -68.81 -19.89
C SER H 21 34.10 -68.60 -20.19
N GLU H 22 34.54 -69.05 -21.37
CA GLU H 22 35.93 -68.95 -21.84
C GLU H 22 36.15 -67.69 -22.68
N LYS H 23 37.28 -66.99 -22.46
CA LYS H 23 37.70 -65.76 -23.21
C LYS H 23 39.23 -65.74 -23.41
N ILE H 24 39.74 -65.17 -24.50
CA ILE H 24 41.20 -65.20 -24.84
C ILE H 24 42.04 -64.10 -24.15
N ALA H 25 43.30 -64.41 -23.85
CA ALA H 25 44.21 -63.60 -23.02
C ALA H 25 45.71 -63.86 -23.32
N THR H 26 46.60 -63.09 -22.67
CA THR H 26 48.07 -63.29 -22.67
C THR H 26 48.69 -63.06 -21.28
N LYS H 27 49.91 -63.57 -21.05
CA LYS H 27 50.71 -63.34 -19.83
C LYS H 27 51.39 -61.97 -19.88
N ASN H 28 51.17 -61.11 -18.89
CA ASN H 28 51.67 -59.73 -18.89
C ASN H 28 53.21 -59.66 -18.85
N LEU H 29 53.83 -59.01 -19.83
CA LEU H 29 55.29 -58.79 -19.93
C LEU H 29 55.86 -57.97 -18.75
N VAL H 30 55.06 -57.11 -18.12
CA VAL H 30 55.46 -56.27 -16.96
C VAL H 30 54.33 -56.21 -15.89
N PRO H 31 54.31 -57.13 -14.92
CA PRO H 31 53.24 -57.23 -13.92
C PRO H 31 53.01 -55.96 -13.08
N GLY H 32 51.73 -55.58 -12.95
CA GLY H 32 51.27 -54.31 -12.34
C GLY H 32 50.86 -53.25 -13.36
N GLN H 33 51.47 -53.25 -14.56
CA GLN H 33 51.10 -52.34 -15.65
C GLN H 33 49.69 -52.65 -16.18
N ARG H 34 48.89 -51.62 -16.50
CA ARG H 34 47.73 -51.69 -17.41
C ARG H 34 48.15 -51.06 -18.75
N VAL H 35 47.73 -51.62 -19.88
CA VAL H 35 48.41 -51.40 -21.17
C VAL H 35 47.49 -50.76 -22.23
N TYR H 36 46.18 -51.01 -22.17
CA TYR H 36 45.18 -50.31 -23.00
C TYR H 36 43.86 -50.05 -22.27
N GLY H 37 43.90 -49.93 -20.94
CA GLY H 37 42.71 -49.73 -20.09
C GLY H 37 41.87 -50.99 -19.93
N GLU H 38 42.52 -52.16 -19.83
CA GLU H 38 41.91 -53.47 -19.97
C GLU H 38 41.71 -54.24 -18.64
N ARG H 39 41.02 -55.38 -18.72
CA ARG H 39 40.83 -56.34 -17.62
C ARG H 39 42.10 -57.19 -17.41
N VAL H 40 42.64 -57.16 -16.19
CA VAL H 40 43.88 -57.85 -15.80
C VAL H 40 43.72 -58.52 -14.44
N ILE H 41 44.21 -59.75 -14.28
CA ILE H 41 44.06 -60.62 -13.11
C ILE H 41 45.36 -61.35 -12.74
N LYS H 42 45.49 -61.78 -11.48
CA LYS H 42 46.63 -62.59 -10.99
C LYS H 42 46.23 -64.06 -10.78
N TRP H 43 47.18 -64.97 -10.99
CA TRP H 43 47.02 -66.43 -10.91
C TRP H 43 48.18 -67.04 -10.09
N GLU H 44 48.64 -68.26 -10.41
CA GLU H 44 49.80 -68.89 -9.76
C GLU H 44 51.09 -68.11 -10.05
N GLY H 45 51.46 -67.19 -9.15
CA GLY H 45 52.69 -66.37 -9.21
C GLY H 45 52.72 -65.25 -10.26
N GLU H 46 51.82 -65.29 -11.25
CA GLU H 46 51.90 -64.51 -12.49
C GLU H 46 50.63 -63.68 -12.76
N GLU H 47 50.72 -62.73 -13.68
CA GLU H 47 49.62 -61.82 -14.05
C GLU H 47 49.23 -61.97 -15.53
N TYR H 48 47.93 -61.96 -15.81
CA TYR H 48 47.32 -62.29 -17.10
C TYR H 48 46.28 -61.24 -17.52
N ARG H 49 46.24 -60.89 -18.80
CA ARG H 49 45.50 -59.74 -19.35
C ARG H 49 44.63 -60.10 -20.57
N ILE H 50 43.42 -59.56 -20.63
CA ILE H 50 42.40 -59.91 -21.63
C ILE H 50 42.78 -59.42 -23.04
N TRP H 51 42.47 -60.21 -24.07
CA TRP H 51 42.57 -59.81 -25.48
C TRP H 51 41.17 -59.45 -25.99
N ASN H 52 40.83 -58.16 -26.02
CA ASN H 52 39.51 -57.69 -26.43
C ASN H 52 39.37 -57.70 -27.98
N PRO H 53 38.43 -58.47 -28.56
CA PRO H 53 38.31 -58.61 -30.02
C PRO H 53 37.83 -57.34 -30.73
N HIS H 54 37.15 -56.42 -30.03
CA HIS H 54 36.71 -55.14 -30.61
C HIS H 54 37.83 -54.09 -30.65
N ARG H 55 38.74 -54.11 -29.67
CA ARG H 55 39.76 -53.06 -29.46
C ARG H 55 41.15 -53.46 -29.94
N SER H 56 41.47 -54.74 -29.91
CA SER H 56 42.78 -55.33 -30.26
C SER H 56 42.60 -56.28 -31.45
N LYS H 57 42.19 -55.71 -32.59
CA LYS H 57 41.34 -56.30 -33.65
C LYS H 57 41.70 -57.71 -34.11
N LEU H 58 42.98 -58.06 -34.13
CA LEU H 58 43.50 -59.41 -34.41
C LEU H 58 42.78 -60.51 -33.59
N GLY H 59 42.36 -60.21 -32.35
CA GLY H 59 41.59 -61.13 -31.50
C GLY H 59 40.27 -61.61 -32.11
N ALA H 60 39.57 -60.77 -32.90
CA ALA H 60 38.36 -61.19 -33.61
C ALA H 60 38.65 -62.25 -34.68
N ALA H 61 39.80 -62.16 -35.37
CA ALA H 61 40.23 -63.17 -36.33
C ALA H 61 40.60 -64.50 -35.65
N ILE H 62 41.23 -64.46 -34.47
CA ILE H 62 41.53 -65.66 -33.65
C ILE H 62 40.23 -66.41 -33.29
N VAL H 63 39.16 -65.69 -32.95
CA VAL H 63 37.85 -66.31 -32.64
C VAL H 63 37.13 -66.80 -33.90
N ASN H 64 37.14 -66.04 -35.00
CA ASN H 64 36.36 -66.36 -36.20
C ASN H 64 36.94 -67.45 -37.12
N GLY H 65 38.27 -67.70 -37.12
CA GLY H 65 38.82 -68.80 -37.94
C GLY H 65 40.31 -68.84 -38.23
N LEU H 66 41.15 -68.00 -37.61
CA LEU H 66 42.60 -67.97 -37.83
C LEU H 66 43.27 -69.30 -37.41
N LYS H 67 43.93 -69.96 -38.36
CA LYS H 67 44.80 -71.14 -38.16
C LYS H 67 46.27 -70.74 -38.23
N ASN H 68 46.62 -69.85 -39.17
CA ASN H 68 47.99 -69.47 -39.48
C ASN H 68 48.48 -68.37 -38.52
N PHE H 69 49.01 -68.78 -37.36
CA PHE H 69 49.58 -67.91 -36.33
C PHE H 69 51.12 -68.07 -36.27
N PRO H 70 51.91 -67.27 -37.02
CA PRO H 70 53.33 -67.58 -37.29
C PRO H 70 54.31 -67.21 -36.16
N ILE H 71 53.91 -66.37 -35.20
CA ILE H 71 54.82 -65.85 -34.16
C ILE H 71 55.10 -66.86 -33.03
N LYS H 72 56.29 -66.74 -32.44
CA LYS H 72 56.79 -67.53 -31.31
C LYS H 72 57.64 -66.63 -30.38
N PRO H 73 57.86 -67.01 -29.10
CA PRO H 73 58.89 -66.37 -28.28
C PRO H 73 60.27 -66.41 -28.96
N GLY H 74 61.09 -65.39 -28.75
CA GLY H 74 62.45 -65.30 -29.27
C GLY H 74 62.57 -64.93 -30.77
N LYS H 75 61.46 -64.61 -31.45
CA LYS H 75 61.43 -64.20 -32.86
C LYS H 75 61.47 -62.67 -33.06
N SER H 76 61.66 -62.24 -34.31
CA SER H 76 61.73 -60.83 -34.71
C SER H 76 60.53 -60.41 -35.56
N VAL H 77 59.88 -59.30 -35.22
CA VAL H 77 58.65 -58.83 -35.88
C VAL H 77 58.62 -57.31 -36.08
N LEU H 78 58.09 -56.90 -37.24
CA LEU H 78 57.76 -55.51 -37.58
C LEU H 78 56.25 -55.31 -37.46
N TYR H 79 55.80 -54.29 -36.72
CA TYR H 79 54.40 -53.92 -36.55
C TYR H 79 54.15 -52.52 -37.12
N LEU H 80 53.30 -52.43 -38.14
CA LEU H 80 52.92 -51.17 -38.80
C LEU H 80 51.53 -50.76 -38.30
N GLY H 81 51.39 -49.56 -37.74
CA GLY H 81 50.15 -49.07 -37.13
C GLY H 81 50.02 -49.48 -35.66
N ILE H 82 51.09 -49.31 -34.87
CA ILE H 82 51.11 -49.76 -33.48
C ILE H 82 50.15 -48.95 -32.56
N ALA H 83 49.71 -47.75 -32.99
CA ALA H 83 48.83 -46.88 -32.23
C ALA H 83 49.28 -46.71 -30.77
N SER H 84 48.37 -46.78 -29.79
CA SER H 84 48.70 -46.78 -28.36
C SER H 84 48.96 -48.19 -27.81
N GLY H 85 49.30 -49.16 -28.66
CA GLY H 85 49.67 -50.53 -28.28
C GLY H 85 48.52 -51.52 -28.11
N THR H 86 47.29 -51.17 -28.50
CA THR H 86 46.06 -51.98 -28.30
C THR H 86 46.22 -53.43 -28.75
N THR H 87 46.54 -53.67 -30.01
CA THR H 87 46.81 -55.02 -30.54
C THR H 87 48.22 -55.50 -30.17
N ALA H 88 49.24 -54.66 -30.38
CA ALA H 88 50.64 -55.07 -30.31
C ALA H 88 51.14 -55.43 -28.89
N SER H 89 50.49 -54.95 -27.83
CA SER H 89 50.76 -55.36 -26.45
C SER H 89 50.68 -56.89 -26.27
N HIS H 90 49.80 -57.56 -27.00
CA HIS H 90 49.68 -59.02 -26.99
C HIS H 90 50.82 -59.74 -27.72
N VAL H 91 51.38 -59.16 -28.80
CA VAL H 91 52.60 -59.75 -29.40
C VAL H 91 53.85 -59.48 -28.54
N SER H 92 53.92 -58.34 -27.85
CA SER H 92 54.94 -58.05 -26.83
C SER H 92 54.92 -59.05 -25.65
N ASP H 93 53.73 -59.50 -25.23
CA ASP H 93 53.58 -60.57 -24.24
C ASP H 93 54.07 -61.95 -24.74
N ILE H 94 53.86 -62.26 -26.02
CA ILE H 94 54.15 -63.57 -26.64
C ILE H 94 55.63 -63.71 -27.07
N VAL H 95 56.22 -62.63 -27.59
CA VAL H 95 57.56 -62.62 -28.21
C VAL H 95 58.69 -62.62 -27.15
N GLY H 96 58.41 -62.16 -25.93
CA GLY H 96 59.33 -62.25 -24.79
C GLY H 96 60.52 -61.29 -24.84
N TRP H 97 61.54 -61.52 -24.01
CA TRP H 97 62.71 -60.62 -23.86
C TRP H 97 63.86 -60.92 -24.83
N GLU H 98 64.00 -62.18 -25.26
CA GLU H 98 64.95 -62.56 -26.33
C GLU H 98 64.44 -62.16 -27.73
N GLY H 99 63.13 -61.96 -27.89
CA GLY H 99 62.50 -61.53 -29.14
C GLY H 99 62.43 -60.00 -29.29
N LYS H 100 62.15 -59.54 -30.51
CA LYS H 100 62.27 -58.11 -30.91
C LYS H 100 61.00 -57.62 -31.61
N ILE H 101 60.43 -56.49 -31.16
CA ILE H 101 59.28 -55.83 -31.77
C ILE H 101 59.63 -54.39 -32.18
N TYR H 102 59.55 -54.09 -33.48
CA TYR H 102 59.61 -52.71 -33.99
C TYR H 102 58.19 -52.19 -34.23
N GLY H 103 57.81 -51.05 -33.65
CA GLY H 103 56.46 -50.50 -33.71
C GLY H 103 56.37 -49.14 -34.39
N ILE H 104 55.80 -49.10 -35.60
CA ILE H 104 55.67 -47.88 -36.42
C ILE H 104 54.27 -47.29 -36.25
N GLU H 105 54.17 -45.98 -36.03
CA GLU H 105 52.92 -45.21 -36.04
C GLU H 105 53.18 -43.80 -36.58
N PHE H 106 52.23 -43.23 -37.34
CA PHE H 106 52.36 -41.88 -37.90
C PHE H 106 51.80 -40.81 -36.96
N SER H 107 50.74 -41.14 -36.22
CA SER H 107 49.90 -40.22 -35.45
C SER H 107 50.56 -39.84 -34.11
N PRO H 108 51.21 -38.66 -33.94
CA PRO H 108 52.23 -38.49 -32.90
C PRO H 108 51.69 -38.61 -31.47
N ARG H 109 50.54 -37.99 -31.18
CA ARG H 109 49.84 -38.08 -29.89
C ARG H 109 49.37 -39.50 -29.55
N VAL H 110 49.13 -40.37 -30.54
CA VAL H 110 48.72 -41.77 -30.29
C VAL H 110 49.91 -42.62 -29.84
N LEU H 111 51.06 -42.46 -30.52
CA LEU H 111 52.33 -43.08 -30.11
C LEU H 111 52.86 -42.50 -28.80
N ARG H 112 52.59 -41.22 -28.51
CA ARG H 112 52.96 -40.54 -27.25
C ARG H 112 52.40 -41.22 -26.01
N GLU H 113 51.20 -41.81 -26.09
CA GLU H 113 50.60 -42.58 -24.98
C GLU H 113 51.15 -44.02 -24.84
N LEU H 114 51.94 -44.48 -25.82
CA LEU H 114 52.69 -45.74 -25.75
C LEU H 114 54.12 -45.54 -25.23
N VAL H 115 54.72 -44.36 -25.42
CA VAL H 115 56.11 -44.06 -24.98
C VAL H 115 56.34 -44.31 -23.47
N PRO H 116 55.48 -43.88 -22.53
CA PRO H 116 55.62 -44.24 -21.11
C PRO H 116 55.46 -45.74 -20.83
N ILE H 117 54.60 -46.43 -21.59
CA ILE H 117 54.37 -47.88 -21.44
C ILE H 117 55.59 -48.69 -21.89
N VAL H 118 56.29 -48.25 -22.96
CA VAL H 118 57.55 -48.88 -23.44
C VAL H 118 58.80 -48.35 -22.74
N GLU H 119 58.66 -47.40 -21.81
CA GLU H 119 59.68 -47.09 -20.79
C GLU H 119 59.82 -48.24 -19.76
N GLU H 120 58.81 -49.14 -19.70
CA GLU H 120 58.84 -50.45 -19.03
C GLU H 120 58.87 -51.63 -20.02
N ARG H 121 58.02 -51.63 -21.07
CA ARG H 121 57.93 -52.68 -22.12
C ARG H 121 59.06 -52.55 -23.16
N ARG H 122 60.30 -52.70 -22.70
CA ARG H 122 61.53 -52.46 -23.48
C ARG H 122 61.84 -53.54 -24.54
N ASN H 123 60.92 -54.47 -24.81
CA ASN H 123 60.95 -55.33 -26.01
C ASN H 123 60.27 -54.69 -27.24
N ILE H 124 59.57 -53.55 -27.07
CA ILE H 124 59.02 -52.73 -28.15
C ILE H 124 59.89 -51.48 -28.35
N ILE H 125 60.21 -51.14 -29.61
CA ILE H 125 60.80 -49.84 -29.98
C ILE H 125 59.72 -48.96 -30.65
N PRO H 126 59.44 -47.74 -30.15
CA PRO H 126 58.47 -46.82 -30.76
C PRO H 126 59.14 -46.00 -31.88
N ILE H 127 58.58 -46.06 -33.10
CA ILE H 127 59.10 -45.38 -34.30
C ILE H 127 58.01 -44.51 -34.93
N LEU H 128 58.22 -43.20 -34.98
CA LEU H 128 57.31 -42.26 -35.64
C LEU H 128 57.53 -42.26 -37.16
N GLY H 129 56.52 -42.62 -37.95
CA GLY H 129 56.55 -42.52 -39.42
C GLY H 129 55.29 -43.04 -40.11
N ASP H 130 55.03 -42.57 -41.34
CA ASP H 130 54.01 -43.13 -42.23
C ASP H 130 54.54 -44.43 -42.86
N ALA H 131 53.84 -45.55 -42.70
CA ALA H 131 54.22 -46.85 -43.27
C ALA H 131 54.22 -46.85 -44.82
N THR H 132 53.56 -45.87 -45.44
CA THR H 132 53.57 -45.58 -46.89
C THR H 132 54.88 -44.93 -47.36
N LYS H 133 55.76 -44.54 -46.41
CA LYS H 133 57.10 -43.94 -46.64
C LYS H 133 58.21 -44.75 -45.94
N PRO H 134 58.34 -46.07 -46.20
CA PRO H 134 59.17 -46.97 -45.39
C PRO H 134 60.68 -46.64 -45.42
N GLU H 135 61.16 -45.95 -46.44
CA GLU H 135 62.52 -45.41 -46.48
C GLU H 135 62.84 -44.52 -45.28
N GLU H 136 61.86 -43.78 -44.74
CA GLU H 136 62.04 -42.90 -43.57
C GLU H 136 62.22 -43.66 -42.23
N TYR H 137 62.27 -45.00 -42.23
CA TYR H 137 62.78 -45.81 -41.12
C TYR H 137 63.79 -46.92 -41.53
N ARG H 138 64.38 -46.83 -42.73
CA ARG H 138 65.36 -47.82 -43.28
C ARG H 138 66.56 -48.15 -42.39
N ALA H 139 67.01 -47.19 -41.57
CA ALA H 139 68.20 -47.31 -40.69
C ALA H 139 67.88 -47.73 -39.24
N LEU H 140 66.59 -47.89 -38.89
CA LEU H 140 66.13 -48.04 -37.50
C LEU H 140 65.70 -49.47 -37.10
N VAL H 141 65.73 -50.42 -38.04
CA VAL H 141 65.25 -51.80 -37.84
C VAL H 141 66.15 -52.81 -38.57
N THR H 142 66.12 -54.07 -38.14
CA THR H 142 66.76 -55.21 -38.83
C THR H 142 65.84 -55.82 -39.90
N LYS H 143 66.30 -56.90 -40.57
CA LYS H 143 65.38 -57.87 -41.18
C LYS H 143 64.57 -58.58 -40.08
N VAL H 144 63.41 -59.13 -40.42
CA VAL H 144 62.44 -59.76 -39.49
C VAL H 144 61.92 -61.11 -39.98
N ASP H 145 61.40 -61.95 -39.06
CA ASP H 145 60.67 -63.20 -39.37
C ASP H 145 59.24 -62.95 -39.86
N VAL H 146 58.59 -61.91 -39.33
CA VAL H 146 57.16 -61.61 -39.54
C VAL H 146 56.91 -60.10 -39.70
N ILE H 147 55.93 -59.74 -40.53
CA ILE H 147 55.33 -58.39 -40.56
C ILE H 147 53.85 -58.47 -40.16
N PHE H 148 53.37 -57.52 -39.34
CA PHE H 148 51.95 -57.25 -39.12
C PHE H 148 51.60 -55.81 -39.53
N GLU H 149 50.43 -55.60 -40.12
CA GLU H 149 49.91 -54.27 -40.49
C GLU H 149 48.47 -54.02 -40.02
N ASP H 150 48.28 -52.88 -39.37
CA ASP H 150 47.06 -52.40 -38.67
C ASP H 150 46.82 -50.88 -38.96
N VAL H 151 47.56 -50.26 -39.90
CA VAL H 151 47.39 -48.84 -40.30
C VAL H 151 46.11 -48.60 -41.09
N ALA H 152 45.62 -49.63 -41.80
CA ALA H 152 44.33 -49.65 -42.48
C ALA H 152 44.12 -48.48 -43.47
N GLN H 153 45.11 -48.23 -44.34
CA GLN H 153 45.15 -47.10 -45.29
C GLN H 153 44.65 -47.46 -46.71
N PRO H 154 44.28 -46.49 -47.57
CA PRO H 154 43.65 -46.76 -48.87
C PRO H 154 44.42 -47.65 -49.86
N THR H 155 45.75 -47.73 -49.72
CA THR H 155 46.66 -48.53 -50.58
C THR H 155 47.43 -49.60 -49.80
N GLN H 156 46.91 -50.02 -48.63
CA GLN H 156 47.65 -50.82 -47.64
C GLN H 156 48.24 -52.16 -48.16
N ALA H 157 47.67 -52.76 -49.21
CA ALA H 157 48.24 -53.94 -49.87
C ALA H 157 49.67 -53.68 -50.41
N LYS H 158 49.94 -52.49 -50.96
CA LYS H 158 51.28 -52.08 -51.41
C LYS H 158 52.23 -51.82 -50.23
N ILE H 159 51.72 -51.26 -49.13
CA ILE H 159 52.50 -51.05 -47.89
C ILE H 159 53.08 -52.36 -47.39
N LEU H 160 52.27 -53.44 -47.34
CA LEU H 160 52.73 -54.78 -46.97
C LEU H 160 53.79 -55.32 -47.94
N ILE H 161 53.59 -55.18 -49.25
CA ILE H 161 54.54 -55.66 -50.28
C ILE H 161 55.91 -54.97 -50.16
N ASP H 162 55.95 -53.64 -50.08
CA ASP H 162 57.22 -52.91 -50.12
C ASP H 162 57.97 -52.98 -48.78
N ASN H 163 57.27 -53.07 -47.64
CA ASN H 163 57.90 -53.44 -46.36
C ASN H 163 58.41 -54.89 -46.39
N ALA H 164 57.74 -55.83 -47.07
CA ALA H 164 58.23 -57.20 -47.24
C ALA H 164 59.45 -57.31 -48.18
N LYS H 165 59.62 -56.40 -49.14
CA LYS H 165 60.90 -56.25 -49.86
C LYS H 165 62.02 -55.81 -48.91
N ALA H 166 61.83 -54.71 -48.19
CA ALA H 166 62.87 -54.08 -47.37
C ALA H 166 63.28 -54.85 -46.09
N TYR H 167 62.34 -55.57 -45.46
CA TYR H 167 62.52 -56.10 -44.10
C TYR H 167 62.27 -57.61 -43.92
N LEU H 168 61.39 -58.26 -44.69
CA LEU H 168 61.04 -59.66 -44.42
C LEU H 168 62.09 -60.66 -44.97
N LYS H 169 62.48 -61.67 -44.17
CA LYS H 169 63.42 -62.73 -44.58
C LYS H 169 62.78 -63.74 -45.55
N ARG H 170 63.59 -64.49 -46.30
CA ARG H 170 63.17 -65.60 -47.19
C ARG H 170 62.23 -66.57 -46.48
N GLY H 171 61.10 -66.93 -47.09
CA GLY H 171 60.08 -67.77 -46.46
C GLY H 171 59.33 -67.15 -45.27
N GLY H 172 59.58 -65.88 -44.90
CA GLY H 172 58.93 -65.21 -43.77
C GLY H 172 57.46 -64.88 -44.02
N TYR H 173 56.70 -64.59 -42.96
CA TYR H 173 55.25 -64.43 -43.01
C TYR H 173 54.78 -62.97 -42.89
N GLY H 174 53.61 -62.67 -43.45
CA GLY H 174 52.94 -61.37 -43.36
C GLY H 174 51.48 -61.51 -42.91
N MET H 175 50.99 -60.55 -42.14
CA MET H 175 49.62 -60.49 -41.63
C MET H 175 49.08 -59.06 -41.76
N ILE H 176 47.80 -58.89 -42.09
CA ILE H 176 47.24 -57.58 -42.45
C ILE H 176 45.75 -57.45 -42.12
N ALA H 177 45.36 -56.41 -41.38
CA ALA H 177 43.98 -56.07 -41.05
C ALA H 177 43.43 -55.00 -42.01
N VAL H 178 42.34 -55.32 -42.73
CA VAL H 178 41.84 -54.51 -43.87
C VAL H 178 40.48 -53.89 -43.55
N LYS H 179 40.40 -52.56 -43.61
CA LYS H 179 39.21 -51.75 -43.29
C LYS H 179 38.58 -51.23 -44.59
N SER H 180 37.51 -51.85 -45.07
CA SER H 180 36.96 -51.59 -46.42
C SER H 180 36.72 -50.12 -46.68
N ARG H 181 36.05 -49.39 -45.76
CA ARG H 181 35.71 -47.97 -45.92
C ARG H 181 36.89 -46.98 -45.92
N SER H 182 38.12 -47.45 -45.72
CA SER H 182 39.35 -46.70 -46.01
C SER H 182 39.70 -46.74 -47.51
N ILE H 183 39.46 -47.88 -48.15
CA ILE H 183 39.74 -48.12 -49.57
C ILE H 183 38.55 -47.69 -50.44
N ASP H 184 37.33 -48.10 -50.09
CA ASP H 184 36.06 -47.66 -50.71
C ASP H 184 34.86 -47.87 -49.77
N VAL H 185 33.92 -46.91 -49.75
CA VAL H 185 32.70 -46.91 -48.92
C VAL H 185 31.40 -46.84 -49.77
N THR H 186 31.53 -46.84 -51.10
CA THR H 186 30.42 -46.75 -52.06
C THR H 186 30.04 -48.12 -52.62
N LYS H 187 31.01 -49.04 -52.79
CA LYS H 187 30.80 -50.41 -53.31
C LYS H 187 30.60 -51.47 -52.21
N GLU H 188 30.21 -52.69 -52.62
CA GLU H 188 30.14 -53.89 -51.78
C GLU H 188 31.54 -54.28 -51.25
N PRO H 189 31.76 -54.40 -49.93
CA PRO H 189 33.07 -54.73 -49.33
C PRO H 189 33.76 -55.98 -49.89
N GLU H 190 33.03 -57.02 -50.30
CA GLU H 190 33.66 -58.19 -50.94
C GLU H 190 34.37 -57.85 -52.27
N GLN H 191 34.00 -56.76 -52.96
CA GLN H 191 34.76 -56.26 -54.12
C GLN H 191 36.07 -55.58 -53.69
N VAL H 192 36.07 -54.86 -52.57
CA VAL H 192 37.29 -54.26 -51.99
C VAL H 192 38.25 -55.37 -51.56
N PHE H 193 37.75 -56.39 -50.86
CA PHE H 193 38.56 -57.54 -50.48
C PHE H 193 39.02 -58.37 -51.70
N LYS H 194 38.30 -58.35 -52.84
CA LYS H 194 38.75 -58.94 -54.11
C LYS H 194 39.90 -58.15 -54.78
N GLU H 195 39.97 -56.83 -54.63
CA GLU H 195 41.14 -56.05 -55.07
C GLU H 195 42.37 -56.32 -54.16
N VAL H 196 42.17 -56.50 -52.85
CA VAL H 196 43.27 -56.94 -51.97
C VAL H 196 43.70 -58.38 -52.28
N GLU H 197 42.76 -59.28 -52.57
CA GLU H 197 43.01 -60.67 -53.00
C GLU H 197 43.92 -60.73 -54.25
N ARG H 198 43.69 -59.86 -55.26
CA ARG H 198 44.49 -59.84 -56.50
C ARG H 198 45.84 -59.11 -56.40
N GLU H 199 46.04 -58.24 -55.40
CA GLU H 199 47.32 -57.54 -55.19
C GLU H 199 48.28 -58.37 -54.31
N LEU H 200 47.79 -58.97 -53.21
CA LEU H 200 48.61 -59.87 -52.37
C LEU H 200 49.10 -61.07 -53.19
N SER H 201 48.25 -61.63 -54.04
CA SER H 201 48.62 -62.71 -54.98
C SER H 201 49.42 -62.24 -56.20
N GLU H 202 49.87 -60.98 -56.26
CA GLU H 202 50.82 -60.50 -57.28
C GLU H 202 52.28 -60.48 -56.75
N TYR H 203 52.51 -60.76 -55.44
CA TYR H 203 53.85 -60.84 -54.85
C TYR H 203 54.06 -61.94 -53.77
N PHE H 204 52.99 -62.49 -53.17
CA PHE H 204 53.07 -63.48 -52.09
C PHE H 204 52.43 -64.84 -52.45
N GLU H 205 52.65 -65.83 -51.60
CA GLU H 205 51.74 -66.98 -51.43
C GLU H 205 50.71 -66.64 -50.34
N VAL H 206 49.40 -66.79 -50.62
CA VAL H 206 48.31 -66.45 -49.69
C VAL H 206 47.81 -67.71 -48.98
N ILE H 207 47.64 -67.66 -47.66
CA ILE H 207 47.33 -68.85 -46.83
C ILE H 207 46.14 -68.67 -45.86
N GLU H 208 45.64 -67.45 -45.63
CA GLU H 208 44.44 -67.18 -44.84
C GLU H 208 43.70 -65.92 -45.35
N ARG H 209 42.36 -65.93 -45.31
CA ARG H 209 41.49 -64.75 -45.44
C ARG H 209 40.26 -64.92 -44.54
N LEU H 210 39.84 -63.87 -43.85
CA LEU H 210 38.79 -63.89 -42.81
C LEU H 210 37.86 -62.67 -42.87
N ASN H 211 36.82 -62.68 -42.02
CA ASN H 211 35.89 -61.59 -41.71
C ASN H 211 35.89 -61.34 -40.18
N LEU H 212 35.81 -60.09 -39.72
CA LEU H 212 35.80 -59.73 -38.29
C LEU H 212 34.40 -59.39 -37.73
N GLU H 213 33.34 -59.46 -38.53
CA GLU H 213 31.96 -59.41 -38.01
C GLU H 213 31.71 -60.54 -36.97
N PRO H 214 30.96 -60.31 -35.88
CA PRO H 214 30.27 -59.07 -35.52
C PRO H 214 31.11 -58.09 -34.68
N TYR H 215 32.36 -58.42 -34.36
CA TYR H 215 33.21 -57.62 -33.46
C TYR H 215 33.63 -56.27 -34.07
N GLU H 216 33.84 -56.25 -35.39
CA GLU H 216 34.04 -55.06 -36.20
C GLU H 216 32.96 -54.87 -37.27
N LYS H 217 33.00 -53.75 -38.00
CA LYS H 217 32.17 -53.48 -39.18
C LYS H 217 33.06 -53.17 -40.39
N ASP H 218 32.65 -53.66 -41.57
CA ASP H 218 33.30 -53.46 -42.88
C ASP H 218 34.79 -53.93 -42.92
N HIS H 219 35.14 -55.01 -42.21
CA HIS H 219 36.53 -55.34 -41.85
C HIS H 219 36.92 -56.82 -42.09
N ALA H 220 38.11 -57.04 -42.67
CA ALA H 220 38.70 -58.35 -42.94
C ALA H 220 40.13 -58.47 -42.40
N LEU H 221 40.73 -59.67 -42.49
CA LEU H 221 42.15 -59.93 -42.24
C LEU H 221 42.68 -61.01 -43.20
N PHE H 222 43.96 -60.93 -43.60
CA PHE H 222 44.66 -61.93 -44.41
C PHE H 222 45.98 -62.38 -43.75
N VAL H 223 46.47 -63.56 -44.14
CA VAL H 223 47.85 -64.05 -43.85
C VAL H 223 48.51 -64.56 -45.13
N VAL H 224 49.80 -64.24 -45.29
CA VAL H 224 50.62 -64.52 -46.48
C VAL H 224 52.02 -65.01 -46.11
N ARG H 225 52.74 -65.58 -47.07
CA ARG H 225 54.18 -65.90 -46.99
C ARG H 225 54.94 -65.24 -48.14
N LYS H 226 56.13 -64.72 -47.86
CA LYS H 226 57.14 -64.31 -48.84
C LYS H 226 57.79 -65.56 -49.46
N PRO H 227 58.15 -65.55 -50.77
CA PRO H 227 58.78 -66.69 -51.44
C PRO H 227 59.94 -67.33 -50.66
N PHE I 1 -27.24 -14.35 -18.95
CA PHE I 1 -26.91 -15.56 -18.18
C PHE I 1 -26.71 -15.19 -16.72
N ILE I 2 -25.75 -14.32 -16.40
CA ILE I 2 -25.55 -13.82 -15.03
C ILE I 2 -26.61 -12.72 -14.73
N SER I 3 -27.06 -12.66 -13.48
CA SER I 3 -27.74 -11.48 -12.90
C SER I 3 -27.17 -11.13 -11.52
N GLU I 4 -27.13 -9.83 -11.24
CA GLU I 4 -26.31 -9.21 -10.21
C GLU I 4 -27.21 -8.60 -9.12
N ASN I 5 -27.16 -9.13 -7.89
CA ASN I 5 -28.14 -8.85 -6.82
C ASN I 5 -27.54 -8.83 -5.40
N VAL I 6 -28.30 -8.30 -4.44
CA VAL I 6 -27.99 -8.24 -3.00
C VAL I 6 -28.14 -9.59 -2.27
N ARG I 7 -29.16 -10.40 -2.59
CA ARG I 7 -29.40 -11.70 -1.91
C ARG I 7 -28.62 -12.82 -2.60
N GLY I 8 -27.31 -12.60 -2.76
CA GLY I 8 -26.40 -13.43 -3.56
C GLY I 8 -26.40 -13.09 -5.06
N ILE I 9 -25.58 -13.82 -5.83
CA ILE I 9 -25.45 -13.70 -7.29
C ILE I 9 -26.07 -14.91 -8.01
N TYR I 10 -26.66 -14.69 -9.19
CA TYR I 10 -27.61 -15.60 -9.83
C TYR I 10 -27.22 -15.94 -11.29
N ALA I 11 -27.55 -17.16 -11.74
CA ALA I 11 -27.39 -17.61 -13.12
C ALA I 11 -28.67 -18.24 -13.69
N PHE I 12 -29.09 -17.81 -14.89
CA PHE I 12 -30.29 -18.25 -15.61
C PHE I 12 -29.97 -18.65 -17.07
N ASP I 13 -30.80 -19.52 -17.66
CA ASP I 13 -30.67 -20.03 -19.03
C ASP I 13 -31.30 -19.12 -20.12
N GLU I 14 -31.09 -19.41 -21.41
CA GLU I 14 -31.70 -18.68 -22.54
C GLU I 14 -33.25 -18.61 -22.50
N ASN I 15 -33.92 -19.59 -21.89
CA ASN I 15 -35.38 -19.61 -21.71
C ASN I 15 -35.84 -18.92 -20.40
N GLY I 16 -34.94 -18.47 -19.53
CA GLY I 16 -35.27 -17.72 -18.31
C GLY I 16 -35.62 -18.57 -17.09
N ASN I 17 -35.08 -19.78 -16.99
CA ASN I 17 -35.16 -20.65 -15.82
C ASN I 17 -33.85 -20.54 -15.01
N LEU I 18 -33.91 -20.76 -13.69
CA LEU I 18 -32.74 -20.69 -12.82
C LEU I 18 -31.81 -21.91 -13.04
N ILE I 19 -30.50 -21.69 -12.96
CA ILE I 19 -29.45 -22.74 -13.01
C ILE I 19 -28.86 -22.93 -11.61
N GLU I 20 -28.29 -21.86 -11.03
CA GLU I 20 -27.77 -21.81 -9.66
C GLU I 20 -27.72 -20.35 -9.16
N LYS I 21 -27.71 -20.16 -7.83
CA LYS I 21 -27.35 -18.90 -7.18
C LYS I 21 -26.53 -19.16 -5.91
N ARG I 22 -25.59 -18.27 -5.58
CA ARG I 22 -24.66 -18.40 -4.44
C ARG I 22 -24.65 -17.15 -3.56
N TYR I 23 -24.48 -17.34 -2.25
CA TYR I 23 -24.41 -16.26 -1.25
C TYR I 23 -22.96 -15.84 -1.00
N PHE I 24 -22.75 -14.63 -0.46
CA PHE I 24 -21.42 -14.01 -0.36
C PHE I 24 -20.57 -14.48 0.83
N THR I 25 -19.24 -14.43 0.67
CA THR I 25 -18.23 -14.83 1.69
C THR I 25 -17.32 -13.68 2.20
N ASP I 26 -17.65 -12.43 1.91
CA ASP I 26 -17.24 -11.22 2.66
C ASP I 26 -18.49 -10.36 2.94
N LYS I 27 -18.38 -9.31 3.78
CA LYS I 27 -19.48 -8.42 4.18
C LYS I 27 -20.22 -7.87 2.93
N PRO I 28 -21.51 -8.21 2.72
CA PRO I 28 -22.22 -7.94 1.45
C PRO I 28 -22.21 -6.48 0.97
N GLU I 29 -22.17 -5.51 1.88
CA GLU I 29 -22.04 -4.09 1.54
C GLU I 29 -20.72 -3.78 0.79
N LYS I 30 -19.61 -4.44 1.13
CA LYS I 30 -18.33 -4.33 0.39
C LYS I 30 -18.33 -5.12 -0.91
N VAL I 31 -19.08 -6.22 -0.96
CA VAL I 31 -19.18 -7.05 -2.18
C VAL I 31 -20.05 -6.35 -3.24
N LEU I 32 -21.14 -5.69 -2.83
CA LEU I 32 -21.93 -4.85 -3.72
C LEU I 32 -21.16 -3.62 -4.21
N ASP I 33 -20.36 -2.96 -3.38
CA ASP I 33 -19.60 -1.79 -3.83
C ASP I 33 -18.60 -2.12 -4.96
N GLN I 34 -17.97 -3.30 -4.90
CA GLN I 34 -17.11 -3.83 -5.96
C GLN I 34 -17.92 -4.17 -7.22
N LEU I 35 -18.98 -4.97 -7.09
CA LEU I 35 -19.77 -5.44 -8.24
C LEU I 35 -20.54 -4.30 -8.93
N LEU I 36 -20.99 -3.29 -8.19
CA LEU I 36 -21.69 -2.15 -8.78
C LEU I 36 -20.72 -1.22 -9.56
N LYS I 37 -19.53 -0.95 -9.03
CA LYS I 37 -18.47 -0.21 -9.77
C LYS I 37 -17.59 -1.07 -10.69
N GLY I 38 -17.97 -2.33 -10.93
CA GLY I 38 -17.49 -3.13 -12.05
C GLY I 38 -16.21 -3.95 -11.82
N GLU I 39 -15.85 -4.29 -10.58
CA GLU I 39 -14.82 -5.32 -10.34
C GLU I 39 -15.37 -6.59 -9.65
N ILE I 40 -14.90 -7.75 -10.12
CA ILE I 40 -15.48 -9.07 -9.86
C ILE I 40 -14.98 -9.67 -8.55
N THR I 41 -15.76 -10.57 -7.94
CA THR I 41 -15.58 -11.06 -6.57
C THR I 41 -15.64 -12.59 -6.45
N LYS I 42 -15.03 -13.13 -5.38
CA LYS I 42 -14.75 -14.57 -5.16
C LYS I 42 -15.97 -15.49 -5.29
N ASP I 43 -17.14 -15.03 -4.89
CA ASP I 43 -18.38 -15.81 -4.96
C ASP I 43 -18.94 -15.90 -6.39
N LEU I 44 -18.65 -14.88 -7.22
CA LEU I 44 -18.98 -14.87 -8.65
C LEU I 44 -17.93 -15.64 -9.47
N GLU I 45 -16.64 -15.62 -9.07
CA GLU I 45 -15.62 -16.57 -9.59
C GLU I 45 -16.10 -18.02 -9.42
N GLU I 46 -16.68 -18.36 -8.25
CA GLU I 46 -17.20 -19.71 -8.00
C GLU I 46 -18.48 -20.01 -8.80
N LEU I 47 -19.42 -19.06 -8.91
CA LEU I 47 -20.65 -19.25 -9.70
C LEU I 47 -20.35 -19.45 -11.20
N LEU I 48 -19.39 -18.70 -11.77
CA LEU I 48 -19.02 -18.90 -13.19
C LEU I 48 -18.19 -20.17 -13.41
N ASN I 49 -17.41 -20.63 -12.42
CA ASN I 49 -16.81 -21.97 -12.46
C ASN I 49 -17.86 -23.09 -12.39
N SER I 50 -18.91 -22.92 -11.58
CA SER I 50 -20.08 -23.82 -11.57
C SER I 50 -20.77 -23.84 -12.94
N LEU I 51 -21.01 -22.66 -13.54
CA LEU I 51 -21.63 -22.52 -14.87
C LEU I 51 -20.78 -23.14 -16.01
N LYS I 52 -19.45 -23.03 -15.92
CA LYS I 52 -18.48 -23.69 -16.81
C LYS I 52 -18.50 -25.21 -16.66
N GLU I 53 -18.52 -25.72 -15.42
CA GLU I 53 -18.55 -27.16 -15.10
C GLU I 53 -19.90 -27.83 -15.44
N LYS I 54 -20.99 -27.05 -15.47
CA LYS I 54 -22.30 -27.48 -16.03
C LYS I 54 -22.27 -27.66 -17.55
N GLY I 55 -21.36 -26.98 -18.26
CA GLY I 55 -21.21 -27.08 -19.73
C GLY I 55 -21.80 -25.91 -20.53
N TYR I 56 -21.80 -24.69 -19.97
CA TYR I 56 -22.11 -23.45 -20.69
C TYR I 56 -20.83 -22.61 -20.91
N ASP I 57 -20.82 -21.74 -21.94
CA ASP I 57 -19.69 -20.84 -22.26
C ASP I 57 -20.10 -19.38 -22.51
N GLU I 58 -21.35 -19.13 -22.93
CA GLU I 58 -21.83 -17.83 -23.44
C GLU I 58 -22.18 -16.85 -22.30
N PHE I 59 -21.16 -16.44 -21.53
CA PHE I 59 -21.33 -15.73 -20.25
C PHE I 59 -21.70 -14.24 -20.42
N VAL I 60 -22.93 -13.97 -20.83
CA VAL I 60 -23.49 -12.60 -20.86
C VAL I 60 -23.87 -12.14 -19.44
N PHE I 61 -23.21 -11.06 -19.00
CA PHE I 61 -23.43 -10.31 -17.76
C PHE I 61 -24.38 -9.12 -17.98
N GLU I 62 -24.80 -8.45 -16.91
CA GLU I 62 -25.54 -7.19 -17.01
C GLU I 62 -24.62 -5.99 -17.29
N HIS I 63 -23.45 -5.94 -16.62
CA HIS I 63 -22.59 -4.74 -16.57
C HIS I 63 -21.38 -4.81 -17.53
N PRO I 64 -21.02 -3.70 -18.22
CA PRO I 64 -19.91 -3.69 -19.19
C PRO I 64 -18.53 -3.87 -18.55
N GLU I 65 -18.26 -3.27 -17.39
CA GLU I 65 -16.91 -3.26 -16.82
C GLU I 65 -16.64 -4.48 -15.93
N LEU I 66 -17.68 -5.02 -15.28
CA LEU I 66 -17.64 -6.36 -14.68
C LEU I 66 -17.31 -7.43 -15.76
N SER I 67 -17.94 -7.31 -16.94
CA SER I 67 -17.63 -8.14 -18.10
C SER I 67 -16.22 -7.86 -18.65
N ARG I 68 -15.73 -6.62 -18.59
CA ARG I 68 -14.31 -6.28 -18.89
C ARG I 68 -13.37 -7.01 -17.95
N ARG I 69 -13.50 -6.89 -16.63
CA ARG I 69 -12.64 -7.63 -15.67
C ARG I 69 -12.72 -9.14 -15.90
N ALA I 70 -13.90 -9.68 -16.24
CA ALA I 70 -14.07 -11.09 -16.57
C ALA I 70 -13.25 -11.53 -17.81
N LYS I 71 -13.35 -10.82 -18.96
CA LYS I 71 -12.61 -11.19 -20.18
C LYS I 71 -11.13 -10.76 -20.20
N GLU I 72 -10.79 -9.73 -19.41
CA GLU I 72 -9.40 -9.32 -19.11
C GLU I 72 -8.68 -10.37 -18.23
N LEU I 73 -9.41 -11.03 -17.32
CA LEU I 73 -8.90 -12.15 -16.52
C LEU I 73 -8.83 -13.47 -17.31
N GLY I 74 -9.72 -13.67 -18.30
CA GLY I 74 -9.65 -14.77 -19.27
C GLY I 74 -10.96 -15.47 -19.62
N PHE I 75 -12.10 -15.03 -19.07
CA PHE I 75 -13.40 -15.68 -19.26
C PHE I 75 -14.08 -15.30 -20.60
N SER I 76 -15.03 -16.12 -21.03
CA SER I 76 -15.80 -15.97 -22.28
C SER I 76 -17.00 -15.02 -22.11
N ALA I 77 -16.73 -13.77 -21.68
CA ALA I 77 -17.74 -12.83 -21.19
C ALA I 77 -18.24 -11.80 -22.23
N THR I 78 -19.55 -11.51 -22.19
CA THR I 78 -20.22 -10.44 -22.97
C THR I 78 -21.17 -9.61 -22.09
N THR I 79 -21.92 -8.65 -22.64
CA THR I 79 -22.77 -7.71 -21.87
C THR I 79 -24.13 -7.46 -22.54
N GLU I 80 -25.21 -7.66 -21.79
CA GLU I 80 -26.55 -7.14 -22.08
C GLU I 80 -27.30 -6.89 -20.76
N PHE I 81 -27.49 -5.63 -20.38
CA PHE I 81 -28.23 -5.22 -19.19
C PHE I 81 -29.68 -5.77 -19.13
N PRO I 82 -30.49 -5.74 -20.22
CA PRO I 82 -31.83 -6.35 -20.25
C PRO I 82 -31.85 -7.87 -20.51
N ASN I 83 -30.74 -8.62 -20.30
CA ASN I 83 -30.73 -10.06 -20.56
C ASN I 83 -31.72 -10.83 -19.67
N ILE I 84 -32.11 -12.03 -20.13
CA ILE I 84 -33.24 -12.78 -19.55
C ILE I 84 -33.07 -13.14 -18.05
N ALA I 85 -31.83 -13.18 -17.54
CA ALA I 85 -31.56 -13.37 -16.11
C ALA I 85 -32.08 -12.18 -15.28
N GLY I 86 -31.67 -10.96 -15.60
CA GLY I 86 -32.12 -9.74 -14.91
C GLY I 86 -33.60 -9.44 -15.18
N GLU I 87 -34.07 -9.68 -16.40
CA GLU I 87 -35.49 -9.55 -16.78
C GLU I 87 -36.41 -10.52 -16.00
N ARG I 88 -35.92 -11.68 -15.54
CA ARG I 88 -36.67 -12.57 -14.62
C ARG I 88 -36.49 -12.16 -13.16
N LEU I 89 -35.23 -12.11 -12.69
CA LEU I 89 -34.88 -11.91 -11.27
C LEU I 89 -35.44 -10.60 -10.70
N ARG I 90 -35.32 -9.48 -11.43
CA ARG I 90 -35.87 -8.18 -11.00
C ARG I 90 -37.35 -7.99 -11.32
N SER I 91 -37.99 -8.86 -12.10
CA SER I 91 -39.45 -8.79 -12.31
C SER I 91 -40.22 -9.46 -11.17
N ASN I 92 -39.79 -10.64 -10.72
CA ASN I 92 -40.41 -11.30 -9.58
C ASN I 92 -39.40 -12.00 -8.65
N PRO I 93 -38.87 -11.30 -7.63
CA PRO I 93 -38.00 -11.89 -6.62
C PRO I 93 -38.65 -13.02 -5.81
N GLU I 94 -39.99 -13.08 -5.75
CA GLU I 94 -40.74 -14.06 -4.96
C GLU I 94 -40.42 -15.52 -5.35
N GLU I 95 -40.22 -15.78 -6.65
CA GLU I 95 -39.86 -17.09 -7.20
C GLU I 95 -38.46 -17.59 -6.76
N PHE I 96 -37.59 -16.71 -6.24
CA PHE I 96 -36.16 -16.99 -6.04
C PHE I 96 -35.62 -16.64 -4.64
N LEU I 97 -36.05 -15.52 -4.05
CA LEU I 97 -35.51 -14.96 -2.80
C LEU I 97 -36.34 -15.29 -1.55
N GLY I 98 -37.64 -15.53 -1.71
CA GLY I 98 -38.64 -15.57 -0.62
C GLY I 98 -39.39 -14.25 -0.43
N GLU I 99 -40.56 -14.27 0.21
CA GLU I 99 -41.48 -13.10 0.25
C GLU I 99 -40.96 -11.88 1.02
N ASN I 100 -40.06 -12.06 2.01
CA ASN I 100 -39.46 -10.96 2.78
C ASN I 100 -38.19 -10.34 2.15
N TRP I 101 -37.96 -10.54 0.84
CA TRP I 101 -36.77 -10.04 0.10
C TRP I 101 -36.43 -8.56 0.34
N PHE I 102 -37.44 -7.72 0.56
CA PHE I 102 -37.26 -6.28 0.80
C PHE I 102 -36.53 -5.95 2.12
N GLU I 103 -36.56 -6.84 3.12
CA GLU I 103 -35.74 -6.70 4.35
C GLU I 103 -34.24 -6.83 4.02
N GLU I 104 -33.89 -7.73 3.10
CA GLU I 104 -32.50 -7.99 2.72
C GLU I 104 -31.94 -6.92 1.78
N TYR I 105 -32.78 -6.41 0.87
CA TYR I 105 -32.50 -5.19 0.11
C TYR I 105 -32.26 -3.99 1.05
N TYR I 106 -33.16 -3.75 2.01
CA TYR I 106 -33.10 -2.61 2.93
C TYR I 106 -31.82 -2.61 3.76
N LYS I 107 -31.52 -3.71 4.46
CA LYS I 107 -30.46 -3.75 5.47
C LYS I 107 -29.04 -3.59 4.89
N VAL I 108 -28.83 -3.97 3.63
CA VAL I 108 -27.55 -3.78 2.92
C VAL I 108 -27.53 -2.46 2.14
N GLY I 109 -28.65 -2.04 1.53
CA GLY I 109 -28.72 -0.80 0.75
C GLY I 109 -28.44 0.46 1.59
N VAL I 110 -29.05 0.56 2.78
CA VAL I 110 -28.77 1.68 3.70
C VAL I 110 -27.33 1.65 4.23
N ALA I 111 -26.74 0.46 4.41
CA ALA I 111 -25.35 0.30 4.84
C ALA I 111 -24.36 0.73 3.76
N LEU I 112 -24.57 0.34 2.50
CA LEU I 112 -23.78 0.80 1.35
C LEU I 112 -23.81 2.32 1.22
N THR I 113 -25.00 2.93 1.30
CA THR I 113 -25.17 4.38 1.23
C THR I 113 -24.53 5.13 2.40
N ARG I 114 -24.56 4.56 3.62
CA ARG I 114 -23.82 5.11 4.78
C ARG I 114 -22.30 4.95 4.64
N MET I 115 -21.83 4.00 3.82
CA MET I 115 -20.41 3.62 3.67
C MET I 115 -19.69 4.31 2.49
N ARG I 116 -20.39 4.85 1.49
CA ARG I 116 -19.82 5.44 0.25
C ARG I 116 -19.11 6.80 0.41
N ILE I 117 -18.41 7.01 1.53
CA ILE I 117 -17.53 8.17 1.77
C ILE I 117 -16.21 7.74 2.45
N GLN I 118 -15.08 8.09 1.81
CA GLN I 118 -13.72 7.68 2.19
C GLN I 118 -13.20 8.44 3.44
N GLU I 119 -12.22 7.87 4.12
CA GLU I 119 -11.71 8.31 5.42
C GLU I 119 -10.19 8.47 5.48
N GLN I 120 -9.72 9.64 5.94
CA GLN I 120 -8.29 9.95 6.06
C GLN I 120 -8.04 11.04 7.13
N SER I 121 -8.25 10.71 8.40
CA SER I 121 -7.76 11.54 9.51
C SER I 121 -6.24 11.45 9.66
N GLY I 122 -5.65 12.40 10.40
CA GLY I 122 -4.20 12.54 10.56
C GLY I 122 -3.59 11.76 11.74
N ALA I 123 -4.35 11.56 12.82
CA ALA I 123 -3.91 10.84 14.02
C ALA I 123 -5.08 10.07 14.67
N ARG I 124 -5.70 9.15 13.92
CA ARG I 124 -7.06 8.68 14.24
C ARG I 124 -7.16 7.86 15.53
N ASP I 125 -6.10 7.22 16.02
CA ASP I 125 -6.18 6.50 17.30
C ASP I 125 -6.46 7.46 18.48
N LYS I 126 -5.83 8.65 18.48
CA LYS I 126 -6.10 9.74 19.44
C LYS I 126 -7.52 10.31 19.26
N MET I 127 -7.94 10.47 18.00
CA MET I 127 -9.27 10.98 17.62
C MET I 127 -10.41 9.95 17.84
N VAL I 128 -10.07 8.72 18.26
CA VAL I 128 -11.01 7.70 18.76
C VAL I 128 -10.91 7.53 20.28
N ILE I 129 -9.74 7.72 20.91
CA ILE I 129 -9.62 7.79 22.38
C ILE I 129 -10.56 8.86 22.96
N GLN I 130 -10.68 10.02 22.30
CA GLN I 130 -11.63 11.08 22.70
C GLN I 130 -13.10 10.64 22.58
N ALA I 131 -13.43 9.73 21.67
CA ALA I 131 -14.77 9.14 21.57
C ALA I 131 -15.02 8.05 22.64
N ILE I 132 -13.99 7.34 23.09
CA ILE I 132 -14.07 6.42 24.23
C ILE I 132 -14.30 7.20 25.54
N GLU I 133 -13.63 8.34 25.74
CA GLU I 133 -13.99 9.26 26.83
C GLU I 133 -15.38 9.88 26.62
N ALA I 134 -15.80 10.17 25.38
CA ALA I 134 -17.15 10.67 25.12
C ALA I 134 -18.23 9.64 25.48
N LEU I 135 -17.96 8.34 25.33
CA LEU I 135 -18.86 7.27 25.76
C LEU I 135 -18.94 7.19 27.30
N ASP I 136 -17.82 7.37 28.00
CA ASP I 136 -17.79 7.44 29.47
C ASP I 136 -18.50 8.70 30.02
N ASP I 137 -18.27 9.87 29.41
CA ASP I 137 -18.93 11.14 29.73
C ASP I 137 -20.43 11.17 29.29
N VAL I 138 -20.85 10.46 28.23
CA VAL I 138 -22.27 10.38 27.80
C VAL I 138 -23.11 9.54 28.77
N ASP I 139 -22.66 8.34 29.17
CA ASP I 139 -23.36 7.60 30.22
C ASP I 139 -23.36 8.37 31.56
N LYS I 140 -22.29 9.13 31.86
CA LYS I 140 -22.17 9.98 33.05
C LYS I 140 -23.21 11.11 33.09
N VAL I 141 -23.53 11.76 31.97
CA VAL I 141 -24.60 12.78 31.93
C VAL I 141 -26.00 12.17 31.92
N ILE I 142 -26.19 11.01 31.28
CA ILE I 142 -27.46 10.26 31.30
C ILE I 142 -27.78 9.81 32.74
N ASN I 143 -26.79 9.24 33.44
CA ASN I 143 -26.92 8.80 34.83
C ASN I 143 -27.02 9.96 35.85
N LEU I 144 -26.93 11.21 35.38
CA LEU I 144 -27.16 12.43 36.16
C LEU I 144 -28.56 13.00 35.86
N LEU I 145 -28.89 13.29 34.59
CA LEU I 145 -30.19 13.85 34.22
C LEU I 145 -31.36 12.91 34.52
N VAL I 146 -31.18 11.60 34.38
CA VAL I 146 -32.24 10.63 34.73
C VAL I 146 -32.45 10.54 36.25
N ALA I 147 -31.44 10.84 37.09
CA ALA I 147 -31.64 10.93 38.54
C ALA I 147 -32.57 12.11 38.90
N ARG I 148 -32.36 13.28 38.27
CA ARG I 148 -33.27 14.43 38.38
C ARG I 148 -34.68 14.10 37.85
N LEU I 149 -34.78 13.39 36.71
CA LEU I 149 -36.05 12.94 36.14
C LEU I 149 -36.81 11.98 37.06
N ARG I 150 -36.11 11.01 37.69
CA ARG I 150 -36.67 10.07 38.67
C ARG I 150 -37.22 10.81 39.89
N GLU I 151 -36.40 11.68 40.49
CA GLU I 151 -36.77 12.39 41.73
C GLU I 151 -37.94 13.37 41.52
N TRP I 152 -37.99 14.06 40.37
CA TRP I 152 -39.08 14.98 40.02
C TRP I 152 -40.37 14.23 39.67
N TYR I 153 -40.32 13.20 38.81
CA TYR I 153 -41.52 12.44 38.41
C TYR I 153 -42.12 11.62 39.57
N SER I 154 -41.27 11.14 40.49
CA SER I 154 -41.72 10.42 41.70
C SER I 154 -42.49 11.29 42.70
N LEU I 155 -42.56 12.62 42.52
CA LEU I 155 -43.52 13.45 43.23
C LEU I 155 -44.98 13.11 42.85
N HIS I 156 -45.21 12.66 41.61
CA HIS I 156 -46.53 12.49 40.99
C HIS I 156 -46.94 11.01 40.85
N PHE I 157 -45.98 10.11 40.60
CA PHE I 157 -46.22 8.66 40.46
C PHE I 157 -44.99 7.83 40.93
N PRO I 158 -44.72 7.76 42.25
CA PRO I 158 -43.55 7.07 42.80
C PRO I 158 -43.56 5.54 42.63
N GLU I 159 -44.70 4.95 42.26
CA GLU I 159 -44.90 3.50 42.12
C GLU I 159 -44.17 2.86 40.91
N LEU I 160 -43.35 3.63 40.20
CA LEU I 160 -42.66 3.25 38.95
C LEU I 160 -41.12 3.14 39.11
N ASP I 161 -40.51 3.85 40.06
CA ASP I 161 -39.06 4.07 40.14
C ASP I 161 -38.25 2.78 40.36
N GLU I 162 -38.63 1.97 41.35
CA GLU I 162 -38.01 0.66 41.64
C GLU I 162 -38.48 -0.47 40.69
N LEU I 163 -39.47 -0.18 39.83
CA LEU I 163 -40.13 -1.16 38.96
C LEU I 163 -39.61 -1.11 37.51
N LEU I 164 -39.19 0.08 37.05
CA LEU I 164 -38.43 0.31 35.80
C LEU I 164 -37.02 0.88 36.12
N PRO I 165 -36.11 0.10 36.73
CA PRO I 165 -34.78 0.59 37.10
C PRO I 165 -33.85 0.83 35.90
N LYS I 166 -34.01 0.11 34.78
CA LYS I 166 -33.19 0.38 33.58
C LYS I 166 -33.58 1.74 32.98
N HIS I 167 -32.63 2.67 32.99
CA HIS I 167 -32.90 4.09 32.77
C HIS I 167 -33.57 4.44 31.41
N PRO I 168 -33.24 3.83 30.26
CA PRO I 168 -33.91 4.15 28.99
C PRO I 168 -35.41 3.85 28.99
N GLN I 169 -35.85 2.79 29.67
CA GLN I 169 -37.26 2.39 29.72
C GLN I 169 -38.09 3.37 30.57
N TYR I 170 -37.51 3.90 31.65
CA TYR I 170 -38.11 4.97 32.45
C TYR I 170 -38.22 6.28 31.66
N VAL I 171 -37.18 6.67 30.91
CA VAL I 171 -37.21 7.85 30.03
C VAL I 171 -38.27 7.71 28.94
N ALA I 172 -38.36 6.55 28.28
CA ALA I 172 -39.38 6.29 27.27
C ALA I 172 -40.82 6.35 27.83
N PHE I 173 -41.04 5.86 29.06
CA PHE I 173 -42.32 6.00 29.77
C PHE I 173 -42.68 7.48 29.99
N VAL I 174 -41.75 8.27 30.54
CA VAL I 174 -41.99 9.68 30.85
C VAL I 174 -42.09 10.55 29.58
N LYS I 175 -41.37 10.23 28.49
CA LYS I 175 -41.52 10.89 27.19
C LYS I 175 -42.87 10.56 26.54
N THR I 176 -43.16 9.28 26.33
CA THR I 176 -44.25 8.85 25.44
C THR I 176 -45.59 8.77 26.16
N VAL I 177 -45.65 8.25 27.40
CA VAL I 177 -46.90 8.17 28.19
C VAL I 177 -47.13 9.47 28.98
N GLY I 178 -46.12 9.93 29.73
CA GLY I 178 -46.14 11.23 30.41
C GLY I 178 -47.04 11.27 31.65
N HIS I 179 -48.19 11.95 31.58
CA HIS I 179 -49.08 12.18 32.72
C HIS I 179 -49.73 10.88 33.22
N ARG I 180 -49.73 10.66 34.55
CA ARG I 180 -50.11 9.36 35.16
C ARG I 180 -51.54 8.89 34.83
N ASP I 181 -52.49 9.80 34.59
CA ASP I 181 -53.84 9.38 34.25
C ASP I 181 -54.08 9.05 32.75
N ASN I 182 -53.03 9.18 31.93
CA ASN I 182 -52.99 8.61 30.58
C ASN I 182 -52.83 7.07 30.59
N ILE I 183 -52.28 6.50 31.67
CA ILE I 183 -51.84 5.09 31.74
C ILE I 183 -53.04 4.14 31.57
N ASN I 184 -52.95 3.26 30.56
CA ASN I 184 -53.88 2.17 30.26
C ASN I 184 -53.10 0.92 29.79
N GLU I 185 -53.78 -0.21 29.63
CA GLU I 185 -53.14 -1.49 29.30
C GLU I 185 -52.52 -1.55 27.89
N GLU I 186 -53.08 -0.80 26.93
CA GLU I 186 -52.70 -0.86 25.52
C GLU I 186 -51.43 -0.04 25.25
N VAL I 187 -51.34 1.20 25.78
CA VAL I 187 -50.15 2.05 25.62
C VAL I 187 -48.89 1.48 26.30
N LEU I 188 -49.04 0.59 27.29
CA LEU I 188 -47.89 -0.10 27.90
C LEU I 188 -47.36 -1.22 27.00
N ARG I 189 -48.20 -1.85 26.16
CA ARG I 189 -47.75 -2.79 25.12
C ARG I 189 -47.21 -2.06 23.90
N GLU I 190 -47.73 -0.87 23.56
CA GLU I 190 -47.13 0.06 22.57
C GLU I 190 -45.79 0.68 23.04
N LEU I 191 -45.44 0.52 24.32
CA LEU I 191 -44.14 0.85 24.92
C LEU I 191 -43.22 -0.38 25.08
N GLY I 192 -43.72 -1.60 24.81
CA GLY I 192 -42.96 -2.85 24.86
C GLY I 192 -42.82 -3.49 26.25
N LEU I 193 -43.75 -3.25 27.19
CA LEU I 193 -43.76 -3.93 28.49
C LEU I 193 -44.48 -5.28 28.41
N SER I 194 -44.08 -6.23 29.26
CA SER I 194 -44.65 -7.57 29.38
C SER I 194 -45.77 -7.65 30.43
N GLU I 195 -46.67 -8.64 30.31
CA GLU I 195 -47.86 -8.82 31.19
C GLU I 195 -47.53 -8.82 32.69
N GLU I 196 -46.40 -9.45 33.07
CA GLU I 196 -45.80 -9.49 34.41
C GLU I 196 -45.46 -8.10 35.00
N LYS I 197 -45.18 -7.12 34.14
CA LYS I 197 -44.89 -5.72 34.47
C LYS I 197 -46.17 -4.87 34.42
N ILE I 198 -47.16 -5.27 33.61
CA ILE I 198 -48.45 -4.59 33.37
C ILE I 198 -49.53 -4.97 34.39
N LYS I 199 -49.39 -6.08 35.14
CA LYS I 199 -50.17 -6.32 36.38
C LYS I 199 -49.87 -5.25 37.43
N LYS I 200 -48.57 -5.02 37.71
CA LYS I 200 -48.07 -3.81 38.38
C LYS I 200 -48.22 -2.60 37.43
N ILE I 201 -47.90 -1.38 37.89
CA ILE I 201 -48.26 -0.11 37.22
C ILE I 201 -49.78 0.12 37.17
N LEU I 202 -50.56 -0.73 36.50
CA LEU I 202 -52.03 -0.65 36.50
C LEU I 202 -52.62 -0.87 37.90
N GLU I 203 -52.01 -1.73 38.72
CA GLU I 203 -52.28 -1.84 40.16
C GLU I 203 -52.33 -0.48 40.88
N ALA I 204 -51.45 0.46 40.49
CA ALA I 204 -51.29 1.76 41.14
C ALA I 204 -52.20 2.86 40.56
N LYS I 205 -52.78 2.67 39.36
CA LYS I 205 -53.66 3.65 38.69
C LYS I 205 -54.85 4.08 39.54
N GLU I 206 -55.38 3.16 40.36
CA GLU I 206 -56.51 3.40 41.26
C GLU I 206 -56.11 3.82 42.69
N LYS I 207 -54.82 3.77 43.06
CA LYS I 207 -54.39 3.90 44.46
C LYS I 207 -53.01 4.54 44.75
N THR I 208 -52.35 5.15 43.76
CA THR I 208 -51.08 5.89 43.94
C THR I 208 -51.11 6.88 45.13
N MET I 209 -49.94 7.16 45.70
CA MET I 209 -49.73 8.13 46.79
C MET I 209 -49.09 9.45 46.33
N GLY I 210 -48.75 9.61 45.04
CA GLY I 210 -48.16 10.83 44.50
C GLY I 210 -49.10 12.05 44.52
N ALA I 211 -48.52 13.25 44.55
CA ALA I 211 -49.18 14.55 44.56
C ALA I 211 -49.17 15.22 43.17
N TRP I 212 -50.19 16.02 42.88
CA TRP I 212 -50.56 16.38 41.51
C TRP I 212 -49.59 17.33 40.78
N MET I 213 -49.22 16.96 39.54
CA MET I 213 -48.73 17.86 38.49
C MET I 213 -49.89 18.28 37.56
N ASP I 214 -50.00 19.56 37.21
CA ASP I 214 -50.97 20.02 36.20
C ASP I 214 -50.43 19.96 34.75
N GLN I 215 -51.28 20.23 33.76
CA GLN I 215 -51.06 19.91 32.34
C GLN I 215 -49.77 20.46 31.74
N THR I 216 -49.31 21.63 32.18
CA THR I 216 -48.03 22.23 31.75
C THR I 216 -46.99 22.33 32.88
N ASP I 217 -47.18 21.58 33.96
CA ASP I 217 -46.08 21.15 34.85
C ASP I 217 -45.42 19.89 34.30
N ILE I 218 -46.22 18.88 33.95
CA ILE I 218 -45.74 17.63 33.33
C ILE I 218 -45.03 17.89 31.98
N GLU I 219 -45.36 18.99 31.29
CA GLU I 219 -44.73 19.34 30.01
C GLU I 219 -43.21 19.55 30.15
N VAL I 220 -42.70 20.29 31.14
CA VAL I 220 -41.25 20.52 31.25
C VAL I 220 -40.49 19.24 31.63
N VAL I 221 -41.14 18.33 32.37
CA VAL I 221 -40.62 16.98 32.65
C VAL I 221 -40.60 16.13 31.37
N ARG I 222 -41.57 16.31 30.46
CA ARG I 222 -41.57 15.70 29.13
C ARG I 222 -40.52 16.30 28.20
N GLN I 223 -40.26 17.61 28.25
CA GLN I 223 -39.17 18.26 27.51
C GLN I 223 -37.81 17.67 27.94
N LEU I 224 -37.58 17.50 29.25
CA LEU I 224 -36.39 16.84 29.78
C LEU I 224 -36.25 15.39 29.27
N ALA I 225 -37.35 14.62 29.23
CA ALA I 225 -37.34 13.26 28.68
C ALA I 225 -37.11 13.22 27.14
N GLU I 226 -37.64 14.20 26.41
CA GLU I 226 -37.45 14.36 24.96
C GLU I 226 -36.00 14.75 24.60
N GLU I 227 -35.32 15.56 25.41
CA GLU I 227 -33.89 15.83 25.22
C GLU I 227 -32.99 14.67 25.68
N ILE I 228 -33.33 13.92 26.74
CA ILE I 228 -32.58 12.71 27.15
C ILE I 228 -32.70 11.58 26.10
N ASP I 229 -33.84 11.47 25.39
CA ASP I 229 -33.99 10.61 24.22
C ASP I 229 -32.90 10.88 23.17
N ARG I 230 -32.59 12.16 22.89
CA ARG I 230 -31.50 12.52 21.97
C ARG I 230 -30.11 12.17 22.51
N LEU I 231 -29.90 12.13 23.83
CA LEU I 231 -28.64 11.63 24.42
C LEU I 231 -28.47 10.11 24.23
N TYR I 232 -29.55 9.32 24.16
CA TYR I 232 -29.47 7.92 23.74
C TYR I 232 -29.21 7.78 22.24
N GLN I 233 -29.74 8.67 21.40
CA GLN I 233 -29.37 8.73 19.97
C GLN I 233 -27.90 9.13 19.79
N LEU I 234 -27.37 10.06 20.60
CA LEU I 234 -25.96 10.43 20.64
C LEU I 234 -25.07 9.25 21.07
N ARG I 235 -25.54 8.41 22.01
CA ARG I 235 -24.86 7.15 22.35
C ARG I 235 -24.80 6.20 21.15
N LYS I 236 -25.88 6.08 20.34
CA LYS I 236 -25.84 5.34 19.06
C LYS I 236 -24.86 5.96 18.06
N LYS I 237 -24.84 7.29 17.91
CA LYS I 237 -23.88 8.02 17.05
C LYS I 237 -22.41 7.72 17.45
N LEU I 238 -22.12 7.61 18.74
CA LEU I 238 -20.79 7.17 19.24
C LEU I 238 -20.54 5.66 19.04
N GLU I 239 -21.52 4.79 19.31
CA GLU I 239 -21.40 3.34 19.10
C GLU I 239 -21.14 3.01 17.61
N ASP I 240 -21.84 3.66 16.68
CA ASP I 240 -21.67 3.51 15.22
C ASP I 240 -20.36 4.10 14.70
N TYR I 241 -19.80 5.14 15.36
CA TYR I 241 -18.46 5.67 15.07
C TYR I 241 -17.35 4.72 15.57
N ILE I 242 -17.46 4.21 16.80
CA ILE I 242 -16.47 3.32 17.42
C ILE I 242 -16.37 1.99 16.64
N ASP I 243 -17.50 1.42 16.20
CA ASP I 243 -17.56 0.19 15.39
C ASP I 243 -16.94 0.35 13.98
N ARG I 244 -16.72 1.59 13.52
CA ARG I 244 -16.15 1.93 12.20
C ARG I 244 -14.69 2.41 12.28
N ALA I 245 -14.38 3.31 13.20
CA ALA I 245 -13.07 3.99 13.28
C ALA I 245 -12.05 3.26 14.18
N MET I 246 -12.47 2.44 15.15
CA MET I 246 -11.52 1.75 16.06
C MET I 246 -10.90 0.47 15.46
N ASP I 247 -11.29 0.10 14.24
CA ASP I 247 -10.70 -1.00 13.44
C ASP I 247 -9.63 -0.51 12.44
N ASP I 248 -9.34 0.79 12.37
CA ASP I 248 -8.35 1.30 11.42
C ASP I 248 -6.91 0.97 11.83
N VAL I 249 -6.04 0.77 10.85
CA VAL I 249 -4.57 0.67 10.98
C VAL I 249 -3.89 1.18 9.71
N ALA I 250 -2.85 2.00 9.86
CA ALA I 250 -2.08 2.59 8.76
C ALA I 250 -0.60 2.78 9.16
N PRO I 251 0.38 2.41 8.32
CA PRO I 251 1.80 2.71 8.57
C PRO I 251 2.16 4.17 8.28
N ASN I 252 3.13 4.70 9.02
CA ASN I 252 3.54 6.11 9.02
C ASN I 252 4.49 6.43 7.86
N LEU I 253 5.54 5.62 7.67
CA LEU I 253 6.52 5.79 6.58
C LEU I 253 5.84 5.80 5.20
N LYS I 254 4.86 4.90 5.04
CA LYS I 254 3.99 4.77 3.86
C LYS I 254 3.24 6.05 3.49
N ALA I 255 2.97 6.93 4.46
CA ALA I 255 2.31 8.23 4.27
C ALA I 255 3.29 9.42 4.24
N LEU I 256 4.36 9.40 5.04
CA LEU I 256 5.34 10.50 5.12
C LEU I 256 6.23 10.61 3.88
N VAL I 257 6.75 9.48 3.36
CA VAL I 257 7.64 9.45 2.18
C VAL I 257 7.08 8.69 0.96
N GLY I 258 5.92 8.03 1.13
CA GLY I 258 5.29 7.20 0.11
C GLY I 258 5.82 5.77 0.10
N ALA I 259 4.93 4.81 -0.15
CA ALA I 259 5.18 3.37 0.07
C ALA I 259 6.47 2.84 -0.58
N LYS I 260 6.70 3.12 -1.87
CA LYS I 260 7.85 2.60 -2.63
C LYS I 260 9.20 3.13 -2.13
N LEU I 261 9.25 4.41 -1.76
CA LEU I 261 10.45 5.04 -1.19
C LEU I 261 10.70 4.57 0.26
N ALA I 262 9.65 4.44 1.07
CA ALA I 262 9.74 3.85 2.41
C ALA I 262 10.29 2.42 2.36
N ALA I 263 9.72 1.57 1.50
CA ALA I 263 10.13 0.18 1.33
C ALA I 263 11.59 0.05 0.86
N ARG I 264 12.07 0.95 -0.01
CA ARG I 264 13.49 1.00 -0.43
C ARG I 264 14.41 1.40 0.72
N LEU I 265 14.11 2.51 1.42
CA LEU I 265 14.93 3.04 2.53
C LEU I 265 15.10 2.03 3.67
N ILE I 266 14.07 1.24 3.97
CA ILE I 266 14.10 0.15 4.96
C ILE I 266 15.19 -0.91 4.67
N SER I 267 15.58 -1.10 3.41
CA SER I 267 16.56 -2.14 3.00
C SER I 267 18.00 -1.60 2.86
N LEU I 268 18.18 -0.31 2.52
CA LEU I 268 19.50 0.33 2.57
C LEU I 268 20.04 0.46 4.01
N ALA I 269 19.15 0.45 5.00
CA ALA I 269 19.48 0.34 6.42
C ALA I 269 19.71 -1.11 6.89
N GLY I 270 19.51 -2.13 6.03
CA GLY I 270 19.48 -3.55 6.40
C GLY I 270 18.11 -4.02 6.93
N GLY I 271 17.38 -3.18 7.68
CA GLY I 271 16.03 -3.48 8.15
C GLY I 271 15.30 -2.29 8.79
N LEU I 272 14.00 -2.46 9.06
CA LEU I 272 13.18 -1.46 9.74
C LEU I 272 13.64 -1.23 11.20
N ARG I 273 14.19 -2.27 11.84
CA ARG I 273 14.87 -2.20 13.14
C ARG I 273 16.01 -1.20 13.09
N GLU I 274 16.93 -1.35 12.14
CA GLU I 274 18.04 -0.43 11.94
C GLU I 274 17.56 1.00 11.61
N LEU I 275 16.55 1.18 10.76
CA LEU I 275 15.96 2.50 10.47
C LEU I 275 15.31 3.15 11.72
N ALA I 276 14.89 2.34 12.69
CA ALA I 276 14.39 2.76 14.00
C ALA I 276 15.48 2.84 15.10
N MET I 277 16.73 2.45 14.82
CA MET I 277 17.87 2.55 15.75
C MET I 277 18.83 3.67 15.32
N MET I 278 19.27 3.68 14.06
CA MET I 278 20.29 4.58 13.48
C MET I 278 20.00 6.09 13.70
N PRO I 279 21.04 6.96 13.70
CA PRO I 279 20.89 8.40 13.80
C PRO I 279 20.48 9.05 12.48
N SER I 280 19.82 10.21 12.53
CA SER I 280 19.43 10.99 11.35
C SER I 280 20.61 11.31 10.42
N SER I 281 21.79 11.60 10.97
CA SER I 281 23.02 11.86 10.19
C SER I 281 23.44 10.68 9.27
N THR I 282 23.11 9.44 9.64
CA THR I 282 23.38 8.24 8.82
C THR I 282 22.21 7.96 7.89
N ILE I 283 20.97 8.09 8.40
CA ILE I 283 19.72 7.96 7.63
C ILE I 283 19.67 8.96 6.45
N GLN I 284 20.33 10.12 6.59
CA GLN I 284 20.51 11.12 5.53
C GLN I 284 21.28 10.59 4.29
N VAL I 285 22.23 9.66 4.47
CA VAL I 285 23.20 9.26 3.42
C VAL I 285 23.04 7.82 2.91
N LEU I 286 22.08 7.06 3.46
CA LEU I 286 21.79 5.67 3.05
C LEU I 286 21.65 5.51 1.53
N GLY I 287 22.43 4.61 0.93
CA GLY I 287 22.41 4.33 -0.50
C GLY I 287 22.83 5.50 -1.42
N ALA I 288 23.74 6.38 -1.00
CA ALA I 288 24.35 7.38 -1.89
C ALA I 288 25.34 6.79 -2.93
N GLU I 289 25.62 5.48 -2.87
CA GLU I 289 26.57 4.75 -3.73
C GLU I 289 27.94 5.46 -3.77
N LYS I 290 28.63 5.55 -4.93
CA LYS I 290 30.05 5.94 -4.98
C LYS I 290 30.41 7.35 -4.45
N ALA I 291 29.42 8.20 -4.18
CA ALA I 291 29.62 9.48 -3.49
C ALA I 291 29.98 9.30 -2.00
N LEU I 292 29.40 8.29 -1.33
CA LEU I 292 29.74 7.94 0.06
C LEU I 292 31.12 7.26 0.11
N PHE I 293 31.39 6.33 -0.82
CA PHE I 293 32.69 5.69 -1.00
C PHE I 293 33.83 6.72 -1.08
N ARG I 294 33.75 7.72 -1.97
CA ARG I 294 34.83 8.72 -2.09
C ARG I 294 34.92 9.73 -0.94
N HIS I 295 33.83 9.93 -0.18
CA HIS I 295 33.87 10.67 1.09
C HIS I 295 34.65 9.93 2.19
N LEU I 296 34.49 8.60 2.31
CA LEU I 296 35.27 7.78 3.24
C LEU I 296 36.68 7.51 2.68
N ARG I 297 36.80 6.70 1.63
CA ARG I 297 38.07 6.14 1.12
C ARG I 297 39.02 7.20 0.56
N THR I 298 38.49 8.21 -0.14
CA THR I 298 39.30 9.25 -0.83
C THR I 298 39.30 10.61 -0.10
N GLY I 299 38.53 10.74 0.99
CA GLY I 299 38.47 11.96 1.82
C GLY I 299 37.81 13.17 1.16
N ALA I 300 36.88 12.94 0.22
CA ALA I 300 36.08 13.98 -0.45
C ALA I 300 35.08 14.69 0.49
N LYS I 301 34.33 15.67 -0.01
CA LYS I 301 33.21 16.31 0.71
C LYS I 301 32.11 15.26 1.02
N PRO I 302 31.50 15.25 2.22
CA PRO I 302 30.36 14.38 2.52
C PRO I 302 29.20 14.53 1.52
N PRO I 303 28.46 13.47 1.14
CA PRO I 303 27.26 13.61 0.31
C PRO I 303 26.13 14.33 1.06
N LYS I 304 25.43 15.28 0.42
CA LYS I 304 24.28 15.97 1.06
C LYS I 304 23.08 15.06 1.31
N HIS I 305 22.92 13.98 0.54
CA HIS I 305 21.78 13.07 0.59
C HIS I 305 22.10 11.74 -0.11
N GLY I 306 21.54 10.65 0.40
CA GLY I 306 21.45 9.34 -0.29
C GLY I 306 20.11 9.16 -1.00
N VAL I 307 19.50 7.98 -0.88
CA VAL I 307 18.19 7.61 -1.50
C VAL I 307 17.05 8.58 -1.14
N ILE I 308 17.16 9.33 -0.05
CA ILE I 308 16.23 10.43 0.28
C ILE I 308 16.18 11.54 -0.79
N TYR I 309 17.13 11.60 -1.73
CA TYR I 309 17.06 12.48 -2.90
C TYR I 309 15.82 12.20 -3.77
N GLN I 310 15.33 10.95 -3.83
CA GLN I 310 14.06 10.59 -4.48
C GLN I 310 12.80 11.11 -3.73
N TYR I 311 12.94 11.79 -2.58
CA TYR I 311 11.80 12.40 -1.87
C TYR I 311 11.17 13.52 -2.72
N PRO I 312 9.82 13.58 -2.86
CA PRO I 312 9.16 14.48 -3.82
C PRO I 312 9.24 15.98 -3.55
N ALA I 313 9.89 16.42 -2.45
CA ALA I 313 10.26 17.82 -2.19
C ALA I 313 11.79 18.08 -2.20
N ILE I 314 12.60 17.12 -2.64
CA ILE I 314 14.06 17.24 -2.84
C ILE I 314 14.41 17.02 -4.33
N ASN I 315 13.85 15.97 -4.95
CA ASN I 315 14.14 15.57 -6.32
C ASN I 315 14.01 16.72 -7.36
N ARG I 316 12.94 17.52 -7.32
CA ARG I 316 12.71 18.64 -8.26
C ARG I 316 13.33 19.97 -7.85
N SER I 317 13.84 20.09 -6.62
CA SER I 317 13.97 21.36 -5.90
C SER I 317 15.30 22.09 -6.15
N PRO I 318 15.36 23.43 -6.05
CA PRO I 318 16.58 24.20 -6.28
C PRO I 318 17.61 24.08 -5.14
N TRP I 319 18.89 24.33 -5.46
CA TRP I 319 20.02 23.95 -4.61
C TRP I 319 20.00 24.56 -3.21
N TRP I 320 19.60 25.83 -3.09
CA TRP I 320 19.60 26.65 -1.86
C TRP I 320 18.93 25.95 -0.66
N GLN I 321 17.92 25.12 -0.97
CA GLN I 321 17.05 24.43 -0.02
C GLN I 321 17.27 22.91 0.03
N ARG I 322 17.75 22.24 -1.04
CA ARG I 322 17.90 20.76 -1.10
C ARG I 322 18.63 20.16 0.11
N GLY I 323 19.72 20.78 0.57
CA GLY I 323 20.48 20.32 1.75
C GLY I 323 19.75 20.51 3.09
N LYS I 324 19.14 21.69 3.27
CA LYS I 324 18.37 22.06 4.47
C LYS I 324 17.16 21.15 4.65
N ILE I 325 16.43 20.88 3.55
CA ILE I 325 15.30 19.95 3.52
C ILE I 325 15.77 18.51 3.77
N ALA I 326 16.90 18.07 3.20
CA ALA I 326 17.43 16.71 3.42
C ALA I 326 17.74 16.41 4.89
N ARG I 327 18.26 17.39 5.65
CA ARG I 327 18.58 17.23 7.09
C ARG I 327 17.32 17.06 7.94
N ALA I 328 16.34 17.95 7.78
CA ALA I 328 15.05 17.89 8.47
C ALA I 328 14.22 16.65 8.05
N LEU I 329 14.27 16.27 6.77
CA LEU I 329 13.65 15.03 6.27
C LEU I 329 14.26 13.81 6.98
N ALA I 330 15.59 13.73 7.13
CA ALA I 330 16.24 12.60 7.80
C ALA I 330 15.85 12.48 9.29
N GLY I 331 15.69 13.61 10.00
CA GLY I 331 15.14 13.63 11.37
C GLY I 331 13.70 13.14 11.44
N LYS I 332 12.80 13.73 10.64
CA LYS I 332 11.37 13.37 10.61
C LYS I 332 11.13 11.92 10.12
N LEU I 333 11.97 11.42 9.22
CA LEU I 333 12.03 10.03 8.75
C LEU I 333 12.43 9.06 9.88
N ALA I 334 13.47 9.41 10.66
CA ALA I 334 13.90 8.62 11.81
C ALA I 334 12.79 8.50 12.87
N ILE I 335 12.01 9.57 13.10
CA ILE I 335 10.82 9.57 13.97
C ILE I 335 9.75 8.63 13.42
N ALA I 336 9.36 8.75 12.15
CA ALA I 336 8.32 7.91 11.55
C ALA I 336 8.66 6.41 11.61
N ALA I 337 9.92 6.04 11.39
CA ALA I 337 10.38 4.66 11.54
C ALA I 337 10.28 4.18 12.99
N ARG I 338 10.66 5.02 13.97
CA ARG I 338 10.51 4.72 15.40
C ARG I 338 9.05 4.54 15.81
N VAL I 339 8.11 5.31 15.27
CA VAL I 339 6.67 5.13 15.53
C VAL I 339 6.14 3.81 14.94
N ASP I 340 6.43 3.53 13.67
CA ASP I 340 6.02 2.27 13.02
C ASP I 340 6.60 1.02 13.71
N TYR I 341 7.83 1.11 14.25
CA TYR I 341 8.55 -0.03 14.83
C TYR I 341 8.32 -0.23 16.35
N PHE I 342 8.33 0.83 17.17
CA PHE I 342 8.17 0.71 18.64
C PHE I 342 6.72 0.85 19.14
N SER I 343 5.85 1.55 18.39
CA SER I 343 4.55 2.00 18.91
C SER I 343 3.36 1.44 18.13
N GLY I 344 3.42 1.42 16.79
CA GLY I 344 2.31 0.91 15.97
C GLY I 344 1.05 1.77 16.04
N GLU I 345 1.21 3.07 16.27
CA GLU I 345 0.17 4.10 16.21
C GLU I 345 0.43 5.01 14.98
N TYR I 346 -0.50 5.91 14.62
CA TYR I 346 -0.38 6.72 13.39
C TYR I 346 -0.46 8.22 13.69
N ILE I 347 0.55 8.97 13.25
CA ILE I 347 0.67 10.44 13.40
C ILE I 347 1.19 11.12 12.11
N ALA I 348 1.20 10.42 10.97
CA ALA I 348 2.01 10.83 9.82
C ALA I 348 1.63 12.19 9.20
N GLU I 349 0.37 12.61 9.31
CA GLU I 349 -0.04 13.94 8.82
C GLU I 349 0.42 15.09 9.75
N GLU I 350 0.70 14.81 11.03
CA GLU I 350 1.38 15.76 11.94
C GLU I 350 2.86 15.88 11.56
N LEU I 351 3.54 14.75 11.36
CA LEU I 351 4.95 14.72 10.93
C LEU I 351 5.16 15.45 9.58
N LYS I 352 4.20 15.32 8.66
CA LYS I 352 4.15 16.11 7.41
C LYS I 352 3.93 17.60 7.66
N LYS I 353 2.99 17.99 8.53
CA LYS I 353 2.70 19.39 8.87
C LYS I 353 3.94 20.10 9.46
N GLU I 354 4.72 19.42 10.30
CA GLU I 354 5.96 19.98 10.86
C GLU I 354 7.06 20.16 9.80
N LEU I 355 7.29 19.15 8.94
CA LEU I 355 8.25 19.31 7.83
C LEU I 355 7.78 20.36 6.82
N GLU I 356 6.47 20.53 6.64
CA GLU I 356 5.87 21.57 5.81
C GLU I 356 6.02 22.98 6.40
N ALA I 357 5.95 23.13 7.73
CA ALA I 357 6.31 24.37 8.41
C ALA I 357 7.80 24.69 8.21
N ARG I 358 8.71 23.72 8.38
CA ARG I 358 10.15 23.89 8.13
C ARG I 358 10.46 24.25 6.66
N ILE I 359 9.75 23.67 5.68
CA ILE I 359 9.91 24.04 4.26
C ILE I 359 9.41 25.47 3.99
N ARG I 360 8.29 25.89 4.58
CA ARG I 360 7.79 27.28 4.50
C ARG I 360 8.78 28.25 5.13
N GLU I 361 9.36 27.91 6.28
CA GLU I 361 10.39 28.70 6.93
C GLU I 361 11.69 28.78 6.09
N ILE I 362 12.08 27.70 5.41
CA ILE I 362 13.20 27.70 4.46
C ILE I 362 12.95 28.69 3.30
N LYS I 363 11.72 28.79 2.77
CA LYS I 363 11.38 29.84 1.78
C LYS I 363 11.44 31.23 2.41
N GLU I 364 10.90 31.39 3.62
CA GLU I 364 10.84 32.68 4.35
C GLU I 364 12.22 33.20 4.79
N LYS I 365 13.24 32.33 4.85
CA LYS I 365 14.61 32.64 5.23
C LYS I 365 15.61 32.84 4.07
N TYR I 366 15.38 32.26 2.87
CA TYR I 366 16.43 32.12 1.83
C TYR I 366 16.01 32.57 0.42
N LYS J 1 3.70 9.23 31.65
CA LYS J 1 4.85 8.31 31.81
C LYS J 1 5.05 7.50 30.53
N PRO J 2 6.28 7.46 29.96
CA PRO J 2 6.54 6.79 28.68
C PRO J 2 6.70 5.27 28.80
N SER J 3 6.63 4.60 27.64
CA SER J 3 6.74 3.15 27.45
C SER J 3 8.16 2.61 27.69
N TYR J 4 9.21 3.34 27.30
CA TYR J 4 10.57 2.84 27.16
C TYR J 4 11.34 2.55 28.47
N VAL J 5 10.83 2.99 29.63
CA VAL J 5 11.46 2.73 30.94
C VAL J 5 11.43 1.23 31.32
N LYS J 6 12.49 0.75 31.98
CA LYS J 6 12.72 -0.68 32.29
C LYS J 6 12.73 -1.01 33.80
N PHE J 7 13.06 -0.01 34.61
CA PHE J 7 13.05 -0.06 36.08
C PHE J 7 12.49 1.26 36.65
N GLU J 8 11.87 1.19 37.84
CA GLU J 8 11.40 2.38 38.58
C GLU J 8 12.57 3.08 39.30
N VAL J 9 12.50 4.41 39.47
CA VAL J 9 13.39 5.19 40.34
C VAL J 9 12.65 6.35 41.02
N PRO J 10 12.98 6.71 42.28
CA PRO J 10 12.68 8.02 42.87
C PRO J 10 13.49 9.15 42.20
N LYS J 11 13.59 10.33 42.84
CA LYS J 11 14.61 11.34 42.47
C LYS J 11 16.06 10.90 42.74
N GLU J 12 16.24 9.82 43.50
CA GLU J 12 17.55 9.18 43.74
C GLU J 12 18.15 8.62 42.44
N LEU J 13 19.48 8.66 42.33
CA LEU J 13 20.27 8.53 41.10
C LEU J 13 19.97 9.60 40.02
N ALA J 14 18.70 9.89 39.70
CA ALA J 14 18.30 10.83 38.66
C ALA J 14 18.82 12.26 38.92
N GLU J 15 18.65 12.82 40.13
CA GLU J 15 19.20 14.14 40.47
C GLU J 15 20.75 14.15 40.46
N LYS J 16 21.38 13.00 40.77
CA LYS J 16 22.84 12.83 40.74
C LYS J 16 23.39 12.72 39.30
N ALA J 17 22.64 12.13 38.37
CA ALA J 17 22.98 12.09 36.95
C ALA J 17 22.82 13.46 36.27
N LEU J 18 21.78 14.22 36.62
CA LEU J 18 21.63 15.62 36.20
C LEU J 18 22.79 16.48 36.74
N GLN J 19 23.16 16.29 38.01
CA GLN J 19 24.34 16.93 38.60
C GLN J 19 25.66 16.55 37.87
N ALA J 20 25.79 15.31 37.39
CA ALA J 20 26.96 14.89 36.61
C ALA J 20 27.05 15.60 35.25
N VAL J 21 25.92 15.81 34.55
CA VAL J 21 25.87 16.63 33.32
C VAL J 21 26.35 18.06 33.62
N GLU J 22 25.95 18.65 34.74
CA GLU J 22 26.33 20.01 35.15
C GLU J 22 27.83 20.21 35.47
N ILE J 23 28.65 19.15 35.50
CA ILE J 23 30.12 19.25 35.67
C ILE J 23 30.94 18.52 34.60
N ALA J 24 30.37 17.53 33.89
CA ALA J 24 31.04 16.90 32.75
C ALA J 24 31.13 17.85 31.54
N ARG J 25 30.16 18.78 31.40
CA ARG J 25 30.06 19.74 30.30
C ARG J 25 31.27 20.65 30.11
N ASP J 26 31.95 21.06 31.19
CA ASP J 26 33.07 22.01 31.18
C ASP J 26 34.34 21.48 31.85
N THR J 27 34.37 20.22 32.29
CA THR J 27 35.60 19.53 32.73
C THR J 27 36.00 18.32 31.86
N GLY J 28 35.09 17.82 31.01
CA GLY J 28 35.24 16.58 30.23
C GLY J 28 34.81 16.72 28.75
N LYS J 29 34.13 15.70 28.22
CA LYS J 29 33.65 15.64 26.82
C LYS J 29 32.20 15.15 26.76
N ILE J 30 31.32 15.90 26.09
CA ILE J 30 29.86 15.69 26.09
C ILE J 30 29.23 15.98 24.71
N ARG J 31 28.09 15.35 24.41
CA ARG J 31 27.18 15.74 23.31
C ARG J 31 25.72 15.76 23.78
N LYS J 32 24.88 16.52 23.06
CA LYS J 32 23.50 16.88 23.45
C LYS J 32 22.54 16.81 22.25
N GLY J 33 21.30 16.39 22.51
CA GLY J 33 20.32 16.01 21.49
C GLY J 33 20.42 14.53 21.09
N THR J 34 19.33 13.95 20.61
CA THR J 34 19.20 12.51 20.43
C THR J 34 19.90 11.95 19.22
N ASN J 35 20.11 12.68 18.11
CA ASN J 35 20.86 12.12 16.98
C ASN J 35 22.38 12.09 17.22
N GLU J 36 22.92 13.06 17.98
CA GLU J 36 24.30 13.01 18.49
C GLU J 36 24.47 12.00 19.61
N THR J 37 23.48 11.89 20.51
CA THR J 37 23.43 10.78 21.48
C THR J 37 23.46 9.45 20.73
N THR J 38 22.66 9.31 19.67
CA THR J 38 22.55 8.07 18.88
C THR J 38 23.84 7.75 18.12
N LYS J 39 24.57 8.74 17.57
CA LYS J 39 25.92 8.53 17.00
C LYS J 39 26.90 7.99 18.05
N ALA J 40 26.97 8.63 19.22
CA ALA J 40 27.82 8.18 20.32
C ALA J 40 27.33 6.87 20.99
N VAL J 41 26.06 6.49 20.76
CA VAL J 41 25.48 5.23 21.24
C VAL J 41 25.78 4.09 20.27
N GLU J 42 25.49 4.24 18.98
CA GLU J 42 25.69 3.23 17.93
C GLU J 42 27.16 2.84 17.77
N ARG J 43 28.07 3.83 17.70
CA ARG J 43 29.53 3.60 17.71
C ARG J 43 30.12 3.49 19.12
N GLY J 44 29.31 3.09 20.10
CA GLY J 44 29.69 2.69 21.45
C GLY J 44 30.20 3.78 22.42
N GLN J 45 30.84 4.84 21.92
CA GLN J 45 31.70 5.80 22.64
C GLN J 45 31.07 6.53 23.85
N ALA J 46 29.74 6.60 23.96
CA ALA J 46 29.07 7.14 25.14
C ALA J 46 29.16 6.19 26.35
N LYS J 47 29.85 6.62 27.41
CA LYS J 47 30.09 5.86 28.66
C LYS J 47 28.87 5.85 29.59
N LEU J 48 28.03 6.89 29.48
CA LEU J 48 26.75 7.04 30.16
C LEU J 48 25.81 7.85 29.26
N VAL J 49 24.54 7.46 29.19
CA VAL J 49 23.49 8.19 28.48
C VAL J 49 22.34 8.57 29.43
N ILE J 50 21.84 9.80 29.27
CA ILE J 50 20.76 10.39 30.05
C ILE J 50 19.61 10.74 29.09
N ILE J 51 18.38 10.31 29.38
CA ILE J 51 17.18 10.56 28.55
C ILE J 51 16.05 11.23 29.36
N ALA J 52 15.13 11.94 28.72
CA ALA J 52 14.02 12.61 29.42
C ALA J 52 12.79 11.69 29.67
N GLU J 53 11.95 12.04 30.64
CA GLU J 53 10.66 11.37 30.96
C GLU J 53 9.44 11.97 30.22
N ASP J 54 9.57 13.05 29.48
CA ASP J 54 8.47 13.85 28.90
C ASP J 54 8.59 14.11 27.38
N VAL J 55 9.35 13.28 26.67
CA VAL J 55 9.51 13.37 25.21
C VAL J 55 8.15 13.13 24.52
N ASP J 56 7.85 13.92 23.49
CA ASP J 56 6.51 14.05 22.92
C ASP J 56 6.59 14.43 21.42
N PRO J 57 6.38 13.49 20.47
CA PRO J 57 6.07 12.07 20.66
C PRO J 57 7.18 11.31 21.42
N GLU J 58 6.80 10.35 22.28
CA GLU J 58 7.76 9.62 23.12
C GLU J 58 8.70 8.71 22.32
N GLU J 59 8.30 8.34 21.10
CA GLU J 59 8.93 7.32 20.28
C GLU J 59 10.35 7.67 19.79
N ILE J 60 10.73 8.96 19.71
CA ILE J 60 12.02 9.41 19.14
C ILE J 60 13.25 8.90 19.94
N VAL J 61 13.12 8.70 21.25
CA VAL J 61 14.18 8.15 22.14
C VAL J 61 14.00 6.66 22.48
N ALA J 62 12.94 6.01 22.01
CA ALA J 62 12.53 4.67 22.49
C ALA J 62 13.52 3.55 22.16
N HIS J 63 14.45 3.79 21.23
CA HIS J 63 15.57 2.90 20.86
C HIS J 63 16.73 2.94 21.86
N LEU J 64 16.93 4.03 22.60
CA LEU J 64 18.14 4.20 23.41
C LEU J 64 18.31 3.13 24.50
N PRO J 65 17.28 2.71 25.27
CA PRO J 65 17.43 1.62 26.24
C PRO J 65 17.81 0.25 25.65
N PRO J 66 17.07 -0.35 24.67
CA PRO J 66 17.45 -1.66 24.11
C PRO J 66 18.79 -1.62 23.35
N LEU J 67 19.12 -0.51 22.68
CA LEU J 67 20.41 -0.34 22.00
C LEU J 67 21.58 -0.24 23.00
N CYS J 68 21.33 0.24 24.22
CA CYS J 68 22.31 0.22 25.31
C CYS J 68 22.45 -1.15 26.00
N GLU J 69 21.49 -2.07 25.84
CA GLU J 69 21.72 -3.49 26.14
C GLU J 69 22.58 -4.16 25.05
N GLU J 70 22.30 -3.88 23.77
CA GLU J 70 22.92 -4.51 22.60
C GLU J 70 24.44 -4.27 22.49
N LYS J 71 24.89 -3.10 22.98
CA LYS J 71 26.30 -2.67 23.06
C LYS J 71 26.94 -2.74 24.46
N GLU J 72 26.14 -3.02 25.50
CA GLU J 72 26.57 -3.11 26.90
C GLU J 72 27.14 -1.80 27.51
N ILE J 73 26.25 -0.80 27.71
CA ILE J 73 26.53 0.50 28.36
C ILE J 73 25.36 0.90 29.30
N PRO J 74 25.59 1.57 30.45
CA PRO J 74 24.54 2.02 31.37
C PRO J 74 23.73 3.22 30.86
N TYR J 75 22.44 3.26 31.21
CA TYR J 75 21.46 4.29 30.81
C TYR J 75 20.57 4.72 31.99
N ILE J 76 20.15 5.99 32.03
CA ILE J 76 19.29 6.55 33.09
C ILE J 76 18.35 7.64 32.54
N TYR J 77 17.25 7.93 33.27
CA TYR J 77 16.24 8.93 32.89
C TYR J 77 16.10 10.09 33.90
N VAL J 78 15.61 11.25 33.43
CA VAL J 78 15.41 12.50 34.21
C VAL J 78 14.08 13.20 33.85
N PRO J 79 13.46 13.97 34.77
CA PRO J 79 12.02 14.28 34.70
C PRO J 79 11.54 15.31 33.66
N SER J 80 12.41 16.10 33.01
CA SER J 80 12.00 17.11 32.02
C SER J 80 13.10 17.47 31.00
N LYS J 81 12.78 17.38 29.70
CA LYS J 81 13.67 17.65 28.55
C LYS J 81 14.19 19.08 28.46
N LYS J 82 13.40 20.08 28.89
CA LYS J 82 13.85 21.49 28.92
C LYS J 82 14.94 21.72 29.96
N GLU J 83 14.78 21.12 31.15
CA GLU J 83 15.75 21.19 32.23
C GLU J 83 17.04 20.40 31.91
N LEU J 84 16.93 19.29 31.18
CA LEU J 84 18.09 18.56 30.63
C LEU J 84 18.85 19.39 29.58
N GLY J 85 18.13 20.10 28.69
CA GLY J 85 18.74 21.06 27.76
C GLY J 85 19.48 22.20 28.49
N ALA J 86 18.86 22.78 29.52
CA ALA J 86 19.48 23.81 30.35
C ALA J 86 20.70 23.30 31.15
N ALA J 87 20.68 22.05 31.62
CA ALA J 87 21.85 21.40 32.23
C ALA J 87 22.99 21.20 31.21
N ALA J 88 22.66 20.86 29.96
CA ALA J 88 23.58 20.81 28.83
C ALA J 88 23.99 22.20 28.27
N GLY J 89 23.57 23.29 28.93
CA GLY J 89 24.00 24.67 28.64
C GLY J 89 23.25 25.37 27.51
N ILE J 90 22.52 24.65 26.66
CA ILE J 90 21.77 25.20 25.50
C ILE J 90 20.47 25.89 25.94
N GLU J 91 19.88 26.73 25.07
CA GLU J 91 18.68 27.52 25.42
C GLU J 91 17.34 26.92 24.96
N VAL J 92 17.36 25.87 24.13
CA VAL J 92 16.20 25.02 23.77
C VAL J 92 16.05 23.83 24.74
N ALA J 93 15.43 22.73 24.33
CA ALA J 93 15.37 21.47 25.10
C ALA J 93 16.35 20.40 24.56
N ALA J 94 16.49 19.28 25.27
CA ALA J 94 17.17 18.09 24.76
C ALA J 94 16.45 16.81 25.24
N ALA J 95 16.06 15.94 24.32
CA ALA J 95 15.46 14.64 24.66
C ALA J 95 16.48 13.65 25.25
N SER J 96 17.77 13.79 24.91
CA SER J 96 18.87 13.05 25.56
C SER J 96 20.24 13.74 25.51
N VAL J 97 21.17 13.28 26.36
CA VAL J 97 22.56 13.75 26.52
C VAL J 97 23.51 12.56 26.70
N ALA J 98 24.72 12.63 26.14
CA ALA J 98 25.72 11.57 26.16
C ALA J 98 27.08 12.04 26.74
N ILE J 99 27.62 11.27 27.69
CA ILE J 99 28.95 11.49 28.28
C ILE J 99 29.99 10.66 27.53
N ILE J 100 30.98 11.30 26.91
CA ILE J 100 32.09 10.61 26.20
C ILE J 100 33.30 10.47 27.14
N GLU J 101 33.59 11.51 27.94
CA GLU J 101 34.63 11.49 28.96
C GLU J 101 34.17 12.28 30.19
N PRO J 102 34.10 11.68 31.40
CA PRO J 102 33.56 12.34 32.59
C PRO J 102 34.33 13.57 33.09
N GLY J 103 35.54 13.82 32.60
CA GLY J 103 36.40 14.90 33.09
C GLY J 103 36.74 14.70 34.57
N LYS J 104 36.37 15.66 35.42
CA LYS J 104 36.53 15.55 36.87
C LYS J 104 35.56 14.55 37.52
N ALA J 105 34.44 14.21 36.87
CA ALA J 105 33.32 13.49 37.45
C ALA J 105 33.44 11.94 37.47
N ARG J 106 34.66 11.37 37.44
CA ARG J 106 34.86 9.91 37.25
C ARG J 106 34.29 9.05 38.39
N ASP J 107 34.61 9.36 39.65
CA ASP J 107 34.02 8.67 40.82
C ASP J 107 32.48 8.76 40.83
N LEU J 108 31.91 9.86 40.34
CA LEU J 108 30.47 10.12 40.29
C LEU J 108 29.77 9.32 39.19
N VAL J 109 30.35 9.27 37.99
CA VAL J 109 29.85 8.45 36.87
C VAL J 109 30.03 6.96 37.15
N GLU J 110 31.10 6.57 37.84
CA GLU J 110 31.32 5.18 38.29
C GLU J 110 30.33 4.77 39.39
N GLU J 111 29.94 5.67 40.31
CA GLU J 111 28.82 5.42 41.24
C GLU J 111 27.50 5.22 40.49
N ILE J 112 27.18 6.09 39.53
CA ILE J 112 25.95 5.99 38.71
C ILE J 112 25.95 4.65 37.95
N ALA J 113 27.04 4.29 37.26
CA ALA J 113 27.14 3.02 36.55
C ALA J 113 26.99 1.81 37.48
N MET J 114 27.68 1.81 38.63
CA MET J 114 27.63 0.71 39.61
C MET J 114 26.24 0.54 40.24
N LYS J 115 25.51 1.63 40.49
CA LYS J 115 24.15 1.60 41.06
C LYS J 115 23.06 1.38 40.00
N VAL J 116 23.27 1.76 38.73
CA VAL J 116 22.38 1.37 37.61
C VAL J 116 22.53 -0.12 37.27
N LYS J 117 23.73 -0.71 37.41
CA LYS J 117 23.94 -2.18 37.31
C LYS J 117 23.32 -2.98 38.48
N GLU J 118 22.74 -2.32 39.49
CA GLU J 118 21.82 -2.96 40.45
C GLU J 118 20.38 -3.08 39.93
N LEU J 119 20.00 -2.33 38.89
CA LEU J 119 18.64 -2.21 38.37
C LEU J 119 18.44 -2.87 36.99
N MET J 120 19.49 -2.90 36.15
CA MET J 120 19.54 -3.60 34.84
C MET J 120 19.75 -5.12 35.03
N LYS J 121 18.95 -5.75 35.91
CA LYS J 121 19.22 -7.07 36.51
C LYS J 121 17.95 -7.88 36.80
N MET K 1 -55.06 25.22 15.14
CA MET K 1 -56.52 25.26 14.96
C MET K 1 -56.83 25.06 13.48
N VAL K 2 -57.24 23.86 13.05
CA VAL K 2 -57.43 23.47 11.64
C VAL K 2 -58.51 22.39 11.51
N GLU K 3 -59.00 22.10 10.29
CA GLU K 3 -59.85 20.92 9.99
C GLU K 3 -59.17 20.02 8.95
N VAL K 4 -59.03 18.71 9.23
CA VAL K 4 -58.36 17.74 8.33
C VAL K 4 -59.37 16.99 7.45
N LYS K 5 -59.06 16.81 6.16
CA LYS K 5 -59.94 16.23 5.12
C LYS K 5 -59.16 15.38 4.11
N LYS K 6 -59.85 14.51 3.35
CA LYS K 6 -59.27 13.70 2.25
C LYS K 6 -59.11 14.51 0.95
N HIS K 7 -58.14 14.15 0.10
CA HIS K 7 -57.92 14.76 -1.22
C HIS K 7 -58.51 13.90 -2.37
N LYS K 8 -58.44 14.39 -3.63
CA LYS K 8 -58.90 13.65 -4.83
C LYS K 8 -58.07 12.39 -5.15
N PHE K 9 -56.88 12.26 -4.58
CA PHE K 9 -55.98 11.11 -4.75
C PHE K 9 -55.85 10.33 -3.42
N PRO K 10 -55.87 8.98 -3.41
CA PRO K 10 -55.75 8.19 -2.18
C PRO K 10 -54.36 8.36 -1.56
N GLY K 11 -54.30 8.33 -0.22
CA GLY K 11 -53.08 8.62 0.57
C GLY K 11 -52.74 10.11 0.71
N VAL K 12 -53.34 10.99 -0.11
CA VAL K 12 -53.16 12.45 -0.03
C VAL K 12 -54.30 13.08 0.79
N TYR K 13 -53.96 14.06 1.62
CA TYR K 13 -54.86 14.78 2.53
C TYR K 13 -54.82 16.29 2.29
N VAL K 14 -55.80 17.00 2.86
CA VAL K 14 -55.93 18.46 2.85
C VAL K 14 -56.20 18.93 4.28
N VAL K 15 -55.69 20.10 4.66
CA VAL K 15 -56.12 20.84 5.85
C VAL K 15 -56.77 22.15 5.44
N ILE K 16 -57.82 22.54 6.17
CA ILE K 16 -58.37 23.89 6.17
C ILE K 16 -57.60 24.68 7.23
N ASP K 17 -56.81 25.67 6.80
CA ASP K 17 -55.90 26.42 7.67
C ASP K 17 -56.60 27.59 8.38
N ASP K 18 -55.97 28.13 9.43
CA ASP K 18 -56.56 29.25 10.20
C ASP K 18 -56.72 30.53 9.37
N ASP K 19 -55.89 30.69 8.34
CA ASP K 19 -56.00 31.75 7.32
C ASP K 19 -57.24 31.65 6.40
N GLY K 20 -57.96 30.53 6.41
CA GLY K 20 -59.15 30.31 5.58
C GLY K 20 -58.83 29.79 4.17
N SER K 21 -57.71 29.07 4.03
CA SER K 21 -57.18 28.50 2.79
C SER K 21 -57.04 26.97 2.88
N GLU K 22 -57.11 26.28 1.74
CA GLU K 22 -56.82 24.85 1.63
C GLU K 22 -55.31 24.64 1.47
N LYS K 23 -54.70 23.76 2.28
CA LYS K 23 -53.28 23.38 2.15
C LYS K 23 -53.10 21.86 2.12
N ILE K 24 -52.17 21.36 1.31
CA ILE K 24 -52.00 19.92 1.04
C ILE K 24 -51.04 19.23 2.03
N ALA K 25 -51.35 17.98 2.38
CA ALA K 25 -50.70 17.25 3.46
C ALA K 25 -50.72 15.72 3.25
N THR K 26 -49.99 14.99 4.09
CA THR K 26 -50.03 13.52 4.21
C THR K 26 -50.09 13.09 5.68
N LYS K 27 -50.60 11.89 5.97
CA LYS K 27 -50.58 11.32 7.33
C LYS K 27 -49.19 10.73 7.61
N ASN K 28 -48.51 11.19 8.67
CA ASN K 28 -47.08 10.95 8.88
C ASN K 28 -46.79 9.45 9.05
N LEU K 29 -45.85 8.91 8.26
CA LEU K 29 -45.55 7.48 8.13
C LEU K 29 -45.43 6.76 9.49
N VAL K 30 -44.70 7.39 10.42
CA VAL K 30 -44.81 7.17 11.87
C VAL K 30 -45.06 8.51 12.57
N PRO K 31 -45.91 8.58 13.61
CA PRO K 31 -46.17 9.83 14.32
C PRO K 31 -45.00 10.24 15.22
N GLY K 32 -44.75 11.54 15.31
CA GLY K 32 -43.66 12.14 16.10
C GLY K 32 -42.35 12.36 15.32
N GLN K 33 -42.24 11.84 14.10
CA GLN K 33 -41.06 12.06 13.25
C GLN K 33 -41.08 13.46 12.58
N ARG K 34 -39.92 14.11 12.50
CA ARG K 34 -39.64 15.30 11.67
C ARG K 34 -38.84 14.87 10.43
N VAL K 35 -39.02 15.55 9.30
CA VAL K 35 -38.46 15.11 8.00
C VAL K 35 -37.84 16.24 7.17
N TYR K 36 -38.34 17.47 7.25
CA TYR K 36 -37.70 18.67 6.70
C TYR K 36 -37.89 19.92 7.61
N GLY K 37 -37.83 19.70 8.92
CA GLY K 37 -38.12 20.70 9.96
C GLY K 37 -39.54 21.24 9.93
N GLU K 38 -40.50 20.49 9.38
CA GLU K 38 -41.74 21.06 8.84
C GLU K 38 -42.84 21.35 9.88
N ARG K 39 -43.86 22.11 9.45
CA ARG K 39 -45.12 22.27 10.21
C ARG K 39 -45.89 20.95 10.22
N VAL K 40 -45.65 20.16 11.27
CA VAL K 40 -46.44 18.99 11.63
C VAL K 40 -47.72 19.38 12.39
N ILE K 41 -48.78 18.63 12.17
CA ILE K 41 -50.14 18.94 12.60
C ILE K 41 -50.70 17.74 13.39
N LYS K 42 -50.95 17.94 14.68
CA LYS K 42 -51.57 16.94 15.56
C LYS K 42 -53.09 16.92 15.33
N TRP K 43 -53.67 15.73 15.32
CA TRP K 43 -55.12 15.50 15.21
C TRP K 43 -55.61 14.54 16.31
N GLU K 44 -56.88 14.14 16.29
CA GLU K 44 -57.54 13.36 17.34
C GLU K 44 -57.16 11.86 17.33
N GLY K 45 -55.89 11.59 17.63
CA GLY K 45 -55.28 10.25 17.56
C GLY K 45 -54.44 10.01 16.29
N GLU K 46 -54.15 11.04 15.51
CA GLU K 46 -53.37 10.97 14.26
C GLU K 46 -52.39 12.16 14.17
N GLU K 47 -51.37 12.08 13.30
CA GLU K 47 -50.44 13.17 13.01
C GLU K 47 -50.23 13.32 11.50
N TYR K 48 -50.16 14.57 11.03
CA TYR K 48 -50.07 14.96 9.62
C TYR K 48 -48.88 15.88 9.37
N ARG K 49 -48.39 15.93 8.12
CA ARG K 49 -47.28 16.79 7.68
C ARG K 49 -47.64 17.54 6.40
N ILE K 50 -47.27 18.83 6.32
CA ILE K 50 -47.54 19.68 5.15
C ILE K 50 -46.62 19.33 3.97
N TRP K 51 -47.08 19.58 2.74
CA TRP K 51 -46.33 19.42 1.49
C TRP K 51 -46.23 20.79 0.80
N ASN K 52 -45.21 21.58 1.13
CA ASN K 52 -45.19 23.04 0.91
C ASN K 52 -45.08 23.45 -0.59
N PRO K 53 -46.13 23.97 -1.25
CA PRO K 53 -46.05 24.37 -2.65
C PRO K 53 -45.17 25.60 -2.90
N HIS K 54 -44.77 26.35 -1.87
CA HIS K 54 -43.87 27.51 -2.01
C HIS K 54 -42.38 27.09 -2.09
N ARG K 55 -42.05 25.80 -1.88
CA ARG K 55 -40.71 25.22 -2.06
C ARG K 55 -40.80 23.72 -2.42
N SER K 56 -41.71 23.34 -3.33
CA SER K 56 -41.86 21.94 -3.79
C SER K 56 -42.58 21.87 -5.13
N LYS K 57 -41.89 21.48 -6.21
CA LYS K 57 -42.50 21.38 -7.55
C LYS K 57 -43.68 20.39 -7.62
N LEU K 58 -43.63 19.29 -6.86
CA LEU K 58 -44.74 18.32 -6.80
C LEU K 58 -45.99 18.95 -6.18
N GLY K 59 -45.83 19.68 -5.07
CA GLY K 59 -46.92 20.40 -4.41
C GLY K 59 -47.47 21.55 -5.26
N ALA K 60 -46.58 22.35 -5.85
CA ALA K 60 -46.94 23.44 -6.75
C ALA K 60 -47.70 22.95 -8.00
N ALA K 61 -47.28 21.83 -8.61
CA ALA K 61 -48.00 21.23 -9.73
C ALA K 61 -49.41 20.75 -9.36
N ILE K 62 -49.59 20.17 -8.17
CA ILE K 62 -50.91 19.80 -7.65
C ILE K 62 -51.80 21.05 -7.46
N VAL K 63 -51.25 22.16 -6.94
CA VAL K 63 -51.98 23.44 -6.81
C VAL K 63 -52.27 24.08 -8.18
N ASN K 64 -51.37 23.95 -9.16
CA ASN K 64 -51.62 24.32 -10.56
C ASN K 64 -52.63 23.40 -11.27
N GLY K 65 -53.12 22.33 -10.60
CA GLY K 65 -54.23 21.51 -11.06
C GLY K 65 -53.85 20.28 -11.90
N LEU K 66 -52.71 19.64 -11.61
CA LEU K 66 -52.28 18.34 -12.17
C LEU K 66 -53.40 17.29 -12.05
N LYS K 67 -53.73 16.61 -13.16
CA LYS K 67 -54.89 15.69 -13.28
C LYS K 67 -54.54 14.22 -13.00
N ASN K 68 -53.42 13.72 -13.54
CA ASN K 68 -53.01 12.31 -13.54
C ASN K 68 -51.90 12.02 -12.51
N PHE K 69 -52.27 11.52 -11.33
CA PHE K 69 -51.30 11.12 -10.28
C PHE K 69 -51.33 9.58 -10.07
N PRO K 70 -50.27 8.85 -10.48
CA PRO K 70 -50.26 7.38 -10.48
C PRO K 70 -49.79 6.75 -9.18
N ILE K 71 -49.19 7.50 -8.25
CA ILE K 71 -48.70 7.00 -6.96
C ILE K 71 -49.89 6.83 -6.00
N LYS K 72 -50.06 5.63 -5.45
CA LYS K 72 -51.20 5.21 -4.61
C LYS K 72 -50.72 4.23 -3.51
N PRO K 73 -51.49 4.00 -2.42
CA PRO K 73 -51.10 3.07 -1.36
C PRO K 73 -50.71 1.66 -1.83
N GLY K 74 -49.72 1.04 -1.17
CA GLY K 74 -49.28 -0.34 -1.39
C GLY K 74 -48.43 -0.59 -2.65
N LYS K 75 -48.34 0.38 -3.57
CA LYS K 75 -47.59 0.29 -4.84
C LYS K 75 -46.07 0.34 -4.68
N SER K 76 -45.36 0.11 -5.79
CA SER K 76 -43.90 0.20 -5.88
C SER K 76 -43.43 1.35 -6.79
N VAL K 77 -42.47 2.16 -6.35
CA VAL K 77 -42.00 3.37 -7.05
C VAL K 77 -40.48 3.58 -6.95
N LEU K 78 -39.89 4.17 -7.98
CA LEU K 78 -38.49 4.61 -8.05
C LEU K 78 -38.45 6.14 -8.22
N TYR K 79 -37.65 6.83 -7.41
CA TYR K 79 -37.40 8.27 -7.49
C TYR K 79 -35.93 8.50 -7.83
N LEU K 80 -35.66 9.39 -8.80
CA LEU K 80 -34.34 9.67 -9.38
C LEU K 80 -33.99 11.13 -9.10
N GLY K 81 -32.97 11.36 -8.26
CA GLY K 81 -32.68 12.69 -7.68
C GLY K 81 -33.65 12.99 -6.53
N ILE K 82 -33.52 12.26 -5.42
CA ILE K 82 -34.44 12.31 -4.26
C ILE K 82 -33.92 13.19 -3.12
N ALA K 83 -32.61 13.28 -2.94
CA ALA K 83 -31.93 13.71 -1.71
C ALA K 83 -32.52 13.10 -0.41
N SER K 84 -33.55 13.73 0.18
CA SER K 84 -34.34 13.23 1.30
C SER K 84 -35.82 13.60 1.12
N GLY K 85 -36.13 14.91 1.01
CA GLY K 85 -37.23 15.44 0.21
C GLY K 85 -38.22 16.35 0.97
N THR K 86 -37.98 17.66 1.00
CA THR K 86 -39.04 18.67 1.17
C THR K 86 -40.15 18.48 0.10
N THR K 87 -39.77 18.27 -1.16
CA THR K 87 -40.66 18.02 -2.31
C THR K 87 -41.02 16.53 -2.45
N ALA K 88 -40.08 15.63 -2.13
CA ALA K 88 -40.15 14.22 -2.54
C ALA K 88 -40.62 13.24 -1.45
N SER K 89 -40.29 13.46 -0.16
CA SER K 89 -40.43 12.43 0.89
C SER K 89 -41.87 11.93 1.09
N HIS K 90 -42.86 12.75 0.75
CA HIS K 90 -44.29 12.50 0.90
C HIS K 90 -44.80 11.28 0.13
N VAL K 91 -44.07 10.79 -0.89
CA VAL K 91 -44.41 9.53 -1.56
C VAL K 91 -44.36 8.34 -0.58
N SER K 92 -43.49 8.37 0.44
CA SER K 92 -43.43 7.35 1.49
C SER K 92 -44.70 7.32 2.35
N ASP K 93 -45.27 8.50 2.67
CA ASP K 93 -46.53 8.61 3.42
C ASP K 93 -47.74 8.15 2.57
N ILE K 94 -47.77 8.50 1.29
CA ILE K 94 -48.85 8.16 0.34
C ILE K 94 -48.86 6.66 0.01
N VAL K 95 -47.68 6.06 -0.17
CA VAL K 95 -47.52 4.63 -0.44
C VAL K 95 -47.74 3.79 0.83
N GLY K 96 -47.32 4.30 1.99
CA GLY K 96 -47.61 3.75 3.31
C GLY K 96 -46.88 2.42 3.64
N TRP K 97 -47.22 1.83 4.78
CA TRP K 97 -46.54 0.65 5.35
C TRP K 97 -46.53 -0.60 4.45
N GLU K 98 -47.45 -0.71 3.48
CA GLU K 98 -47.61 -1.92 2.64
C GLU K 98 -46.93 -1.84 1.27
N GLY K 99 -46.33 -0.70 0.92
CA GLY K 99 -45.67 -0.45 -0.38
C GLY K 99 -44.15 -0.28 -0.31
N LYS K 100 -43.53 0.09 -1.43
CA LYS K 100 -42.06 0.07 -1.62
C LYS K 100 -41.56 1.29 -2.40
N ILE K 101 -40.51 1.96 -1.90
CA ILE K 101 -39.89 3.13 -2.51
C ILE K 101 -38.37 2.91 -2.65
N TYR K 102 -37.84 3.06 -3.86
CA TYR K 102 -36.40 3.21 -4.10
C TYR K 102 -36.05 4.69 -4.27
N GLY K 103 -35.12 5.21 -3.47
CA GLY K 103 -34.59 6.56 -3.60
C GLY K 103 -33.17 6.53 -4.13
N ILE K 104 -32.96 6.96 -5.37
CA ILE K 104 -31.66 7.01 -6.05
C ILE K 104 -31.16 8.45 -6.09
N GLU K 105 -29.88 8.65 -5.79
CA GLU K 105 -29.23 9.96 -5.79
C GLU K 105 -27.82 9.90 -6.39
N PHE K 106 -27.46 10.90 -7.19
CA PHE K 106 -26.12 11.08 -7.75
C PHE K 106 -25.27 12.04 -6.90
N SER K 107 -25.92 13.03 -6.30
CA SER K 107 -25.30 14.14 -5.55
C SER K 107 -24.59 13.61 -4.28
N PRO K 108 -23.24 13.72 -4.16
CA PRO K 108 -22.42 12.86 -3.30
C PRO K 108 -22.54 13.07 -1.77
N ARG K 109 -23.42 13.98 -1.31
CA ARG K 109 -23.63 14.26 0.13
C ARG K 109 -25.05 14.02 0.61
N VAL K 110 -26.04 14.66 -0.02
CA VAL K 110 -27.40 14.86 0.54
C VAL K 110 -28.14 13.59 0.96
N LEU K 111 -27.95 12.46 0.24
CA LEU K 111 -28.58 11.18 0.59
C LEU K 111 -28.18 10.67 1.99
N ARG K 112 -27.07 11.16 2.55
CA ARG K 112 -26.63 10.88 3.93
C ARG K 112 -27.63 11.38 5.00
N GLU K 113 -28.46 12.37 4.70
CA GLU K 113 -29.51 12.83 5.61
C GLU K 113 -30.83 12.03 5.50
N LEU K 114 -31.05 11.28 4.40
CA LEU K 114 -32.16 10.31 4.32
C LEU K 114 -31.87 9.02 5.11
N VAL K 115 -30.59 8.62 5.19
CA VAL K 115 -30.10 7.42 5.90
C VAL K 115 -30.60 7.27 7.35
N PRO K 116 -30.62 8.29 8.22
CA PRO K 116 -31.21 8.17 9.57
C PRO K 116 -32.75 8.04 9.54
N ILE K 117 -33.43 8.81 8.67
CA ILE K 117 -34.91 8.87 8.61
C ILE K 117 -35.52 7.49 8.29
N VAL K 118 -34.83 6.68 7.48
CA VAL K 118 -35.24 5.32 7.12
C VAL K 118 -35.01 4.26 8.21
N GLU K 119 -34.45 4.60 9.37
CA GLU K 119 -34.49 3.73 10.55
C GLU K 119 -35.92 3.60 11.15
N GLU K 120 -36.86 4.47 10.76
CA GLU K 120 -38.31 4.21 10.91
C GLU K 120 -39.10 4.30 9.60
N ARG K 121 -38.68 5.07 8.58
CA ARG K 121 -39.30 5.05 7.22
C ARG K 121 -38.89 3.83 6.40
N ARG K 122 -39.11 2.64 6.95
CA ARG K 122 -38.69 1.32 6.44
C ARG K 122 -39.43 0.84 5.18
N ASN K 123 -40.23 1.69 4.54
CA ASN K 123 -40.74 1.47 3.18
C ASN K 123 -39.84 2.11 2.08
N ILE K 124 -38.87 2.95 2.47
CA ILE K 124 -37.85 3.54 1.59
C ILE K 124 -36.53 2.75 1.68
N ILE K 125 -35.81 2.62 0.56
CA ILE K 125 -34.40 2.24 0.54
C ILE K 125 -33.60 3.31 -0.23
N PRO K 126 -32.55 3.92 0.38
CA PRO K 126 -31.69 4.90 -0.28
C PRO K 126 -30.46 4.22 -0.94
N ILE K 127 -30.17 4.53 -2.21
CA ILE K 127 -28.99 4.02 -2.94
C ILE K 127 -28.27 5.17 -3.68
N LEU K 128 -26.97 5.34 -3.43
CA LEU K 128 -26.13 6.35 -4.11
C LEU K 128 -25.57 5.82 -5.45
N GLY K 129 -25.88 6.48 -6.57
CA GLY K 129 -25.41 6.15 -7.93
C GLY K 129 -26.04 7.06 -9.01
N ASP K 130 -25.37 7.23 -10.16
CA ASP K 130 -25.83 8.15 -11.22
C ASP K 130 -27.12 7.68 -11.91
N ALA K 131 -28.21 8.43 -11.75
CA ALA K 131 -29.50 8.17 -12.38
C ALA K 131 -29.46 8.16 -13.93
N THR K 132 -28.44 8.80 -14.54
CA THR K 132 -28.17 8.75 -15.99
C THR K 132 -27.75 7.35 -16.45
N LYS K 133 -27.17 6.55 -15.55
CA LYS K 133 -26.53 5.26 -15.81
C LYS K 133 -27.29 4.18 -15.03
N PRO K 134 -28.47 3.71 -15.49
CA PRO K 134 -29.37 2.84 -14.73
C PRO K 134 -28.75 1.52 -14.23
N GLU K 135 -27.61 1.13 -14.79
CA GLU K 135 -26.76 0.03 -14.35
C GLU K 135 -26.07 0.27 -12.98
N GLU K 136 -25.89 1.50 -12.50
CA GLU K 136 -25.13 1.85 -11.28
C GLU K 136 -25.70 1.23 -9.98
N TYR K 137 -27.01 0.97 -9.93
CA TYR K 137 -27.73 0.48 -8.74
C TYR K 137 -28.45 -0.87 -8.94
N ARG K 138 -28.12 -1.61 -10.01
CA ARG K 138 -28.85 -2.80 -10.51
C ARG K 138 -29.14 -3.90 -9.47
N ALA K 139 -28.33 -3.99 -8.41
CA ALA K 139 -28.42 -5.05 -7.40
C ALA K 139 -29.42 -4.79 -6.26
N LEU K 140 -29.93 -3.56 -6.13
CA LEU K 140 -30.75 -3.10 -5.00
C LEU K 140 -32.15 -2.59 -5.42
N VAL K 141 -32.56 -2.86 -6.66
CA VAL K 141 -33.85 -2.42 -7.24
C VAL K 141 -34.60 -3.58 -7.94
N THR K 142 -35.82 -3.31 -8.38
CA THR K 142 -36.70 -4.25 -9.13
C THR K 142 -37.44 -3.52 -10.25
N LYS K 143 -38.28 -4.24 -11.01
CA LYS K 143 -39.41 -3.60 -11.70
C LYS K 143 -40.29 -2.86 -10.68
N VAL K 144 -40.85 -1.73 -11.08
CA VAL K 144 -41.76 -0.86 -10.30
C VAL K 144 -43.03 -0.51 -11.08
N ASP K 145 -44.00 0.11 -10.42
CA ASP K 145 -45.23 0.64 -11.03
C ASP K 145 -45.07 2.07 -11.58
N VAL K 146 -44.21 2.89 -10.95
CA VAL K 146 -43.98 4.31 -11.25
C VAL K 146 -42.49 4.67 -11.19
N ILE K 147 -42.02 5.56 -12.07
CA ILE K 147 -40.69 6.22 -11.99
C ILE K 147 -40.85 7.76 -11.98
N PHE K 148 -40.07 8.47 -11.17
CA PHE K 148 -40.07 9.94 -11.06
C PHE K 148 -38.65 10.53 -11.23
N GLU K 149 -38.52 11.69 -11.90
CA GLU K 149 -37.31 12.54 -11.93
C GLU K 149 -37.70 14.01 -11.71
N ASP K 150 -36.97 14.75 -10.85
CA ASP K 150 -37.36 16.11 -10.41
C ASP K 150 -36.22 17.14 -10.29
N VAL K 151 -34.96 16.77 -10.55
CA VAL K 151 -33.78 17.67 -10.42
C VAL K 151 -33.48 18.41 -11.74
N ALA K 152 -33.90 17.83 -12.86
CA ALA K 152 -33.80 18.40 -14.20
C ALA K 152 -32.35 18.64 -14.67
N GLN K 153 -31.51 17.62 -14.50
CA GLN K 153 -30.15 17.53 -15.05
C GLN K 153 -30.15 17.56 -16.60
N PRO K 154 -29.04 17.93 -17.27
CA PRO K 154 -28.94 17.94 -18.74
C PRO K 154 -29.26 16.63 -19.44
N THR K 155 -29.20 15.52 -18.71
CA THR K 155 -29.43 14.15 -19.19
C THR K 155 -30.87 13.65 -18.96
N GLN K 156 -31.77 14.47 -18.40
CA GLN K 156 -33.02 14.00 -17.78
C GLN K 156 -33.96 13.17 -18.68
N ALA K 157 -33.99 13.44 -19.99
CA ALA K 157 -34.76 12.63 -20.94
C ALA K 157 -34.25 11.17 -20.98
N LYS K 158 -32.92 10.95 -20.94
CA LYS K 158 -32.31 9.62 -20.85
C LYS K 158 -32.52 9.01 -19.46
N ILE K 159 -32.43 9.82 -18.40
CA ILE K 159 -32.68 9.38 -17.01
C ILE K 159 -34.03 8.63 -16.93
N LEU K 160 -35.15 9.26 -17.35
CA LEU K 160 -36.45 8.59 -17.29
C LEU K 160 -36.58 7.44 -18.32
N ILE K 161 -36.18 7.66 -19.59
CA ILE K 161 -36.44 6.69 -20.66
C ILE K 161 -35.70 5.37 -20.45
N ASP K 162 -34.41 5.36 -20.15
CA ASP K 162 -33.64 4.11 -20.08
C ASP K 162 -33.84 3.38 -18.74
N ASN K 163 -34.04 4.11 -17.63
CA ASN K 163 -34.59 3.50 -16.40
C ASN K 163 -35.95 2.83 -16.68
N ALA K 164 -36.81 3.43 -17.49
CA ALA K 164 -38.09 2.84 -17.87
C ALA K 164 -37.98 1.66 -18.87
N LYS K 165 -36.81 1.34 -19.42
CA LYS K 165 -36.55 0.08 -20.16
C LYS K 165 -36.23 -1.07 -19.21
N ALA K 166 -35.40 -0.83 -18.20
CA ALA K 166 -34.98 -1.85 -17.23
C ALA K 166 -35.99 -2.06 -16.09
N TYR K 167 -36.62 -0.99 -15.60
CA TYR K 167 -37.32 -0.97 -14.30
C TYR K 167 -38.83 -0.70 -14.37
N LEU K 168 -39.44 -0.41 -15.53
CA LEU K 168 -40.89 -0.17 -15.62
C LEU K 168 -41.66 -1.35 -16.25
N LYS K 169 -42.75 -1.79 -15.60
CA LYS K 169 -43.63 -2.90 -16.03
C LYS K 169 -44.59 -2.51 -17.18
N ARG K 170 -45.19 -3.51 -17.85
CA ARG K 170 -46.34 -3.32 -18.77
C ARG K 170 -47.56 -2.84 -17.97
N GLY K 171 -48.23 -1.80 -18.47
CA GLY K 171 -49.22 -1.01 -17.72
C GLY K 171 -48.61 -0.20 -16.57
N GLY K 172 -47.37 0.28 -16.71
CA GLY K 172 -46.67 1.14 -15.75
C GLY K 172 -46.71 2.62 -16.15
N TYR K 173 -46.33 3.51 -15.23
CA TYR K 173 -46.43 4.97 -15.42
C TYR K 173 -45.13 5.70 -15.03
N GLY K 174 -45.04 7.00 -15.32
CA GLY K 174 -43.91 7.83 -14.91
C GLY K 174 -44.21 9.33 -14.93
N MET K 175 -43.33 10.12 -14.31
CA MET K 175 -43.42 11.58 -14.19
C MET K 175 -42.02 12.21 -14.31
N ILE K 176 -41.94 13.41 -14.89
CA ILE K 176 -40.67 14.16 -15.03
C ILE K 176 -40.90 15.67 -15.00
N ALA K 177 -40.11 16.39 -14.22
CA ALA K 177 -40.11 17.85 -14.17
C ALA K 177 -39.01 18.43 -15.08
N VAL K 178 -39.37 18.92 -16.26
CA VAL K 178 -38.45 19.40 -17.31
C VAL K 178 -38.18 20.90 -17.20
N LYS K 179 -36.90 21.32 -17.22
CA LYS K 179 -36.51 22.75 -17.33
C LYS K 179 -35.67 23.01 -18.58
N SER K 180 -35.96 24.08 -19.31
CA SER K 180 -35.36 24.29 -20.64
C SER K 180 -33.85 24.53 -20.61
N ARG K 181 -33.38 25.30 -19.61
CA ARG K 181 -31.98 25.76 -19.50
C ARG K 181 -30.94 24.63 -19.47
N SER K 182 -31.31 23.45 -18.97
CA SER K 182 -30.42 22.28 -18.89
C SER K 182 -30.16 21.62 -20.26
N ILE K 183 -30.95 21.95 -21.28
CA ILE K 183 -30.86 21.40 -22.64
C ILE K 183 -30.46 22.50 -23.64
N ASP K 184 -31.02 23.71 -23.50
CA ASP K 184 -30.57 24.89 -24.23
C ASP K 184 -30.95 26.19 -23.49
N VAL K 185 -29.99 27.08 -23.26
CA VAL K 185 -30.18 28.36 -22.54
C VAL K 185 -30.61 29.53 -23.46
N THR K 186 -30.76 29.30 -24.78
CA THR K 186 -30.96 30.37 -25.77
C THR K 186 -32.32 30.32 -26.47
N LYS K 187 -32.81 29.13 -26.84
CA LYS K 187 -34.12 28.95 -27.52
C LYS K 187 -35.28 28.91 -26.52
N GLU K 188 -36.50 29.10 -27.02
CA GLU K 188 -37.69 29.28 -26.17
C GLU K 188 -38.00 28.04 -25.31
N PRO K 189 -38.38 28.18 -24.02
CA PRO K 189 -38.77 27.06 -23.18
C PRO K 189 -39.87 26.16 -23.79
N GLU K 190 -40.93 26.74 -24.37
CA GLU K 190 -42.00 25.97 -25.01
C GLU K 190 -41.52 25.20 -26.27
N GLN K 191 -40.45 25.67 -26.92
CA GLN K 191 -39.78 24.96 -28.02
C GLN K 191 -38.92 23.81 -27.48
N VAL K 192 -38.11 24.01 -26.44
CA VAL K 192 -37.35 22.93 -25.79
C VAL K 192 -38.31 21.85 -25.24
N PHE K 193 -39.44 22.26 -24.66
CA PHE K 193 -40.50 21.34 -24.25
C PHE K 193 -41.12 20.57 -25.42
N LYS K 194 -41.11 21.07 -26.68
CA LYS K 194 -41.49 20.28 -27.87
C LYS K 194 -40.45 19.22 -28.21
N GLU K 195 -39.17 19.54 -28.13
CA GLU K 195 -38.09 18.58 -28.43
C GLU K 195 -38.11 17.41 -27.44
N VAL K 196 -38.38 17.71 -26.16
CA VAL K 196 -38.63 16.68 -25.14
C VAL K 196 -39.97 15.96 -25.38
N GLU K 197 -41.06 16.66 -25.72
CA GLU K 197 -42.37 16.04 -26.04
C GLU K 197 -42.26 15.02 -27.20
N ARG K 198 -41.45 15.30 -28.24
CA ARG K 198 -41.25 14.37 -29.37
C ARG K 198 -40.26 13.23 -29.11
N GLU K 199 -39.33 13.37 -28.15
CA GLU K 199 -38.46 12.28 -27.70
C GLU K 199 -39.18 11.37 -26.68
N LEU K 200 -39.93 11.96 -25.75
CA LEU K 200 -40.71 11.26 -24.73
C LEU K 200 -41.84 10.44 -25.38
N SER K 201 -42.50 10.98 -26.41
CA SER K 201 -43.45 10.23 -27.24
C SER K 201 -42.80 9.26 -28.24
N GLU K 202 -41.46 9.18 -28.31
CA GLU K 202 -40.73 8.15 -29.05
C GLU K 202 -40.61 6.83 -28.25
N TYR K 203 -41.10 6.80 -27.01
CA TYR K 203 -41.11 5.62 -26.14
C TYR K 203 -42.40 5.43 -25.32
N PHE K 204 -43.05 6.51 -24.88
CA PHE K 204 -44.25 6.47 -24.03
C PHE K 204 -45.54 6.95 -24.73
N GLU K 205 -46.70 6.61 -24.14
CA GLU K 205 -47.91 7.44 -24.26
C GLU K 205 -47.79 8.62 -23.29
N VAL K 206 -47.75 9.86 -23.81
CA VAL K 206 -47.72 11.08 -22.99
C VAL K 206 -49.14 11.48 -22.63
N ILE K 207 -49.50 11.36 -21.34
CA ILE K 207 -50.87 11.54 -20.86
C ILE K 207 -51.16 12.94 -20.31
N GLU K 208 -50.14 13.69 -19.86
CA GLU K 208 -50.31 15.09 -19.40
C GLU K 208 -49.03 15.94 -19.55
N ARG K 209 -49.20 17.26 -19.71
CA ARG K 209 -48.19 18.34 -19.69
C ARG K 209 -48.75 19.54 -18.92
N LEU K 210 -47.93 20.16 -18.07
CA LEU K 210 -48.29 21.31 -17.21
C LEU K 210 -47.10 22.28 -17.11
N ASN K 211 -47.33 23.59 -17.21
CA ASN K 211 -46.33 24.63 -16.92
C ASN K 211 -46.46 25.10 -15.45
N LEU K 212 -45.35 25.39 -14.77
CA LEU K 212 -45.30 25.60 -13.32
C LEU K 212 -45.41 27.08 -12.87
N GLU K 213 -45.44 28.05 -13.81
CA GLU K 213 -45.92 29.40 -13.51
C GLU K 213 -47.38 29.33 -12.97
N PRO K 214 -47.79 30.15 -11.97
CA PRO K 214 -47.09 31.31 -11.41
C PRO K 214 -46.28 31.00 -10.13
N TYR K 215 -45.93 29.74 -9.87
CA TYR K 215 -44.96 29.39 -8.82
C TYR K 215 -43.54 29.49 -9.38
N GLU K 216 -43.09 28.50 -10.15
CA GLU K 216 -41.69 28.40 -10.60
C GLU K 216 -41.58 28.51 -12.14
N LYS K 217 -40.63 29.30 -12.63
CA LYS K 217 -40.60 29.77 -14.04
C LYS K 217 -39.69 28.93 -14.95
N ASP K 218 -40.16 28.73 -16.19
CA ASP K 218 -39.48 27.96 -17.26
C ASP K 218 -39.22 26.48 -16.91
N HIS K 219 -39.93 25.97 -15.90
CA HIS K 219 -40.05 24.55 -15.52
C HIS K 219 -41.46 24.05 -15.86
N ALA K 220 -41.57 22.80 -16.30
CA ALA K 220 -42.82 22.12 -16.65
C ALA K 220 -42.84 20.69 -16.10
N LEU K 221 -44.02 20.07 -15.95
CA LEU K 221 -44.16 18.69 -15.49
C LEU K 221 -44.93 17.86 -16.54
N PHE K 222 -44.38 16.71 -16.91
CA PHE K 222 -44.99 15.74 -17.83
C PHE K 222 -45.35 14.43 -17.10
N VAL K 223 -46.42 13.77 -17.55
CA VAL K 223 -46.87 12.45 -17.04
C VAL K 223 -47.01 11.47 -18.21
N VAL K 224 -46.55 10.22 -18.02
CA VAL K 224 -46.44 9.19 -19.07
C VAL K 224 -46.98 7.83 -18.63
N ARG K 225 -47.37 7.01 -19.63
CA ARG K 225 -47.66 5.57 -19.52
C ARG K 225 -46.72 4.74 -20.40
N LYS K 226 -46.23 3.63 -19.86
CA LYS K 226 -45.70 2.48 -20.61
C LYS K 226 -46.85 1.47 -20.82
N PRO K 227 -47.12 1.02 -22.05
CA PRO K 227 -48.42 0.43 -22.44
C PRO K 227 -48.85 -0.77 -21.59
N PHE L 1 -81.34 32.70 56.00
CA PHE L 1 -82.13 33.81 55.43
C PHE L 1 -82.13 33.75 53.91
N ILE L 2 -80.96 33.81 53.25
CA ILE L 2 -80.85 33.71 51.78
C ILE L 2 -80.26 32.35 51.36
N SER L 3 -80.69 31.86 50.19
CA SER L 3 -80.13 30.70 49.46
C SER L 3 -80.34 30.88 47.95
N GLU L 4 -79.58 30.17 47.11
CA GLU L 4 -79.53 30.39 45.65
C GLU L 4 -79.55 29.07 44.86
N ASN L 5 -80.07 29.12 43.63
CA ASN L 5 -80.01 28.03 42.65
C ASN L 5 -79.66 28.56 41.23
N VAL L 6 -79.60 27.64 40.26
CA VAL L 6 -79.27 27.89 38.85
C VAL L 6 -80.04 29.03 38.16
N ARG L 7 -81.24 29.41 38.64
CA ARG L 7 -82.04 30.52 38.09
C ARG L 7 -81.97 31.83 38.90
N GLY L 8 -81.59 31.81 40.18
CA GLY L 8 -81.54 33.04 40.97
C GLY L 8 -81.41 32.90 42.50
N ILE L 9 -81.72 34.02 43.16
CA ILE L 9 -81.58 34.27 44.61
C ILE L 9 -82.97 34.23 45.27
N TYR L 10 -83.09 33.55 46.40
CA TYR L 10 -84.34 33.33 47.13
C TYR L 10 -84.14 33.63 48.63
N ALA L 11 -85.10 34.31 49.26
CA ALA L 11 -85.05 34.68 50.69
C ALA L 11 -86.22 34.12 51.49
N PHE L 12 -85.95 33.64 52.70
CA PHE L 12 -86.90 32.93 53.56
C PHE L 12 -86.80 33.38 55.03
N ASP L 13 -87.92 33.30 55.76
CA ASP L 13 -87.98 33.58 57.21
C ASP L 13 -87.40 32.45 58.09
N GLU L 14 -87.46 32.62 59.41
CA GLU L 14 -87.03 31.63 60.40
C GLU L 14 -87.83 30.31 60.39
N ASN L 15 -89.05 30.30 59.83
CA ASN L 15 -89.92 29.13 59.73
C ASN L 15 -89.67 28.32 58.43
N GLY L 16 -89.35 29.01 57.33
CA GLY L 16 -89.08 28.45 55.99
C GLY L 16 -90.03 28.93 54.89
N ASN L 17 -90.73 30.05 55.09
CA ASN L 17 -91.64 30.67 54.12
C ASN L 17 -90.92 31.72 53.27
N LEU L 18 -91.22 31.76 51.97
CA LEU L 18 -90.57 32.66 51.00
C LEU L 18 -90.99 34.12 51.19
N ILE L 19 -90.02 35.03 51.22
CA ILE L 19 -90.19 36.50 51.37
C ILE L 19 -90.14 37.20 50.01
N GLU L 20 -89.12 36.90 49.20
CA GLU L 20 -88.93 37.39 47.82
C GLU L 20 -87.94 36.50 47.07
N LYS L 21 -88.03 36.46 45.73
CA LYS L 21 -86.99 35.93 44.84
C LYS L 21 -86.65 36.89 43.70
N ARG L 22 -85.41 36.83 43.18
CA ARG L 22 -84.96 37.57 41.99
C ARG L 22 -84.05 36.69 41.13
N TYR L 23 -84.11 36.84 39.80
CA TYR L 23 -83.44 35.96 38.84
C TYR L 23 -82.25 36.66 38.16
N PHE L 24 -81.29 35.87 37.64
CA PHE L 24 -80.04 36.41 37.09
C PHE L 24 -80.25 37.23 35.80
N THR L 25 -79.52 38.34 35.71
CA THR L 25 -79.56 39.34 34.62
C THR L 25 -78.56 39.03 33.51
N ASP L 26 -77.38 38.53 33.89
CA ASP L 26 -76.28 38.12 33.00
C ASP L 26 -76.44 36.65 32.54
N LYS L 27 -75.51 36.11 31.75
CA LYS L 27 -75.46 34.67 31.40
C LYS L 27 -75.17 33.87 32.70
N PRO L 28 -76.03 32.90 33.10
CA PRO L 28 -76.11 32.48 34.50
C PRO L 28 -74.83 31.86 35.07
N GLU L 29 -74.03 31.16 34.27
CA GLU L 29 -72.77 30.57 34.72
C GLU L 29 -71.74 31.62 35.22
N LYS L 30 -71.78 32.85 34.67
CA LYS L 30 -70.91 33.97 35.11
C LYS L 30 -71.27 34.45 36.52
N VAL L 31 -72.55 34.42 36.87
CA VAL L 31 -73.05 34.82 38.20
C VAL L 31 -72.91 33.67 39.20
N LEU L 32 -73.19 32.44 38.77
CA LEU L 32 -73.05 31.24 39.59
C LEU L 32 -71.59 31.00 40.00
N ASP L 33 -70.60 31.14 39.11
CA ASP L 33 -69.20 30.97 39.51
C ASP L 33 -68.78 31.95 40.63
N GLN L 34 -69.22 33.20 40.52
CA GLN L 34 -69.03 34.23 41.54
C GLN L 34 -69.74 33.85 42.85
N LEU L 35 -71.03 33.52 42.84
CA LEU L 35 -71.80 33.17 44.05
C LEU L 35 -71.38 31.85 44.72
N LEU L 36 -70.82 30.89 43.97
CA LEU L 36 -70.23 29.66 44.51
C LEU L 36 -68.90 29.93 45.23
N LYS L 37 -68.15 30.97 44.82
CA LYS L 37 -66.98 31.49 45.57
C LYS L 37 -67.36 32.56 46.61
N GLY L 38 -68.59 33.07 46.58
CA GLY L 38 -69.12 34.10 47.48
C GLY L 38 -68.83 35.55 47.06
N GLU L 39 -68.39 35.78 45.81
CA GLU L 39 -68.32 37.13 45.25
C GLU L 39 -69.74 37.65 44.94
N ILE L 40 -70.02 38.92 45.28
CA ILE L 40 -71.36 39.50 45.15
C ILE L 40 -71.53 40.28 43.83
N THR L 41 -72.70 40.10 43.20
CA THR L 41 -73.07 40.72 41.91
C THR L 41 -74.35 41.56 42.02
N LYS L 42 -74.60 42.36 40.97
CA LYS L 42 -75.81 43.16 40.72
C LYS L 42 -77.12 42.43 41.07
N ASP L 43 -77.19 41.15 40.74
CA ASP L 43 -78.38 40.30 40.86
C ASP L 43 -78.80 40.09 42.33
N LEU L 44 -77.82 39.94 43.23
CA LEU L 44 -78.04 39.79 44.67
C LEU L 44 -78.11 41.15 45.38
N GLU L 45 -77.33 42.14 44.94
CA GLU L 45 -77.39 43.53 45.43
C GLU L 45 -78.80 44.14 45.31
N GLU L 46 -79.58 43.74 44.31
CA GLU L 46 -80.98 44.13 44.14
C GLU L 46 -81.86 43.58 45.30
N LEU L 47 -81.67 42.30 45.65
CA LEU L 47 -82.48 41.62 46.66
C LEU L 47 -82.12 42.07 48.08
N LEU L 48 -80.83 42.30 48.40
CA LEU L 48 -80.48 42.79 49.75
C LEU L 48 -80.88 44.26 49.99
N ASN L 49 -81.01 45.10 48.94
CA ASN L 49 -81.59 46.43 49.09
C ASN L 49 -83.12 46.38 49.24
N SER L 50 -83.81 45.51 48.49
CA SER L 50 -85.24 45.22 48.68
C SER L 50 -85.53 44.79 50.12
N LEU L 51 -84.76 43.86 50.68
CA LEU L 51 -85.00 43.37 52.05
C LEU L 51 -84.50 44.33 53.15
N LYS L 52 -83.54 45.21 52.85
CA LYS L 52 -83.21 46.38 53.71
C LYS L 52 -84.39 47.34 53.78
N GLU L 53 -85.03 47.65 52.65
CA GLU L 53 -86.20 48.53 52.54
C GLU L 53 -87.48 47.90 53.13
N LYS L 54 -87.63 46.56 53.07
CA LYS L 54 -88.66 45.77 53.80
C LYS L 54 -88.36 45.60 55.32
N GLY L 55 -87.26 46.18 55.81
CA GLY L 55 -87.02 46.40 57.25
C GLY L 55 -86.22 45.33 58.00
N TYR L 56 -85.62 44.36 57.31
CA TYR L 56 -84.88 43.25 57.92
C TYR L 56 -83.43 43.62 58.30
N ASP L 57 -82.90 43.00 59.37
CA ASP L 57 -81.49 43.09 59.82
C ASP L 57 -80.78 41.71 59.89
N GLU L 58 -81.51 40.61 60.03
CA GLU L 58 -81.00 39.28 60.46
C GLU L 58 -80.38 38.43 59.34
N PHE L 59 -79.57 39.05 58.47
CA PHE L 59 -79.00 38.47 57.24
C PHE L 59 -77.99 37.32 57.48
N VAL L 60 -78.49 36.11 57.78
CA VAL L 60 -77.69 34.87 57.76
C VAL L 60 -77.69 34.23 56.37
N PHE L 61 -76.51 34.14 55.76
CA PHE L 61 -76.25 33.47 54.47
C PHE L 61 -75.69 32.06 54.68
N GLU L 62 -75.62 31.27 53.59
CA GLU L 62 -75.04 29.92 53.58
C GLU L 62 -73.57 29.85 53.13
N HIS L 63 -72.91 30.98 52.85
CA HIS L 63 -71.51 31.03 52.37
C HIS L 63 -70.69 32.14 53.06
N PRO L 64 -69.50 31.84 53.63
CA PRO L 64 -68.74 32.81 54.44
C PRO L 64 -68.26 34.07 53.70
N GLU L 65 -67.86 33.93 52.43
CA GLU L 65 -67.33 35.05 51.64
C GLU L 65 -68.45 36.00 51.19
N LEU L 66 -69.64 35.45 50.90
CA LEU L 66 -70.85 36.25 50.66
C LEU L 66 -71.25 37.04 51.92
N SER L 67 -71.16 36.44 53.11
CA SER L 67 -71.35 37.16 54.38
C SER L 67 -70.31 38.25 54.59
N ARG L 68 -69.04 38.03 54.19
CA ARG L 68 -67.99 39.08 54.22
C ARG L 68 -68.31 40.23 53.28
N ARG L 69 -68.59 39.98 52.01
CA ARG L 69 -68.97 41.02 51.03
C ARG L 69 -70.24 41.79 51.47
N ALA L 70 -71.19 41.12 52.13
CA ALA L 70 -72.38 41.78 52.70
C ALA L 70 -72.07 42.69 53.91
N LYS L 71 -71.18 42.29 54.84
CA LYS L 71 -70.80 43.14 56.00
C LYS L 71 -69.73 44.18 55.68
N GLU L 72 -69.03 44.04 54.55
CA GLU L 72 -68.28 45.10 53.88
C GLU L 72 -69.20 46.15 53.24
N LEU L 73 -70.37 45.72 52.72
CA LEU L 73 -71.50 46.58 52.32
C LEU L 73 -72.32 47.11 53.52
N GLY L 74 -71.80 46.92 54.75
CA GLY L 74 -72.32 47.51 55.99
C GLY L 74 -73.39 46.72 56.75
N PHE L 75 -73.91 45.62 56.18
CA PHE L 75 -74.99 44.82 56.78
C PHE L 75 -74.54 44.03 58.03
N SER L 76 -75.49 43.73 58.92
CA SER L 76 -75.31 42.88 60.11
C SER L 76 -75.15 41.38 59.79
N ALA L 77 -74.37 41.03 58.75
CA ALA L 77 -74.40 39.72 58.10
C ALA L 77 -73.56 38.62 58.81
N THR L 78 -74.10 37.40 58.78
CA THR L 78 -73.58 36.19 59.46
C THR L 78 -73.65 34.96 58.52
N THR L 79 -73.19 33.80 58.98
CA THR L 79 -73.15 32.56 58.16
C THR L 79 -73.60 31.31 58.92
N GLU L 80 -74.46 30.50 58.30
CA GLU L 80 -74.67 29.09 58.62
C GLU L 80 -75.23 28.33 57.39
N PHE L 81 -74.55 27.28 56.93
CA PHE L 81 -75.02 26.50 55.76
C PHE L 81 -76.36 25.76 56.00
N PRO L 82 -76.55 24.95 57.06
CA PRO L 82 -77.80 24.21 57.31
C PRO L 82 -78.98 25.08 57.78
N ASN L 83 -78.99 26.38 57.48
CA ASN L 83 -80.10 27.26 57.82
C ASN L 83 -81.35 26.98 56.96
N ILE L 84 -82.54 27.24 57.51
CA ILE L 84 -83.84 26.84 56.94
C ILE L 84 -84.09 27.29 55.49
N ALA L 85 -83.47 28.40 55.04
CA ALA L 85 -83.56 28.86 53.66
C ALA L 85 -82.96 27.83 52.68
N GLY L 86 -81.73 27.38 52.94
CA GLY L 86 -81.06 26.37 52.13
C GLY L 86 -81.69 24.98 52.27
N GLU L 87 -82.22 24.68 53.47
CA GLU L 87 -82.94 23.44 53.74
C GLU L 87 -84.23 23.32 52.91
N ARG L 88 -85.01 24.40 52.78
CA ARG L 88 -86.19 24.48 51.89
C ARG L 88 -85.81 24.50 50.42
N LEU L 89 -84.91 25.41 50.03
CA LEU L 89 -84.54 25.67 48.63
C LEU L 89 -84.03 24.41 47.92
N ARG L 90 -83.21 23.59 48.59
CA ARG L 90 -82.67 22.32 48.03
C ARG L 90 -83.57 21.09 48.25
N SER L 91 -84.66 21.19 49.02
CA SER L 91 -85.63 20.10 49.23
C SER L 91 -86.83 20.17 48.30
N ASN L 92 -87.27 21.38 47.92
CA ASN L 92 -88.42 21.62 47.06
C ASN L 92 -88.02 22.31 45.72
N PRO L 93 -87.06 21.80 44.93
CA PRO L 93 -86.63 22.46 43.69
C PRO L 93 -87.79 22.68 42.70
N GLU L 94 -88.78 21.79 42.72
CA GLU L 94 -90.00 21.84 41.89
C GLU L 94 -90.94 23.01 42.26
N GLU L 95 -90.85 23.57 43.48
CA GLU L 95 -91.55 24.82 43.88
C GLU L 95 -90.86 26.07 43.30
N PHE L 96 -89.55 26.00 43.02
CA PHE L 96 -88.71 27.16 42.71
C PHE L 96 -88.26 27.22 41.24
N LEU L 97 -88.29 26.09 40.53
CA LEU L 97 -87.83 25.94 39.14
C LEU L 97 -88.74 25.02 38.26
N GLY L 98 -89.82 24.45 38.80
CA GLY L 98 -90.75 23.58 38.04
C GLY L 98 -90.23 22.16 37.83
N GLU L 99 -90.93 21.33 37.02
CA GLU L 99 -90.54 19.91 36.85
C GLU L 99 -89.26 19.73 36.01
N ASN L 100 -88.97 20.66 35.10
CA ASN L 100 -87.83 20.64 34.17
C ASN L 100 -86.52 21.13 34.83
N TRP L 101 -86.48 21.18 36.18
CA TRP L 101 -85.36 21.73 36.95
C TRP L 101 -84.02 21.03 36.67
N PHE L 102 -84.04 19.72 36.40
CA PHE L 102 -82.84 18.96 36.09
C PHE L 102 -82.29 19.22 34.68
N GLU L 103 -83.15 19.57 33.71
CA GLU L 103 -82.71 20.04 32.39
C GLU L 103 -81.96 21.37 32.50
N GLU L 104 -82.44 22.29 33.35
CA GLU L 104 -81.80 23.59 33.60
C GLU L 104 -80.45 23.42 34.32
N TYR L 105 -80.44 22.61 35.38
CA TYR L 105 -79.24 22.26 36.15
C TYR L 105 -78.17 21.60 35.25
N TYR L 106 -78.56 20.65 34.39
CA TYR L 106 -77.65 20.02 33.42
C TYR L 106 -77.06 21.07 32.47
N LYS L 107 -77.92 21.88 31.84
CA LYS L 107 -77.56 22.86 30.80
C LYS L 107 -76.54 23.89 31.30
N VAL L 108 -76.76 24.46 32.50
CA VAL L 108 -75.85 25.46 33.05
C VAL L 108 -74.65 24.82 33.76
N GLY L 109 -74.82 23.66 34.40
CA GLY L 109 -73.71 22.90 35.02
C GLY L 109 -72.66 22.47 33.99
N VAL L 110 -73.08 21.90 32.87
CA VAL L 110 -72.17 21.47 31.78
C VAL L 110 -71.61 22.64 30.95
N ALA L 111 -72.09 23.87 31.19
CA ALA L 111 -71.48 25.11 30.69
C ALA L 111 -70.44 25.64 31.70
N LEU L 112 -70.78 25.76 32.99
CA LEU L 112 -69.89 26.21 34.06
C LEU L 112 -68.67 25.30 34.21
N THR L 113 -68.85 23.98 34.12
CA THR L 113 -67.78 22.97 34.15
C THR L 113 -66.85 23.04 32.93
N ARG L 114 -67.29 23.60 31.79
CA ARG L 114 -66.42 23.93 30.65
C ARG L 114 -65.79 25.33 30.76
N MET L 115 -66.43 26.25 31.49
CA MET L 115 -65.94 27.63 31.67
C MET L 115 -64.86 27.75 32.76
N ARG L 116 -64.97 27.01 33.87
CA ARG L 116 -64.00 27.05 34.98
C ARG L 116 -62.61 26.59 34.53
N ILE L 117 -61.61 27.46 34.70
CA ILE L 117 -60.17 27.17 34.60
C ILE L 117 -59.57 27.28 36.01
N GLN L 118 -58.56 26.47 36.33
CA GLN L 118 -57.99 26.41 37.69
C GLN L 118 -56.53 26.88 37.77
N GLU L 119 -56.19 27.35 38.97
CA GLU L 119 -54.93 27.93 39.40
C GLU L 119 -54.25 27.09 40.51
N GLN L 120 -52.95 27.28 40.71
CA GLN L 120 -52.06 26.46 41.55
C GLN L 120 -52.02 24.96 41.15
N SER L 121 -51.11 24.20 41.76
CA SER L 121 -50.85 22.79 41.43
C SER L 121 -50.22 22.05 42.63
N GLY L 122 -50.69 20.83 42.90
CA GLY L 122 -50.57 20.17 44.21
C GLY L 122 -49.13 19.96 44.71
N ALA L 123 -48.21 19.56 43.82
CA ALA L 123 -46.81 19.32 44.15
C ALA L 123 -45.88 20.53 43.88
N ARG L 124 -46.41 21.68 43.44
CA ARG L 124 -45.59 22.69 42.74
C ARG L 124 -44.55 23.39 43.61
N ASP L 125 -44.77 23.54 44.91
CA ASP L 125 -43.74 24.10 45.83
C ASP L 125 -42.51 23.17 45.98
N LYS L 126 -42.69 21.85 45.82
CA LYS L 126 -41.59 20.88 45.72
C LYS L 126 -40.93 20.93 44.34
N MET L 127 -41.70 21.20 43.29
CA MET L 127 -41.17 21.39 41.93
C MET L 127 -40.35 22.67 41.76
N VAL L 128 -40.53 23.71 42.60
CA VAL L 128 -39.58 24.83 42.71
C VAL L 128 -38.16 24.32 42.95
N ILE L 129 -38.01 23.40 43.92
CA ILE L 129 -36.71 22.82 44.30
C ILE L 129 -36.15 21.99 43.14
N GLN L 130 -36.96 21.13 42.55
CA GLN L 130 -36.52 20.28 41.43
C GLN L 130 -36.14 21.09 40.19
N ALA L 131 -36.82 22.21 39.90
CA ALA L 131 -36.48 23.09 38.78
C ALA L 131 -35.16 23.87 39.01
N ILE L 132 -34.93 24.35 40.24
CA ILE L 132 -33.67 25.01 40.62
C ILE L 132 -32.49 24.03 40.53
N GLU L 133 -32.63 22.82 41.10
CA GLU L 133 -31.60 21.77 40.99
C GLU L 133 -31.41 21.32 39.54
N ALA L 134 -32.48 21.22 38.73
CA ALA L 134 -32.39 20.84 37.31
C ALA L 134 -31.61 21.85 36.47
N LEU L 135 -31.70 23.14 36.78
CA LEU L 135 -30.94 24.18 36.07
C LEU L 135 -29.44 24.03 36.37
N ASP L 136 -29.04 23.78 37.62
CA ASP L 136 -27.64 23.55 37.99
C ASP L 136 -27.11 22.20 37.48
N ASP L 137 -27.93 21.14 37.48
CA ASP L 137 -27.61 19.84 36.88
C ASP L 137 -27.44 19.95 35.34
N VAL L 138 -28.33 20.67 34.65
CA VAL L 138 -28.21 20.92 33.20
C VAL L 138 -26.99 21.78 32.88
N ASP L 139 -26.71 22.80 33.69
CA ASP L 139 -25.49 23.61 33.59
C ASP L 139 -24.20 22.78 33.80
N LYS L 140 -24.24 21.80 34.71
CA LYS L 140 -23.13 20.87 34.99
C LYS L 140 -22.89 19.89 33.84
N VAL L 141 -23.93 19.31 33.24
CA VAL L 141 -23.77 18.41 32.07
C VAL L 141 -23.38 19.17 30.80
N ILE L 142 -23.83 20.41 30.62
CA ILE L 142 -23.35 21.29 29.53
C ILE L 142 -21.86 21.58 29.71
N ASN L 143 -21.42 21.96 30.92
CA ASN L 143 -20.00 22.19 31.18
C ASN L 143 -19.16 20.93 30.93
N LEU L 144 -19.68 19.74 31.28
CA LEU L 144 -19.04 18.44 31.05
C LEU L 144 -18.93 18.10 29.56
N LEU L 145 -20.03 18.13 28.79
CA LEU L 145 -20.00 17.80 27.36
C LEU L 145 -19.22 18.85 26.55
N VAL L 146 -19.22 20.12 26.95
CA VAL L 146 -18.40 21.15 26.30
C VAL L 146 -16.92 21.02 26.68
N ALA L 147 -16.57 20.53 27.87
CA ALA L 147 -15.18 20.15 28.18
C ALA L 147 -14.71 19.00 27.28
N ARG L 148 -15.56 17.98 27.06
CA ARG L 148 -15.29 16.89 26.09
C ARG L 148 -15.15 17.43 24.65
N LEU L 149 -16.03 18.32 24.22
CA LEU L 149 -15.98 18.97 22.90
C LEU L 149 -14.71 19.81 22.71
N ARG L 150 -14.29 20.55 23.73
CA ARG L 150 -13.04 21.32 23.75
C ARG L 150 -11.82 20.42 23.65
N GLU L 151 -11.73 19.37 24.47
CA GLU L 151 -10.59 18.44 24.47
C GLU L 151 -10.49 17.63 23.16
N TRP L 152 -11.63 17.27 22.54
CA TRP L 152 -11.66 16.56 21.26
C TRP L 152 -11.34 17.48 20.09
N TYR L 153 -11.99 18.64 19.97
CA TYR L 153 -11.75 19.57 18.85
C TYR L 153 -10.35 20.22 18.92
N SER L 154 -9.69 20.20 20.08
CA SER L 154 -8.27 20.57 20.24
C SER L 154 -7.31 19.68 19.44
N LEU L 155 -7.74 18.50 18.96
CA LEU L 155 -6.95 17.69 18.01
C LEU L 155 -6.98 18.26 16.58
N HIS L 156 -7.82 19.26 16.29
CA HIS L 156 -8.02 19.85 14.96
C HIS L 156 -7.79 21.37 14.92
N PHE L 157 -8.19 22.08 15.99
CA PHE L 157 -8.08 23.55 16.08
C PHE L 157 -8.09 24.09 17.55
N PRO L 158 -7.01 23.86 18.33
CA PRO L 158 -6.95 24.19 19.76
C PRO L 158 -6.91 25.70 20.10
N GLU L 159 -6.52 26.57 19.16
CA GLU L 159 -6.50 28.04 19.33
C GLU L 159 -7.83 28.62 19.87
N LEU L 160 -8.95 27.96 19.60
CA LEU L 160 -10.28 28.41 19.99
C LEU L 160 -10.53 28.38 21.52
N ASP L 161 -9.81 27.55 22.28
CA ASP L 161 -10.17 27.24 23.68
C ASP L 161 -9.89 28.37 24.68
N GLU L 162 -8.87 29.20 24.45
CA GLU L 162 -8.61 30.41 25.27
C GLU L 162 -9.15 31.70 24.60
N LEU L 163 -9.48 31.65 23.31
CA LEU L 163 -10.12 32.76 22.61
C LEU L 163 -11.61 32.88 22.96
N LEU L 164 -12.35 31.76 22.98
CA LEU L 164 -13.79 31.71 23.28
C LEU L 164 -14.06 31.03 24.64
N PRO L 165 -14.09 31.79 25.76
CA PRO L 165 -14.49 31.25 27.06
C PRO L 165 -16.01 30.99 27.17
N LYS L 166 -16.84 31.64 26.33
CA LYS L 166 -18.30 31.45 26.32
C LYS L 166 -18.68 30.14 25.62
N HIS L 167 -18.92 29.08 26.41
CA HIS L 167 -19.27 27.73 25.92
C HIS L 167 -20.25 27.65 24.72
N PRO L 168 -21.40 28.37 24.68
CA PRO L 168 -22.30 28.31 23.51
C PRO L 168 -21.69 28.83 22.21
N GLN L 169 -20.74 29.77 22.22
CA GLN L 169 -20.03 30.19 21.00
C GLN L 169 -19.07 29.11 20.49
N TYR L 170 -18.41 28.36 21.39
CA TYR L 170 -17.59 27.20 21.01
C TYR L 170 -18.45 26.08 20.38
N VAL L 171 -19.65 25.83 20.93
CA VAL L 171 -20.61 24.85 20.38
C VAL L 171 -21.14 25.30 19.02
N ALA L 172 -21.57 26.56 18.90
CA ALA L 172 -22.09 27.11 17.65
C ALA L 172 -21.03 27.14 16.52
N PHE L 173 -19.76 27.40 16.86
CA PHE L 173 -18.64 27.26 15.93
C PHE L 173 -18.56 25.82 15.38
N VAL L 174 -18.51 24.80 16.25
CA VAL L 174 -18.34 23.40 15.81
C VAL L 174 -19.58 22.88 15.06
N LYS L 175 -20.80 23.35 15.39
CA LYS L 175 -22.02 23.11 14.60
C LYS L 175 -21.92 23.73 13.19
N THR L 176 -21.53 25.00 13.08
CA THR L 176 -21.65 25.77 11.84
C THR L 176 -20.46 25.56 10.89
N VAL L 177 -19.25 25.44 11.43
CA VAL L 177 -18.01 25.21 10.67
C VAL L 177 -17.80 23.72 10.40
N GLY L 178 -18.00 22.86 11.41
CA GLY L 178 -17.65 21.44 11.34
C GLY L 178 -16.15 21.21 11.15
N HIS L 179 -15.69 21.17 9.90
CA HIS L 179 -14.30 20.94 9.50
C HIS L 179 -13.49 22.25 9.50
N ARG L 180 -12.39 22.30 10.26
CA ARG L 180 -11.64 23.54 10.54
C ARG L 180 -11.03 24.20 9.30
N ASP L 181 -10.90 23.48 8.17
CA ASP L 181 -10.34 24.04 6.95
C ASP L 181 -11.35 24.85 6.11
N ASN L 182 -12.64 24.87 6.51
CA ASN L 182 -13.73 25.55 5.79
C ASN L 182 -14.19 26.89 6.44
N ILE L 183 -13.36 27.49 7.30
CA ILE L 183 -13.59 28.82 7.91
C ILE L 183 -13.58 29.97 6.89
N ASN L 184 -14.31 31.04 7.21
CA ASN L 184 -14.31 32.37 6.58
C ASN L 184 -14.71 33.44 7.60
N GLU L 185 -14.98 34.69 7.19
CA GLU L 185 -15.48 35.73 8.10
C GLU L 185 -16.96 35.54 8.52
N GLU L 186 -17.84 35.11 7.60
CA GLU L 186 -19.30 35.03 7.81
C GLU L 186 -19.64 34.17 9.04
N VAL L 187 -19.03 32.98 9.16
CA VAL L 187 -19.24 32.04 10.29
C VAL L 187 -18.77 32.56 11.65
N LEU L 188 -18.02 33.66 11.66
CA LEU L 188 -17.55 34.35 12.88
C LEU L 188 -18.41 35.58 13.15
N ARG L 189 -18.60 36.43 12.13
CA ARG L 189 -19.34 37.70 12.19
C ARG L 189 -20.82 37.49 12.46
N GLU L 190 -21.46 36.52 11.80
CA GLU L 190 -22.88 36.21 12.03
C GLU L 190 -23.12 35.61 13.43
N LEU L 191 -22.16 34.84 13.95
CA LEU L 191 -22.16 34.31 15.32
C LEU L 191 -21.94 35.40 16.39
N GLY L 192 -21.64 36.64 15.99
CA GLY L 192 -21.42 37.75 16.90
C GLY L 192 -20.04 37.73 17.58
N LEU L 193 -19.02 37.13 16.95
CA LEU L 193 -17.64 37.46 17.28
C LEU L 193 -17.35 38.88 16.78
N SER L 194 -16.57 39.65 17.54
CA SER L 194 -16.13 40.98 17.11
C SER L 194 -14.99 40.90 16.09
N GLU L 195 -14.74 41.98 15.37
CA GLU L 195 -13.56 42.12 14.51
C GLU L 195 -12.25 41.92 15.32
N GLU L 196 -12.28 42.27 16.62
CA GLU L 196 -11.20 42.02 17.61
C GLU L 196 -10.99 40.52 17.91
N LYS L 197 -11.92 39.64 17.51
CA LYS L 197 -11.78 38.16 17.50
C LYS L 197 -11.46 37.61 16.11
N ILE L 198 -11.90 38.28 15.03
CA ILE L 198 -11.60 37.92 13.63
C ILE L 198 -10.14 38.22 13.25
N LYS L 199 -9.46 39.15 13.95
CA LYS L 199 -7.98 39.28 13.90
C LYS L 199 -7.21 38.15 14.64
N LYS L 200 -7.87 36.99 14.83
CA LYS L 200 -7.41 35.66 15.25
C LYS L 200 -8.31 34.63 14.55
N ILE L 201 -8.17 33.32 14.80
CA ILE L 201 -8.82 32.22 14.05
C ILE L 201 -8.29 32.12 12.61
N LEU L 202 -8.54 33.11 11.75
CA LEU L 202 -8.21 33.08 10.33
C LEU L 202 -6.69 32.94 10.08
N GLU L 203 -5.84 33.67 10.82
CA GLU L 203 -4.37 33.50 10.72
C GLU L 203 -3.85 32.11 11.14
N ALA L 204 -4.68 31.27 11.78
CA ALA L 204 -4.31 29.92 12.21
C ALA L 204 -4.72 28.81 11.22
N LYS L 205 -5.30 29.17 10.05
CA LYS L 205 -5.77 28.27 8.98
C LYS L 205 -4.87 27.05 8.71
N GLU L 206 -3.56 27.29 8.62
CA GLU L 206 -2.53 26.26 8.35
C GLU L 206 -1.51 26.08 9.50
N LYS L 207 -1.33 27.11 10.34
CA LYS L 207 -0.33 27.18 11.42
C LYS L 207 -0.90 27.15 12.85
N THR L 208 -2.16 26.72 12.98
CA THR L 208 -2.72 26.19 14.24
C THR L 208 -1.78 25.13 14.83
N MET L 209 -1.63 25.06 16.15
CA MET L 209 -0.85 23.98 16.79
C MET L 209 -1.54 22.60 16.73
N GLY L 210 -2.79 22.52 16.28
CA GLY L 210 -3.54 21.27 16.07
C GLY L 210 -3.15 20.49 14.81
N ALA L 211 -3.71 19.28 14.68
CA ALA L 211 -3.40 18.32 13.62
C ALA L 211 -4.41 18.39 12.46
N TRP L 212 -5.03 17.25 12.10
CA TRP L 212 -6.09 17.12 11.09
C TRP L 212 -7.05 16.00 11.47
N MET L 213 -8.26 16.32 11.91
CA MET L 213 -9.41 15.40 11.77
C MET L 213 -9.96 15.52 10.35
N ASP L 214 -10.47 14.40 9.82
CA ASP L 214 -11.06 14.36 8.50
C ASP L 214 -12.47 14.93 8.45
N GLN L 215 -12.84 15.46 7.28
CA GLN L 215 -14.19 15.85 6.89
C GLN L 215 -15.23 14.74 7.12
N THR L 216 -14.83 13.48 6.97
CA THR L 216 -15.66 12.28 7.17
C THR L 216 -15.75 11.86 8.65
N ASP L 217 -14.68 12.05 9.43
CA ASP L 217 -14.65 11.70 10.86
C ASP L 217 -15.29 12.79 11.74
N ILE L 218 -15.13 14.06 11.37
CA ILE L 218 -15.65 15.22 12.13
C ILE L 218 -17.19 15.31 12.13
N GLU L 219 -17.87 14.53 11.28
CA GLU L 219 -19.34 14.41 11.24
C GLU L 219 -19.94 14.12 12.62
N VAL L 220 -19.31 13.23 13.40
CA VAL L 220 -19.80 12.88 14.76
C VAL L 220 -19.62 14.05 15.74
N VAL L 221 -18.62 14.91 15.52
CA VAL L 221 -18.32 16.07 16.37
C VAL L 221 -19.22 17.26 16.02
N ARG L 222 -19.56 17.43 14.72
CA ARG L 222 -20.63 18.33 14.25
C ARG L 222 -21.99 17.94 14.84
N GLN L 223 -22.34 16.65 14.81
CA GLN L 223 -23.58 16.15 15.42
C GLN L 223 -23.60 16.31 16.95
N LEU L 224 -22.49 16.01 17.64
CA LEU L 224 -22.32 16.29 19.07
C LEU L 224 -22.57 17.78 19.39
N ALA L 225 -22.09 18.71 18.56
CA ALA L 225 -22.34 20.13 18.74
C ALA L 225 -23.82 20.53 18.51
N GLU L 226 -24.51 19.94 17.54
CA GLU L 226 -25.95 20.19 17.34
C GLU L 226 -26.81 19.61 18.48
N GLU L 227 -26.42 18.47 19.04
CA GLU L 227 -27.03 17.90 20.25
C GLU L 227 -26.84 18.83 21.47
N ILE L 228 -25.62 19.37 21.68
CA ILE L 228 -25.34 20.29 22.81
C ILE L 228 -26.06 21.64 22.64
N ASP L 229 -26.28 22.14 21.42
CA ASP L 229 -27.09 23.35 21.20
C ASP L 229 -28.57 23.14 21.64
N ARG L 230 -29.09 21.91 21.50
CA ARG L 230 -30.39 21.53 22.08
C ARG L 230 -30.39 21.57 23.61
N LEU L 231 -29.25 21.35 24.27
CA LEU L 231 -29.13 21.48 25.73
C LEU L 231 -29.16 22.94 26.22
N TYR L 232 -28.72 23.92 25.42
CA TYR L 232 -28.98 25.34 25.76
C TYR L 232 -30.47 25.67 25.67
N GLN L 233 -31.20 25.07 24.71
CA GLN L 233 -32.66 25.16 24.70
C GLN L 233 -33.27 24.51 25.95
N LEU L 234 -32.80 23.33 26.40
CA LEU L 234 -33.22 22.73 27.67
C LEU L 234 -32.96 23.64 28.88
N ARG L 235 -31.76 24.26 28.98
CA ARG L 235 -31.43 25.23 30.03
C ARG L 235 -32.41 26.42 30.01
N LYS L 236 -32.79 26.90 28.83
CA LYS L 236 -33.76 28.00 28.64
C LYS L 236 -35.20 27.58 28.99
N LYS L 237 -35.63 26.38 28.58
CA LYS L 237 -36.93 25.78 28.97
C LYS L 237 -37.07 25.63 30.49
N LEU L 238 -35.98 25.31 31.19
CA LEU L 238 -35.97 25.22 32.65
C LEU L 238 -35.99 26.59 33.32
N GLU L 239 -35.29 27.60 32.80
CA GLU L 239 -35.41 28.98 33.31
C GLU L 239 -36.82 29.57 33.08
N ASP L 240 -37.46 29.25 31.95
CA ASP L 240 -38.87 29.58 31.69
C ASP L 240 -39.84 28.95 32.71
N TYR L 241 -39.47 27.83 33.34
CA TYR L 241 -40.26 27.18 34.40
C TYR L 241 -39.87 27.60 35.82
N ILE L 242 -38.60 27.96 36.10
CA ILE L 242 -38.18 28.53 37.39
C ILE L 242 -38.98 29.80 37.70
N ASP L 243 -39.19 30.66 36.70
CA ASP L 243 -40.00 31.87 36.85
C ASP L 243 -41.44 31.51 37.27
N ARG L 244 -42.06 30.58 36.52
CA ARG L 244 -43.41 30.05 36.77
C ARG L 244 -43.59 29.38 38.13
N ALA L 245 -42.54 28.78 38.67
CA ALA L 245 -42.57 28.11 39.96
C ALA L 245 -42.44 29.12 41.13
N MET L 246 -41.72 30.22 40.93
CA MET L 246 -41.58 31.29 41.91
C MET L 246 -42.77 32.26 41.91
N ASP L 247 -43.39 32.52 40.76
CA ASP L 247 -44.44 33.54 40.58
C ASP L 247 -45.88 33.02 40.75
N ASP L 248 -46.08 31.84 41.36
CA ASP L 248 -47.39 31.17 41.47
C ASP L 248 -48.38 31.78 42.49
N VAL L 249 -48.27 33.10 42.66
CA VAL L 249 -49.39 34.02 42.95
C VAL L 249 -50.07 34.39 41.61
N ALA L 250 -50.77 35.53 41.56
CA ALA L 250 -51.42 36.03 40.34
C ALA L 250 -50.84 37.37 39.84
N PRO L 251 -49.67 37.37 39.15
CA PRO L 251 -49.23 38.50 38.32
C PRO L 251 -50.17 38.71 37.12
N ASN L 252 -50.31 39.96 36.67
CA ASN L 252 -51.18 40.34 35.57
C ASN L 252 -50.69 39.76 34.23
N LEU L 253 -49.39 39.78 33.96
CA LEU L 253 -48.79 39.13 32.78
C LEU L 253 -49.06 37.62 32.76
N LYS L 254 -48.84 36.95 33.89
CA LYS L 254 -49.05 35.49 34.07
C LYS L 254 -50.51 35.08 33.85
N ALA L 255 -51.46 35.91 34.30
CA ALA L 255 -52.89 35.69 34.08
C ALA L 255 -53.37 36.02 32.66
N LEU L 256 -52.77 37.02 32.00
CA LEU L 256 -53.15 37.47 30.65
C LEU L 256 -52.70 36.49 29.56
N VAL L 257 -51.41 36.14 29.52
CA VAL L 257 -50.81 35.31 28.44
C VAL L 257 -50.31 33.92 28.88
N GLY L 258 -50.39 33.59 30.17
CA GLY L 258 -49.85 32.36 30.72
C GLY L 258 -48.35 32.46 31.09
N ALA L 259 -47.96 31.81 32.19
CA ALA L 259 -46.66 32.01 32.84
C ALA L 259 -45.43 31.83 31.91
N LYS L 260 -45.39 30.78 31.06
CA LYS L 260 -44.27 30.56 30.12
C LYS L 260 -44.10 31.71 29.12
N LEU L 261 -45.18 32.36 28.71
CA LEU L 261 -45.13 33.48 27.77
C LEU L 261 -44.81 34.80 28.48
N ALA L 262 -45.28 34.99 29.71
CA ALA L 262 -44.82 36.08 30.59
C ALA L 262 -43.31 35.99 30.87
N ALA L 263 -42.82 34.81 31.26
CA ALA L 263 -41.40 34.53 31.48
C ALA L 263 -40.55 34.76 30.22
N ARG L 264 -41.05 34.39 29.03
CA ARG L 264 -40.39 34.71 27.75
C ARG L 264 -40.31 36.22 27.48
N LEU L 265 -41.39 36.98 27.69
CA LEU L 265 -41.36 38.45 27.54
C LEU L 265 -40.33 39.09 28.47
N ILE L 266 -40.30 38.68 29.74
CA ILE L 266 -39.30 39.15 30.72
C ILE L 266 -37.88 38.73 30.31
N SER L 267 -37.69 37.49 29.85
CA SER L 267 -36.39 36.94 29.43
C SER L 267 -35.79 37.63 28.20
N LEU L 268 -36.62 38.06 27.25
CA LEU L 268 -36.17 38.76 26.03
C LEU L 268 -35.97 40.26 26.28
N ALA L 269 -36.73 40.88 27.20
CA ALA L 269 -36.45 42.23 27.68
C ALA L 269 -35.20 42.29 28.60
N GLY L 270 -34.87 41.18 29.27
CA GLY L 270 -33.75 41.05 30.22
C GLY L 270 -34.14 41.21 31.69
N GLY L 271 -35.36 41.65 31.98
CA GLY L 271 -35.90 41.80 33.33
C GLY L 271 -37.26 42.51 33.35
N LEU L 272 -37.90 42.57 34.53
CA LEU L 272 -39.27 43.11 34.67
C LEU L 272 -39.31 44.64 34.65
N ARG L 273 -38.28 45.33 35.17
CA ARG L 273 -38.14 46.80 35.05
C ARG L 273 -37.98 47.16 33.57
N GLU L 274 -37.15 46.40 32.88
CA GLU L 274 -36.77 46.55 31.49
C GLU L 274 -38.00 46.33 30.57
N LEU L 275 -38.80 45.29 30.83
CA LEU L 275 -40.08 45.05 30.14
C LEU L 275 -41.11 46.15 30.42
N ALA L 276 -41.28 46.56 31.69
CA ALA L 276 -42.24 47.60 32.07
C ALA L 276 -41.92 48.98 31.46
N MET L 277 -40.66 49.22 31.11
CA MET L 277 -40.17 50.45 30.47
C MET L 277 -40.37 50.48 28.93
N MET L 278 -40.89 49.41 28.30
CA MET L 278 -41.07 49.33 26.84
C MET L 278 -42.45 49.82 26.34
N PRO L 279 -42.54 50.26 25.07
CA PRO L 279 -43.80 50.49 24.39
C PRO L 279 -44.40 49.20 23.81
N SER L 280 -45.71 49.22 23.54
CA SER L 280 -46.43 48.22 22.74
C SER L 280 -45.68 47.88 21.44
N SER L 281 -45.23 48.89 20.71
CA SER L 281 -44.47 48.77 19.44
C SER L 281 -43.11 48.05 19.56
N THR L 282 -42.65 47.69 20.78
CA THR L 282 -41.50 46.80 21.02
C THR L 282 -41.95 45.49 21.68
N ILE L 283 -42.86 45.55 22.66
CA ILE L 283 -43.43 44.36 23.33
C ILE L 283 -44.09 43.39 22.33
N GLN L 284 -44.65 43.92 21.24
CA GLN L 284 -45.17 43.14 20.11
C GLN L 284 -44.14 42.20 19.46
N VAL L 285 -42.85 42.57 19.44
CA VAL L 285 -41.80 41.97 18.61
C VAL L 285 -40.61 41.39 19.41
N LEU L 286 -40.69 41.37 20.74
CA LEU L 286 -39.69 40.74 21.60
C LEU L 286 -39.39 39.29 21.17
N GLY L 287 -38.11 38.98 20.93
CA GLY L 287 -37.64 37.66 20.52
C GLY L 287 -37.73 37.36 19.02
N ALA L 288 -38.19 38.31 18.19
CA ALA L 288 -38.19 38.20 16.73
C ALA L 288 -36.78 38.42 16.10
N GLU L 289 -35.71 38.11 16.83
CA GLU L 289 -34.35 38.63 16.59
C GLU L 289 -33.84 38.33 15.17
N LYS L 290 -34.06 37.10 14.65
CA LYS L 290 -33.65 36.70 13.29
C LYS L 290 -34.37 37.49 12.18
N ALA L 291 -35.52 38.08 12.46
CA ALA L 291 -36.23 39.01 11.56
C ALA L 291 -35.81 40.47 11.81
N LEU L 292 -35.64 40.88 13.07
CA LEU L 292 -35.20 42.22 13.43
C LEU L 292 -33.77 42.54 12.94
N PHE L 293 -32.88 41.54 12.89
CA PHE L 293 -31.52 41.70 12.36
C PHE L 293 -31.52 42.03 10.86
N ARG L 294 -32.24 41.27 10.02
CA ARG L 294 -32.34 41.54 8.57
C ARG L 294 -33.12 42.82 8.21
N HIS L 295 -34.03 43.26 9.09
CA HIS L 295 -34.64 44.59 9.01
C HIS L 295 -33.56 45.69 9.16
N LEU L 296 -32.69 45.62 10.18
CA LEU L 296 -31.62 46.60 10.40
C LEU L 296 -30.39 46.44 9.45
N ARG L 297 -30.11 45.25 8.93
CA ARG L 297 -29.03 44.97 7.95
C ARG L 297 -29.42 45.36 6.52
N THR L 298 -30.66 45.07 6.13
CA THR L 298 -31.04 44.91 4.71
C THR L 298 -32.37 45.59 4.32
N GLY L 299 -33.02 46.31 5.24
CA GLY L 299 -34.31 46.98 5.02
C GLY L 299 -35.47 46.01 4.69
N ALA L 300 -35.35 44.74 5.10
CA ALA L 300 -36.37 43.72 4.89
C ALA L 300 -37.66 44.04 5.66
N LYS L 301 -38.82 43.60 5.15
CA LYS L 301 -40.15 43.93 5.71
C LYS L 301 -40.21 43.77 7.25
N PRO L 302 -40.67 44.78 8.02
CA PRO L 302 -40.62 44.77 9.49
C PRO L 302 -41.28 43.56 10.17
N PRO L 303 -40.84 43.17 11.39
CA PRO L 303 -41.47 42.09 12.14
C PRO L 303 -42.90 42.44 12.59
N LYS L 304 -43.85 41.55 12.28
CA LYS L 304 -45.28 41.64 12.63
C LYS L 304 -45.57 41.20 14.07
N HIS L 305 -44.73 40.33 14.63
CA HIS L 305 -44.83 39.73 15.97
C HIS L 305 -43.50 39.08 16.40
N GLY L 306 -43.34 38.82 17.70
CA GLY L 306 -42.30 37.96 18.26
C GLY L 306 -42.91 36.80 19.06
N VAL L 307 -42.36 36.50 20.24
CA VAL L 307 -42.75 35.33 21.08
C VAL L 307 -44.25 35.19 21.34
N ILE L 308 -45.00 36.30 21.27
CA ILE L 308 -46.46 36.35 21.44
C ILE L 308 -47.26 35.53 20.42
N TYR L 309 -46.65 35.02 19.34
CA TYR L 309 -47.31 34.02 18.46
C TYR L 309 -47.73 32.75 19.23
N GLN L 310 -47.09 32.45 20.37
CA GLN L 310 -47.50 31.39 21.30
C GLN L 310 -48.85 31.65 22.01
N TYR L 311 -49.41 32.86 21.95
CA TYR L 311 -50.74 33.14 22.50
C TYR L 311 -51.84 32.63 21.55
N PRO L 312 -52.80 31.79 22.01
CA PRO L 312 -53.67 31.01 21.11
C PRO L 312 -54.44 31.81 20.06
N ALA L 313 -54.81 33.06 20.33
CA ALA L 313 -55.54 33.91 19.40
C ALA L 313 -54.78 34.21 18.07
N ILE L 314 -53.44 34.29 18.11
CA ILE L 314 -52.64 34.63 16.93
C ILE L 314 -52.41 33.39 16.03
N ASN L 315 -52.40 32.19 16.62
CA ASN L 315 -52.43 30.90 15.89
C ASN L 315 -53.86 30.37 15.62
N ARG L 316 -54.84 31.29 15.52
CA ARG L 316 -56.18 31.08 14.93
C ARG L 316 -56.68 32.32 14.17
N SER L 317 -55.84 32.89 13.32
CA SER L 317 -56.06 34.19 12.64
C SER L 317 -55.36 34.27 11.27
N PRO L 318 -56.04 34.71 10.19
CA PRO L 318 -55.43 35.06 8.89
C PRO L 318 -54.31 36.10 8.96
N TRP L 319 -53.37 36.07 8.01
CA TRP L 319 -52.14 36.90 8.08
C TRP L 319 -52.42 38.40 8.19
N TRP L 320 -53.43 38.90 7.47
CA TRP L 320 -53.98 40.25 7.61
C TRP L 320 -54.18 40.63 9.08
N GLN L 321 -54.88 39.80 9.86
CA GLN L 321 -55.24 40.06 11.25
C GLN L 321 -54.22 39.56 12.29
N ARG L 322 -53.22 38.74 11.91
CA ARG L 322 -52.11 38.34 12.82
C ARG L 322 -51.38 39.56 13.38
N GLY L 323 -50.97 40.50 12.53
CA GLY L 323 -50.31 41.74 12.98
C GLY L 323 -51.25 42.70 13.74
N LYS L 324 -52.52 42.76 13.35
CA LYS L 324 -53.53 43.64 13.98
C LYS L 324 -53.85 43.18 15.42
N ILE L 325 -54.01 41.88 15.62
CA ILE L 325 -54.18 41.27 16.95
C ILE L 325 -52.88 41.34 17.76
N ALA L 326 -51.71 41.24 17.12
CA ALA L 326 -50.42 41.46 17.80
C ALA L 326 -50.28 42.90 18.35
N ARG L 327 -50.70 43.93 17.59
CA ARG L 327 -50.77 45.33 18.08
C ARG L 327 -51.70 45.46 19.31
N ALA L 328 -52.91 44.90 19.24
CA ALA L 328 -53.88 44.94 20.34
C ALA L 328 -53.39 44.20 21.61
N LEU L 329 -52.84 42.99 21.46
CA LEU L 329 -52.25 42.23 22.57
C LEU L 329 -51.07 42.97 23.21
N ALA L 330 -50.17 43.53 22.40
CA ALA L 330 -49.05 44.33 22.91
C ALA L 330 -49.51 45.60 23.65
N GLY L 331 -50.58 46.25 23.19
CA GLY L 331 -51.18 47.41 23.85
C GLY L 331 -51.71 47.10 25.26
N LYS L 332 -52.30 45.92 25.46
CA LYS L 332 -52.75 45.43 26.78
C LYS L 332 -51.59 44.88 27.63
N LEU L 333 -50.60 44.20 27.04
CA LEU L 333 -49.38 43.75 27.73
C LEU L 333 -48.57 44.94 28.31
N ALA L 334 -48.50 46.05 27.60
CA ALA L 334 -47.84 47.28 28.05
C ALA L 334 -48.46 47.87 29.33
N ILE L 335 -49.76 47.64 29.57
CA ILE L 335 -50.42 47.97 30.84
C ILE L 335 -50.06 46.91 31.90
N ALA L 336 -50.25 45.62 31.59
CA ALA L 336 -50.04 44.52 32.54
C ALA L 336 -48.63 44.51 33.15
N ALA L 337 -47.59 44.69 32.35
CA ALA L 337 -46.19 44.76 32.82
C ALA L 337 -45.96 45.96 33.77
N ARG L 338 -46.66 47.08 33.56
CA ARG L 338 -46.54 48.27 34.40
C ARG L 338 -47.34 48.18 35.69
N VAL L 339 -48.47 47.47 35.71
CA VAL L 339 -49.13 47.08 36.97
C VAL L 339 -48.21 46.18 37.80
N ASP L 340 -47.63 45.15 37.19
CA ASP L 340 -46.78 44.17 37.88
C ASP L 340 -45.47 44.77 38.46
N TYR L 341 -44.92 45.84 37.85
CA TYR L 341 -43.71 46.52 38.35
C TYR L 341 -43.97 47.79 39.18
N PHE L 342 -44.94 48.65 38.82
CA PHE L 342 -45.10 49.97 39.43
C PHE L 342 -46.19 50.07 40.50
N SER L 343 -47.30 49.31 40.43
CA SER L 343 -48.43 49.45 41.38
C SER L 343 -48.73 48.20 42.23
N GLY L 344 -48.45 46.99 41.76
CA GLY L 344 -48.58 45.74 42.54
C GLY L 344 -50.03 45.32 42.85
N GLU L 345 -50.98 45.79 42.03
CA GLU L 345 -52.42 45.49 42.12
C GLU L 345 -52.86 44.53 40.98
N TYR L 346 -54.14 44.19 40.88
CA TYR L 346 -54.63 43.22 39.88
C TYR L 346 -55.84 43.75 39.08
N ILE L 347 -55.77 43.59 37.75
CA ILE L 347 -56.81 44.03 36.79
C ILE L 347 -57.01 43.06 35.61
N ALA L 348 -56.35 41.89 35.61
CA ALA L 348 -56.11 41.14 34.37
C ALA L 348 -57.35 40.52 33.71
N GLU L 349 -58.42 40.22 34.45
CA GLU L 349 -59.63 39.62 33.85
C GLU L 349 -60.35 40.60 32.92
N GLU L 350 -60.45 41.87 33.31
CA GLU L 350 -60.96 42.95 32.46
C GLU L 350 -60.04 43.24 31.26
N LEU L 351 -58.71 43.13 31.40
CA LEU L 351 -57.78 43.21 30.26
C LEU L 351 -58.01 42.05 29.26
N LYS L 352 -58.21 40.82 29.75
CA LYS L 352 -58.57 39.65 28.93
C LYS L 352 -59.92 39.86 28.23
N LYS L 353 -60.89 40.49 28.90
CA LYS L 353 -62.23 40.79 28.38
C LYS L 353 -62.23 41.87 27.29
N GLU L 354 -61.45 42.94 27.43
CA GLU L 354 -61.24 43.93 26.37
C GLU L 354 -60.50 43.32 25.17
N LEU L 355 -59.45 42.53 25.42
CA LEU L 355 -58.69 41.89 24.36
C LEU L 355 -59.54 40.88 23.57
N GLU L 356 -60.34 40.05 24.23
CA GLU L 356 -61.30 39.16 23.55
C GLU L 356 -62.34 39.93 22.74
N ALA L 357 -62.82 41.09 23.23
CA ALA L 357 -63.73 41.94 22.48
C ALA L 357 -63.07 42.56 21.22
N ARG L 358 -61.83 43.07 21.31
CA ARG L 358 -61.09 43.59 20.16
C ARG L 358 -60.72 42.49 19.16
N ILE L 359 -60.45 41.26 19.62
CA ILE L 359 -60.25 40.09 18.75
C ILE L 359 -61.57 39.71 18.04
N ARG L 360 -62.71 39.67 18.76
CA ARG L 360 -64.05 39.40 18.19
C ARG L 360 -64.49 40.47 17.17
N GLU L 361 -64.03 41.70 17.32
CA GLU L 361 -64.27 42.83 16.42
C GLU L 361 -63.40 42.73 15.15
N ILE L 362 -62.09 42.48 15.30
CA ILE L 362 -61.18 42.23 14.17
C ILE L 362 -61.62 41.00 13.36
N LYS L 363 -62.12 39.94 14.03
CA LYS L 363 -62.74 38.75 13.41
C LYS L 363 -64.03 39.01 12.63
N GLU L 364 -64.66 40.17 12.77
CA GLU L 364 -65.80 40.59 11.94
C GLU L 364 -65.38 41.55 10.82
N LYS L 365 -64.35 42.39 11.03
CA LYS L 365 -63.79 43.31 10.01
C LYS L 365 -63.01 42.62 8.87
N TYR L 366 -62.21 41.59 9.16
CA TYR L 366 -61.22 41.01 8.22
C TYR L 366 -61.43 39.54 7.88
N LYS M 1 -55.31 61.13 43.06
CA LYS M 1 -54.21 61.60 42.18
C LYS M 1 -53.30 60.43 41.83
N PRO M 2 -53.01 60.20 40.55
CA PRO M 2 -52.23 59.03 40.10
C PRO M 2 -50.74 59.15 40.43
N SER M 3 -50.05 58.01 40.44
CA SER M 3 -48.66 57.84 40.86
C SER M 3 -47.58 58.36 39.88
N TYR M 4 -47.99 58.76 38.66
CA TYR M 4 -47.07 59.24 37.62
C TYR M 4 -46.86 60.77 37.62
N VAL M 5 -47.74 61.56 38.26
CA VAL M 5 -47.56 63.02 38.43
C VAL M 5 -46.65 63.30 39.63
N LYS M 6 -45.34 63.41 39.38
CA LYS M 6 -44.32 63.41 40.46
C LYS M 6 -44.24 64.73 41.23
N PHE M 7 -44.38 65.86 40.54
CA PHE M 7 -44.45 67.20 41.15
C PHE M 7 -45.82 67.83 40.90
N GLU M 8 -46.30 68.65 41.85
CA GLU M 8 -47.56 69.37 41.72
C GLU M 8 -47.35 70.60 40.81
N VAL M 9 -48.06 70.67 39.68
CA VAL M 9 -47.85 71.70 38.64
C VAL M 9 -48.60 73.00 38.97
N PRO M 10 -48.00 74.18 38.75
CA PRO M 10 -48.70 75.47 38.82
C PRO M 10 -49.78 75.65 37.73
N LYS M 11 -50.48 76.80 37.76
CA LYS M 11 -51.28 77.28 36.62
C LYS M 11 -50.41 77.82 35.47
N GLU M 12 -49.24 78.38 35.78
CA GLU M 12 -48.16 78.58 34.81
C GLU M 12 -47.44 77.26 34.48
N LEU M 13 -46.49 77.28 33.55
CA LEU M 13 -45.85 76.10 32.92
C LEU M 13 -46.80 75.22 32.07
N ALA M 14 -47.91 74.72 32.63
CA ALA M 14 -48.81 73.79 31.94
C ALA M 14 -49.41 74.35 30.64
N GLU M 15 -49.95 75.58 30.68
CA GLU M 15 -50.48 76.28 29.50
C GLU M 15 -49.39 76.50 28.43
N LYS M 16 -48.13 76.70 28.86
CA LYS M 16 -46.97 76.91 27.99
C LYS M 16 -46.47 75.61 27.35
N ALA M 17 -46.62 74.47 28.03
CA ALA M 17 -46.36 73.14 27.47
C ALA M 17 -47.36 72.81 26.34
N LEU M 18 -48.64 73.11 26.55
CA LEU M 18 -49.69 72.99 25.53
C LEU M 18 -49.39 73.92 24.34
N GLN M 19 -49.02 75.18 24.61
CA GLN M 19 -48.65 76.17 23.58
C GLN M 19 -47.39 75.81 22.78
N ALA M 20 -46.46 75.01 23.33
CA ALA M 20 -45.33 74.46 22.56
C ALA M 20 -45.77 73.34 21.59
N VAL M 21 -46.72 72.48 22.01
CA VAL M 21 -47.33 71.45 21.14
C VAL M 21 -48.14 72.10 20.00
N GLU M 22 -48.81 73.21 20.26
CA GLU M 22 -49.53 74.00 19.23
C GLU M 22 -48.61 74.59 18.13
N ILE M 23 -47.28 74.56 18.26
CA ILE M 23 -46.33 75.21 17.32
C ILE M 23 -45.35 74.22 16.68
N ALA M 24 -44.74 73.30 17.44
CA ALA M 24 -43.73 72.38 16.92
C ALA M 24 -44.29 71.40 15.86
N ARG M 25 -45.59 71.09 15.97
CA ARG M 25 -46.40 70.22 15.09
C ARG M 25 -46.20 70.45 13.59
N ASP M 26 -46.31 71.70 13.13
CA ASP M 26 -46.21 72.07 11.69
C ASP M 26 -44.98 72.92 11.34
N THR M 27 -44.29 73.49 12.33
CA THR M 27 -43.05 74.26 12.13
C THR M 27 -41.76 73.45 12.30
N GLY M 28 -41.84 72.20 12.79
CA GLY M 28 -40.69 71.34 13.08
C GLY M 28 -41.02 69.84 12.96
N LYS M 29 -40.80 69.07 14.04
CA LYS M 29 -41.07 67.63 14.15
C LYS M 29 -41.57 67.24 15.55
N ILE M 30 -42.73 66.59 15.63
CA ILE M 30 -43.41 66.16 16.86
C ILE M 30 -43.77 64.66 16.82
N ARG M 31 -43.93 64.01 17.98
CA ARG M 31 -44.47 62.64 18.12
C ARG M 31 -45.56 62.61 19.18
N LYS M 32 -46.62 61.83 18.97
CA LYS M 32 -47.88 61.89 19.74
C LYS M 32 -48.45 60.49 20.02
N GLY M 33 -49.07 60.32 21.18
CA GLY M 33 -49.38 59.01 21.75
C GLY M 33 -48.20 58.45 22.55
N THR M 34 -48.46 57.63 23.56
CA THR M 34 -47.45 57.17 24.53
C THR M 34 -46.44 56.20 23.95
N ASN M 35 -46.80 55.36 22.98
CA ASN M 35 -45.84 54.41 22.39
C ASN M 35 -44.81 55.11 21.48
N GLU M 36 -45.22 56.15 20.73
CA GLU M 36 -44.30 57.01 19.98
C GLU M 36 -43.56 58.03 20.85
N THR M 37 -44.19 58.54 21.91
CA THR M 37 -43.49 59.31 22.96
C THR M 37 -42.30 58.50 23.50
N THR M 38 -42.55 57.22 23.80
CA THR M 38 -41.54 56.27 24.28
C THR M 38 -40.45 56.03 23.23
N LYS M 39 -40.80 55.75 21.96
CA LYS M 39 -39.80 55.62 20.87
C LYS M 39 -38.95 56.88 20.68
N ALA M 40 -39.53 58.07 20.80
CA ALA M 40 -38.80 59.35 20.64
C ALA M 40 -37.83 59.64 21.80
N VAL M 41 -38.18 59.23 23.02
CA VAL M 41 -37.27 59.27 24.19
C VAL M 41 -36.20 58.19 24.07
N GLU M 42 -36.54 56.97 23.63
CA GLU M 42 -35.59 55.86 23.52
C GLU M 42 -34.50 56.07 22.46
N ARG M 43 -34.83 56.75 21.35
CA ARG M 43 -33.88 57.15 20.30
C ARG M 43 -33.01 58.38 20.70
N GLY M 44 -33.18 58.91 21.91
CA GLY M 44 -32.40 60.06 22.44
C GLY M 44 -32.67 61.40 21.76
N GLN M 45 -33.71 61.48 20.91
CA GLN M 45 -33.99 62.62 20.03
C GLN M 45 -34.99 63.63 20.60
N ALA M 46 -35.81 63.24 21.58
CA ALA M 46 -36.78 64.13 22.24
C ALA M 46 -36.08 65.22 23.08
N LYS M 47 -36.60 66.45 23.04
CA LYS M 47 -36.06 67.63 23.75
C LYS M 47 -36.91 68.06 24.96
N LEU M 48 -38.18 67.65 24.98
CA LEU M 48 -39.20 67.89 26.02
C LEU M 48 -40.31 66.82 25.88
N VAL M 49 -40.87 66.35 27.00
CA VAL M 49 -42.04 65.43 27.01
C VAL M 49 -43.20 65.98 27.86
N ILE M 50 -44.42 65.81 27.35
CA ILE M 50 -45.68 66.32 27.91
C ILE M 50 -46.63 65.14 28.17
N ILE M 51 -47.26 65.06 29.36
CA ILE M 51 -48.17 63.97 29.76
C ILE M 51 -49.49 64.54 30.33
N ALA M 52 -50.63 63.92 30.07
CA ALA M 52 -51.94 64.36 30.60
C ALA M 52 -52.15 63.96 32.08
N GLU M 53 -52.85 64.79 32.87
CA GLU M 53 -53.17 64.54 34.28
C GLU M 53 -54.36 63.60 34.55
N ASP M 54 -55.06 63.12 33.51
CA ASP M 54 -56.36 62.44 33.64
C ASP M 54 -56.42 61.01 33.08
N VAL M 55 -55.28 60.31 33.00
CA VAL M 55 -55.14 58.99 32.35
C VAL M 55 -55.62 57.84 33.24
N ASP M 56 -56.38 56.90 32.66
CA ASP M 56 -56.93 55.70 33.34
C ASP M 56 -56.99 54.49 32.36
N PRO M 57 -56.34 53.34 32.64
CA PRO M 57 -55.50 53.04 33.82
C PRO M 57 -54.23 53.89 33.88
N GLU M 58 -53.85 54.34 35.08
CA GLU M 58 -52.69 55.24 35.28
C GLU M 58 -51.35 54.57 34.92
N GLU M 59 -51.28 53.24 34.96
CA GLU M 59 -50.09 52.46 34.66
C GLU M 59 -49.66 52.52 33.19
N ILE M 60 -50.54 52.86 32.23
CA ILE M 60 -50.18 52.93 30.81
C ILE M 60 -49.04 53.94 30.56
N VAL M 61 -49.03 55.07 31.29
CA VAL M 61 -47.99 56.10 31.23
C VAL M 61 -46.88 55.95 32.29
N ALA M 62 -47.06 55.14 33.35
CA ALA M 62 -46.23 55.19 34.57
C ALA M 62 -44.69 55.05 34.39
N HIS M 63 -44.21 54.43 33.30
CA HIS M 63 -42.79 54.42 32.92
C HIS M 63 -42.20 55.78 32.50
N LEU M 64 -42.99 56.75 32.04
CA LEU M 64 -42.45 57.94 31.38
C LEU M 64 -41.55 58.79 32.29
N PRO M 65 -41.89 59.06 33.57
CA PRO M 65 -40.99 59.79 34.48
C PRO M 65 -39.60 59.14 34.67
N PRO M 66 -39.46 57.86 35.11
CA PRO M 66 -38.13 57.25 35.21
C PRO M 66 -37.44 57.08 33.84
N LEU M 67 -38.17 56.84 32.76
CA LEU M 67 -37.58 56.64 31.42
C LEU M 67 -36.99 57.92 30.82
N CYS M 68 -37.54 59.08 31.14
CA CYS M 68 -36.97 60.39 30.76
C CYS M 68 -35.90 60.86 31.75
N GLU M 69 -36.00 60.54 33.05
CA GLU M 69 -34.95 60.83 34.04
C GLU M 69 -33.65 60.05 33.80
N GLU M 70 -33.73 58.78 33.38
CA GLU M 70 -32.55 57.97 33.05
C GLU M 70 -31.81 58.53 31.81
N LYS M 71 -32.52 59.26 30.94
CA LYS M 71 -32.02 59.90 29.71
C LYS M 71 -31.94 61.43 29.78
N GLU M 72 -32.13 62.00 30.97
CA GLU M 72 -31.94 63.43 31.27
C GLU M 72 -32.81 64.39 30.40
N ILE M 73 -34.02 63.96 30.03
CA ILE M 73 -34.99 64.76 29.25
C ILE M 73 -36.04 65.40 30.18
N PRO M 74 -36.34 66.71 30.07
CA PRO M 74 -37.31 67.38 30.95
C PRO M 74 -38.76 66.96 30.66
N TYR M 75 -39.57 66.88 31.72
CA TYR M 75 -40.94 66.35 31.71
C TYR M 75 -41.94 67.29 32.39
N ILE M 76 -43.14 67.43 31.82
CA ILE M 76 -44.20 68.33 32.31
C ILE M 76 -45.60 67.71 32.12
N TYR M 77 -46.55 68.08 32.98
CA TYR M 77 -47.92 67.56 32.98
C TYR M 77 -48.95 68.63 32.61
N VAL M 78 -50.06 68.24 31.96
CA VAL M 78 -51.13 69.15 31.48
C VAL M 78 -52.55 68.63 31.76
N PRO M 79 -53.58 69.49 31.91
CA PRO M 79 -54.85 69.11 32.54
C PRO M 79 -55.70 68.00 31.92
N SER M 80 -55.67 67.74 30.60
CA SER M 80 -56.56 66.72 29.98
C SER M 80 -56.08 66.16 28.63
N LYS M 81 -56.20 64.84 28.45
CA LYS M 81 -55.76 64.07 27.27
C LYS M 81 -56.41 64.48 25.94
N LYS M 82 -57.67 64.93 25.95
CA LYS M 82 -58.41 65.30 24.73
C LYS M 82 -57.95 66.65 24.17
N GLU M 83 -57.68 67.61 25.05
CA GLU M 83 -57.12 68.91 24.68
C GLU M 83 -55.67 68.78 24.18
N LEU M 84 -54.88 67.86 24.76
CA LEU M 84 -53.53 67.53 24.30
C LEU M 84 -53.53 66.87 22.90
N GLY M 85 -54.48 65.97 22.63
CA GLY M 85 -54.69 65.39 21.29
C GLY M 85 -55.10 66.45 20.26
N ALA M 86 -56.01 67.35 20.62
CA ALA M 86 -56.41 68.48 19.77
C ALA M 86 -55.25 69.45 19.50
N ALA M 87 -54.40 69.75 20.49
CA ALA M 87 -53.20 70.57 20.32
C ALA M 87 -52.19 69.90 19.36
N ALA M 88 -52.00 68.58 19.47
CA ALA M 88 -51.21 67.78 18.53
C ALA M 88 -51.83 67.69 17.12
N GLY M 89 -53.08 68.16 16.94
CA GLY M 89 -53.76 68.27 15.66
C GLY M 89 -54.55 67.03 15.23
N ILE M 90 -54.62 65.98 16.06
CA ILE M 90 -55.39 64.75 15.78
C ILE M 90 -56.85 64.88 16.27
N GLU M 91 -57.70 63.89 15.94
CA GLU M 91 -59.14 63.95 16.25
C GLU M 91 -59.52 63.27 17.58
N VAL M 92 -58.76 62.26 18.00
CA VAL M 92 -58.93 61.53 19.28
C VAL M 92 -58.23 62.26 20.45
N ALA M 93 -57.81 61.53 21.48
CA ALA M 93 -56.99 62.02 22.60
C ALA M 93 -55.50 61.65 22.43
N ALA M 94 -54.64 62.20 23.29
CA ALA M 94 -53.28 61.70 23.49
C ALA M 94 -52.92 61.72 24.98
N ALA M 95 -52.49 60.59 25.53
CA ALA M 95 -51.99 60.49 26.90
C ALA M 95 -50.63 61.21 27.08
N SER M 96 -49.80 61.26 26.03
CA SER M 96 -48.54 62.03 26.02
C SER M 96 -48.09 62.47 24.62
N VAL M 97 -47.19 63.45 24.57
CA VAL M 97 -46.59 64.05 23.36
C VAL M 97 -45.10 64.36 23.61
N ALA M 98 -44.25 64.22 22.60
CA ALA M 98 -42.82 64.55 22.64
C ALA M 98 -42.43 65.53 21.52
N ILE M 99 -41.54 66.48 21.85
CA ILE M 99 -40.98 67.47 20.90
C ILE M 99 -39.62 66.98 20.41
N ILE M 100 -39.40 66.87 19.10
CA ILE M 100 -38.14 66.37 18.51
C ILE M 100 -37.35 67.52 17.85
N GLU M 101 -38.01 68.28 16.97
CA GLU M 101 -37.52 69.59 16.49
C GLU M 101 -38.55 70.65 16.88
N PRO M 102 -38.24 71.60 17.79
CA PRO M 102 -39.17 72.65 18.22
C PRO M 102 -39.67 73.62 17.13
N GLY M 103 -39.01 73.65 15.96
CA GLY M 103 -39.37 74.56 14.87
C GLY M 103 -39.31 76.03 15.30
N LYS M 104 -40.42 76.75 15.12
CA LYS M 104 -40.54 78.17 15.50
C LYS M 104 -40.62 78.39 17.02
N ALA M 105 -40.76 77.32 17.80
CA ALA M 105 -40.73 77.35 19.27
C ALA M 105 -39.33 77.08 19.89
N ARG M 106 -38.22 77.21 19.14
CA ARG M 106 -36.85 76.94 19.64
C ARG M 106 -36.51 77.69 20.94
N ASP M 107 -36.74 79.01 21.02
CA ASP M 107 -36.53 79.76 22.27
C ASP M 107 -37.58 79.40 23.35
N LEU M 108 -38.85 79.26 22.94
CA LEU M 108 -39.99 78.97 23.82
C LEU M 108 -39.84 77.62 24.57
N VAL M 109 -39.28 76.60 23.92
CA VAL M 109 -39.02 75.29 24.53
C VAL M 109 -37.87 75.36 25.54
N GLU M 110 -36.88 76.23 25.37
CA GLU M 110 -35.80 76.38 26.35
C GLU M 110 -36.28 77.09 27.64
N GLU M 111 -37.09 78.16 27.53
CA GLU M 111 -37.59 78.86 28.73
C GLU M 111 -38.49 77.97 29.61
N ILE M 112 -39.30 77.07 29.03
CA ILE M 112 -40.04 76.07 29.82
C ILE M 112 -39.12 74.95 30.33
N ALA M 113 -38.20 74.42 29.52
CA ALA M 113 -37.30 73.36 29.95
C ALA M 113 -36.44 73.77 31.15
N MET M 114 -35.90 74.99 31.16
CA MET M 114 -35.14 75.54 32.29
C MET M 114 -36.01 75.70 33.55
N LYS M 115 -37.20 76.29 33.41
CA LYS M 115 -38.11 76.55 34.55
C LYS M 115 -38.78 75.28 35.11
N VAL M 116 -38.86 74.20 34.32
CA VAL M 116 -39.22 72.86 34.77
C VAL M 116 -38.04 72.16 35.45
N LYS M 117 -36.80 72.32 34.97
CA LYS M 117 -35.61 71.73 35.58
C LYS M 117 -35.30 72.29 36.98
N GLU M 118 -35.66 73.56 37.24
CA GLU M 118 -35.70 74.13 38.60
C GLU M 118 -36.59 73.32 39.57
N LEU M 119 -37.66 72.68 39.09
CA LEU M 119 -38.64 71.94 39.91
C LEU M 119 -38.33 70.44 40.06
N MET M 120 -37.67 69.83 39.06
CA MET M 120 -37.21 68.43 39.07
C MET M 120 -36.20 68.10 40.20
N LYS M 121 -35.60 69.12 40.82
CA LYS M 121 -34.44 69.04 41.73
C LYS M 121 -34.74 68.36 43.08
N MET N 1 -71.21 -18.39 22.45
CA MET N 1 -71.72 -18.82 23.77
C MET N 1 -71.76 -17.63 24.73
N VAL N 2 -72.96 -17.14 25.03
CA VAL N 2 -73.22 -16.16 26.09
C VAL N 2 -74.61 -16.39 26.70
N GLU N 3 -74.79 -16.08 27.99
CA GLU N 3 -76.09 -16.03 28.67
C GLU N 3 -76.18 -14.82 29.60
N VAL N 4 -77.36 -14.20 29.71
CA VAL N 4 -77.68 -13.16 30.69
C VAL N 4 -78.72 -13.68 31.69
N LYS N 5 -78.47 -13.48 33.00
CA LYS N 5 -79.28 -13.87 34.16
C LYS N 5 -79.48 -12.66 35.09
N LYS N 6 -80.51 -12.64 35.94
CA LYS N 6 -80.74 -11.55 36.91
C LYS N 6 -79.75 -11.58 38.08
N HIS N 7 -79.47 -10.42 38.70
CA HIS N 7 -78.89 -10.33 40.05
C HIS N 7 -79.95 -9.83 41.06
N LYS N 8 -79.63 -9.73 42.36
CA LYS N 8 -80.56 -9.34 43.44
C LYS N 8 -80.67 -7.83 43.71
N PHE N 9 -79.97 -7.01 42.92
CA PHE N 9 -80.07 -5.54 42.93
C PHE N 9 -80.66 -5.02 41.61
N PRO N 10 -81.43 -3.91 41.60
CA PRO N 10 -82.06 -3.39 40.39
C PRO N 10 -81.01 -2.96 39.36
N GLY N 11 -81.27 -3.20 38.07
CA GLY N 11 -80.35 -2.89 36.97
C GLY N 11 -79.09 -3.77 36.88
N VAL N 12 -78.82 -4.63 37.87
CA VAL N 12 -77.64 -5.52 37.93
C VAL N 12 -78.00 -6.93 37.46
N TYR N 13 -77.09 -7.54 36.71
CA TYR N 13 -77.24 -8.82 36.03
C TYR N 13 -75.97 -9.68 36.21
N VAL N 14 -76.13 -11.00 36.08
CA VAL N 14 -75.06 -12.02 36.10
C VAL N 14 -74.96 -12.60 34.69
N VAL N 15 -73.76 -12.88 34.20
CA VAL N 15 -73.56 -13.38 32.82
C VAL N 15 -72.62 -14.58 32.76
N ILE N 16 -72.82 -15.41 31.75
CA ILE N 16 -71.97 -16.56 31.39
C ILE N 16 -71.31 -16.27 30.02
N ASP N 17 -70.05 -16.67 29.89
CA ASP N 17 -69.29 -16.74 28.64
C ASP N 17 -68.51 -18.06 28.59
N ASP N 18 -67.69 -18.27 27.55
CA ASP N 18 -67.00 -19.53 27.25
C ASP N 18 -65.75 -19.84 28.13
N ASP N 19 -65.46 -19.05 29.16
CA ASP N 19 -64.63 -19.47 30.31
C ASP N 19 -65.43 -20.31 31.32
N GLY N 20 -66.75 -20.09 31.39
CA GLY N 20 -67.72 -20.84 32.20
C GLY N 20 -67.98 -20.29 33.60
N SER N 21 -67.17 -19.35 34.12
CA SER N 21 -67.43 -18.73 35.44
C SER N 21 -68.47 -17.60 35.38
N GLU N 22 -69.25 -17.43 36.45
CA GLU N 22 -70.28 -16.38 36.58
C GLU N 22 -69.62 -14.99 36.71
N LYS N 23 -69.84 -14.11 35.73
CA LYS N 23 -69.40 -12.69 35.73
C LYS N 23 -70.58 -11.76 36.08
N ILE N 24 -70.33 -10.47 36.31
CA ILE N 24 -71.37 -9.46 36.62
C ILE N 24 -71.44 -8.32 35.58
N ALA N 25 -72.63 -7.74 35.39
CA ALA N 25 -72.94 -6.75 34.36
C ALA N 25 -74.12 -5.83 34.79
N THR N 26 -74.37 -4.78 33.99
CA THR N 26 -75.57 -3.91 34.06
C THR N 26 -76.23 -3.76 32.68
N LYS N 27 -77.53 -3.44 32.62
CA LYS N 27 -78.23 -3.14 31.36
C LYS N 27 -77.85 -1.74 30.87
N ASN N 28 -77.46 -1.59 29.61
CA ASN N 28 -76.85 -0.33 29.12
C ASN N 28 -77.90 0.80 28.99
N LEU N 29 -77.69 1.92 29.70
CA LEU N 29 -78.62 3.07 29.82
C LEU N 29 -79.19 3.58 28.47
N VAL N 30 -78.35 3.58 27.42
CA VAL N 30 -78.78 3.44 26.01
C VAL N 30 -77.76 2.58 25.25
N PRO N 31 -78.18 1.72 24.30
CA PRO N 31 -77.32 0.75 23.64
C PRO N 31 -76.32 1.38 22.64
N GLY N 32 -75.23 0.65 22.37
CA GLY N 32 -74.15 1.03 21.45
C GLY N 32 -72.91 1.63 22.13
N GLN N 33 -73.03 2.17 23.34
CA GLN N 33 -71.90 2.78 24.05
C GLN N 33 -71.04 1.76 24.82
N ARG N 34 -69.72 1.98 24.81
CA ARG N 34 -68.77 1.54 25.85
C ARG N 34 -68.27 2.77 26.62
N VAL N 35 -67.94 2.62 27.90
CA VAL N 35 -67.68 3.75 28.82
C VAL N 35 -66.27 3.70 29.45
N TYR N 36 -65.69 2.52 29.61
CA TYR N 36 -64.36 2.34 30.22
C TYR N 36 -63.53 1.19 29.60
N GLY N 37 -63.78 0.82 28.34
CA GLY N 37 -63.09 -0.30 27.68
C GLY N 37 -63.59 -1.67 28.12
N GLU N 38 -64.90 -1.80 28.34
CA GLU N 38 -65.56 -3.01 28.84
C GLU N 38 -66.08 -3.95 27.74
N ARG N 39 -66.29 -5.22 28.10
CA ARG N 39 -66.99 -6.23 27.29
C ARG N 39 -68.48 -5.91 27.23
N VAL N 40 -69.08 -6.05 26.04
CA VAL N 40 -70.53 -5.98 25.85
C VAL N 40 -71.12 -7.36 25.51
N ILE N 41 -72.38 -7.58 25.91
CA ILE N 41 -73.22 -8.70 25.49
C ILE N 41 -74.54 -8.12 24.95
N LYS N 42 -74.80 -8.30 23.66
CA LYS N 42 -76.11 -8.03 23.06
C LYS N 42 -77.02 -9.24 23.29
N TRP N 43 -78.31 -8.99 23.51
CA TRP N 43 -79.29 -9.99 23.92
C TRP N 43 -80.60 -9.80 23.15
N GLU N 44 -81.56 -10.72 23.28
CA GLU N 44 -82.81 -10.70 22.51
C GLU N 44 -83.72 -9.51 22.90
N GLY N 45 -83.51 -8.40 22.17
CA GLY N 45 -84.14 -7.09 22.35
C GLY N 45 -83.39 -6.12 23.28
N GLU N 46 -82.18 -6.45 23.75
CA GLU N 46 -81.51 -5.74 24.86
C GLU N 46 -79.97 -5.65 24.70
N GLU N 47 -79.28 -4.86 25.53
CA GLU N 47 -77.80 -4.77 25.59
C GLU N 47 -77.30 -4.65 27.03
N TYR N 48 -76.24 -5.38 27.36
CA TYR N 48 -75.65 -5.49 28.70
C TYR N 48 -74.13 -5.26 28.66
N ARG N 49 -73.58 -4.61 29.69
CA ARG N 49 -72.16 -4.19 29.78
C ARG N 49 -71.51 -4.68 31.08
N ILE N 50 -70.32 -5.27 30.98
CA ILE N 50 -69.67 -6.00 32.09
C ILE N 50 -69.09 -5.05 33.14
N TRP N 51 -69.14 -5.46 34.41
CA TRP N 51 -68.66 -4.71 35.57
C TRP N 51 -67.42 -5.42 36.17
N ASN N 52 -66.28 -5.34 35.49
CA ASN N 52 -65.06 -6.08 35.84
C ASN N 52 -64.49 -5.63 37.20
N PRO N 53 -64.23 -6.56 38.16
CA PRO N 53 -63.85 -6.18 39.53
C PRO N 53 -62.43 -5.58 39.62
N HIS N 54 -61.47 -6.07 38.82
CA HIS N 54 -60.10 -5.53 38.74
C HIS N 54 -60.04 -4.08 38.24
N ARG N 55 -61.13 -3.56 37.65
CA ARG N 55 -61.29 -2.19 37.15
C ARG N 55 -62.59 -1.54 37.65
N SER N 56 -63.15 -2.02 38.76
CA SER N 56 -64.28 -1.40 39.46
C SER N 56 -64.40 -1.92 40.90
N LYS N 57 -63.98 -1.09 41.85
CA LYS N 57 -63.90 -1.42 43.29
C LYS N 57 -65.26 -1.80 43.91
N LEU N 58 -66.37 -1.25 43.41
CA LEU N 58 -67.73 -1.65 43.79
C LEU N 58 -68.10 -3.05 43.23
N GLY N 59 -67.68 -3.36 42.01
CA GLY N 59 -67.85 -4.69 41.41
C GLY N 59 -67.12 -5.78 42.20
N ALA N 60 -65.91 -5.50 42.68
CA ALA N 60 -65.17 -6.38 43.60
C ALA N 60 -65.97 -6.68 44.89
N ALA N 61 -66.64 -5.68 45.48
CA ALA N 61 -67.50 -5.89 46.65
C ALA N 61 -68.75 -6.75 46.34
N ILE N 62 -69.32 -6.66 45.13
CA ILE N 62 -70.44 -7.51 44.69
C ILE N 62 -69.98 -8.98 44.47
N VAL N 63 -68.78 -9.20 43.95
CA VAL N 63 -68.17 -10.55 43.90
C VAL N 63 -67.86 -11.08 45.31
N ASN N 64 -67.43 -10.20 46.22
CA ASN N 64 -67.23 -10.51 47.65
C ASN N 64 -68.54 -10.60 48.47
N GLY N 65 -69.72 -10.56 47.84
CA GLY N 65 -70.99 -10.91 48.48
C GLY N 65 -71.64 -9.81 49.33
N LEU N 66 -71.36 -8.53 49.06
CA LEU N 66 -72.03 -7.37 49.65
C LEU N 66 -73.57 -7.53 49.64
N LYS N 67 -74.22 -7.39 50.80
CA LYS N 67 -75.67 -7.58 50.96
C LYS N 67 -76.45 -6.26 50.86
N ASN N 68 -75.99 -5.20 51.52
CA ASN N 68 -76.69 -3.91 51.57
C ASN N 68 -76.24 -2.93 50.48
N PHE N 69 -76.76 -3.06 49.26
CA PHE N 69 -76.63 -2.05 48.20
C PHE N 69 -77.84 -1.08 48.25
N PRO N 70 -77.68 0.23 48.54
CA PRO N 70 -78.81 1.10 48.87
C PRO N 70 -79.46 1.83 47.67
N ILE N 71 -78.81 1.89 46.51
CA ILE N 71 -79.27 2.68 45.36
C ILE N 71 -80.42 1.96 44.62
N LYS N 72 -81.39 2.73 44.11
CA LYS N 72 -82.55 2.26 43.33
C LYS N 72 -82.84 3.21 42.15
N PRO N 73 -83.48 2.74 41.06
CA PRO N 73 -84.06 3.61 40.05
C PRO N 73 -85.14 4.55 40.62
N GLY N 74 -85.35 5.69 39.98
CA GLY N 74 -86.31 6.73 40.42
C GLY N 74 -85.85 7.57 41.62
N LYS N 75 -84.78 7.17 42.32
CA LYS N 75 -84.14 7.91 43.41
C LYS N 75 -82.92 8.69 42.91
N SER N 76 -82.18 9.32 43.83
CA SER N 76 -81.05 10.21 43.53
C SER N 76 -79.78 9.90 44.34
N VAL N 77 -78.61 10.13 43.73
CA VAL N 77 -77.29 9.92 44.37
C VAL N 77 -76.31 11.06 44.06
N LEU N 78 -75.57 11.47 45.11
CA LEU N 78 -74.43 12.39 45.03
C LEU N 78 -73.14 11.57 45.01
N TYR N 79 -72.40 11.61 43.90
CA TYR N 79 -71.11 10.94 43.74
C TYR N 79 -69.97 11.96 43.94
N LEU N 80 -69.00 11.63 44.79
CA LEU N 80 -67.86 12.48 45.13
C LEU N 80 -66.54 11.81 44.67
N GLY N 81 -65.81 12.48 43.77
CA GLY N 81 -64.59 11.96 43.12
C GLY N 81 -64.84 11.23 41.80
N ILE N 82 -65.76 11.73 40.96
CA ILE N 82 -66.29 10.97 39.81
C ILE N 82 -65.26 10.66 38.73
N ALA N 83 -64.23 11.50 38.57
CA ALA N 83 -63.25 11.44 37.49
C ALA N 83 -63.88 11.10 36.12
N SER N 84 -63.34 10.12 35.40
CA SER N 84 -63.82 9.66 34.09
C SER N 84 -65.11 8.82 34.14
N GLY N 85 -65.77 8.70 35.29
CA GLY N 85 -67.06 8.04 35.45
C GLY N 85 -67.04 6.50 35.50
N THR N 86 -65.90 5.88 35.79
CA THR N 86 -65.70 4.41 35.80
C THR N 86 -66.80 3.65 36.55
N THR N 87 -66.93 3.83 37.87
CA THR N 87 -68.00 3.18 38.67
C THR N 87 -69.32 3.95 38.58
N ALA N 88 -69.29 5.25 38.27
CA ALA N 88 -70.49 6.05 38.03
C ALA N 88 -71.33 5.54 36.83
N SER N 89 -70.69 4.97 35.81
CA SER N 89 -71.35 4.39 34.63
C SER N 89 -72.37 3.31 35.00
N HIS N 90 -72.03 2.43 35.93
CA HIS N 90 -72.90 1.34 36.37
C HIS N 90 -74.03 1.83 37.29
N VAL N 91 -73.82 2.85 38.14
CA VAL N 91 -74.95 3.46 38.86
C VAL N 91 -75.84 4.31 37.95
N SER N 92 -75.33 4.87 36.85
CA SER N 92 -76.14 5.53 35.80
C SER N 92 -77.04 4.54 35.04
N ASP N 93 -76.59 3.30 34.83
CA ASP N 93 -77.46 2.21 34.35
C ASP N 93 -78.55 1.85 35.38
N ILE N 94 -78.17 1.68 36.66
CA ILE N 94 -79.05 1.27 37.76
C ILE N 94 -80.12 2.32 38.10
N VAL N 95 -79.79 3.61 38.03
CA VAL N 95 -80.69 4.72 38.39
C VAL N 95 -81.70 5.05 37.29
N GLY N 96 -81.39 4.75 36.02
CA GLY N 96 -82.30 4.90 34.88
C GLY N 96 -82.66 6.34 34.52
N TRP N 97 -83.67 6.52 33.66
CA TRP N 97 -84.05 7.81 33.08
C TRP N 97 -84.99 8.67 33.94
N GLU N 98 -85.66 8.09 34.95
CA GLU N 98 -86.50 8.82 35.92
C GLU N 98 -85.80 9.06 37.28
N GLY N 99 -84.49 8.78 37.37
CA GLY N 99 -83.62 9.05 38.52
C GLY N 99 -82.49 10.04 38.18
N LYS N 100 -81.71 10.48 39.18
CA LYS N 100 -80.82 11.65 39.05
C LYS N 100 -79.45 11.45 39.74
N ILE N 101 -78.36 11.84 39.07
CA ILE N 101 -76.98 11.72 39.57
C ILE N 101 -76.23 13.06 39.49
N TYR N 102 -75.58 13.45 40.59
CA TYR N 102 -74.55 14.50 40.60
C TYR N 102 -73.16 13.86 40.66
N GLY N 103 -72.21 14.35 39.88
CA GLY N 103 -70.81 13.91 39.90
C GLY N 103 -69.85 15.07 40.16
N ILE N 104 -69.26 15.11 41.36
CA ILE N 104 -68.32 16.15 41.78
C ILE N 104 -66.88 15.65 41.58
N GLU N 105 -66.00 16.49 41.04
CA GLU N 105 -64.56 16.26 40.88
C GLU N 105 -63.76 17.53 41.21
N PHE N 106 -62.47 17.37 41.57
CA PHE N 106 -61.62 18.48 42.03
C PHE N 106 -60.97 19.27 40.88
N SER N 107 -60.58 18.62 39.76
CA SER N 107 -59.79 19.25 38.67
C SER N 107 -60.50 19.18 37.31
N PRO N 108 -60.50 20.28 36.50
CA PRO N 108 -61.20 20.33 35.22
C PRO N 108 -60.63 19.32 34.22
N ARG N 109 -59.31 19.05 34.26
CA ARG N 109 -58.65 18.09 33.37
C ARG N 109 -59.04 16.64 33.70
N VAL N 110 -59.34 16.34 34.95
CA VAL N 110 -59.81 15.01 35.39
C VAL N 110 -61.30 14.84 35.05
N LEU N 111 -62.09 15.90 35.20
CA LEU N 111 -63.53 15.92 34.88
C LEU N 111 -63.84 16.00 33.37
N ARG N 112 -62.91 16.54 32.56
CA ARG N 112 -63.03 16.66 31.09
C ARG N 112 -63.44 15.35 30.42
N GLU N 113 -62.90 14.23 30.90
CA GLU N 113 -63.15 12.89 30.35
C GLU N 113 -64.62 12.45 30.49
N LEU N 114 -65.38 13.04 31.42
CA LEU N 114 -66.80 12.78 31.65
C LEU N 114 -67.73 13.69 30.82
N VAL N 115 -67.25 14.85 30.37
CA VAL N 115 -68.03 15.82 29.59
C VAL N 115 -68.65 15.24 28.30
N PRO N 116 -67.94 14.45 27.46
CA PRO N 116 -68.57 13.79 26.33
C PRO N 116 -69.54 12.67 26.76
N ILE N 117 -69.27 11.97 27.87
CA ILE N 117 -70.10 10.87 28.37
C ILE N 117 -71.49 11.38 28.77
N VAL N 118 -71.60 12.58 29.36
CA VAL N 118 -72.90 13.17 29.72
C VAL N 118 -73.67 13.76 28.54
N GLU N 119 -73.07 13.91 27.34
CA GLU N 119 -73.81 14.24 26.10
C GLU N 119 -74.52 12.99 25.51
N GLU N 120 -74.43 11.85 26.21
CA GLU N 120 -75.31 10.68 26.03
C GLU N 120 -76.01 10.28 27.34
N ARG N 121 -75.26 10.15 28.46
CA ARG N 121 -75.79 9.84 29.81
C ARG N 121 -76.32 11.09 30.52
N ARG N 122 -77.39 11.68 29.98
CA ARG N 122 -78.04 12.90 30.51
C ARG N 122 -78.73 12.73 31.89
N ASN N 123 -78.62 11.57 32.55
CA ASN N 123 -78.98 11.40 33.96
C ASN N 123 -77.85 11.76 34.96
N ILE N 124 -76.65 12.12 34.46
CA ILE N 124 -75.51 12.61 35.23
C ILE N 124 -75.28 14.11 34.95
N ILE N 125 -74.95 14.89 35.98
CA ILE N 125 -74.43 16.28 35.84
C ILE N 125 -72.99 16.35 36.36
N PRO N 126 -72.00 16.83 35.57
CA PRO N 126 -70.60 16.97 35.97
C PRO N 126 -70.34 18.34 36.63
N ILE N 127 -69.76 18.35 37.83
CA ILE N 127 -69.59 19.54 38.69
C ILE N 127 -68.14 19.62 39.20
N LEU N 128 -67.55 20.81 39.16
CA LEU N 128 -66.15 21.05 39.52
C LEU N 128 -66.00 21.86 40.82
N GLY N 129 -65.42 21.27 41.88
CA GLY N 129 -65.15 21.94 43.15
C GLY N 129 -64.61 21.02 44.25
N ASP N 130 -64.11 21.61 45.34
CA ASP N 130 -63.58 20.86 46.50
C ASP N 130 -64.70 20.15 47.28
N ALA N 131 -64.80 18.82 47.16
CA ALA N 131 -65.78 17.99 47.88
C ALA N 131 -65.65 18.05 49.43
N THR N 132 -64.53 18.58 49.95
CA THR N 132 -64.30 18.85 51.38
C THR N 132 -64.94 20.16 51.86
N LYS N 133 -65.46 20.98 50.92
CA LYS N 133 -66.06 22.30 51.14
C LYS N 133 -67.39 22.37 50.38
N PRO N 134 -68.45 21.69 50.85
CA PRO N 134 -69.70 21.48 50.10
C PRO N 134 -70.41 22.76 49.63
N GLU N 135 -70.04 23.92 50.16
CA GLU N 135 -70.39 25.25 49.68
C GLU N 135 -70.04 25.49 48.19
N GLU N 136 -68.97 24.87 47.66
CA GLU N 136 -68.47 25.00 46.28
C GLU N 136 -69.49 24.70 45.18
N TYR N 137 -70.53 23.92 45.49
CA TYR N 137 -71.57 23.50 44.54
C TYR N 137 -72.99 23.73 45.07
N ARG N 138 -73.15 24.57 46.10
CA ARG N 138 -74.41 24.84 46.82
C ARG N 138 -75.61 25.23 45.94
N ALA N 139 -75.37 25.91 44.82
CA ALA N 139 -76.40 26.37 43.88
C ALA N 139 -76.62 25.41 42.68
N LEU N 140 -75.84 24.33 42.58
CA LEU N 140 -75.84 23.37 41.46
C LEU N 140 -76.40 21.98 41.84
N VAL N 141 -76.79 21.77 43.10
CA VAL N 141 -77.28 20.48 43.63
C VAL N 141 -78.57 20.64 44.46
N THR N 142 -79.08 19.51 44.95
CA THR N 142 -80.27 19.41 45.81
C THR N 142 -80.00 18.50 47.01
N LYS N 143 -80.98 18.30 47.89
CA LYS N 143 -81.02 17.09 48.73
C LYS N 143 -81.03 15.83 47.85
N VAL N 144 -80.46 14.73 48.36
CA VAL N 144 -80.36 13.42 47.71
C VAL N 144 -80.76 12.27 48.64
N ASP N 145 -81.01 11.08 48.06
CA ASP N 145 -81.31 9.84 48.79
C ASP N 145 -80.06 9.07 49.24
N VAL N 146 -78.95 9.17 48.48
CA VAL N 146 -77.69 8.42 48.72
C VAL N 146 -76.45 9.30 48.45
N ILE N 147 -75.34 9.03 49.15
CA ILE N 147 -73.98 9.52 48.80
C ILE N 147 -73.05 8.34 48.44
N PHE N 148 -72.17 8.53 47.45
CA PHE N 148 -71.07 7.61 47.10
C PHE N 148 -69.73 8.35 47.02
N GLU N 149 -68.63 7.67 47.34
CA GLU N 149 -67.27 8.21 47.37
C GLU N 149 -66.25 7.28 46.68
N ASP N 150 -65.36 7.85 45.86
CA ASP N 150 -64.31 7.12 45.12
C ASP N 150 -63.02 7.98 44.99
N VAL N 151 -62.72 8.85 45.98
CA VAL N 151 -61.51 9.71 46.02
C VAL N 151 -60.30 9.05 46.69
N ALA N 152 -60.52 8.13 47.64
CA ALA N 152 -59.46 7.42 48.38
C ALA N 152 -58.43 8.33 49.11
N GLN N 153 -58.82 9.58 49.43
CA GLN N 153 -58.00 10.61 50.06
C GLN N 153 -58.01 10.53 51.60
N PRO N 154 -57.02 11.12 52.31
CA PRO N 154 -57.02 11.22 53.78
C PRO N 154 -58.30 11.84 54.36
N THR N 155 -58.97 12.70 53.60
CA THR N 155 -60.22 13.39 53.98
C THR N 155 -61.51 12.62 53.63
N GLN N 156 -61.45 11.40 53.07
CA GLN N 156 -62.64 10.74 52.49
C GLN N 156 -63.82 10.57 53.48
N ALA N 157 -63.55 10.29 54.76
CA ALA N 157 -64.60 10.24 55.79
C ALA N 157 -65.19 11.62 56.12
N LYS N 158 -64.35 12.66 56.21
CA LYS N 158 -64.78 14.05 56.44
C LYS N 158 -65.62 14.58 55.28
N ILE N 159 -65.23 14.25 54.04
CA ILE N 159 -65.97 14.53 52.81
C ILE N 159 -67.39 13.94 52.88
N LEU N 160 -67.54 12.65 53.23
CA LEU N 160 -68.85 12.04 53.43
C LEU N 160 -69.66 12.72 54.55
N ILE N 161 -69.04 13.01 55.70
CA ILE N 161 -69.75 13.54 56.88
C ILE N 161 -70.30 14.95 56.64
N ASP N 162 -69.52 15.92 56.15
CA ASP N 162 -70.05 17.27 55.89
C ASP N 162 -71.03 17.29 54.70
N ASN N 163 -70.86 16.43 53.68
CA ASN N 163 -71.88 16.26 52.63
C ASN N 163 -73.17 15.58 53.17
N ALA N 164 -73.09 14.75 54.21
CA ALA N 164 -74.26 14.17 54.88
C ALA N 164 -74.88 15.08 55.95
N LYS N 165 -74.19 16.14 56.37
CA LYS N 165 -74.75 17.31 57.08
C LYS N 165 -75.44 18.27 56.11
N ALA N 166 -74.88 18.45 54.90
CA ALA N 166 -75.42 19.34 53.86
C ALA N 166 -76.60 18.76 53.04
N TYR N 167 -76.43 17.59 52.42
CA TYR N 167 -77.26 17.15 51.28
C TYR N 167 -78.05 15.84 51.51
N LEU N 168 -77.67 14.98 52.44
CA LEU N 168 -78.37 13.70 52.67
C LEU N 168 -79.65 13.88 53.52
N LYS N 169 -80.79 13.34 53.04
CA LYS N 169 -82.06 13.30 53.81
C LYS N 169 -82.00 12.30 54.97
N ARG N 170 -82.80 12.51 56.03
CA ARG N 170 -82.97 11.51 57.13
C ARG N 170 -83.59 10.22 56.55
N GLY N 171 -83.10 9.06 56.97
CA GLY N 171 -83.40 7.78 56.31
C GLY N 171 -82.70 7.58 54.95
N GLY N 172 -81.85 8.52 54.52
CA GLY N 172 -80.93 8.35 53.39
C GLY N 172 -79.70 7.51 53.75
N TYR N 173 -78.93 7.10 52.73
CA TYR N 173 -77.83 6.15 52.86
C TYR N 173 -76.49 6.70 52.34
N GLY N 174 -75.38 6.02 52.65
CA GLY N 174 -74.04 6.37 52.15
C GLY N 174 -73.15 5.15 51.93
N MET N 175 -72.19 5.27 51.01
CA MET N 175 -71.11 4.31 50.77
C MET N 175 -69.75 5.03 50.67
N ILE N 176 -68.70 4.38 51.18
CA ILE N 176 -67.33 4.93 51.29
C ILE N 176 -66.28 3.82 51.10
N ALA N 177 -65.25 4.10 50.31
CA ALA N 177 -64.26 3.13 49.85
C ALA N 177 -62.90 3.36 50.54
N VAL N 178 -62.82 2.96 51.82
CA VAL N 178 -61.74 3.33 52.74
C VAL N 178 -60.41 2.70 52.32
N LYS N 179 -59.49 3.52 51.81
CA LYS N 179 -58.17 3.13 51.31
C LYS N 179 -57.15 3.35 52.43
N SER N 180 -57.00 2.35 53.30
CA SER N 180 -56.56 2.53 54.70
C SER N 180 -55.29 3.38 54.88
N ARG N 181 -54.24 3.13 54.08
CA ARG N 181 -52.95 3.86 54.18
C ARG N 181 -53.02 5.36 53.91
N SER N 182 -54.10 5.88 53.31
CA SER N 182 -54.31 7.33 53.17
C SER N 182 -54.67 8.01 54.50
N ILE N 183 -55.23 7.28 55.48
CA ILE N 183 -55.67 7.83 56.78
C ILE N 183 -54.54 7.72 57.81
N ASP N 184 -53.87 6.57 57.87
CA ASP N 184 -52.59 6.38 58.59
C ASP N 184 -51.84 5.16 58.02
N VAL N 185 -50.51 5.17 58.12
CA VAL N 185 -49.63 4.03 57.79
C VAL N 185 -48.62 3.73 58.93
N THR N 186 -48.90 4.20 60.14
CA THR N 186 -48.10 3.97 61.36
C THR N 186 -48.50 2.68 62.08
N LYS N 187 -49.82 2.37 62.14
CA LYS N 187 -50.40 1.22 62.85
C LYS N 187 -51.01 0.15 61.91
N GLU N 188 -51.52 -0.94 62.49
CA GLU N 188 -52.14 -2.04 61.74
C GLU N 188 -53.41 -1.58 60.98
N PRO N 189 -53.61 -1.91 59.69
CA PRO N 189 -54.75 -1.43 58.90
C PRO N 189 -56.15 -1.74 59.46
N GLU N 190 -56.32 -2.87 60.18
CA GLU N 190 -57.56 -3.18 60.93
C GLU N 190 -57.86 -2.13 62.02
N GLN N 191 -56.82 -1.62 62.69
CA GLN N 191 -56.97 -0.59 63.72
C GLN N 191 -57.16 0.81 63.10
N VAL N 192 -56.59 1.07 61.92
CA VAL N 192 -56.92 2.27 61.12
C VAL N 192 -58.39 2.24 60.70
N PHE N 193 -58.91 1.10 60.23
CA PHE N 193 -60.35 0.94 59.96
C PHE N 193 -61.20 1.19 61.22
N LYS N 194 -60.76 0.75 62.41
CA LYS N 194 -61.46 1.01 63.68
C LYS N 194 -61.47 2.49 64.09
N GLU N 195 -60.44 3.26 63.77
CA GLU N 195 -60.42 4.72 63.98
C GLU N 195 -61.25 5.49 62.94
N VAL N 196 -61.36 4.99 61.70
CA VAL N 196 -62.36 5.50 60.73
C VAL N 196 -63.78 5.18 61.20
N GLU N 197 -64.01 3.99 61.74
CA GLU N 197 -65.31 3.53 62.23
C GLU N 197 -65.84 4.36 63.42
N ARG N 198 -64.96 4.85 64.31
CA ARG N 198 -65.39 5.76 65.42
C ARG N 198 -65.71 7.17 64.95
N GLU N 199 -65.19 7.62 63.80
CA GLU N 199 -65.58 8.88 63.16
C GLU N 199 -66.92 8.70 62.42
N LEU N 200 -67.08 7.59 61.70
CA LEU N 200 -68.25 7.28 60.89
C LEU N 200 -69.50 7.02 61.77
N SER N 201 -69.38 6.22 62.82
CA SER N 201 -70.48 5.90 63.76
C SER N 201 -70.81 7.03 64.75
N GLU N 202 -70.00 8.10 64.78
CA GLU N 202 -70.32 9.35 65.49
C GLU N 202 -71.49 10.10 64.83
N TYR N 203 -71.73 9.87 63.52
CA TYR N 203 -72.78 10.52 62.74
C TYR N 203 -73.81 9.55 62.11
N PHE N 204 -73.42 8.32 61.77
CA PHE N 204 -74.26 7.35 61.04
C PHE N 204 -74.60 6.07 61.81
N GLU N 205 -75.70 5.41 61.41
CA GLU N 205 -75.90 3.99 61.65
C GLU N 205 -75.10 3.18 60.61
N VAL N 206 -74.02 2.53 61.05
CA VAL N 206 -73.19 1.65 60.19
C VAL N 206 -73.80 0.25 60.17
N ILE N 207 -74.04 -0.32 58.98
CA ILE N 207 -74.77 -1.59 58.81
C ILE N 207 -73.94 -2.74 58.21
N GLU N 208 -72.91 -2.45 57.41
CA GLU N 208 -72.04 -3.48 56.81
C GLU N 208 -70.65 -2.92 56.43
N ARG N 209 -69.62 -3.75 56.61
CA ARG N 209 -68.20 -3.51 56.25
C ARG N 209 -67.65 -4.75 55.55
N LEU N 210 -66.93 -4.58 54.43
CA LEU N 210 -66.46 -5.68 53.58
C LEU N 210 -65.06 -5.42 53.00
N ASN N 211 -64.22 -6.46 52.99
CA ASN N 211 -62.87 -6.49 52.43
C ASN N 211 -62.89 -6.54 50.89
N LEU N 212 -61.94 -5.90 50.21
CA LEU N 212 -61.79 -5.92 48.74
C LEU N 212 -60.61 -6.80 48.26
N GLU N 213 -59.92 -7.54 49.14
CA GLU N 213 -59.08 -8.68 48.72
C GLU N 213 -59.88 -9.69 47.87
N PRO N 214 -59.29 -10.34 46.85
CA PRO N 214 -57.90 -10.24 46.41
C PRO N 214 -57.64 -9.09 45.41
N TYR N 215 -58.66 -8.34 45.00
CA TYR N 215 -58.59 -7.34 43.94
C TYR N 215 -57.81 -6.08 44.34
N GLU N 216 -57.90 -5.69 45.62
CA GLU N 216 -57.22 -4.55 46.22
C GLU N 216 -56.37 -4.95 47.46
N LYS N 217 -55.64 -3.99 48.04
CA LYS N 217 -54.81 -4.16 49.26
C LYS N 217 -55.16 -3.11 50.31
N ASP N 218 -55.36 -3.56 51.56
CA ASP N 218 -55.72 -2.72 52.73
C ASP N 218 -56.89 -1.75 52.45
N HIS N 219 -57.95 -2.26 51.80
CA HIS N 219 -59.05 -1.48 51.22
C HIS N 219 -60.39 -2.09 51.60
N ALA N 220 -61.35 -1.28 52.07
CA ALA N 220 -62.64 -1.77 52.57
C ALA N 220 -63.82 -0.86 52.22
N LEU N 221 -64.93 -1.47 51.78
CA LEU N 221 -66.21 -0.79 51.58
C LEU N 221 -67.00 -0.79 52.89
N PHE N 222 -67.48 0.38 53.30
CA PHE N 222 -68.50 0.53 54.36
C PHE N 222 -69.79 1.09 53.75
N VAL N 223 -70.95 0.68 54.30
CA VAL N 223 -72.27 1.23 53.95
C VAL N 223 -73.07 1.61 55.21
N VAL N 224 -73.77 2.74 55.13
CA VAL N 224 -74.33 3.46 56.28
C VAL N 224 -75.71 4.08 56.01
N ARG N 225 -76.43 4.45 57.07
CA ARG N 225 -77.74 5.14 57.07
C ARG N 225 -77.71 6.39 57.99
N LYS N 226 -78.41 7.46 57.61
CA LYS N 226 -78.58 8.69 58.41
C LYS N 226 -79.79 8.58 59.36
N PRO N 227 -79.61 8.64 60.70
CA PRO N 227 -80.69 8.53 61.70
C PRO N 227 -81.69 9.69 61.70
#